data_9CQ5
#
_entry.id   9CQ5
#
_cell.length_a   218.029
_cell.length_b   218.893
_cell.length_c   111.840
_cell.angle_alpha   90.000
_cell.angle_beta   90.000
_cell.angle_gamma   90.000
#
_symmetry.space_group_name_H-M   'P 21 21 2'
#
loop_
_entity.id
_entity.type
_entity.pdbx_description
1 polymer 'Ribulose bisphosphate carboxylase large chain'
2 polymer 'Ribulose bisphosphate carboxylase small subunit, chloroplastic 2'
3 non-polymer 'MANGANESE (II) ION'
4 non-polymer 2-CARBOXYARABINITOL-1,5-DIPHOSPHATE
5 water water
#
loop_
_entity_poly.entity_id
_entity_poly.type
_entity_poly.pdbx_seq_one_letter_code
_entity_poly.pdbx_strand_id
1 'polypeptide(L)'
;MSPQTETKASVEFKAGVKDYKLTYYTPEYETLDTDILAAFRVSPQPGVPPEEAGAAVAAESSTGTWTTVWTDGLTNLDRY
KGRCYHIEPVAGEENQYICYVAYPLDLFEEGSVTNMFTSIVGNVFGFKALRALRLEDLRIPVAYVKTFQGPPHGIQVERD
KLNKYGRPLLGCTIKPKLGLSAKNYGRAVYECLRGGLDFT(KCX)DDENVNSQPFMRWRDRFLFCAEALYKAQAETGEIK
GHYLNATAGTCEDMMKRAVFARELGVPIVMHDYLTGGFTANTTLSHYCRDNGLLLHIHRAMHAVIDRQKNHGMHFRVLAK
ALRLSGGDHIHSGTVVGKLEGERDITLGFVDLLRDDYTEKDRSRGIYFTQSWVSTPGVLPVASGGIHVWHMPALTEIFGD
DSVLQFGGGTLGHPWGNAPGAVANRVALEACVQARNEGRDLAREGNTIIREATKWSPELAAACEVWKEIKFEFPAMDTV
;
A,B,C,D,E,F,G,H
2 'polypeptide(L)'
;MQVWPILNLKKYETLSYLPPLTTDQLARQVDYLLNNKWVPCLEFETDHGFVYREHHNSPGYYDGRYWTMWKLPMFGCTDP
AQVLNELEECKKEYPNAFIRIIGFDSNREVQCISFIAYKPAGY
;
I,J,K,L,M,N,O,P
#
loop_
_chem_comp.id
_chem_comp.type
_chem_comp.name
_chem_comp.formula
CAP saccharide 2-CARBOXYARABINITOL-1,5-DIPHOSPHATE 'C6 H14 O13 P2'
MN non-polymer 'MANGANESE (II) ION' 'Mn 2'
#
# COMPACT_ATOMS: atom_id res chain seq x y z
N ALA A 9 -24.63 -3.43 49.39
CA ALA A 9 -24.46 -2.87 48.07
C ALA A 9 -25.57 -3.35 47.13
N SER A 10 -26.06 -4.58 47.36
CA SER A 10 -26.96 -5.27 46.43
C SER A 10 -28.40 -5.29 46.94
N VAL A 11 -29.35 -4.89 46.08
CA VAL A 11 -30.77 -4.87 46.37
C VAL A 11 -31.46 -5.87 45.46
N GLU A 12 -32.58 -6.42 45.93
CA GLU A 12 -33.32 -7.47 45.22
C GLU A 12 -33.77 -6.99 43.84
N PHE A 13 -34.09 -7.94 42.96
CA PHE A 13 -34.70 -7.64 41.65
C PHE A 13 -36.21 -7.86 41.73
N LYS A 14 -36.98 -6.80 41.48
CA LYS A 14 -38.42 -6.92 41.28
C LYS A 14 -38.73 -6.45 39.85
N ALA A 15 -39.33 -7.34 39.06
CA ALA A 15 -39.65 -7.01 37.68
C ALA A 15 -40.87 -6.09 37.65
N GLY A 16 -40.72 -4.91 37.07
CA GLY A 16 -41.81 -3.97 37.08
C GLY A 16 -41.45 -2.63 36.47
N VAL A 17 -42.51 -1.91 36.10
CA VAL A 17 -42.40 -0.58 35.53
C VAL A 17 -42.46 0.44 36.67
N LYS A 18 -41.36 1.14 36.93
CA LYS A 18 -41.28 2.18 37.95
C LYS A 18 -41.29 3.55 37.31
N ASP A 19 -41.66 4.54 38.11
CA ASP A 19 -41.46 5.93 37.70
C ASP A 19 -39.97 6.21 37.55
N TYR A 20 -39.62 6.92 36.48
CA TYR A 20 -38.22 7.31 36.29
C TYR A 20 -37.73 8.20 37.44
N LYS A 21 -38.63 9.00 38.04
CA LYS A 21 -38.26 9.89 39.14
C LYS A 21 -37.77 9.12 40.36
N LEU A 22 -38.10 7.83 40.47
CA LEU A 22 -37.59 7.05 41.59
C LEU A 22 -36.07 6.91 41.52
N THR A 23 -35.51 6.87 40.31
CA THR A 23 -34.06 6.74 40.18
C THR A 23 -33.39 7.92 39.52
N TYR A 24 -34.11 8.74 38.76
CA TYR A 24 -33.44 9.67 37.86
C TYR A 24 -33.79 11.14 38.08
N TYR A 25 -34.42 11.49 39.19
CA TYR A 25 -34.59 12.88 39.60
C TYR A 25 -33.87 13.05 40.94
N THR A 26 -32.83 13.88 40.95
CA THR A 26 -31.91 13.98 42.09
C THR A 26 -31.62 15.44 42.39
N PRO A 27 -32.62 16.18 42.88
CA PRO A 27 -32.42 17.62 43.13
C PRO A 27 -31.32 17.95 44.13
N GLU A 28 -30.90 17.00 44.98
CA GLU A 28 -29.81 17.23 45.93
C GLU A 28 -28.43 17.18 45.26
N TYR A 29 -28.27 16.41 44.18
CA TYR A 29 -26.96 16.09 43.60
C TYR A 29 -26.18 17.34 43.26
N GLU A 30 -24.86 17.27 43.44
CA GLU A 30 -23.95 18.36 43.13
C GLU A 30 -23.18 17.99 41.87
N THR A 31 -23.26 18.84 40.86
CA THR A 31 -22.70 18.48 39.56
C THR A 31 -21.18 18.41 39.64
N LEU A 32 -20.63 17.28 39.23
CA LEU A 32 -19.19 17.15 39.11
C LEU A 32 -18.66 18.01 37.96
N ASP A 33 -17.40 18.41 38.06
CA ASP A 33 -16.78 19.20 36.99
C ASP A 33 -16.53 18.39 35.73
N THR A 34 -16.52 17.06 35.83
CA THR A 34 -16.35 16.20 34.66
C THR A 34 -17.67 15.88 33.98
N ASP A 35 -18.78 16.23 34.59
CA ASP A 35 -20.08 15.91 34.01
C ASP A 35 -20.35 16.75 32.78
N ILE A 36 -21.01 16.17 31.81
CA ILE A 36 -21.60 17.01 30.79
C ILE A 36 -22.96 17.49 31.30
N LEU A 37 -23.23 18.78 31.20
CA LEU A 37 -24.50 19.31 31.67
C LEU A 37 -25.37 19.63 30.47
N ALA A 38 -26.70 19.45 30.60
CA ALA A 38 -27.63 19.80 29.53
C ALA A 38 -28.77 20.64 30.04
N ALA A 39 -29.11 21.68 29.31
CA ALA A 39 -30.36 22.40 29.58
C ALA A 39 -31.37 22.02 28.50
N PHE A 40 -32.39 21.25 28.90
CA PHE A 40 -33.51 20.92 28.03
C PHE A 40 -34.71 21.78 28.38
N ARG A 41 -35.35 22.38 27.40
CA ARG A 41 -36.65 22.99 27.64
C ARG A 41 -37.74 21.93 27.44
N VAL A 42 -38.33 21.43 28.53
CA VAL A 42 -39.22 20.26 28.51
C VAL A 42 -40.66 20.73 28.58
N SER A 43 -41.47 20.37 27.56
CA SER A 43 -42.90 20.66 27.61
C SER A 43 -43.69 19.36 27.78
N PRO A 44 -44.02 18.95 29.01
CA PRO A 44 -44.65 17.66 29.22
C PRO A 44 -46.06 17.60 28.62
N GLN A 45 -46.48 16.39 28.30
CA GLN A 45 -47.87 16.19 27.97
C GLN A 45 -48.71 16.44 29.22
N PRO A 46 -49.93 16.97 29.07
CA PRO A 46 -50.75 17.26 30.26
C PRO A 46 -50.91 16.04 31.13
N GLY A 47 -50.71 16.22 32.43
CA GLY A 47 -50.85 15.15 33.38
C GLY A 47 -49.60 14.35 33.63
N VAL A 48 -48.47 14.75 33.07
CA VAL A 48 -47.18 14.17 33.42
C VAL A 48 -46.51 15.15 34.37
N PRO A 49 -46.12 14.75 35.58
CA PRO A 49 -45.40 15.66 36.47
C PRO A 49 -44.12 16.16 35.82
N PRO A 50 -43.71 17.37 36.11
CA PRO A 50 -42.38 17.83 35.64
C PRO A 50 -41.22 16.99 36.10
N GLU A 51 -41.30 16.38 37.30
CA GLU A 51 -40.18 15.56 37.78
C GLU A 51 -40.05 14.26 37.00
N GLU A 52 -41.18 13.69 36.55
CA GLU A 52 -41.11 12.48 35.75
C GLU A 52 -40.54 12.78 34.37
N ALA A 53 -40.96 13.91 33.78
CA ALA A 53 -40.40 14.34 32.50
C ALA A 53 -38.88 14.52 32.58
N GLY A 54 -38.41 15.27 33.58
CA GLY A 54 -36.97 15.44 33.71
C GLY A 54 -36.26 14.11 33.83
N ALA A 55 -36.81 13.23 34.66
CA ALA A 55 -36.19 11.93 34.92
C ALA A 55 -36.21 11.04 33.67
N ALA A 56 -37.35 11.03 32.96
CA ALA A 56 -37.44 10.28 31.71
C ALA A 56 -36.37 10.74 30.72
N VAL A 57 -36.25 12.07 30.51
CA VAL A 57 -35.24 12.63 29.59
C VAL A 57 -33.84 12.23 30.03
N ALA A 58 -33.57 12.20 31.34
CA ALA A 58 -32.24 11.84 31.82
C ALA A 58 -31.96 10.35 31.70
N ALA A 59 -33.01 9.53 31.77
CA ALA A 59 -32.87 8.07 31.88
C ALA A 59 -32.70 7.39 30.53
N GLU A 60 -33.58 7.72 29.57
CA GLU A 60 -33.50 7.13 28.24
C GLU A 60 -32.45 7.81 27.37
N SER A 61 -31.83 8.89 27.88
CA SER A 61 -30.63 9.44 27.28
C SER A 61 -29.37 9.00 27.99
N SER A 62 -29.49 8.11 28.98
CA SER A 62 -28.31 7.60 29.67
C SER A 62 -28.33 6.08 29.80
N THR A 63 -29.04 5.55 30.81
CA THR A 63 -28.95 4.12 31.15
C THR A 63 -30.32 3.48 31.40
N GLY A 64 -31.42 4.14 31.06
CA GLY A 64 -32.74 3.69 31.50
C GLY A 64 -33.63 3.10 30.41
N THR A 65 -34.46 2.13 30.81
CA THR A 65 -35.49 1.55 29.95
C THR A 65 -36.82 1.55 30.68
N TRP A 66 -37.89 1.17 29.95
CA TRP A 66 -39.24 1.43 30.43
C TRP A 66 -39.61 0.58 31.65
N THR A 67 -39.04 -0.62 31.77
CA THR A 67 -39.29 -1.50 32.92
C THR A 67 -37.94 -1.87 33.55
N THR A 68 -38.00 -2.39 34.78
CA THR A 68 -36.78 -2.66 35.55
C THR A 68 -36.06 -3.89 35.04
N VAL A 69 -34.75 -3.78 34.89
CA VAL A 69 -33.94 -4.83 34.29
C VAL A 69 -32.95 -5.31 35.34
N TRP A 70 -32.77 -6.64 35.41
CA TRP A 70 -31.90 -7.28 36.41
C TRP A 70 -30.42 -6.97 36.21
N THR A 71 -30.02 -6.65 34.98
CA THR A 71 -28.61 -6.36 34.71
C THR A 71 -28.16 -5.09 35.42
N ASP A 72 -29.10 -4.20 35.74
CA ASP A 72 -28.79 -2.96 36.43
C ASP A 72 -27.95 -3.21 37.69
N GLY A 73 -28.24 -4.32 38.38
CA GLY A 73 -27.48 -4.67 39.56
C GLY A 73 -26.03 -5.06 39.29
N LEU A 74 -25.73 -5.50 38.07
CA LEU A 74 -24.36 -5.93 37.78
C LEU A 74 -23.40 -4.76 37.78
N THR A 75 -23.85 -3.59 37.34
CA THR A 75 -23.05 -2.38 37.32
C THR A 75 -23.41 -1.48 38.51
N ASN A 76 -22.59 -0.46 38.72
CA ASN A 76 -22.90 0.54 39.75
C ASN A 76 -23.64 1.68 39.08
N LEU A 77 -24.97 1.57 39.03
CA LEU A 77 -25.76 2.50 38.22
C LEU A 77 -25.61 3.93 38.70
N ASP A 78 -25.49 4.15 40.02
CA ASP A 78 -25.40 5.50 40.55
C ASP A 78 -24.17 6.23 40.01
N ARG A 79 -23.12 5.48 39.68
CA ARG A 79 -21.95 6.07 39.06
C ARG A 79 -22.22 6.50 37.61
N TYR A 80 -23.11 5.83 36.89
CA TYR A 80 -23.25 6.05 35.45
C TYR A 80 -24.53 6.76 35.03
N LYS A 81 -25.50 6.95 35.92
CA LYS A 81 -26.81 7.42 35.48
C LYS A 81 -26.86 8.93 35.27
N GLY A 82 -27.49 9.36 34.17
CA GLY A 82 -27.84 10.76 34.02
C GLY A 82 -28.83 11.21 35.08
N ARG A 83 -28.76 12.48 35.43
CA ARG A 83 -29.46 12.98 36.60
C ARG A 83 -30.17 14.28 36.27
N CYS A 84 -31.48 14.35 36.53
CA CYS A 84 -32.19 15.62 36.53
C CYS A 84 -32.00 16.25 37.91
N TYR A 85 -31.19 17.32 37.99
CA TYR A 85 -30.83 17.91 39.28
C TYR A 85 -31.47 19.26 39.54
N HIS A 86 -31.94 19.97 38.52
CA HIS A 86 -32.63 21.23 38.73
C HIS A 86 -33.83 21.28 37.82
N ILE A 87 -34.99 21.65 38.37
CA ILE A 87 -36.18 21.95 37.56
C ILE A 87 -36.57 23.39 37.82
N GLU A 88 -36.71 24.16 36.75
CA GLU A 88 -37.02 25.56 36.82
C GLU A 88 -38.26 25.83 35.98
N PRO A 89 -39.29 26.46 36.53
CA PRO A 89 -40.44 26.81 35.72
C PRO A 89 -40.13 27.96 34.76
N VAL A 90 -40.51 27.78 33.50
CA VAL A 90 -40.37 28.83 32.50
C VAL A 90 -41.53 29.78 32.67
N ALA A 91 -41.25 31.01 33.07
CA ALA A 91 -42.32 31.94 33.34
C ALA A 91 -43.11 32.20 32.05
N GLY A 92 -44.38 32.55 32.22
CA GLY A 92 -45.24 32.84 31.09
C GLY A 92 -45.70 31.63 30.33
N GLU A 93 -45.22 30.43 30.70
CA GLU A 93 -45.60 29.18 30.04
C GLU A 93 -46.02 28.19 31.12
N GLU A 94 -47.25 27.72 31.02
CA GLU A 94 -47.65 26.56 31.80
C GLU A 94 -47.14 25.31 31.13
N ASN A 95 -46.79 24.32 31.94
CA ASN A 95 -46.33 23.01 31.45
C ASN A 95 -45.10 23.17 30.57
N GLN A 96 -44.24 24.13 30.89
CA GLN A 96 -42.90 24.24 30.33
C GLN A 96 -41.93 24.48 31.49
N TYR A 97 -40.86 23.70 31.52
CA TYR A 97 -39.84 23.74 32.56
C TYR A 97 -38.48 23.62 31.88
N ILE A 98 -37.45 24.26 32.45
CA ILE A 98 -36.08 24.06 32.00
C ILE A 98 -35.47 23.03 32.93
N CYS A 99 -35.18 21.83 32.40
CA CYS A 99 -34.69 20.70 33.19
C CYS A 99 -33.19 20.52 32.96
N TYR A 100 -32.41 20.70 34.03
CA TYR A 100 -30.96 20.59 33.95
C TYR A 100 -30.59 19.13 34.18
N VAL A 101 -29.80 18.54 33.29
CA VAL A 101 -29.36 17.15 33.42
C VAL A 101 -27.85 17.11 33.44
N ALA A 102 -27.31 16.21 34.24
CA ALA A 102 -25.89 15.93 34.29
C ALA A 102 -25.65 14.51 33.80
N TYR A 103 -24.56 14.30 33.07
CA TYR A 103 -24.19 13.00 32.55
C TYR A 103 -22.78 12.69 32.99
N PRO A 104 -22.53 11.56 33.64
CA PRO A 104 -21.16 11.16 33.99
C PRO A 104 -20.25 11.05 32.78
N LEU A 105 -18.97 11.41 32.97
CA LEU A 105 -18.00 11.48 31.87
C LEU A 105 -17.86 10.15 31.15
N ASP A 106 -17.78 9.05 31.91
CA ASP A 106 -17.59 7.71 31.36
C ASP A 106 -18.65 7.32 30.33
N LEU A 107 -19.75 8.06 30.20
CA LEU A 107 -20.80 7.70 29.27
C LEU A 107 -20.43 8.03 27.83
N PHE A 108 -19.39 8.82 27.62
CA PHE A 108 -19.10 9.43 26.33
C PHE A 108 -17.83 8.83 25.71
N GLU A 109 -17.88 8.59 24.40
CA GLU A 109 -16.69 8.23 23.65
C GLU A 109 -15.79 9.44 23.43
N GLU A 110 -14.48 9.27 23.64
CA GLU A 110 -13.53 10.36 23.50
C GLU A 110 -13.41 10.83 22.05
N GLY A 111 -13.59 12.13 21.82
CA GLY A 111 -13.43 12.67 20.49
C GLY A 111 -14.57 12.43 19.52
N SER A 112 -15.76 12.04 19.99
CA SER A 112 -16.88 11.74 19.09
C SER A 112 -18.05 12.68 19.38
N VAL A 113 -18.19 13.73 18.57
CA VAL A 113 -19.40 14.55 18.65
C VAL A 113 -20.61 13.71 18.34
N THR A 114 -20.47 12.82 17.34
CA THR A 114 -21.46 11.79 17.05
C THR A 114 -21.98 11.17 18.33
N ASN A 115 -21.08 10.49 19.06
CA ASN A 115 -21.49 9.79 20.28
C ASN A 115 -22.21 10.73 21.25
N MET A 116 -21.70 11.95 21.41
CA MET A 116 -22.30 12.83 22.42
C MET A 116 -23.75 13.14 22.09
N PHE A 117 -24.03 13.47 20.82
CA PHE A 117 -25.41 13.76 20.43
C PHE A 117 -26.29 12.53 20.51
N THR A 118 -25.75 11.37 20.13
CA THR A 118 -26.52 10.13 20.14
C THR A 118 -27.14 9.87 21.51
N SER A 119 -26.32 9.98 22.58
CA SER A 119 -26.88 9.85 23.94
C SER A 119 -27.85 10.99 24.25
N ILE A 120 -27.39 12.24 24.10
CA ILE A 120 -28.17 13.37 24.64
C ILE A 120 -29.43 13.64 23.83
N VAL A 121 -29.43 13.44 22.51
CA VAL A 121 -30.64 13.80 21.76
C VAL A 121 -31.18 12.68 20.87
N GLY A 122 -30.72 11.45 21.10
CA GLY A 122 -31.03 10.36 20.18
C GLY A 122 -32.51 9.95 20.15
N ASN A 123 -33.04 9.52 21.29
CA ASN A 123 -34.41 9.01 21.33
C ASN A 123 -35.38 9.85 22.14
N VAL A 124 -34.89 10.65 23.09
CA VAL A 124 -35.76 11.31 24.05
C VAL A 124 -36.75 12.26 23.39
N PHE A 125 -36.37 12.91 22.28
CA PHE A 125 -37.20 13.95 21.68
C PHE A 125 -38.51 13.41 21.08
N GLY A 126 -38.67 12.10 20.97
CA GLY A 126 -39.89 11.53 20.44
C GLY A 126 -40.76 10.82 21.46
N PHE A 127 -40.44 10.93 22.75
CA PHE A 127 -41.25 10.25 23.75
C PHE A 127 -42.67 10.82 23.79
N LYS A 128 -43.65 9.92 23.79
CA LYS A 128 -45.05 10.35 23.89
C LYS A 128 -45.29 11.25 25.09
N ALA A 129 -44.58 11.02 26.20
CA ALA A 129 -44.88 11.75 27.42
C ALA A 129 -44.67 13.26 27.26
N LEU A 130 -43.82 13.69 26.34
CA LEU A 130 -43.52 15.11 26.15
C LEU A 130 -44.18 15.61 24.87
N ARG A 131 -44.92 16.72 25.00
CA ARG A 131 -45.39 17.45 23.83
C ARG A 131 -44.23 17.91 22.96
N ALA A 132 -43.20 18.47 23.57
CA ALA A 132 -42.07 19.01 22.84
C ALA A 132 -40.82 18.88 23.71
N LEU A 133 -39.67 18.87 23.05
CA LEU A 133 -38.40 18.98 23.73
C LEU A 133 -37.45 19.86 22.92
N ARG A 134 -36.63 20.64 23.61
CA ARG A 134 -35.58 21.45 22.99
C ARG A 134 -34.34 21.41 23.86
N LEU A 135 -33.17 21.15 23.26
CA LEU A 135 -31.90 21.30 23.97
C LEU A 135 -31.39 22.71 23.71
N GLU A 136 -31.32 23.53 24.77
CA GLU A 136 -30.94 24.93 24.69
C GLU A 136 -29.44 25.14 24.86
N ASP A 137 -28.79 24.37 25.73
CA ASP A 137 -27.37 24.55 25.92
C ASP A 137 -26.79 23.26 26.49
N LEU A 138 -25.47 23.14 26.37
CA LEU A 138 -24.70 22.06 26.99
C LEU A 138 -23.49 22.67 27.71
N ARG A 139 -23.14 22.13 28.87
CA ARG A 139 -21.86 22.42 29.49
C ARG A 139 -20.97 21.22 29.23
N ILE A 140 -19.91 21.42 28.46
CA ILE A 140 -19.00 20.34 28.08
C ILE A 140 -17.76 20.49 28.95
N PRO A 141 -17.39 19.48 29.73
CA PRO A 141 -16.30 19.68 30.67
C PRO A 141 -14.97 19.71 29.95
N VAL A 142 -14.02 20.46 30.53
CA VAL A 142 -12.73 20.68 29.88
C VAL A 142 -12.04 19.38 29.61
N ALA A 143 -12.18 18.39 30.50
CA ALA A 143 -11.51 17.12 30.29
C ALA A 143 -12.01 16.41 29.02
N TYR A 144 -13.25 16.66 28.59
CA TYR A 144 -13.72 16.08 27.31
C TYR A 144 -13.29 16.95 26.13
N VAL A 145 -13.31 18.29 26.32
CA VAL A 145 -12.79 19.24 25.33
C VAL A 145 -11.36 18.87 24.92
N LYS A 146 -10.53 18.45 25.88
CA LYS A 146 -9.15 18.12 25.57
C LYS A 146 -9.05 16.85 24.72
N THR A 147 -10.10 16.04 24.63
CA THR A 147 -10.04 14.84 23.82
C THR A 147 -10.26 15.14 22.34
N PHE A 148 -10.81 16.31 22.00
CA PHE A 148 -11.01 16.68 20.61
C PHE A 148 -9.87 17.56 20.13
N GLN A 149 -9.51 17.39 18.85
CA GLN A 149 -8.45 18.22 18.26
C GLN A 149 -8.95 19.65 18.02
N GLY A 150 -10.25 19.82 17.80
CA GLY A 150 -10.80 21.13 17.61
C GLY A 150 -10.52 21.64 16.22
N PRO A 151 -10.58 22.96 16.04
CA PRO A 151 -10.33 23.54 14.74
C PRO A 151 -8.98 23.10 14.24
N PRO A 152 -8.86 22.80 12.96
CA PRO A 152 -7.54 22.48 12.38
C PRO A 152 -6.48 23.54 12.60
N HIS A 153 -6.85 24.83 12.56
CA HIS A 153 -5.88 25.93 12.60
C HIS A 153 -6.33 27.06 13.52
N GLY A 154 -7.54 27.58 13.29
CA GLY A 154 -8.14 28.55 14.19
C GLY A 154 -7.75 29.97 13.84
N ILE A 155 -8.29 30.91 14.62
CA ILE A 155 -8.27 32.32 14.24
C ILE A 155 -6.86 32.86 14.09
N GLN A 156 -5.97 32.54 15.05
CA GLN A 156 -4.65 33.14 15.04
C GLN A 156 -3.82 32.66 13.86
N VAL A 157 -3.78 31.35 13.66
CA VAL A 157 -2.94 30.82 12.58
C VAL A 157 -3.47 31.24 11.23
N GLU A 158 -4.79 31.40 11.08
CA GLU A 158 -5.30 31.72 9.75
C GLU A 158 -4.98 33.17 9.35
N ARG A 159 -5.11 34.12 10.29
CA ARG A 159 -4.62 35.48 10.04
C ARG A 159 -3.12 35.47 9.73
N ASP A 160 -2.35 34.64 10.44
CA ASP A 160 -0.91 34.57 10.19
C ASP A 160 -0.60 33.93 8.84
N LYS A 161 -1.35 32.87 8.48
CA LYS A 161 -1.11 32.19 7.21
C LYS A 161 -1.44 33.09 6.02
N LEU A 162 -2.50 33.89 6.14
CA LEU A 162 -2.95 34.75 5.06
C LEU A 162 -2.33 36.14 5.10
N ASN A 163 -1.64 36.49 6.19
CA ASN A 163 -1.06 37.81 6.40
C ASN A 163 -2.14 38.89 6.38
N LYS A 164 -3.20 38.63 7.13
CA LYS A 164 -4.38 39.50 7.10
C LYS A 164 -4.72 39.94 8.52
N TYR A 165 -4.52 41.22 8.85
CA TYR A 165 -4.77 41.69 10.20
C TYR A 165 -5.57 42.98 10.16
N GLY A 166 -6.24 43.27 11.27
CA GLY A 166 -6.84 44.58 11.49
C GLY A 166 -8.19 44.83 10.85
N ARG A 167 -8.87 43.81 10.32
CA ARG A 167 -10.19 44.03 9.73
C ARG A 167 -10.89 42.69 9.60
N PRO A 168 -12.23 42.68 9.57
CA PRO A 168 -12.95 41.49 9.12
C PRO A 168 -12.54 41.11 7.72
N LEU A 169 -12.48 39.81 7.46
CA LEU A 169 -12.16 39.37 6.12
C LEU A 169 -13.43 39.39 5.26
N LEU A 170 -13.25 39.30 3.94
CA LEU A 170 -14.31 39.57 2.97
C LEU A 170 -14.48 38.41 2.01
N GLY A 171 -15.73 38.00 1.79
CA GLY A 171 -16.02 36.84 1.00
C GLY A 171 -17.18 37.10 0.06
N CYS A 172 -17.39 36.16 -0.84
CA CYS A 172 -18.45 36.28 -1.82
C CYS A 172 -18.84 34.89 -2.31
N THR A 173 -20.13 34.59 -2.25
CA THR A 173 -20.66 33.32 -2.74
C THR A 173 -20.98 33.46 -4.23
N ILE A 174 -20.43 32.59 -5.07
CA ILE A 174 -20.67 32.75 -6.49
C ILE A 174 -22.12 32.40 -6.81
N LYS A 175 -22.78 33.27 -7.55
CA LYS A 175 -24.14 33.03 -7.96
C LYS A 175 -24.19 33.01 -9.48
N PRO A 176 -25.18 32.32 -10.10
CA PRO A 176 -26.29 31.52 -9.59
C PRO A 176 -25.84 30.34 -8.75
N LYS A 177 -26.64 29.97 -7.75
CA LYS A 177 -26.26 28.88 -6.87
C LYS A 177 -25.84 27.64 -7.66
N LEU A 178 -26.65 27.26 -8.65
CA LEU A 178 -26.41 26.08 -9.45
C LEU A 178 -26.45 26.48 -10.91
N GLY A 179 -25.79 25.69 -11.75
CA GLY A 179 -25.94 25.81 -13.19
C GLY A 179 -24.85 26.56 -13.93
N LEU A 180 -23.95 27.25 -13.24
CA LEU A 180 -22.80 27.82 -13.91
C LEU A 180 -21.86 26.71 -14.34
N SER A 181 -21.07 26.98 -15.39
CA SER A 181 -20.02 26.09 -15.86
C SER A 181 -18.75 26.31 -15.04
N ALA A 182 -17.86 25.31 -15.09
CA ALA A 182 -16.59 25.42 -14.37
C ALA A 182 -15.80 26.64 -14.82
N LYS A 183 -15.69 26.86 -16.14
CA LYS A 183 -14.91 27.99 -16.61
C LYS A 183 -15.53 29.32 -16.21
N ASN A 184 -16.86 29.44 -16.31
CA ASN A 184 -17.52 30.66 -15.88
C ASN A 184 -17.44 30.87 -14.37
N TYR A 185 -17.39 29.77 -13.62
CA TYR A 185 -17.14 29.87 -12.18
C TYR A 185 -15.79 30.51 -11.92
N GLY A 186 -14.77 30.16 -12.70
CA GLY A 186 -13.46 30.73 -12.48
C GLY A 186 -13.36 32.19 -12.90
N ARG A 187 -13.95 32.53 -14.06
CA ARG A 187 -13.98 33.93 -14.48
C ARG A 187 -14.76 34.75 -13.48
N ALA A 188 -15.74 34.15 -12.81
CA ALA A 188 -16.42 34.86 -11.73
C ALA A 188 -15.50 35.08 -10.55
N VAL A 189 -14.74 34.05 -10.17
CA VAL A 189 -13.88 34.15 -8.98
C VAL A 189 -12.82 35.21 -9.21
N TYR A 190 -12.21 35.23 -10.40
CA TYR A 190 -11.08 36.14 -10.64
C TYR A 190 -11.51 37.59 -10.49
N GLU A 191 -12.57 37.98 -11.20
CA GLU A 191 -13.11 39.34 -11.08
C GLU A 191 -13.51 39.70 -9.65
N CYS A 192 -14.09 38.76 -8.90
CA CYS A 192 -14.42 39.06 -7.51
C CYS A 192 -13.17 39.31 -6.68
N LEU A 193 -12.12 38.51 -6.87
CA LEU A 193 -10.94 38.61 -6.03
C LEU A 193 -10.06 39.78 -6.42
N ARG A 194 -10.04 40.14 -7.73
CA ARG A 194 -9.18 41.24 -8.19
C ARG A 194 -9.68 42.58 -7.70
N GLY A 195 -10.91 42.68 -7.25
CA GLY A 195 -11.50 43.90 -6.73
C GLY A 195 -11.31 44.13 -5.25
N GLY A 196 -10.58 43.27 -4.56
CA GLY A 196 -10.26 43.51 -3.17
C GLY A 196 -10.91 42.58 -2.17
N LEU A 197 -11.66 41.56 -2.62
CA LEU A 197 -12.21 40.56 -1.72
C LEU A 197 -11.10 39.60 -1.34
N ASP A 198 -11.16 39.08 -0.11
CA ASP A 198 -10.15 38.08 0.29
C ASP A 198 -10.50 36.69 -0.19
N PHE A 199 -11.80 36.34 -0.11
CA PHE A 199 -12.25 34.98 -0.37
C PHE A 199 -13.41 34.98 -1.35
N THR A 200 -13.50 33.90 -2.13
CA THR A 200 -14.74 33.56 -2.81
C THR A 200 -15.10 32.18 -2.28
N KCX A 201 -16.27 31.65 -2.65
CA KCX A 201 -16.65 30.32 -2.22
CB KCX A 201 -17.29 30.36 -0.80
CG KCX A 201 -18.78 30.69 -0.77
CD KCX A 201 -19.29 30.91 0.64
CE KCX A 201 -19.72 29.63 1.34
NZ KCX A 201 -20.97 29.10 0.71
C KCX A 201 -17.62 29.62 -3.16
O KCX A 201 -18.40 30.26 -3.88
CX KCX A 201 -22.18 29.63 0.87
OQ1 KCX A 201 -22.42 30.61 1.61
OQ2 KCX A 201 -23.10 29.07 0.26
N ASP A 202 -17.56 28.30 -3.15
CA ASP A 202 -18.59 27.51 -3.77
C ASP A 202 -19.83 27.63 -2.93
N ASP A 203 -21.00 27.64 -3.58
CA ASP A 203 -22.24 27.57 -2.83
C ASP A 203 -22.31 26.23 -2.12
N GLU A 204 -23.18 26.15 -1.12
CA GLU A 204 -23.20 24.96 -0.27
C GLU A 204 -23.64 23.74 -1.06
N ASN A 205 -24.59 23.91 -1.97
CA ASN A 205 -25.11 22.82 -2.80
C ASN A 205 -24.24 22.53 -4.03
N VAL A 206 -23.26 23.38 -4.36
CA VAL A 206 -22.32 23.10 -5.44
C VAL A 206 -21.34 22.03 -4.94
N ASN A 207 -21.56 20.79 -5.37
CA ASN A 207 -20.60 19.72 -5.10
C ASN A 207 -20.03 19.28 -6.44
N SER A 208 -20.43 18.12 -6.95
CA SER A 208 -20.12 17.74 -8.32
C SER A 208 -21.44 17.42 -9.02
N GLN A 209 -21.68 18.00 -10.19
CA GLN A 209 -22.99 17.93 -10.81
C GLN A 209 -22.84 17.79 -12.32
N PRO A 210 -23.92 17.40 -13.02
CA PRO A 210 -23.84 17.28 -14.49
C PRO A 210 -23.52 18.58 -15.20
N PHE A 211 -23.87 19.75 -14.63
CA PHE A 211 -23.53 21.04 -15.24
C PHE A 211 -22.09 21.47 -14.92
N MET A 212 -21.52 20.98 -13.84
CA MET A 212 -20.17 21.36 -13.44
C MET A 212 -19.60 20.27 -12.55
N ARG A 213 -18.57 19.57 -13.02
CA ARG A 213 -17.93 18.55 -12.20
C ARG A 213 -16.82 19.21 -11.39
N TRP A 214 -16.44 18.55 -10.29
CA TRP A 214 -15.65 19.25 -9.27
C TRP A 214 -14.22 19.44 -9.73
N ARG A 215 -13.60 18.41 -10.32
CA ARG A 215 -12.17 18.56 -10.62
C ARG A 215 -11.96 19.70 -11.62
N ASP A 216 -12.88 19.86 -12.58
CA ASP A 216 -12.88 21.04 -13.47
C ASP A 216 -13.00 22.34 -12.70
N ARG A 217 -14.00 22.42 -11.81
CA ARG A 217 -14.18 23.61 -10.98
C ARG A 217 -12.92 23.93 -10.17
N PHE A 218 -12.42 22.95 -9.42
CA PHE A 218 -11.21 23.18 -8.62
C PHE A 218 -10.09 23.69 -9.48
N LEU A 219 -9.94 23.12 -10.67
CA LEU A 219 -8.81 23.47 -11.51
C LEU A 219 -8.93 24.90 -12.01
N PHE A 220 -10.13 25.25 -12.51
CA PHE A 220 -10.40 26.62 -12.94
C PHE A 220 -10.36 27.61 -11.77
N CYS A 221 -10.85 27.21 -10.60
CA CYS A 221 -10.85 28.17 -9.50
C CYS A 221 -9.43 28.45 -9.05
N ALA A 222 -8.54 27.46 -9.17
CA ALA A 222 -7.14 27.66 -8.83
C ALA A 222 -6.48 28.72 -9.71
N GLU A 223 -6.68 28.63 -11.03
CA GLU A 223 -6.06 29.60 -11.94
C GLU A 223 -6.53 31.00 -11.60
N ALA A 224 -7.84 31.17 -11.50
CA ALA A 224 -8.45 32.47 -11.23
C ALA A 224 -7.93 33.07 -9.92
N LEU A 225 -7.92 32.25 -8.87
CA LEU A 225 -7.39 32.66 -7.57
C LEU A 225 -5.97 33.18 -7.70
N TYR A 226 -5.11 32.46 -8.45
CA TYR A 226 -3.71 32.86 -8.53
C TYR A 226 -3.52 34.09 -9.41
N LYS A 227 -4.27 34.21 -10.51
CA LYS A 227 -4.23 35.44 -11.31
C LYS A 227 -4.62 36.64 -10.46
N ALA A 228 -5.68 36.51 -9.68
CA ALA A 228 -6.09 37.60 -8.79
C ALA A 228 -5.01 37.97 -7.77
N GLN A 229 -4.29 36.98 -7.24
CA GLN A 229 -3.26 37.25 -6.24
C GLN A 229 -2.08 37.99 -6.84
N ALA A 230 -1.72 37.67 -8.07
CA ALA A 230 -0.59 38.38 -8.69
C ALA A 230 -0.93 39.84 -8.95
N GLU A 231 -2.13 40.10 -9.46
CA GLU A 231 -2.51 41.47 -9.77
C GLU A 231 -2.63 42.32 -8.52
N THR A 232 -3.13 41.76 -7.41
CA THR A 232 -3.37 42.54 -6.20
C THR A 232 -2.17 42.59 -5.27
N GLY A 233 -1.34 41.55 -5.25
CA GLY A 233 -0.32 41.47 -4.19
C GLY A 233 -0.85 41.03 -2.84
N GLU A 234 -2.09 40.55 -2.78
CA GLU A 234 -2.77 40.17 -1.55
C GLU A 234 -3.16 38.71 -1.66
N ILE A 235 -2.96 37.95 -0.56
CA ILE A 235 -3.24 36.51 -0.59
C ILE A 235 -4.73 36.29 -0.83
N LYS A 236 -5.06 35.27 -1.61
CA LYS A 236 -6.44 35.02 -2.03
C LYS A 236 -6.82 33.56 -1.77
N GLY A 237 -8.09 33.34 -1.51
CA GLY A 237 -8.60 32.01 -1.25
C GLY A 237 -9.94 31.80 -1.91
N HIS A 238 -10.19 30.56 -2.30
CA HIS A 238 -11.51 30.15 -2.75
C HIS A 238 -11.86 28.88 -2.02
N TYR A 239 -12.95 28.92 -1.26
CA TYR A 239 -13.38 27.71 -0.60
C TYR A 239 -13.86 26.73 -1.66
N LEU A 240 -13.21 25.58 -1.69
CA LEU A 240 -13.63 24.47 -2.55
C LEU A 240 -14.40 23.47 -1.71
N ASN A 241 -15.63 23.19 -2.12
CA ASN A 241 -16.50 22.28 -1.39
C ASN A 241 -15.97 20.86 -1.54
N ALA A 242 -15.78 20.18 -0.42
CA ALA A 242 -15.44 18.76 -0.43
C ALA A 242 -16.63 17.88 -0.05
N THR A 243 -17.77 18.48 0.28
CA THR A 243 -18.98 17.73 0.58
C THR A 243 -19.32 16.75 -0.54
N ALA A 244 -19.72 15.55 -0.15
CA ALA A 244 -19.93 14.43 -1.07
C ALA A 244 -20.80 13.37 -0.39
N GLY A 245 -21.33 12.44 -1.21
CA GLY A 245 -22.09 11.30 -0.69
C GLY A 245 -21.27 10.27 0.09
N THR A 246 -19.97 10.14 -0.20
CA THR A 246 -19.12 9.20 0.53
C THR A 246 -17.84 9.88 0.99
N CYS A 247 -17.15 9.26 1.95
CA CYS A 247 -15.92 9.83 2.49
C CYS A 247 -14.77 9.62 1.54
N GLU A 248 -14.80 8.53 0.79
CA GLU A 248 -13.82 8.33 -0.26
C GLU A 248 -13.84 9.51 -1.21
N ASP A 249 -15.03 9.95 -1.61
CA ASP A 249 -15.13 11.09 -2.52
C ASP A 249 -14.73 12.38 -1.84
N MET A 250 -15.14 12.56 -0.58
CA MET A 250 -14.71 13.70 0.22
C MET A 250 -13.19 13.80 0.26
N MET A 251 -12.50 12.69 0.51
CA MET A 251 -11.04 12.76 0.52
C MET A 251 -10.51 13.09 -0.86
N LYS A 252 -11.10 12.50 -1.90
CA LYS A 252 -10.55 12.72 -3.23
C LYS A 252 -10.53 14.21 -3.57
N ARG A 253 -11.58 14.93 -3.17
CA ARG A 253 -11.61 16.38 -3.38
C ARG A 253 -10.60 17.10 -2.47
N ALA A 254 -10.46 16.66 -1.22
CA ALA A 254 -9.50 17.31 -0.34
C ALA A 254 -8.08 17.09 -0.84
N VAL A 255 -7.79 15.91 -1.35
CA VAL A 255 -6.43 15.59 -1.79
C VAL A 255 -6.04 16.48 -2.96
N PHE A 256 -6.96 16.71 -3.89
CA PHE A 256 -6.60 17.49 -5.08
C PHE A 256 -6.36 18.94 -4.71
N ALA A 257 -7.14 19.47 -3.77
CA ALA A 257 -6.90 20.83 -3.30
C ALA A 257 -5.50 20.96 -2.72
N ARG A 258 -5.08 19.98 -1.92
CA ARG A 258 -3.73 20.00 -1.38
C ARG A 258 -2.71 20.03 -2.51
N GLU A 259 -2.91 19.20 -3.54
CA GLU A 259 -2.02 19.21 -4.70
C GLU A 259 -2.01 20.58 -5.38
N LEU A 260 -3.19 21.18 -5.55
CA LEU A 260 -3.33 22.53 -6.05
C LEU A 260 -2.64 23.56 -5.15
N GLY A 261 -2.41 23.24 -3.88
CA GLY A 261 -1.78 24.20 -2.98
C GLY A 261 -2.64 25.38 -2.60
N VAL A 262 -3.97 25.23 -2.70
CA VAL A 262 -4.92 26.27 -2.35
C VAL A 262 -4.98 26.41 -0.83
N PRO A 263 -5.40 27.55 -0.30
CA PRO A 263 -5.44 27.72 1.17
C PRO A 263 -6.60 27.11 1.93
N ILE A 264 -7.77 26.89 1.30
CA ILE A 264 -8.99 26.68 2.07
C ILE A 264 -9.95 25.81 1.29
N VAL A 265 -10.61 24.89 2.02
CA VAL A 265 -11.66 24.01 1.54
C VAL A 265 -12.87 24.18 2.46
N MET A 266 -14.04 23.75 2.00
CA MET A 266 -15.24 23.89 2.80
C MET A 266 -16.02 22.58 2.86
N HIS A 267 -16.85 22.46 3.91
CA HIS A 267 -17.64 21.27 4.18
C HIS A 267 -18.96 21.71 4.77
N ASP A 268 -20.03 20.94 4.50
CA ASP A 268 -21.33 21.15 5.14
C ASP A 268 -21.52 20.10 6.24
N TYR A 269 -21.19 20.48 7.49
CA TYR A 269 -20.99 19.44 8.51
C TYR A 269 -22.28 18.78 8.97
N LEU A 270 -23.42 19.45 8.85
CA LEU A 270 -24.64 18.73 9.19
C LEU A 270 -25.08 17.81 8.04
N THR A 271 -25.05 18.31 6.79
CA THR A 271 -25.50 17.47 5.68
C THR A 271 -24.46 16.42 5.31
N GLY A 272 -23.17 16.71 5.51
CA GLY A 272 -22.17 15.67 5.38
C GLY A 272 -22.06 14.78 6.60
N GLY A 273 -22.32 15.33 7.78
CA GLY A 273 -22.23 14.49 8.96
C GLY A 273 -21.01 14.79 9.83
N PHE A 274 -21.19 14.60 11.14
CA PHE A 274 -20.10 14.79 12.11
C PHE A 274 -19.00 13.75 11.95
N THR A 275 -19.36 12.52 11.56
CA THR A 275 -18.30 11.53 11.36
C THR A 275 -17.36 11.96 10.23
N ALA A 276 -17.91 12.29 9.06
CA ALA A 276 -17.05 12.72 7.97
C ALA A 276 -16.41 14.07 8.25
N ASN A 277 -17.13 14.99 8.93
CA ASN A 277 -16.51 16.28 9.23
C ASN A 277 -15.25 16.12 10.11
N THR A 278 -15.30 15.22 11.10
CA THR A 278 -14.13 14.99 11.96
C THR A 278 -12.98 14.36 11.18
N THR A 279 -13.30 13.46 10.26
CA THR A 279 -12.30 12.94 9.34
C THR A 279 -11.61 14.07 8.60
N LEU A 280 -12.43 15.00 8.05
CA LEU A 280 -11.92 16.07 7.19
C LEU A 280 -11.12 17.09 7.97
N SER A 281 -11.56 17.42 9.17
CA SER A 281 -10.81 18.30 10.03
C SER A 281 -9.41 17.77 10.31
N HIS A 282 -9.27 16.46 10.52
CA HIS A 282 -7.95 15.87 10.78
C HIS A 282 -7.05 15.89 9.55
N TYR A 283 -7.63 15.74 8.35
CA TYR A 283 -6.83 15.82 7.13
C TYR A 283 -6.36 17.25 6.89
N CYS A 284 -7.22 18.22 7.21
CA CYS A 284 -6.90 19.63 7.08
C CYS A 284 -5.75 20.04 8.01
N ARG A 285 -5.78 19.62 9.29
CA ARG A 285 -4.67 19.89 10.18
C ARG A 285 -3.40 19.18 9.71
N ASP A 286 -3.56 18.01 9.10
CA ASP A 286 -2.42 17.23 8.63
C ASP A 286 -1.81 17.80 7.37
N ASN A 287 -2.55 18.58 6.60
CA ASN A 287 -2.06 19.09 5.31
C ASN A 287 -2.12 20.60 5.23
N GLY A 288 -2.27 21.26 6.38
CA GLY A 288 -2.21 22.71 6.42
C GLY A 288 -3.32 23.36 5.63
N LEU A 289 -4.51 22.77 5.62
CA LEU A 289 -5.60 23.28 4.80
C LEU A 289 -6.68 23.89 5.68
N LEU A 290 -7.12 25.09 5.34
CA LEU A 290 -8.19 25.75 6.11
C LEU A 290 -9.54 25.08 5.85
N LEU A 291 -10.38 25.01 6.89
CA LEU A 291 -11.69 24.38 6.80
C LEU A 291 -12.80 25.39 7.05
N HIS A 292 -13.55 25.73 6.02
CA HIS A 292 -14.70 26.61 6.18
C HIS A 292 -15.97 25.75 6.27
N ILE A 293 -16.78 25.97 7.29
CA ILE A 293 -17.89 25.07 7.57
C ILE A 293 -19.21 25.79 7.27
N HIS A 294 -20.02 25.22 6.37
CA HIS A 294 -21.37 25.72 6.08
C HIS A 294 -22.37 25.00 7.00
N ARG A 295 -23.32 25.75 7.55
CA ARG A 295 -24.20 25.19 8.57
C ARG A 295 -25.53 24.69 7.98
N ALA A 296 -25.49 24.22 6.73
CA ALA A 296 -26.69 23.85 5.99
C ALA A 296 -27.54 22.86 6.76
N MET A 297 -28.84 23.10 6.82
CA MET A 297 -29.85 22.31 7.54
C MET A 297 -29.93 22.62 9.05
N HIS A 298 -29.14 23.56 9.60
CA HIS A 298 -29.29 23.87 11.03
C HIS A 298 -30.70 24.38 11.37
N ALA A 299 -31.33 25.12 10.45
CA ALA A 299 -32.60 25.77 10.76
C ALA A 299 -33.78 24.79 10.82
N VAL A 300 -33.66 23.62 10.19
CA VAL A 300 -34.63 22.56 10.43
C VAL A 300 -34.66 22.18 11.90
N ILE A 301 -33.48 22.23 12.54
CA ILE A 301 -33.29 21.81 13.91
C ILE A 301 -33.55 22.95 14.89
N ASP A 302 -33.17 24.19 14.55
CA ASP A 302 -33.01 25.24 15.57
C ASP A 302 -33.85 26.49 15.37
N ARG A 303 -34.74 26.54 14.39
CA ARG A 303 -35.50 27.76 14.18
C ARG A 303 -36.44 28.06 15.33
N GLN A 304 -37.02 27.02 15.94
CA GLN A 304 -38.18 27.18 16.80
C GLN A 304 -37.80 27.01 18.28
N LYS A 305 -38.44 27.81 19.12
CA LYS A 305 -38.16 27.83 20.54
C LYS A 305 -38.70 26.61 21.29
N ASN A 306 -39.83 26.04 20.84
CA ASN A 306 -40.48 25.00 21.62
C ASN A 306 -39.83 23.64 21.42
N HIS A 307 -39.16 23.43 20.30
CA HIS A 307 -38.70 22.10 19.94
C HIS A 307 -37.39 22.16 19.15
N GLY A 308 -36.49 21.23 19.45
CA GLY A 308 -35.31 21.04 18.62
C GLY A 308 -34.00 21.15 19.39
N MET A 309 -33.05 21.83 18.78
CA MET A 309 -31.71 21.97 19.32
C MET A 309 -31.16 23.31 18.84
N HIS A 310 -30.88 24.21 19.77
CA HIS A 310 -30.43 25.56 19.45
C HIS A 310 -29.04 25.54 18.81
N PHE A 311 -28.76 26.55 17.99
CA PHE A 311 -27.50 26.56 17.23
C PHE A 311 -26.28 26.61 18.15
N ARG A 312 -26.44 27.17 19.35
CA ARG A 312 -25.33 27.17 20.32
C ARG A 312 -24.75 25.78 20.47
N VAL A 313 -25.62 24.77 20.60
CA VAL A 313 -25.13 23.40 20.79
C VAL A 313 -24.35 22.94 19.55
N LEU A 314 -25.01 23.00 18.39
CA LEU A 314 -24.38 22.62 17.12
C LEU A 314 -23.13 23.43 16.81
N ALA A 315 -23.08 24.70 17.27
CA ALA A 315 -21.88 25.53 17.11
C ALA A 315 -20.73 25.04 18.00
N LYS A 316 -21.05 24.62 19.23
CA LYS A 316 -20.02 24.02 20.10
C LYS A 316 -19.58 22.67 19.56
N ALA A 317 -20.54 21.86 19.08
CA ALA A 317 -20.22 20.58 18.47
C ALA A 317 -19.20 20.76 17.34
N LEU A 318 -19.35 21.82 16.55
CA LEU A 318 -18.43 22.13 15.46
C LEU A 318 -17.04 22.50 15.98
N ARG A 319 -16.97 23.27 17.06
CA ARG A 319 -15.65 23.64 17.57
C ARG A 319 -14.86 22.40 17.97
N LEU A 320 -15.55 21.39 18.50
CA LEU A 320 -14.90 20.14 18.89
C LEU A 320 -14.56 19.28 17.67
N SER A 321 -15.55 19.06 16.80
CA SER A 321 -15.34 18.31 15.56
C SER A 321 -14.24 18.95 14.71
N GLY A 322 -14.33 20.26 14.49
CA GLY A 322 -13.29 21.00 13.82
C GLY A 322 -13.72 21.81 12.60
N GLY A 323 -13.51 23.12 12.67
CA GLY A 323 -13.68 24.02 11.54
C GLY A 323 -13.02 25.35 11.84
N ASP A 324 -12.36 25.96 10.85
CA ASP A 324 -11.75 27.26 11.05
C ASP A 324 -12.76 28.40 10.91
N HIS A 325 -13.85 28.17 10.18
CA HIS A 325 -14.92 29.14 10.01
C HIS A 325 -16.25 28.47 10.27
N ILE A 326 -17.22 29.24 10.74
CA ILE A 326 -18.58 28.72 10.78
C ILE A 326 -19.55 29.87 10.61
N HIS A 327 -20.50 29.68 9.71
CA HIS A 327 -21.55 30.67 9.49
C HIS A 327 -22.28 30.94 10.81
N SER A 328 -22.61 32.21 11.03
CA SER A 328 -23.10 32.63 12.33
C SER A 328 -24.35 33.47 12.20
N GLY A 329 -24.79 33.73 10.98
CA GLY A 329 -25.90 34.61 10.74
C GLY A 329 -25.41 36.04 10.65
N THR A 330 -26.33 36.91 10.22
CA THR A 330 -25.98 38.29 9.98
C THR A 330 -26.71 39.26 10.89
N VAL A 331 -27.78 38.81 11.55
CA VAL A 331 -28.72 39.65 12.29
C VAL A 331 -29.53 40.50 11.29
N VAL A 332 -28.83 41.37 10.53
CA VAL A 332 -29.48 42.32 9.62
C VAL A 332 -29.91 41.69 8.29
N GLY A 333 -29.50 40.46 8.02
CA GLY A 333 -29.72 39.86 6.72
C GLY A 333 -31.08 39.21 6.56
N LYS A 334 -31.21 38.40 5.49
CA LYS A 334 -32.45 37.74 5.16
C LYS A 334 -32.73 36.53 6.03
N LEU A 335 -31.73 35.97 6.71
CA LEU A 335 -31.95 34.81 7.56
C LEU A 335 -32.05 35.23 9.02
N GLU A 336 -32.75 34.42 9.81
CA GLU A 336 -33.12 34.86 11.15
C GLU A 336 -31.91 34.77 12.08
N GLY A 337 -31.58 35.89 12.72
CA GLY A 337 -30.60 35.89 13.78
C GLY A 337 -30.91 37.03 14.72
N GLU A 338 -31.09 36.73 15.99
CA GLU A 338 -31.35 37.77 16.98
C GLU A 338 -30.02 38.24 17.54
N ARG A 339 -29.82 39.56 17.60
CA ARG A 339 -28.53 40.12 17.94
C ARG A 339 -27.97 39.53 19.24
N ASP A 340 -28.77 39.56 20.30
CA ASP A 340 -28.25 39.20 21.62
C ASP A 340 -27.87 37.72 21.70
N ILE A 341 -28.68 36.84 21.09
CA ILE A 341 -28.34 35.40 21.07
C ILE A 341 -27.13 35.13 20.18
N THR A 342 -27.03 35.86 19.06
CA THR A 342 -25.90 35.70 18.14
C THR A 342 -24.60 36.13 18.80
N LEU A 343 -24.63 37.24 19.53
CA LEU A 343 -23.45 37.69 20.25
C LEU A 343 -22.94 36.63 21.24
N GLY A 344 -23.85 35.86 21.84
CA GLY A 344 -23.45 34.84 22.79
C GLY A 344 -22.77 33.63 22.14
N PHE A 345 -23.39 33.06 21.08
CA PHE A 345 -22.68 31.94 20.48
C PHE A 345 -21.49 32.41 19.66
N VAL A 346 -21.35 33.71 19.38
CA VAL A 346 -20.11 34.21 18.76
C VAL A 346 -18.94 34.11 19.75
N ASP A 347 -19.16 34.56 20.99
CA ASP A 347 -18.13 34.42 22.02
C ASP A 347 -17.89 32.95 22.39
N LEU A 348 -18.90 32.09 22.23
CA LEU A 348 -18.64 30.68 22.47
C LEU A 348 -17.70 30.10 21.41
N LEU A 349 -17.72 30.65 20.19
CA LEU A 349 -16.90 30.15 19.10
C LEU A 349 -15.51 30.73 19.12
N ARG A 350 -15.37 31.94 19.66
CA ARG A 350 -14.19 32.76 19.51
C ARG A 350 -13.29 32.85 20.74
N ASP A 351 -13.82 32.62 21.95
CA ASP A 351 -13.11 32.97 23.16
C ASP A 351 -12.80 31.73 24.00
N ASP A 352 -11.87 31.89 24.96
CA ASP A 352 -11.47 30.75 25.79
C ASP A 352 -12.44 30.46 26.92
N TYR A 353 -13.13 31.46 27.45
CA TYR A 353 -14.01 31.29 28.59
C TYR A 353 -15.25 32.15 28.39
N THR A 354 -16.44 31.59 28.65
CA THR A 354 -17.69 32.35 28.56
C THR A 354 -18.51 32.08 29.80
N GLU A 355 -18.70 33.10 30.63
CA GLU A 355 -19.50 32.92 31.82
C GLU A 355 -20.99 32.87 31.47
N LYS A 356 -21.77 32.19 32.31
CA LYS A 356 -23.19 31.99 32.04
C LYS A 356 -23.94 33.32 32.00
N ASP A 357 -24.79 33.51 30.97
CA ASP A 357 -25.60 34.73 30.80
C ASP A 357 -26.92 34.37 30.12
N ARG A 358 -27.98 34.25 30.94
CA ARG A 358 -29.32 33.97 30.44
C ARG A 358 -29.83 35.06 29.51
N SER A 359 -29.39 36.32 29.69
CA SER A 359 -29.82 37.40 28.82
C SER A 359 -29.32 37.22 27.38
N ARG A 360 -28.18 36.55 27.19
CA ARG A 360 -27.64 36.27 25.86
C ARG A 360 -27.82 34.81 25.42
N GLY A 361 -28.57 34.02 26.18
CA GLY A 361 -28.85 32.63 25.82
C GLY A 361 -27.95 31.58 26.45
N ILE A 362 -26.92 31.97 27.19
CA ILE A 362 -25.93 31.03 27.71
C ILE A 362 -26.36 30.50 29.07
N TYR A 363 -26.73 29.22 29.12
CA TYR A 363 -27.25 28.59 30.32
C TYR A 363 -26.17 28.09 31.26
N PHE A 364 -24.94 27.92 30.78
CA PHE A 364 -23.86 27.34 31.55
C PHE A 364 -22.60 28.13 31.27
N THR A 365 -21.61 27.99 32.14
CA THR A 365 -20.30 28.59 31.95
C THR A 365 -19.40 27.58 31.26
N GLN A 366 -18.81 27.96 30.13
CA GLN A 366 -18.06 27.03 29.26
C GLN A 366 -16.61 27.48 29.08
N SER A 367 -15.67 26.55 29.26
CA SER A 367 -14.24 26.79 29.09
C SER A 367 -13.70 25.85 28.04
N TRP A 368 -12.71 26.31 27.27
CA TRP A 368 -12.22 25.61 26.08
C TRP A 368 -10.78 25.16 26.20
N VAL A 369 -10.14 25.36 27.36
CA VAL A 369 -8.76 24.98 27.71
C VAL A 369 -7.82 25.15 26.52
N SER A 370 -7.89 26.32 25.88
CA SER A 370 -7.03 26.75 24.76
C SER A 370 -7.40 26.12 23.42
N THR A 371 -8.54 25.43 23.32
CA THR A 371 -9.06 25.06 22.01
C THR A 371 -9.21 26.32 21.18
N PRO A 372 -8.62 26.40 19.98
CA PRO A 372 -8.57 27.68 19.26
C PRO A 372 -9.95 28.19 18.90
N GLY A 373 -10.02 29.50 18.65
CA GLY A 373 -11.26 30.12 18.25
C GLY A 373 -11.63 29.77 16.82
N VAL A 374 -12.94 29.87 16.55
CA VAL A 374 -13.55 29.69 15.23
C VAL A 374 -13.98 31.06 14.71
N LEU A 375 -13.66 31.34 13.45
CA LEU A 375 -13.93 32.65 12.87
C LEU A 375 -15.38 32.74 12.40
N PRO A 376 -16.21 33.60 13.00
CA PRO A 376 -17.64 33.63 12.65
C PRO A 376 -17.87 34.30 11.30
N VAL A 377 -18.74 33.70 10.49
CA VAL A 377 -18.93 34.13 9.10
C VAL A 377 -20.37 34.60 8.92
N ALA A 378 -20.54 35.85 8.52
CA ALA A 378 -21.86 36.45 8.31
C ALA A 378 -22.15 36.50 6.81
N SER A 379 -23.21 35.80 6.39
CA SER A 379 -23.56 35.68 4.97
C SER A 379 -25.07 35.73 4.77
N GLY A 380 -25.50 36.39 3.69
CA GLY A 380 -26.89 36.29 3.26
C GLY A 380 -27.69 37.57 3.28
N GLY A 381 -27.88 38.18 2.12
CA GLY A 381 -28.77 39.32 1.98
C GLY A 381 -28.22 40.54 2.65
N ILE A 382 -26.90 40.65 2.72
CA ILE A 382 -26.26 41.83 3.29
C ILE A 382 -25.64 42.63 2.16
N HIS A 383 -25.69 43.96 2.28
CA HIS A 383 -25.11 44.83 1.28
C HIS A 383 -24.34 45.94 2.01
N VAL A 384 -23.81 46.88 1.22
CA VAL A 384 -22.90 47.92 1.72
C VAL A 384 -23.53 48.78 2.81
N TRP A 385 -24.86 48.91 2.84
CA TRP A 385 -25.45 49.68 3.93
C TRP A 385 -25.42 48.93 5.26
N HIS A 386 -25.34 47.59 5.23
CA HIS A 386 -25.20 46.75 6.41
C HIS A 386 -23.78 46.75 6.99
N MET A 387 -22.78 47.20 6.23
CA MET A 387 -21.40 47.11 6.70
C MET A 387 -21.12 47.80 8.03
N PRO A 388 -21.59 49.01 8.29
CA PRO A 388 -21.33 49.61 9.62
C PRO A 388 -21.85 48.75 10.75
N ALA A 389 -23.09 48.24 10.63
CA ALA A 389 -23.68 47.37 11.64
C ALA A 389 -22.98 46.03 11.75
N LEU A 390 -22.52 45.46 10.63
CA LEU A 390 -21.84 44.18 10.72
C LEU A 390 -20.52 44.32 11.46
N THR A 391 -19.72 45.33 11.11
CA THR A 391 -18.46 45.59 11.82
C THR A 391 -18.68 45.72 13.32
N GLU A 392 -19.81 46.30 13.71
CA GLU A 392 -20.11 46.53 15.12
C GLU A 392 -20.51 45.24 15.83
N ILE A 393 -21.38 44.43 15.22
CA ILE A 393 -21.84 43.21 15.87
C ILE A 393 -20.71 42.20 16.02
N PHE A 394 -19.91 42.01 14.99
CA PHE A 394 -18.96 40.88 14.95
C PHE A 394 -17.51 41.25 15.27
N GLY A 395 -17.14 42.53 15.23
CA GLY A 395 -15.76 42.89 15.49
C GLY A 395 -14.80 42.48 14.36
N ASP A 396 -13.51 42.68 14.63
CA ASP A 396 -12.52 42.45 13.58
C ASP A 396 -12.42 40.97 13.22
N ASP A 397 -12.71 40.06 14.15
CA ASP A 397 -12.53 38.62 13.90
C ASP A 397 -13.82 38.05 13.33
N SER A 398 -13.99 38.22 12.04
CA SER A 398 -15.15 37.69 11.34
C SER A 398 -14.83 37.68 9.86
N VAL A 399 -15.67 37.01 9.08
CA VAL A 399 -15.60 37.10 7.63
C VAL A 399 -16.97 37.55 7.14
N LEU A 400 -16.99 38.56 6.28
CA LEU A 400 -18.24 39.14 5.81
C LEU A 400 -18.42 38.71 4.37
N GLN A 401 -19.51 37.98 4.09
CA GLN A 401 -19.67 37.36 2.78
C GLN A 401 -20.88 37.95 2.06
N PHE A 402 -20.59 38.58 0.92
CA PHE A 402 -21.58 39.21 0.06
C PHE A 402 -21.62 38.43 -1.25
N GLY A 403 -22.68 37.65 -1.45
CA GLY A 403 -22.91 36.99 -2.74
C GLY A 403 -23.62 37.89 -3.73
N GLY A 404 -24.95 38.03 -3.57
CA GLY A 404 -25.68 39.04 -4.31
C GLY A 404 -25.02 40.39 -4.25
N GLY A 405 -24.31 40.68 -3.15
CA GLY A 405 -23.72 42.00 -2.97
C GLY A 405 -22.60 42.30 -3.94
N THR A 406 -21.81 41.30 -4.30
CA THR A 406 -20.77 41.48 -5.31
C THR A 406 -21.35 41.32 -6.71
N LEU A 407 -22.01 40.20 -6.96
CA LEU A 407 -22.42 39.93 -8.33
C LEU A 407 -23.60 40.77 -8.78
N GLY A 408 -24.41 41.29 -7.85
CA GLY A 408 -25.55 42.13 -8.18
C GLY A 408 -25.21 43.56 -8.53
N HIS A 409 -23.96 43.96 -8.33
CA HIS A 409 -23.50 45.30 -8.68
C HIS A 409 -23.66 45.56 -10.17
N PRO A 410 -24.02 46.79 -10.56
CA PRO A 410 -24.31 47.05 -11.98
C PRO A 410 -23.07 47.10 -12.86
N TRP A 411 -21.92 47.47 -12.32
CA TRP A 411 -20.73 47.54 -13.17
C TRP A 411 -19.99 46.21 -13.30
N GLY A 412 -20.47 45.14 -12.64
CA GLY A 412 -19.68 43.93 -12.53
C GLY A 412 -19.15 43.54 -11.15
N ASN A 413 -18.43 42.40 -11.09
CA ASN A 413 -17.94 41.86 -9.82
C ASN A 413 -16.82 42.72 -9.24
N ALA A 414 -15.77 42.95 -10.03
CA ALA A 414 -14.64 43.74 -9.58
C ALA A 414 -15.03 45.12 -9.03
N PRO A 415 -15.89 45.92 -9.68
CA PRO A 415 -16.45 47.08 -9.01
C PRO A 415 -17.25 46.73 -7.76
N GLY A 416 -18.09 45.69 -7.80
CA GLY A 416 -18.81 45.27 -6.62
C GLY A 416 -17.92 44.84 -5.46
N ALA A 417 -16.76 44.25 -5.78
CA ALA A 417 -15.84 43.87 -4.71
C ALA A 417 -15.20 45.10 -4.09
N VAL A 418 -14.89 46.11 -4.93
CA VAL A 418 -14.29 47.35 -4.44
C VAL A 418 -15.26 48.09 -3.53
N ALA A 419 -16.56 48.05 -3.86
CA ALA A 419 -17.55 48.68 -3.00
C ALA A 419 -17.54 48.09 -1.60
N ASN A 420 -17.54 46.76 -1.50
CA ASN A 420 -17.58 46.09 -0.21
C ASN A 420 -16.27 46.27 0.57
N ARG A 421 -15.12 46.04 -0.07
CA ARG A 421 -13.83 46.34 0.56
C ARG A 421 -13.75 47.82 0.98
N VAL A 422 -14.16 48.74 0.09
CA VAL A 422 -14.11 50.16 0.44
C VAL A 422 -15.02 50.43 1.62
N ALA A 423 -16.24 49.88 1.57
CA ALA A 423 -17.19 50.11 2.63
C ALA A 423 -16.60 49.69 3.97
N LEU A 424 -15.93 48.54 3.95
CA LEU A 424 -15.38 47.95 5.17
C LEU A 424 -14.23 48.79 5.71
N GLU A 425 -13.30 49.19 4.85
CA GLU A 425 -12.12 49.93 5.30
C GLU A 425 -12.49 51.32 5.81
N ALA A 426 -13.55 51.92 5.26
CA ALA A 426 -14.04 53.18 5.77
C ALA A 426 -14.69 53.00 7.13
N CYS A 427 -15.37 51.86 7.34
CA CYS A 427 -15.90 51.53 8.66
C CYS A 427 -14.80 51.26 9.67
N VAL A 428 -13.78 50.49 9.27
CA VAL A 428 -12.66 50.24 10.16
C VAL A 428 -11.97 51.54 10.51
N GLN A 429 -11.80 52.42 9.51
CA GLN A 429 -11.05 53.64 9.75
C GLN A 429 -11.77 54.53 10.75
N ALA A 430 -13.08 54.70 10.53
CA ALA A 430 -13.92 55.55 11.38
C ALA A 430 -14.07 54.95 12.78
N ARG A 431 -14.34 53.64 12.88
CA ARG A 431 -14.38 52.96 14.18
C ARG A 431 -13.10 53.21 14.97
N ASN A 432 -11.95 53.06 14.30
CA ASN A 432 -10.63 53.27 14.89
C ASN A 432 -10.40 54.72 15.28
N GLU A 433 -11.03 55.68 14.60
CA GLU A 433 -10.92 57.09 14.99
C GLU A 433 -11.90 57.45 16.08
N GLY A 434 -12.81 56.55 16.46
CA GLY A 434 -13.69 56.76 17.60
C GLY A 434 -15.17 56.97 17.30
N ARG A 435 -15.59 56.91 16.05
CA ARG A 435 -16.97 57.20 15.72
C ARG A 435 -17.86 56.00 16.06
N ASP A 436 -19.15 56.27 16.28
CA ASP A 436 -20.11 55.22 16.63
C ASP A 436 -20.67 54.68 15.32
N LEU A 437 -20.23 53.48 14.95
CA LEU A 437 -20.73 52.87 13.73
C LEU A 437 -22.25 52.78 13.75
N ALA A 438 -22.84 52.50 14.91
CA ALA A 438 -24.29 52.42 15.00
C ALA A 438 -24.96 53.73 14.58
N ARG A 439 -24.55 54.85 15.19
CA ARG A 439 -25.15 56.13 14.86
C ARG A 439 -24.60 56.71 13.57
N GLU A 440 -23.31 56.55 13.33
CA GLU A 440 -22.64 57.27 12.24
C GLU A 440 -22.48 56.44 10.98
N GLY A 441 -22.93 55.19 11.00
CA GLY A 441 -22.63 54.30 9.90
C GLY A 441 -23.02 54.85 8.54
N ASN A 442 -24.20 55.45 8.43
CA ASN A 442 -24.63 55.92 7.12
C ASN A 442 -23.82 57.13 6.67
N THR A 443 -23.45 57.99 7.62
CA THR A 443 -22.59 59.13 7.31
C THR A 443 -21.24 58.67 6.78
N ILE A 444 -20.69 57.59 7.33
CA ILE A 444 -19.41 57.06 6.84
C ILE A 444 -19.57 56.45 5.45
N ILE A 445 -20.61 55.65 5.23
CA ILE A 445 -20.86 55.13 3.88
C ILE A 445 -21.00 56.27 2.89
N ARG A 446 -21.84 57.28 3.22
CA ARG A 446 -22.07 58.40 2.31
C ARG A 446 -20.78 59.14 2.02
N GLU A 447 -19.98 59.40 3.06
CA GLU A 447 -18.68 60.05 2.86
C GLU A 447 -17.83 59.32 1.83
N ALA A 448 -17.87 57.99 1.84
CA ALA A 448 -16.96 57.22 1.00
C ALA A 448 -17.46 57.15 -0.43
N THR A 449 -18.76 57.39 -0.66
CA THR A 449 -19.31 57.49 -2.01
C THR A 449 -18.81 58.74 -2.73
N LYS A 450 -18.30 59.72 -2.00
CA LYS A 450 -17.80 60.92 -2.65
C LYS A 450 -16.50 60.67 -3.41
N TRP A 451 -15.66 59.74 -2.96
CA TRP A 451 -14.42 59.42 -3.66
C TRP A 451 -14.37 58.01 -4.26
N SER A 452 -15.42 57.21 -4.13
CA SER A 452 -15.47 55.88 -4.74
C SER A 452 -16.73 55.76 -5.58
N PRO A 453 -16.61 55.81 -6.91
CA PRO A 453 -17.79 55.60 -7.75
C PRO A 453 -18.37 54.21 -7.63
N GLU A 454 -17.51 53.21 -7.44
CA GLU A 454 -17.96 51.85 -7.22
C GLU A 454 -18.91 51.78 -6.02
N LEU A 455 -18.51 52.36 -4.89
CA LEU A 455 -19.42 52.37 -3.76
C LEU A 455 -20.67 53.19 -4.06
N ALA A 456 -20.51 54.36 -4.70
CA ALA A 456 -21.66 55.19 -5.04
C ALA A 456 -22.70 54.42 -5.85
N ALA A 457 -22.23 53.53 -6.75
CA ALA A 457 -23.14 52.78 -7.61
C ALA A 457 -23.83 51.66 -6.85
N ALA A 458 -23.11 50.98 -5.96
CA ALA A 458 -23.72 49.98 -5.10
C ALA A 458 -24.78 50.58 -4.18
N CYS A 459 -24.57 51.83 -3.74
CA CYS A 459 -25.46 52.40 -2.75
C CYS A 459 -26.79 52.81 -3.37
N GLU A 460 -26.76 53.32 -4.60
CA GLU A 460 -28.01 53.66 -5.27
C GLU A 460 -28.89 52.44 -5.48
N VAL A 461 -28.29 51.27 -5.71
CA VAL A 461 -29.10 50.10 -6.05
C VAL A 461 -29.78 49.54 -4.81
N TRP A 462 -29.10 49.54 -3.67
CA TRP A 462 -29.62 48.82 -2.53
C TRP A 462 -30.11 49.76 -1.44
N LYS A 463 -30.30 51.04 -1.75
CA LYS A 463 -30.51 52.03 -0.69
C LYS A 463 -31.73 51.71 0.17
N GLU A 464 -32.77 51.08 -0.40
CA GLU A 464 -34.00 50.89 0.36
C GLU A 464 -34.18 49.48 0.88
N ILE A 465 -33.21 48.60 0.65
CA ILE A 465 -33.40 47.16 0.85
C ILE A 465 -33.13 46.81 2.31
N LYS A 466 -34.15 46.36 3.00
CA LYS A 466 -34.02 45.99 4.41
C LYS A 466 -34.63 44.62 4.61
N PHE A 467 -34.22 43.96 5.68
CA PHE A 467 -34.84 42.72 6.12
C PHE A 467 -35.21 42.89 7.58
N GLU A 468 -36.52 43.04 7.83
CA GLU A 468 -37.04 43.39 9.16
C GLU A 468 -38.35 42.62 9.34
N PHE A 469 -38.30 41.55 10.10
CA PHE A 469 -39.42 40.65 10.35
C PHE A 469 -39.48 40.30 11.82
N PRO A 470 -40.64 39.83 12.31
CA PRO A 470 -40.70 39.31 13.68
C PRO A 470 -40.02 37.96 13.79
N ALA A 471 -39.28 37.75 14.88
CA ALA A 471 -38.49 36.55 15.08
C ALA A 471 -39.33 35.41 15.63
N MET A 472 -38.78 34.19 15.50
CA MET A 472 -39.43 32.96 15.95
C MET A 472 -38.77 32.33 17.18
N ASP A 473 -37.54 32.76 17.55
CA ASP A 473 -36.79 32.21 18.69
C ASP A 473 -36.00 33.36 19.32
N THR A 474 -36.70 34.17 20.11
CA THR A 474 -36.02 35.17 20.93
C THR A 474 -35.81 34.61 22.33
N VAL A 475 -35.02 35.33 23.11
CA VAL A 475 -34.75 34.88 24.47
C VAL A 475 -36.01 35.04 25.36
N ALA B 9 -32.18 33.98 -27.35
CA ALA B 9 -32.05 35.42 -27.13
C ALA B 9 -31.73 35.70 -25.66
N SER B 10 -31.35 36.95 -25.36
CA SER B 10 -30.93 37.34 -24.03
C SER B 10 -31.59 38.66 -23.63
N VAL B 11 -31.78 38.83 -22.31
CA VAL B 11 -32.37 40.03 -21.75
C VAL B 11 -31.30 40.80 -20.99
N GLU B 12 -31.38 42.13 -21.06
CA GLU B 12 -30.39 43.00 -20.42
C GLU B 12 -30.31 42.77 -18.90
N PHE B 13 -29.10 42.92 -18.36
CA PHE B 13 -28.95 42.86 -16.91
C PHE B 13 -29.47 44.16 -16.32
N LYS B 14 -30.36 44.03 -15.34
CA LYS B 14 -30.84 45.18 -14.58
C LYS B 14 -30.66 44.87 -13.10
N ALA B 15 -29.71 45.56 -12.46
CA ALA B 15 -29.40 45.34 -11.05
C ALA B 15 -30.52 45.81 -10.13
N GLY B 16 -30.88 44.96 -9.19
CA GLY B 16 -31.82 45.29 -8.13
C GLY B 16 -32.60 44.07 -7.69
N VAL B 17 -33.23 44.18 -6.52
CA VAL B 17 -34.07 43.08 -6.05
C VAL B 17 -35.38 43.04 -6.85
N LYS B 18 -35.82 41.84 -7.16
CA LYS B 18 -37.13 41.62 -7.76
C LYS B 18 -37.84 40.59 -6.92
N ASP B 19 -39.15 40.51 -7.07
CA ASP B 19 -39.90 39.50 -6.34
C ASP B 19 -39.54 38.12 -6.83
N TYR B 20 -39.42 37.18 -5.90
CA TYR B 20 -39.15 35.79 -6.26
C TYR B 20 -40.21 35.26 -7.21
N LYS B 21 -41.48 35.59 -6.96
CA LYS B 21 -42.58 35.05 -7.76
C LYS B 21 -42.42 35.36 -9.25
N LEU B 22 -41.66 36.40 -9.59
CA LEU B 22 -41.54 36.80 -10.99
C LEU B 22 -40.87 35.72 -11.83
N THR B 23 -39.96 34.95 -11.24
CA THR B 23 -39.27 33.91 -11.98
C THR B 23 -39.44 32.52 -11.38
N TYR B 24 -39.84 32.41 -10.11
CA TYR B 24 -39.80 31.10 -9.47
C TYR B 24 -41.18 30.54 -9.11
N TYR B 25 -42.24 31.33 -9.18
CA TYR B 25 -43.58 30.77 -9.06
C TYR B 25 -44.12 30.49 -10.45
N THR B 26 -44.37 29.22 -10.76
CA THR B 26 -44.73 28.76 -12.11
C THR B 26 -45.92 27.82 -12.06
N PRO B 27 -47.12 28.34 -11.82
CA PRO B 27 -48.31 27.47 -11.77
C PRO B 27 -48.59 26.77 -13.09
N GLU B 28 -48.08 27.32 -14.21
CA GLU B 28 -48.23 26.71 -15.53
C GLU B 28 -47.34 25.50 -15.74
N TYR B 29 -46.35 25.28 -14.87
CA TYR B 29 -45.35 24.24 -15.10
C TYR B 29 -45.95 22.85 -15.03
N GLU B 30 -45.56 22.01 -15.99
CA GLU B 30 -45.92 20.60 -15.99
C GLU B 30 -44.69 19.81 -15.59
N THR B 31 -44.78 19.06 -14.50
CA THR B 31 -43.57 18.46 -13.95
C THR B 31 -43.02 17.40 -14.90
N LEU B 32 -41.74 17.56 -15.24
CA LEU B 32 -41.00 16.50 -15.89
C LEU B 32 -40.87 15.29 -14.97
N ASP B 33 -40.80 14.11 -15.58
CA ASP B 33 -40.58 12.87 -14.85
C ASP B 33 -39.20 12.76 -14.21
N THR B 34 -38.22 13.52 -14.69
CA THR B 34 -36.88 13.48 -14.11
C THR B 34 -36.75 14.39 -12.90
N ASP B 35 -37.65 15.36 -12.73
CA ASP B 35 -37.51 16.34 -11.66
C ASP B 35 -37.68 15.70 -10.29
N ILE B 36 -36.90 16.15 -9.33
CA ILE B 36 -37.20 15.89 -7.94
C ILE B 36 -38.32 16.83 -7.51
N LEU B 37 -39.33 16.28 -6.85
CA LEU B 37 -40.51 17.03 -6.41
C LEU B 37 -40.51 17.13 -4.89
N ALA B 38 -40.93 18.27 -4.36
CA ALA B 38 -40.89 18.48 -2.92
C ALA B 38 -42.20 19.07 -2.42
N ALA B 39 -42.71 18.51 -1.31
CA ALA B 39 -43.96 18.95 -0.69
C ALA B 39 -43.63 19.68 0.61
N PHE B 40 -43.83 20.99 0.65
CA PHE B 40 -43.48 21.81 1.80
C PHE B 40 -44.73 22.36 2.46
N ARG B 41 -44.81 22.22 3.78
CA ARG B 41 -45.79 22.95 4.59
C ARG B 41 -45.18 24.29 4.96
N VAL B 42 -45.74 25.37 4.43
CA VAL B 42 -45.14 26.70 4.48
C VAL B 42 -45.99 27.62 5.34
N SER B 43 -45.36 28.24 6.35
CA SER B 43 -46.07 29.23 7.17
C SER B 43 -45.45 30.62 6.98
N PRO B 44 -46.01 31.45 6.10
CA PRO B 44 -45.44 32.78 5.89
C PRO B 44 -45.61 33.68 7.10
N GLN B 45 -44.63 34.55 7.29
CA GLN B 45 -44.75 35.65 8.23
C GLN B 45 -45.87 36.58 7.75
N PRO B 46 -46.37 37.46 8.60
CA PRO B 46 -47.43 38.37 8.18
C PRO B 46 -46.96 39.34 7.10
N GLY B 47 -47.81 39.55 6.10
CA GLY B 47 -47.53 40.46 5.00
C GLY B 47 -46.89 39.80 3.79
N VAL B 48 -46.66 38.50 3.85
CA VAL B 48 -46.01 37.75 2.78
C VAL B 48 -47.09 37.00 2.02
N PRO B 49 -47.22 37.22 0.71
CA PRO B 49 -48.15 36.42 -0.10
C PRO B 49 -47.74 34.96 -0.15
N PRO B 50 -48.69 34.01 -0.11
CA PRO B 50 -48.33 32.60 -0.26
C PRO B 50 -47.47 32.32 -1.49
N GLU B 51 -47.74 33.00 -2.62
CA GLU B 51 -47.00 32.76 -3.85
C GLU B 51 -45.55 33.22 -3.72
N GLU B 52 -45.32 34.35 -3.03
CA GLU B 52 -43.96 34.81 -2.81
C GLU B 52 -43.20 33.87 -1.90
N ALA B 53 -43.87 33.32 -0.88
CA ALA B 53 -43.23 32.38 0.04
C ALA B 53 -42.81 31.10 -0.66
N GLY B 54 -43.70 30.54 -1.49
CA GLY B 54 -43.36 29.34 -2.23
C GLY B 54 -42.27 29.57 -3.25
N ALA B 55 -42.23 30.76 -3.85
CA ALA B 55 -41.21 31.04 -4.85
C ALA B 55 -39.88 31.33 -4.18
N ALA B 56 -39.92 31.87 -2.97
CA ALA B 56 -38.69 32.07 -2.21
C ALA B 56 -38.06 30.72 -1.83
N VAL B 57 -38.88 29.76 -1.38
CA VAL B 57 -38.32 28.44 -1.07
C VAL B 57 -37.64 27.84 -2.30
N ALA B 58 -38.32 27.89 -3.45
CA ALA B 58 -37.77 27.26 -4.64
C ALA B 58 -36.51 27.96 -5.12
N ALA B 59 -36.46 29.29 -4.99
CA ALA B 59 -35.30 30.04 -5.47
C ALA B 59 -34.05 29.68 -4.67
N GLU B 60 -34.05 29.94 -3.37
CA GLU B 60 -32.86 29.81 -2.56
C GLU B 60 -32.51 28.36 -2.24
N SER B 61 -33.31 27.41 -2.70
CA SER B 61 -32.91 26.01 -2.70
C SER B 61 -32.40 25.55 -4.05
N SER B 62 -32.36 26.43 -5.07
CA SER B 62 -31.90 25.96 -6.37
C SER B 62 -30.88 26.88 -7.02
N THR B 63 -31.31 28.05 -7.51
CA THR B 63 -30.45 28.92 -8.30
C THR B 63 -30.51 30.38 -7.90
N GLY B 64 -31.52 30.80 -7.13
CA GLY B 64 -31.75 32.22 -6.93
C GLY B 64 -31.01 32.80 -5.74
N THR B 65 -31.06 34.13 -5.64
CA THR B 65 -30.62 34.86 -4.45
C THR B 65 -31.43 36.15 -4.36
N TRP B 66 -31.12 36.98 -3.36
CA TRP B 66 -31.97 38.12 -3.00
C TRP B 66 -31.94 39.27 -4.00
N THR B 67 -30.94 39.36 -4.88
CA THR B 67 -30.90 40.44 -5.85
C THR B 67 -30.48 39.89 -7.20
N THR B 68 -30.70 40.67 -8.25
CA THR B 68 -30.47 40.16 -9.60
C THR B 68 -28.98 40.18 -9.92
N VAL B 69 -28.44 39.03 -10.31
CA VAL B 69 -27.01 38.91 -10.64
C VAL B 69 -26.87 38.80 -12.15
N TRP B 70 -25.88 39.51 -12.71
CA TRP B 70 -25.62 39.50 -14.15
C TRP B 70 -25.29 38.12 -14.66
N THR B 71 -24.70 37.29 -13.82
CA THR B 71 -24.17 36.02 -14.30
C THR B 71 -25.26 35.03 -14.74
N ASP B 72 -26.51 35.22 -14.29
CA ASP B 72 -27.68 34.51 -14.81
C ASP B 72 -27.72 34.41 -16.33
N GLY B 73 -27.20 35.43 -17.03
CA GLY B 73 -27.20 35.50 -18.48
C GLY B 73 -26.24 34.57 -19.17
N LEU B 74 -25.25 34.03 -18.43
CA LEU B 74 -24.33 33.03 -18.97
C LEU B 74 -24.94 31.64 -19.03
N THR B 75 -25.92 31.34 -18.16
CA THR B 75 -26.60 30.05 -18.12
C THR B 75 -28.01 30.20 -18.72
N ASN B 76 -28.73 29.07 -18.81
CA ASN B 76 -30.15 29.10 -19.17
C ASN B 76 -30.97 28.79 -17.92
N LEU B 77 -31.25 29.82 -17.14
CA LEU B 77 -31.81 29.63 -15.80
C LEU B 77 -33.12 28.85 -15.85
N ASP B 78 -33.97 29.16 -16.83
CA ASP B 78 -35.26 28.46 -16.97
C ASP B 78 -35.08 26.97 -17.05
N ARG B 79 -33.92 26.52 -17.52
CA ARG B 79 -33.64 25.09 -17.58
C ARG B 79 -33.31 24.53 -16.19
N TYR B 80 -32.58 25.29 -15.35
CA TYR B 80 -32.07 24.78 -14.07
C TYR B 80 -32.82 25.25 -12.83
N LYS B 81 -33.77 26.17 -12.94
CA LYS B 81 -34.36 26.77 -11.74
C LYS B 81 -35.34 25.81 -11.06
N GLY B 82 -35.31 25.78 -9.73
CA GLY B 82 -36.37 25.13 -8.98
C GLY B 82 -37.63 25.98 -9.06
N ARG B 83 -38.77 25.32 -9.13
CA ARG B 83 -40.03 26.01 -9.44
C ARG B 83 -41.13 25.61 -8.46
N CYS B 84 -41.95 26.58 -8.06
CA CYS B 84 -43.14 26.29 -7.26
C CYS B 84 -44.31 26.12 -8.22
N TYR B 85 -44.71 24.88 -8.48
CA TYR B 85 -45.71 24.65 -9.50
C TYR B 85 -47.13 24.54 -8.95
N HIS B 86 -47.30 24.64 -7.63
CA HIS B 86 -48.63 24.51 -7.04
C HIS B 86 -48.61 25.06 -5.61
N ILE B 87 -49.69 25.74 -5.22
CA ILE B 87 -49.93 26.18 -3.85
C ILE B 87 -51.32 25.72 -3.45
N GLU B 88 -51.42 24.99 -2.34
CA GLU B 88 -52.70 24.45 -1.84
C GLU B 88 -52.84 24.82 -0.36
N PRO B 89 -53.92 25.49 0.04
CA PRO B 89 -54.06 25.88 1.45
C PRO B 89 -54.37 24.68 2.34
N VAL B 90 -53.85 24.72 3.59
CA VAL B 90 -54.04 23.65 4.55
C VAL B 90 -55.41 23.77 5.20
N ALA B 91 -56.06 22.63 5.43
CA ALA B 91 -57.37 22.62 6.08
C ALA B 91 -57.30 23.17 7.50
N GLY B 92 -58.34 23.90 7.90
CA GLY B 92 -58.43 24.46 9.23
C GLY B 92 -57.28 25.36 9.62
N GLU B 93 -56.59 25.96 8.65
CA GLU B 93 -55.43 26.81 8.92
C GLU B 93 -55.51 28.08 8.11
N GLU B 94 -55.09 29.18 8.71
CA GLU B 94 -54.94 30.43 8.00
C GLU B 94 -53.46 30.77 7.99
N ASN B 95 -52.97 31.24 6.82
CA ASN B 95 -51.57 31.58 6.59
C ASN B 95 -50.65 30.36 6.69
N GLN B 96 -51.17 29.16 6.44
CA GLN B 96 -50.32 27.98 6.21
C GLN B 96 -50.73 27.33 4.89
N TYR B 97 -49.73 26.98 4.07
CA TYR B 97 -49.97 26.51 2.73
C TYR B 97 -49.12 25.27 2.45
N ILE B 98 -49.54 24.46 1.48
CA ILE B 98 -48.76 23.33 0.99
C ILE B 98 -48.22 23.75 -0.38
N CYS B 99 -46.92 23.95 -0.48
CA CYS B 99 -46.27 24.41 -1.71
C CYS B 99 -45.43 23.29 -2.33
N TYR B 100 -45.67 23.03 -3.59
CA TYR B 100 -45.01 21.97 -4.34
C TYR B 100 -43.90 22.58 -5.17
N VAL B 101 -42.66 22.14 -4.94
CA VAL B 101 -41.52 22.63 -5.69
C VAL B 101 -40.92 21.50 -6.50
N ALA B 102 -40.64 21.76 -7.77
CA ALA B 102 -39.98 20.81 -8.65
C ALA B 102 -38.56 21.31 -8.93
N TYR B 103 -37.58 20.43 -8.70
CA TYR B 103 -36.16 20.69 -8.92
C TYR B 103 -35.69 19.88 -10.13
N PRO B 104 -35.04 20.49 -11.13
CA PRO B 104 -34.48 19.69 -12.22
C PRO B 104 -33.41 18.71 -11.76
N LEU B 105 -33.30 17.60 -12.49
CA LEU B 105 -32.36 16.52 -12.14
C LEU B 105 -30.90 16.98 -12.18
N ASP B 106 -30.55 17.94 -13.03
CA ASP B 106 -29.16 18.39 -13.14
C ASP B 106 -28.65 19.07 -11.86
N LEU B 107 -29.54 19.57 -11.01
CA LEU B 107 -29.11 20.25 -9.79
C LEU B 107 -28.40 19.32 -8.82
N PHE B 108 -28.57 18.01 -8.96
CA PHE B 108 -28.27 17.03 -7.92
C PHE B 108 -27.06 16.17 -8.28
N GLU B 109 -26.19 15.95 -7.29
CA GLU B 109 -25.07 15.04 -7.48
C GLU B 109 -25.54 13.61 -7.37
N GLU B 110 -25.19 12.80 -8.36
CA GLU B 110 -25.52 11.38 -8.33
C GLU B 110 -24.98 10.73 -7.07
N GLY B 111 -25.80 9.87 -6.48
CA GLY B 111 -25.39 9.00 -5.39
C GLY B 111 -25.24 9.65 -4.03
N SER B 112 -25.63 10.92 -3.87
CA SER B 112 -25.38 11.66 -2.65
C SER B 112 -26.71 12.13 -2.05
N VAL B 113 -27.14 11.47 -0.97
CA VAL B 113 -28.23 12.04 -0.16
C VAL B 113 -27.79 13.34 0.52
N THR B 114 -26.50 13.45 0.86
CA THR B 114 -25.96 14.68 1.42
C THR B 114 -26.28 15.87 0.53
N ASN B 115 -25.86 15.80 -0.74
CA ASN B 115 -26.11 16.87 -1.68
C ASN B 115 -27.60 17.14 -1.83
N MET B 116 -28.42 16.08 -1.94
CA MET B 116 -29.85 16.30 -2.10
C MET B 116 -30.42 17.11 -0.95
N PHE B 117 -30.03 16.81 0.28
CA PHE B 117 -30.56 17.58 1.41
C PHE B 117 -29.99 18.99 1.45
N THR B 118 -28.68 19.14 1.12
CA THR B 118 -28.03 20.45 1.11
C THR B 118 -28.77 21.42 0.22
N SER B 119 -29.25 20.96 -0.92
CA SER B 119 -29.97 21.86 -1.79
C SER B 119 -31.39 22.09 -1.25
N ILE B 120 -32.13 21.01 -0.98
CA ILE B 120 -33.56 21.13 -0.72
C ILE B 120 -33.84 21.71 0.66
N VAL B 121 -32.93 21.54 1.62
CA VAL B 121 -33.23 21.84 3.01
C VAL B 121 -32.18 22.79 3.64
N GLY B 122 -31.21 23.27 2.84
CA GLY B 122 -29.97 23.82 3.40
C GLY B 122 -30.12 25.18 4.07
N ASN B 123 -30.81 26.11 3.43
CA ASN B 123 -30.97 27.44 3.99
C ASN B 123 -32.41 27.93 4.10
N VAL B 124 -33.38 27.20 3.55
CA VAL B 124 -34.71 27.78 3.37
C VAL B 124 -35.41 27.97 4.71
N PHE B 125 -35.21 27.03 5.65
CA PHE B 125 -35.93 27.04 6.91
C PHE B 125 -35.53 28.20 7.81
N GLY B 126 -34.41 28.86 7.51
CA GLY B 126 -33.95 29.98 8.31
C GLY B 126 -34.47 31.34 7.89
N PHE B 127 -35.21 31.40 6.79
CA PHE B 127 -35.59 32.68 6.20
C PHE B 127 -36.50 33.49 7.13
N LYS B 128 -36.16 34.77 7.28
CA LYS B 128 -36.92 35.67 8.12
C LYS B 128 -38.37 35.79 7.66
N ALA B 129 -38.62 35.64 6.35
CA ALA B 129 -39.96 35.84 5.83
C ALA B 129 -40.90 34.69 6.14
N LEU B 130 -40.39 33.56 6.60
CA LEU B 130 -41.21 32.39 6.91
C LEU B 130 -41.35 32.23 8.42
N ARG B 131 -42.58 32.08 8.89
CA ARG B 131 -42.77 31.74 10.29
C ARG B 131 -42.28 30.32 10.58
N ALA B 132 -42.56 29.39 9.67
CA ALA B 132 -42.18 27.99 9.84
C ALA B 132 -42.11 27.33 8.47
N LEU B 133 -41.33 26.26 8.39
CA LEU B 133 -41.24 25.48 7.17
C LEU B 133 -41.06 24.01 7.52
N ARG B 134 -41.84 23.15 6.86
CA ARG B 134 -41.71 21.71 7.07
C ARG B 134 -41.70 21.00 5.71
N LEU B 135 -40.76 20.07 5.53
CA LEU B 135 -40.74 19.20 4.34
C LEU B 135 -41.54 17.92 4.64
N GLU B 136 -42.73 17.80 4.05
CA GLU B 136 -43.55 16.63 4.31
C GLU B 136 -43.17 15.44 3.43
N ASP B 137 -42.94 15.64 2.15
CA ASP B 137 -42.66 14.51 1.28
C ASP B 137 -41.76 14.93 0.14
N LEU B 138 -41.00 13.95 -0.37
CA LEU B 138 -40.12 14.09 -1.53
C LEU B 138 -40.49 13.02 -2.53
N ARG B 139 -40.63 13.39 -3.81
CA ARG B 139 -40.76 12.43 -4.89
C ARG B 139 -39.40 12.34 -5.59
N ILE B 140 -38.70 11.25 -5.36
CA ILE B 140 -37.41 11.01 -6.00
C ILE B 140 -37.68 10.31 -7.34
N PRO B 141 -37.31 10.92 -8.45
CA PRO B 141 -37.49 10.27 -9.76
C PRO B 141 -36.66 9.00 -9.84
N VAL B 142 -37.12 8.06 -10.69
CA VAL B 142 -36.47 6.75 -10.84
C VAL B 142 -35.05 6.91 -11.38
N ALA B 143 -34.82 7.91 -12.24
CA ALA B 143 -33.50 8.10 -12.79
C ALA B 143 -32.49 8.56 -11.73
N TYR B 144 -32.93 9.35 -10.72
CA TYR B 144 -32.06 9.61 -9.57
C TYR B 144 -31.89 8.37 -8.70
N VAL B 145 -32.96 7.58 -8.52
CA VAL B 145 -32.90 6.38 -7.67
C VAL B 145 -31.81 5.42 -8.15
N LYS B 146 -31.67 5.28 -9.48
CA LYS B 146 -30.74 4.32 -10.03
C LYS B 146 -29.30 4.66 -9.66
N THR B 147 -29.01 5.94 -9.39
CA THR B 147 -27.65 6.38 -9.13
C THR B 147 -27.16 5.96 -7.74
N PHE B 148 -28.06 5.61 -6.83
CA PHE B 148 -27.71 5.16 -5.49
C PHE B 148 -27.63 3.64 -5.45
N GLN B 149 -26.81 3.12 -4.54
CA GLN B 149 -26.67 1.67 -4.42
C GLN B 149 -27.86 1.06 -3.66
N GLY B 150 -28.38 1.78 -2.68
CA GLY B 150 -29.51 1.32 -1.91
C GLY B 150 -29.07 0.39 -0.79
N PRO B 151 -30.02 -0.31 -0.19
CA PRO B 151 -29.69 -1.26 0.86
C PRO B 151 -28.58 -2.16 0.37
N PRO B 152 -27.61 -2.48 1.22
CA PRO B 152 -26.55 -3.40 0.78
C PRO B 152 -27.12 -4.75 0.34
N HIS B 153 -28.05 -5.31 1.10
CA HIS B 153 -28.61 -6.64 0.86
C HIS B 153 -30.12 -6.62 0.65
N GLY B 154 -30.88 -6.01 1.56
CA GLY B 154 -32.32 -5.91 1.38
C GLY B 154 -33.07 -7.10 1.95
N ILE B 155 -34.41 -6.98 1.90
CA ILE B 155 -35.31 -7.88 2.63
C ILE B 155 -35.15 -9.33 2.17
N GLN B 156 -35.18 -9.55 0.84
CA GLN B 156 -35.13 -10.90 0.31
C GLN B 156 -33.80 -11.58 0.64
N VAL B 157 -32.68 -10.91 0.36
CA VAL B 157 -31.38 -11.53 0.56
C VAL B 157 -31.10 -11.75 2.05
N GLU B 158 -31.57 -10.84 2.91
CA GLU B 158 -31.36 -11.00 4.35
C GLU B 158 -32.11 -12.22 4.90
N ARG B 159 -33.38 -12.39 4.53
CA ARG B 159 -34.08 -13.61 4.93
C ARG B 159 -33.38 -14.84 4.38
N ASP B 160 -32.90 -14.76 3.14
CA ASP B 160 -32.24 -15.92 2.55
C ASP B 160 -30.91 -16.22 3.25
N LYS B 161 -30.17 -15.17 3.63
CA LYS B 161 -28.89 -15.36 4.29
C LYS B 161 -29.07 -15.91 5.71
N LEU B 162 -30.17 -15.52 6.39
CA LEU B 162 -30.45 -16.00 7.74
C LEU B 162 -31.37 -17.21 7.76
N ASN B 163 -31.93 -17.59 6.60
CA ASN B 163 -32.75 -18.79 6.49
C ASN B 163 -33.91 -18.74 7.48
N LYS B 164 -34.59 -17.61 7.54
CA LYS B 164 -35.64 -17.37 8.52
C LYS B 164 -36.89 -16.91 7.78
N TYR B 165 -37.91 -17.75 7.71
CA TYR B 165 -39.12 -17.41 6.97
C TYR B 165 -40.35 -17.65 7.83
N GLY B 166 -41.43 -16.92 7.53
CA GLY B 166 -42.75 -17.18 8.07
C GLY B 166 -43.15 -16.38 9.30
N ARG B 167 -42.31 -15.48 9.79
CA ARG B 167 -42.68 -14.70 10.96
C ARG B 167 -41.86 -13.42 10.96
N PRO B 168 -42.26 -12.41 11.75
CA PRO B 168 -41.36 -11.31 12.03
C PRO B 168 -40.13 -11.80 12.76
N LEU B 169 -38.99 -11.16 12.50
CA LEU B 169 -37.76 -11.47 13.19
C LEU B 169 -37.77 -10.79 14.56
N LEU B 170 -37.10 -11.42 15.52
CA LEU B 170 -37.22 -11.00 16.91
C LEU B 170 -35.86 -10.54 17.43
N GLY B 171 -35.87 -9.46 18.20
CA GLY B 171 -34.65 -8.95 18.79
C GLY B 171 -34.89 -8.41 20.18
N CYS B 172 -33.80 -8.25 20.92
CA CYS B 172 -33.82 -7.47 22.14
C CYS B 172 -32.59 -6.56 22.19
N THR B 173 -32.78 -5.40 22.81
CA THR B 173 -31.73 -4.40 23.02
C THR B 173 -31.18 -4.54 24.43
N ILE B 174 -29.86 -4.76 24.57
CA ILE B 174 -29.25 -4.95 25.90
C ILE B 174 -29.43 -3.69 26.75
N LYS B 175 -29.86 -3.88 28.00
CA LYS B 175 -29.96 -2.81 28.98
C LYS B 175 -29.17 -3.21 30.21
N PRO B 176 -28.76 -2.24 31.05
CA PRO B 176 -28.83 -0.78 30.93
C PRO B 176 -28.18 -0.25 29.66
N LYS B 177 -28.64 0.91 29.18
CA LYS B 177 -28.16 1.46 27.92
C LYS B 177 -26.65 1.56 27.90
N LEU B 178 -26.07 2.13 28.95
CA LEU B 178 -24.64 2.31 29.12
C LEU B 178 -24.22 1.73 30.47
N GLY B 179 -22.91 1.52 30.66
CA GLY B 179 -22.35 1.15 31.96
C GLY B 179 -21.97 -0.31 32.13
N LEU B 180 -22.40 -1.21 31.24
CA LEU B 180 -22.09 -2.64 31.37
C LEU B 180 -20.69 -2.96 30.84
N SER B 181 -20.00 -3.85 31.53
CA SER B 181 -18.72 -4.35 31.02
C SER B 181 -18.92 -5.20 29.76
N ALA B 182 -17.80 -5.56 29.10
CA ALA B 182 -17.90 -6.35 27.87
C ALA B 182 -18.30 -7.80 28.17
N LYS B 183 -17.66 -8.42 29.18
CA LYS B 183 -18.05 -9.77 29.55
C LYS B 183 -19.53 -9.86 29.92
N ASN B 184 -20.00 -8.98 30.81
CA ASN B 184 -21.42 -8.98 31.15
C ASN B 184 -22.30 -8.68 29.94
N TYR B 185 -21.86 -7.78 29.05
CA TYR B 185 -22.61 -7.51 27.82
C TYR B 185 -22.81 -8.77 27.00
N GLY B 186 -21.78 -9.62 26.92
CA GLY B 186 -21.87 -10.85 26.16
C GLY B 186 -22.73 -11.90 26.84
N ARG B 187 -22.55 -12.06 28.16
CA ARG B 187 -23.34 -13.00 28.93
C ARG B 187 -24.83 -12.75 28.72
N ALA B 188 -25.21 -11.48 28.60
CA ALA B 188 -26.58 -11.10 28.32
C ALA B 188 -27.02 -11.58 26.93
N VAL B 189 -26.13 -11.47 25.95
CA VAL B 189 -26.51 -11.81 24.58
C VAL B 189 -26.78 -13.30 24.47
N TYR B 190 -25.88 -14.15 25.01
CA TYR B 190 -26.12 -15.58 24.97
C TYR B 190 -27.43 -15.97 25.64
N GLU B 191 -27.64 -15.52 26.88
CA GLU B 191 -28.89 -15.82 27.57
C GLU B 191 -30.11 -15.40 26.74
N CYS B 192 -30.09 -14.18 26.19
CA CYS B 192 -31.18 -13.74 25.32
C CYS B 192 -31.33 -14.61 24.09
N LEU B 193 -30.21 -14.94 23.43
CA LEU B 193 -30.31 -15.60 22.14
C LEU B 193 -30.76 -17.06 22.28
N ARG B 194 -30.37 -17.74 23.38
CA ARG B 194 -30.77 -19.14 23.55
C ARG B 194 -32.26 -19.30 23.74
N GLY B 195 -32.93 -18.30 24.28
CA GLY B 195 -34.36 -18.40 24.46
C GLY B 195 -35.16 -18.30 23.20
N GLY B 196 -34.53 -18.06 22.06
CA GLY B 196 -35.24 -17.99 20.78
C GLY B 196 -35.32 -16.63 20.10
N LEU B 197 -34.64 -15.60 20.62
CA LEU B 197 -34.63 -14.29 19.97
C LEU B 197 -33.60 -14.27 18.84
N ASP B 198 -34.02 -13.79 17.67
CA ASP B 198 -33.13 -13.90 16.50
C ASP B 198 -31.94 -12.96 16.63
N PHE B 199 -32.15 -11.80 17.22
CA PHE B 199 -31.11 -10.80 17.25
C PHE B 199 -30.97 -10.21 18.64
N THR B 200 -29.74 -9.90 18.99
CA THR B 200 -29.49 -9.03 20.11
C THR B 200 -28.93 -7.71 19.53
N KCX B 201 -28.92 -6.65 20.33
CA KCX B 201 -28.61 -5.33 19.80
CB KCX B 201 -29.87 -4.51 19.78
CG KCX B 201 -30.25 -4.00 18.45
CD KCX B 201 -29.67 -2.63 18.21
CE KCX B 201 -30.70 -1.57 18.45
NZ KCX B 201 -30.28 -0.64 19.52
C KCX B 201 -27.59 -4.60 20.66
O KCX B 201 -27.74 -4.58 21.87
CX KCX B 201 -31.18 0.20 20.01
OQ1 KCX B 201 -30.86 0.99 20.89
OQ2 KCX B 201 -32.34 0.15 19.55
N ASP B 202 -26.58 -3.98 20.06
CA ASP B 202 -25.87 -2.94 20.79
C ASP B 202 -26.78 -1.73 20.91
N ASP B 203 -26.76 -1.06 22.05
CA ASP B 203 -27.60 0.13 22.15
C ASP B 203 -27.03 1.20 21.22
N GLU B 204 -27.89 2.12 20.81
CA GLU B 204 -27.42 3.10 19.84
C GLU B 204 -26.34 3.98 20.45
N ASN B 205 -26.43 4.26 21.76
CA ASN B 205 -25.41 5.09 22.38
C ASN B 205 -24.12 4.33 22.73
N VAL B 206 -24.12 3.01 22.60
CA VAL B 206 -22.95 2.19 22.93
C VAL B 206 -22.01 2.22 21.73
N ASN B 207 -20.95 3.01 21.83
CA ASN B 207 -19.88 2.98 20.85
C ASN B 207 -18.71 2.32 21.54
N SER B 208 -17.68 3.11 21.83
CA SER B 208 -16.56 2.69 22.66
C SER B 208 -16.42 3.70 23.80
N GLN B 209 -16.31 3.20 25.01
CA GLN B 209 -16.37 4.09 26.15
C GLN B 209 -15.47 3.57 27.25
N PRO B 210 -15.18 4.38 28.27
CA PRO B 210 -14.42 3.86 29.42
C PRO B 210 -15.01 2.60 30.06
N PHE B 211 -16.35 2.47 30.13
CA PHE B 211 -16.90 1.29 30.77
C PHE B 211 -16.79 0.07 29.88
N MET B 212 -16.93 0.24 28.56
CA MET B 212 -16.79 -0.90 27.66
C MET B 212 -16.13 -0.44 26.36
N ARG B 213 -14.95 -0.99 26.05
CA ARG B 213 -14.28 -0.66 24.79
C ARG B 213 -14.83 -1.55 23.67
N TRP B 214 -14.89 -1.01 22.44
CA TRP B 214 -15.63 -1.68 21.36
C TRP B 214 -15.03 -3.03 20.99
N ARG B 215 -13.70 -3.17 20.94
CA ARG B 215 -13.18 -4.46 20.47
C ARG B 215 -13.52 -5.58 21.44
N ASP B 216 -13.31 -5.35 22.76
CA ASP B 216 -13.71 -6.34 23.77
C ASP B 216 -15.19 -6.72 23.65
N ARG B 217 -16.07 -5.74 23.45
CA ARG B 217 -17.48 -6.05 23.28
C ARG B 217 -17.70 -6.84 22.00
N PHE B 218 -17.07 -6.43 20.90
CA PHE B 218 -17.20 -7.18 19.65
C PHE B 218 -16.81 -8.63 19.84
N LEU B 219 -15.66 -8.85 20.49
CA LEU B 219 -15.18 -10.22 20.68
C LEU B 219 -16.14 -11.03 21.55
N PHE B 220 -16.53 -10.48 22.71
CA PHE B 220 -17.35 -11.23 23.64
C PHE B 220 -18.73 -11.47 23.06
N CYS B 221 -19.31 -10.44 22.43
CA CYS B 221 -20.59 -10.63 21.75
C CYS B 221 -20.49 -11.72 20.69
N ALA B 222 -19.33 -11.87 20.05
CA ALA B 222 -19.19 -12.92 19.04
C ALA B 222 -19.28 -14.30 19.67
N GLU B 223 -18.50 -14.54 20.73
CA GLU B 223 -18.52 -15.83 21.41
C GLU B 223 -19.94 -16.19 21.83
N ALA B 224 -20.63 -15.25 22.45
CA ALA B 224 -21.98 -15.47 22.95
C ALA B 224 -22.95 -15.81 21.82
N LEU B 225 -22.88 -15.10 20.69
CA LEU B 225 -23.83 -15.41 19.62
C LEU B 225 -23.59 -16.77 19.01
N TYR B 226 -22.32 -17.22 18.92
CA TYR B 226 -22.07 -18.53 18.32
C TYR B 226 -22.49 -19.65 19.26
N LYS B 227 -22.17 -19.52 20.56
CA LYS B 227 -22.59 -20.52 21.54
C LYS B 227 -24.09 -20.66 21.55
N ALA B 228 -24.81 -19.54 21.51
CA ALA B 228 -26.25 -19.59 21.46
C ALA B 228 -26.74 -20.26 20.18
N GLN B 229 -26.04 -20.02 19.05
CA GLN B 229 -26.46 -20.61 17.79
C GLN B 229 -26.29 -22.13 17.80
N ALA B 230 -25.20 -22.62 18.40
CA ALA B 230 -24.99 -24.06 18.49
C ALA B 230 -26.04 -24.74 19.37
N GLU B 231 -26.38 -24.12 20.50
CA GLU B 231 -27.43 -24.68 21.35
C GLU B 231 -28.79 -24.69 20.63
N THR B 232 -29.12 -23.58 19.95
CA THR B 232 -30.42 -23.45 19.31
C THR B 232 -30.48 -24.19 17.99
N GLY B 233 -29.39 -24.20 17.23
CA GLY B 233 -29.47 -24.71 15.87
C GLY B 233 -30.18 -23.78 14.91
N GLU B 234 -30.41 -22.54 15.30
CA GLU B 234 -31.04 -21.51 14.50
C GLU B 234 -30.04 -20.38 14.34
N ILE B 235 -29.92 -19.80 13.13
CA ILE B 235 -28.90 -18.76 12.93
C ILE B 235 -29.22 -17.55 13.80
N LYS B 236 -28.17 -16.90 14.33
CA LYS B 236 -28.32 -15.79 15.28
C LYS B 236 -27.43 -14.62 14.89
N GLY B 237 -27.90 -13.40 15.16
CA GLY B 237 -27.08 -12.21 15.01
C GLY B 237 -27.06 -11.36 16.25
N HIS B 238 -26.04 -10.50 16.34
CA HIS B 238 -25.99 -9.40 17.30
C HIS B 238 -25.47 -8.16 16.58
N TYR B 239 -26.28 -7.11 16.53
CA TYR B 239 -25.87 -5.92 15.80
C TYR B 239 -24.75 -5.21 16.55
N LEU B 240 -23.59 -5.08 15.90
CA LEU B 240 -22.44 -4.38 16.49
C LEU B 240 -22.42 -2.95 15.96
N ASN B 241 -22.19 -1.99 16.86
CA ASN B 241 -22.29 -0.59 16.48
C ASN B 241 -20.98 -0.08 15.92
N ALA B 242 -21.01 0.29 14.64
CA ALA B 242 -19.90 0.93 13.97
C ALA B 242 -19.95 2.45 14.07
N THR B 243 -21.02 3.02 14.63
CA THR B 243 -21.09 4.46 14.83
C THR B 243 -19.88 4.93 15.63
N ALA B 244 -19.20 5.97 15.13
CA ALA B 244 -17.91 6.42 15.65
C ALA B 244 -17.75 7.90 15.33
N GLY B 245 -16.65 8.49 15.82
CA GLY B 245 -16.38 9.89 15.58
C GLY B 245 -15.75 10.18 14.23
N THR B 246 -14.96 9.25 13.70
CA THR B 246 -14.26 9.42 12.44
C THR B 246 -14.63 8.27 11.54
N CYS B 247 -14.42 8.47 10.24
CA CYS B 247 -14.66 7.39 9.29
C CYS B 247 -13.65 6.27 9.49
N GLU B 248 -12.40 6.65 9.74
CA GLU B 248 -11.37 5.66 10.00
C GLU B 248 -11.78 4.72 11.11
N ASP B 249 -12.29 5.27 12.23
CA ASP B 249 -12.72 4.42 13.34
C ASP B 249 -13.94 3.60 12.98
N MET B 250 -14.93 4.23 12.34
CA MET B 250 -16.09 3.50 11.82
C MET B 250 -15.67 2.29 11.01
N MET B 251 -14.77 2.50 10.03
CA MET B 251 -14.29 1.38 9.22
C MET B 251 -13.59 0.33 10.08
N LYS B 252 -12.81 0.76 11.06
CA LYS B 252 -12.02 -0.20 11.83
C LYS B 252 -12.94 -1.21 12.50
N ARG B 253 -14.05 -0.72 13.03
CA ARG B 253 -15.03 -1.60 13.65
C ARG B 253 -15.71 -2.46 12.60
N ALA B 254 -15.96 -1.91 11.41
CA ALA B 254 -16.60 -2.73 10.39
C ALA B 254 -15.69 -3.85 9.91
N VAL B 255 -14.38 -3.60 9.79
CA VAL B 255 -13.44 -4.64 9.36
C VAL B 255 -13.34 -5.76 10.40
N PHE B 256 -13.30 -5.41 11.70
CA PHE B 256 -13.18 -6.46 12.71
C PHE B 256 -14.37 -7.39 12.68
N ALA B 257 -15.58 -6.84 12.58
CA ALA B 257 -16.77 -7.68 12.48
C ALA B 257 -16.72 -8.56 11.25
N ARG B 258 -16.01 -8.11 10.20
CA ARG B 258 -15.82 -8.94 9.03
C ARG B 258 -14.84 -10.06 9.31
N GLU B 259 -13.82 -9.78 10.12
CA GLU B 259 -12.88 -10.82 10.53
C GLU B 259 -13.58 -11.90 11.35
N LEU B 260 -14.57 -11.50 12.16
CA LEU B 260 -15.27 -12.42 13.05
C LEU B 260 -16.32 -13.26 12.34
N GLY B 261 -16.68 -12.91 11.12
CA GLY B 261 -17.69 -13.67 10.39
C GLY B 261 -19.10 -13.47 10.86
N VAL B 262 -19.34 -12.53 11.77
CA VAL B 262 -20.69 -12.25 12.28
C VAL B 262 -21.51 -11.67 11.13
N PRO B 263 -22.84 -11.70 11.20
CA PRO B 263 -23.65 -11.30 10.04
C PRO B 263 -24.08 -9.83 9.97
N ILE B 264 -24.18 -9.11 11.07
CA ILE B 264 -24.88 -7.81 11.06
C ILE B 264 -24.11 -6.79 11.91
N VAL B 265 -24.06 -5.55 11.42
CA VAL B 265 -23.50 -4.39 12.13
C VAL B 265 -24.51 -3.26 12.01
N MET B 266 -24.34 -2.24 12.84
CA MET B 266 -25.31 -1.13 12.83
C MET B 266 -24.63 0.22 12.76
N HIS B 267 -25.42 1.22 12.36
CA HIS B 267 -25.00 2.61 12.24
C HIS B 267 -26.13 3.53 12.66
N ASP B 268 -25.77 4.65 13.27
CA ASP B 268 -26.74 5.74 13.53
C ASP B 268 -26.51 6.76 12.42
N TYR B 269 -27.36 6.72 11.38
CA TYR B 269 -27.02 7.41 10.15
C TYR B 269 -27.16 8.93 10.31
N LEU B 270 -28.08 9.39 11.14
CA LEU B 270 -28.26 10.83 11.30
C LEU B 270 -27.11 11.47 12.10
N THR B 271 -26.74 10.85 13.23
CA THR B 271 -25.65 11.40 14.03
C THR B 271 -24.30 11.11 13.40
N GLY B 272 -24.18 9.96 12.72
CA GLY B 272 -22.98 9.69 11.95
C GLY B 272 -22.90 10.52 10.68
N GLY B 273 -24.03 10.92 10.14
CA GLY B 273 -24.12 11.64 8.89
C GLY B 273 -24.24 10.73 7.68
N PHE B 274 -24.82 11.28 6.61
CA PHE B 274 -25.11 10.52 5.40
C PHE B 274 -23.85 10.09 4.68
N THR B 275 -22.86 10.99 4.64
CA THR B 275 -21.60 10.67 3.99
C THR B 275 -20.99 9.41 4.59
N ALA B 276 -20.93 9.34 5.93
CA ALA B 276 -20.36 8.14 6.57
C ALA B 276 -21.24 6.92 6.33
N ASN B 277 -22.56 7.08 6.45
CA ASN B 277 -23.47 5.95 6.25
C ASN B 277 -23.33 5.36 4.85
N THR B 278 -23.30 6.21 3.80
CA THR B 278 -23.13 5.68 2.45
C THR B 278 -21.83 4.91 2.34
N THR B 279 -20.79 5.42 2.97
CA THR B 279 -19.52 4.74 2.93
C THR B 279 -19.62 3.37 3.60
N LEU B 280 -20.22 3.30 4.78
CA LEU B 280 -20.41 2.02 5.46
C LEU B 280 -21.26 1.08 4.63
N SER B 281 -22.43 1.55 4.18
CA SER B 281 -23.31 0.75 3.33
C SER B 281 -22.58 0.18 2.12
N HIS B 282 -21.68 0.96 1.50
CA HIS B 282 -20.86 0.41 0.42
C HIS B 282 -19.87 -0.62 0.93
N TYR B 283 -19.41 -0.51 2.17
CA TYR B 283 -18.51 -1.54 2.68
C TYR B 283 -19.27 -2.83 2.98
N CYS B 284 -20.48 -2.70 3.53
CA CYS B 284 -21.26 -3.89 3.87
C CYS B 284 -21.64 -4.66 2.60
N ARG B 285 -21.99 -3.95 1.53
CA ARG B 285 -22.30 -4.64 0.28
C ARG B 285 -21.12 -5.47 -0.18
N ASP B 286 -19.91 -4.95 -0.01
CA ASP B 286 -18.70 -5.59 -0.50
C ASP B 286 -18.22 -6.73 0.38
N ASN B 287 -18.72 -6.86 1.60
CA ASN B 287 -18.19 -7.87 2.53
C ASN B 287 -19.30 -8.71 3.15
N GLY B 288 -20.50 -8.63 2.59
CA GLY B 288 -21.55 -9.54 2.93
C GLY B 288 -22.23 -9.26 4.25
N LEU B 289 -22.03 -8.07 4.80
CA LEU B 289 -22.45 -7.76 6.15
C LEU B 289 -23.81 -7.06 6.14
N LEU B 290 -24.72 -7.48 7.01
CA LEU B 290 -25.99 -6.77 7.12
C LEU B 290 -25.82 -5.48 7.92
N LEU B 291 -26.52 -4.43 7.50
CA LEU B 291 -26.38 -3.10 8.10
C LEU B 291 -27.71 -2.67 8.71
N HIS B 292 -27.74 -2.52 10.02
CA HIS B 292 -28.96 -2.10 10.71
C HIS B 292 -28.85 -0.61 11.03
N ILE B 293 -29.90 0.16 10.75
CA ILE B 293 -29.86 1.62 10.88
C ILE B 293 -30.75 2.05 12.03
N HIS B 294 -30.20 2.86 12.94
CA HIS B 294 -30.92 3.45 14.06
C HIS B 294 -31.19 4.93 13.73
N ARG B 295 -32.40 5.41 14.02
CA ARG B 295 -32.81 6.75 13.60
C ARG B 295 -32.61 7.82 14.68
N ALA B 296 -31.57 7.69 15.51
CA ALA B 296 -31.35 8.64 16.59
C ALA B 296 -31.27 10.08 16.06
N MET B 297 -31.88 11.02 16.78
CA MET B 297 -32.02 12.43 16.48
C MET B 297 -33.21 12.75 15.59
N HIS B 298 -33.84 11.75 14.95
CA HIS B 298 -34.94 12.06 14.03
C HIS B 298 -36.01 12.92 14.69
N ALA B 299 -36.27 12.67 15.98
CA ALA B 299 -37.35 13.41 16.63
C ALA B 299 -37.03 14.90 16.77
N VAL B 300 -35.75 15.26 16.86
CA VAL B 300 -35.37 16.68 16.82
C VAL B 300 -35.78 17.33 15.51
N ILE B 301 -35.75 16.57 14.41
CA ILE B 301 -36.16 17.02 13.09
C ILE B 301 -37.65 16.82 12.84
N ASP B 302 -38.24 15.69 13.26
CA ASP B 302 -39.51 15.24 12.69
C ASP B 302 -40.72 15.21 13.64
N ARG B 303 -40.61 15.69 14.88
CA ARG B 303 -41.75 15.53 15.79
C ARG B 303 -42.88 16.52 15.49
N GLN B 304 -42.57 17.73 15.06
CA GLN B 304 -43.57 18.80 15.00
C GLN B 304 -44.15 18.98 13.60
N LYS B 305 -45.47 19.17 13.56
CA LYS B 305 -46.19 19.38 12.30
C LYS B 305 -45.78 20.67 11.60
N ASN B 306 -45.62 21.74 12.37
CA ASN B 306 -45.41 23.07 11.79
C ASN B 306 -44.00 23.24 11.22
N HIS B 307 -42.99 22.60 11.81
CA HIS B 307 -41.60 22.85 11.41
C HIS B 307 -40.82 21.55 11.38
N GLY B 308 -39.92 21.41 10.41
CA GLY B 308 -39.04 20.26 10.37
C GLY B 308 -39.00 19.49 9.06
N MET B 309 -38.67 18.22 9.14
CA MET B 309 -38.83 17.29 8.03
C MET B 309 -39.55 16.07 8.55
N HIS B 310 -40.50 15.56 7.76
CA HIS B 310 -41.18 14.32 8.13
C HIS B 310 -40.24 13.14 8.00
N PHE B 311 -40.49 12.11 8.81
CA PHE B 311 -39.61 10.93 8.81
C PHE B 311 -39.70 10.17 7.50
N ARG B 312 -40.84 10.28 6.79
CA ARG B 312 -40.96 9.65 5.49
C ARG B 312 -39.91 10.17 4.52
N VAL B 313 -39.55 11.45 4.63
CA VAL B 313 -38.43 12.01 3.86
C VAL B 313 -37.09 11.39 4.29
N LEU B 314 -36.85 11.28 5.60
CA LEU B 314 -35.60 10.71 6.10
C LEU B 314 -35.53 9.20 5.86
N ALA B 315 -36.68 8.50 5.94
CA ALA B 315 -36.70 7.07 5.66
C ALA B 315 -36.34 6.80 4.19
N LYS B 316 -36.95 7.55 3.27
CA LYS B 316 -36.58 7.46 1.86
C LYS B 316 -35.08 7.59 1.69
N ALA B 317 -34.48 8.58 2.35
CA ALA B 317 -33.07 8.87 2.20
C ALA B 317 -32.22 7.68 2.65
N LEU B 318 -32.65 6.98 3.69
CA LEU B 318 -31.86 5.85 4.16
C LEU B 318 -31.91 4.68 3.18
N ARG B 319 -33.08 4.47 2.56
CA ARG B 319 -33.19 3.46 1.50
C ARG B 319 -32.24 3.74 0.36
N LEU B 320 -32.10 5.02 -0.02
CA LEU B 320 -31.15 5.44 -1.06
C LEU B 320 -29.71 5.37 -0.58
N SER B 321 -29.42 5.93 0.61
CA SER B 321 -28.09 5.85 1.20
C SER B 321 -27.66 4.41 1.40
N GLY B 322 -28.52 3.61 2.04
CA GLY B 322 -28.28 2.21 2.30
C GLY B 322 -28.51 1.77 3.73
N GLY B 323 -29.37 0.75 3.88
CA GLY B 323 -29.54 0.04 5.13
C GLY B 323 -30.48 -1.12 4.90
N ASP B 324 -30.21 -2.22 5.60
CA ASP B 324 -31.08 -3.40 5.54
C ASP B 324 -32.23 -3.32 6.53
N HIS B 325 -32.02 -2.73 7.71
CA HIS B 325 -33.05 -2.46 8.70
C HIS B 325 -33.16 -0.96 8.95
N ILE B 326 -34.37 -0.47 9.22
CA ILE B 326 -34.51 0.89 9.76
C ILE B 326 -35.67 0.93 10.76
N HIS B 327 -35.40 1.52 11.93
CA HIS B 327 -36.42 1.72 12.95
C HIS B 327 -37.61 2.48 12.40
N SER B 328 -38.81 1.99 12.69
CA SER B 328 -40.01 2.52 12.07
C SER B 328 -41.04 3.06 13.05
N GLY B 329 -40.83 2.92 14.35
CA GLY B 329 -41.86 3.22 15.32
C GLY B 329 -42.70 1.98 15.63
N THR B 330 -43.35 2.00 16.78
CA THR B 330 -44.17 0.88 17.19
C THR B 330 -45.66 1.16 17.12
N VAL B 331 -46.06 2.44 17.10
CA VAL B 331 -47.44 2.93 17.29
C VAL B 331 -47.90 2.75 18.74
N VAL B 332 -47.64 1.58 19.32
CA VAL B 332 -48.17 1.17 20.62
C VAL B 332 -47.17 1.34 21.76
N GLY B 333 -45.94 1.74 21.47
CA GLY B 333 -44.87 1.85 22.45
C GLY B 333 -44.72 3.25 23.02
N LYS B 334 -43.56 3.48 23.65
CA LYS B 334 -43.33 4.74 24.36
C LYS B 334 -43.09 5.92 23.41
N LEU B 335 -42.38 5.69 22.31
CA LEU B 335 -42.11 6.81 21.42
C LEU B 335 -43.27 6.97 20.44
N GLU B 336 -43.40 8.18 19.88
CA GLU B 336 -44.58 8.54 19.08
C GLU B 336 -44.72 7.67 17.83
N GLY B 337 -45.95 7.22 17.57
CA GLY B 337 -46.23 6.40 16.40
C GLY B 337 -47.69 6.48 15.97
N GLU B 338 -47.95 6.98 14.76
CA GLU B 338 -49.30 7.15 14.24
C GLU B 338 -49.58 6.08 13.21
N ARG B 339 -50.63 5.28 13.43
CA ARG B 339 -50.87 4.08 12.62
C ARG B 339 -50.94 4.40 11.14
N ASP B 340 -51.71 5.41 10.76
CA ASP B 340 -51.89 5.68 9.34
C ASP B 340 -50.65 6.30 8.71
N ILE B 341 -49.98 7.21 9.40
CA ILE B 341 -48.71 7.77 8.91
C ILE B 341 -47.64 6.67 8.81
N THR B 342 -47.50 5.86 9.87
CA THR B 342 -46.51 4.77 9.88
C THR B 342 -46.76 3.78 8.75
N LEU B 343 -48.02 3.40 8.55
CA LEU B 343 -48.38 2.43 7.53
C LEU B 343 -48.00 2.92 6.14
N GLY B 344 -48.02 4.23 5.92
CA GLY B 344 -47.56 4.76 4.64
C GLY B 344 -46.06 4.64 4.47
N PHE B 345 -45.29 5.09 5.47
CA PHE B 345 -43.85 5.06 5.24
C PHE B 345 -43.25 3.68 5.45
N VAL B 346 -43.96 2.74 6.08
CA VAL B 346 -43.48 1.36 6.08
C VAL B 346 -43.60 0.77 4.68
N ASP B 347 -44.60 1.20 3.92
CA ASP B 347 -44.68 0.73 2.53
C ASP B 347 -43.62 1.40 1.66
N LEU B 348 -43.38 2.70 1.88
CA LEU B 348 -42.33 3.38 1.11
C LEU B 348 -40.98 2.71 1.29
N LEU B 349 -40.68 2.20 2.50
CA LEU B 349 -39.43 1.49 2.73
C LEU B 349 -39.44 0.08 2.14
N ARG B 350 -40.63 -0.55 2.09
CA ARG B 350 -40.72 -1.97 1.78
C ARG B 350 -40.96 -2.27 0.31
N ASP B 351 -41.81 -1.50 -0.38
CA ASP B 351 -42.25 -1.89 -1.71
C ASP B 351 -41.63 -1.06 -2.81
N ASP B 352 -41.86 -1.55 -4.04
CA ASP B 352 -41.37 -0.88 -5.24
C ASP B 352 -42.23 0.30 -5.64
N TYR B 353 -43.52 0.30 -5.35
CA TYR B 353 -44.37 1.33 -5.90
C TYR B 353 -45.41 1.73 -4.87
N THR B 354 -45.63 3.03 -4.71
CA THR B 354 -46.58 3.52 -3.72
C THR B 354 -47.36 4.66 -4.33
N GLU B 355 -48.68 4.52 -4.36
CA GLU B 355 -49.55 5.55 -4.86
C GLU B 355 -49.68 6.68 -3.84
N LYS B 356 -49.81 7.90 -4.34
CA LYS B 356 -50.03 9.04 -3.44
C LYS B 356 -51.31 8.82 -2.61
N ASP B 357 -51.17 8.87 -1.28
CA ASP B 357 -52.28 8.73 -0.34
C ASP B 357 -52.19 9.81 0.72
N ARG B 358 -52.94 10.91 0.52
CA ARG B 358 -53.00 12.01 1.46
C ARG B 358 -53.53 11.59 2.82
N SER B 359 -54.33 10.54 2.88
CA SER B 359 -54.82 10.04 4.16
C SER B 359 -53.72 9.33 4.94
N ARG B 360 -52.76 8.72 4.24
CA ARG B 360 -51.64 8.02 4.86
C ARG B 360 -50.35 8.83 4.78
N GLY B 361 -50.42 10.09 4.39
CA GLY B 361 -49.28 10.99 4.41
C GLY B 361 -48.48 11.07 3.12
N ILE B 362 -48.74 10.22 2.14
CA ILE B 362 -47.93 10.16 0.93
C ILE B 362 -48.41 11.26 -0.02
N TYR B 363 -47.58 12.32 -0.20
CA TYR B 363 -47.95 13.44 -1.08
C TYR B 363 -47.69 13.16 -2.55
N PHE B 364 -46.73 12.28 -2.88
CA PHE B 364 -46.45 11.93 -4.27
C PHE B 364 -46.37 10.41 -4.43
N THR B 365 -46.58 9.94 -5.65
CA THR B 365 -46.35 8.53 -5.96
C THR B 365 -44.86 8.31 -6.18
N GLN B 366 -44.33 7.26 -5.58
CA GLN B 366 -42.90 6.99 -5.58
C GLN B 366 -42.65 5.57 -6.09
N SER B 367 -41.68 5.41 -7.02
CA SER B 367 -41.27 4.11 -7.56
C SER B 367 -39.77 3.91 -7.39
N TRP B 368 -39.37 2.69 -7.03
CA TRP B 368 -37.99 2.41 -6.62
C TRP B 368 -37.17 1.62 -7.63
N VAL B 369 -37.66 1.47 -8.88
CA VAL B 369 -37.01 0.71 -9.96
C VAL B 369 -36.24 -0.50 -9.41
N SER B 370 -36.91 -1.29 -8.57
CA SER B 370 -36.36 -2.52 -8.00
C SER B 370 -35.26 -2.27 -6.96
N THR B 371 -35.14 -1.04 -6.45
CA THR B 371 -34.27 -0.84 -5.29
C THR B 371 -34.74 -1.78 -4.19
N PRO B 372 -33.86 -2.58 -3.58
CA PRO B 372 -34.29 -3.51 -2.54
C PRO B 372 -35.05 -2.83 -1.41
N GLY B 373 -35.78 -3.64 -0.65
CA GLY B 373 -36.56 -3.13 0.45
C GLY B 373 -35.76 -3.08 1.74
N VAL B 374 -36.24 -2.24 2.66
CA VAL B 374 -35.69 -2.07 4.00
C VAL B 374 -36.64 -2.76 4.99
N LEU B 375 -36.07 -3.54 5.93
CA LEU B 375 -36.87 -4.23 6.95
C LEU B 375 -37.27 -3.23 8.03
N PRO B 376 -38.57 -3.01 8.28
CA PRO B 376 -38.97 -2.06 9.32
C PRO B 376 -38.77 -2.66 10.69
N VAL B 377 -38.26 -1.85 11.62
CA VAL B 377 -37.93 -2.33 12.96
C VAL B 377 -38.76 -1.59 13.98
N ALA B 378 -39.46 -2.34 14.84
CA ALA B 378 -40.32 -1.82 15.88
C ALA B 378 -39.68 -2.05 17.26
N SER B 379 -39.42 -0.97 18.00
CA SER B 379 -38.73 -1.01 19.29
C SER B 379 -39.20 0.12 20.21
N GLY B 380 -39.17 -0.13 21.53
CA GLY B 380 -39.44 0.94 22.47
C GLY B 380 -40.72 0.85 23.28
N GLY B 381 -40.64 0.24 24.47
CA GLY B 381 -41.76 0.17 25.38
C GLY B 381 -42.81 -0.83 25.00
N ILE B 382 -42.42 -1.95 24.39
CA ILE B 382 -43.35 -2.95 23.87
C ILE B 382 -43.12 -4.26 24.63
N HIS B 383 -44.23 -4.90 25.02
CA HIS B 383 -44.19 -6.16 25.76
C HIS B 383 -45.10 -7.17 25.06
N VAL B 384 -45.24 -8.35 25.66
CA VAL B 384 -45.86 -9.47 24.98
C VAL B 384 -47.32 -9.17 24.63
N TRP B 385 -48.00 -8.38 25.46
CA TRP B 385 -49.39 -8.01 25.15
C TRP B 385 -49.48 -7.26 23.83
N HIS B 386 -48.46 -6.48 23.47
CA HIS B 386 -48.38 -5.73 22.22
C HIS B 386 -48.17 -6.62 20.99
N MET B 387 -47.84 -7.89 21.19
CA MET B 387 -47.47 -8.76 20.09
C MET B 387 -48.56 -8.97 19.04
N PRO B 388 -49.84 -9.17 19.40
CA PRO B 388 -50.86 -9.31 18.36
C PRO B 388 -51.01 -8.06 17.51
N ALA B 389 -51.04 -6.88 18.16
CA ALA B 389 -51.17 -5.65 17.41
C ALA B 389 -49.98 -5.45 16.48
N LEU B 390 -48.77 -5.66 17.00
CA LEU B 390 -47.56 -5.50 16.19
C LEU B 390 -47.59 -6.38 14.96
N THR B 391 -47.86 -7.67 15.16
CA THR B 391 -47.86 -8.62 14.05
C THR B 391 -48.84 -8.22 12.96
N GLU B 392 -49.96 -7.60 13.34
CA GLU B 392 -50.95 -7.15 12.36
C GLU B 392 -50.52 -5.88 11.67
N ILE B 393 -50.04 -4.89 12.44
CA ILE B 393 -49.69 -3.60 11.88
C ILE B 393 -48.55 -3.74 10.87
N PHE B 394 -47.54 -4.54 11.19
CA PHE B 394 -46.34 -4.55 10.37
C PHE B 394 -46.25 -5.75 9.42
N GLY B 395 -46.89 -6.85 9.75
CA GLY B 395 -46.85 -7.99 8.87
C GLY B 395 -45.61 -8.82 9.10
N ASP B 396 -45.44 -9.82 8.24
CA ASP B 396 -44.34 -10.77 8.43
C ASP B 396 -42.99 -10.07 8.25
N ASP B 397 -42.91 -9.08 7.38
CA ASP B 397 -41.60 -8.50 7.04
C ASP B 397 -41.31 -7.31 7.94
N SER B 398 -40.82 -7.64 9.13
CA SER B 398 -40.55 -6.66 10.16
C SER B 398 -39.59 -7.31 11.15
N VAL B 399 -39.05 -6.49 12.05
CA VAL B 399 -38.25 -6.99 13.15
C VAL B 399 -38.80 -6.34 14.42
N LEU B 400 -39.10 -7.18 15.40
CA LEU B 400 -39.65 -6.72 16.67
C LEU B 400 -38.52 -6.77 17.69
N GLN B 401 -38.39 -5.72 18.48
CA GLN B 401 -37.26 -5.59 19.41
C GLN B 401 -37.80 -5.30 20.80
N PHE B 402 -37.48 -6.18 21.73
CA PHE B 402 -37.97 -6.13 23.12
C PHE B 402 -36.76 -6.09 24.06
N GLY B 403 -36.16 -4.92 24.23
CA GLY B 403 -35.07 -4.83 25.18
C GLY B 403 -35.54 -4.89 26.61
N GLY B 404 -36.37 -3.92 27.01
CA GLY B 404 -37.00 -3.98 28.31
C GLY B 404 -37.85 -5.21 28.48
N GLY B 405 -38.52 -5.62 27.40
CA GLY B 405 -39.36 -6.81 27.46
C GLY B 405 -38.58 -8.10 27.73
N THR B 406 -37.38 -8.22 27.19
CA THR B 406 -36.61 -9.44 27.43
C THR B 406 -35.91 -9.40 28.78
N LEU B 407 -35.25 -8.29 29.10
CA LEU B 407 -34.45 -8.26 30.30
C LEU B 407 -35.26 -7.85 31.52
N GLY B 408 -36.56 -7.62 31.34
CA GLY B 408 -37.47 -7.32 32.42
C GLY B 408 -38.24 -8.51 32.93
N HIS B 409 -38.07 -9.67 32.32
CA HIS B 409 -38.73 -10.89 32.79
C HIS B 409 -38.19 -11.24 34.18
N PRO B 410 -39.05 -11.71 35.09
CA PRO B 410 -38.53 -12.07 36.43
C PRO B 410 -37.68 -13.33 36.44
N TRP B 411 -37.83 -14.23 35.47
CA TRP B 411 -37.03 -15.46 35.49
C TRP B 411 -35.68 -15.28 34.81
N GLY B 412 -35.56 -14.29 33.93
CA GLY B 412 -34.31 -13.93 33.30
C GLY B 412 -34.45 -13.73 31.80
N ASN B 413 -33.29 -13.65 31.13
CA ASN B 413 -33.24 -13.38 29.69
C ASN B 413 -33.76 -14.55 28.89
N ALA B 414 -33.11 -15.70 29.01
CA ALA B 414 -33.56 -16.90 28.30
C ALA B 414 -35.04 -17.20 28.49
N PRO B 415 -35.62 -17.10 29.69
CA PRO B 415 -37.09 -17.12 29.76
C PRO B 415 -37.75 -15.93 29.07
N GLY B 416 -37.19 -14.73 29.23
CA GLY B 416 -37.81 -13.54 28.65
C GLY B 416 -37.83 -13.59 27.14
N ALA B 417 -36.87 -14.30 26.54
CA ALA B 417 -36.87 -14.52 25.10
C ALA B 417 -37.92 -15.52 24.69
N VAL B 418 -38.09 -16.59 25.47
CA VAL B 418 -39.08 -17.61 25.14
C VAL B 418 -40.47 -16.99 25.11
N ALA B 419 -40.73 -16.08 26.05
CA ALA B 419 -42.06 -15.47 26.12
C ALA B 419 -42.41 -14.74 24.84
N ASN B 420 -41.47 -13.93 24.33
CA ASN B 420 -41.74 -13.17 23.10
C ASN B 420 -41.76 -14.09 21.89
N ARG B 421 -40.93 -15.13 21.88
CA ARG B 421 -40.96 -16.10 20.78
C ARG B 421 -42.26 -16.90 20.78
N VAL B 422 -42.71 -17.32 21.96
CA VAL B 422 -43.98 -18.05 22.04
C VAL B 422 -45.14 -17.14 21.69
N ALA B 423 -45.05 -15.87 22.08
CA ALA B 423 -46.13 -14.93 21.78
C ALA B 423 -46.27 -14.73 20.27
N LEU B 424 -45.17 -14.46 19.59
CA LEU B 424 -45.24 -14.19 18.16
C LEU B 424 -45.71 -15.42 17.40
N GLU B 425 -45.12 -16.57 17.72
CA GLU B 425 -45.48 -17.79 17.00
C GLU B 425 -46.96 -18.12 17.22
N ALA B 426 -47.46 -17.93 18.44
CA ALA B 426 -48.88 -18.16 18.69
C ALA B 426 -49.74 -17.14 17.93
N CYS B 427 -49.30 -15.88 17.87
CA CYS B 427 -49.99 -14.90 17.02
C CYS B 427 -49.94 -15.29 15.55
N VAL B 428 -48.79 -15.82 15.10
CA VAL B 428 -48.61 -16.17 13.69
C VAL B 428 -49.51 -17.32 13.31
N GLN B 429 -49.64 -18.30 14.20
CA GLN B 429 -50.53 -19.42 13.97
C GLN B 429 -51.96 -18.95 13.79
N ALA B 430 -52.41 -18.07 14.69
CA ALA B 430 -53.80 -17.60 14.65
C ALA B 430 -54.12 -16.93 13.32
N ARG B 431 -53.26 -15.99 12.91
CA ARG B 431 -53.45 -15.31 11.63
C ARG B 431 -53.48 -16.30 10.47
N ASN B 432 -52.67 -17.36 10.55
CA ASN B 432 -52.67 -18.39 9.53
C ASN B 432 -53.98 -19.18 9.53
N GLU B 433 -54.55 -19.39 10.73
CA GLU B 433 -55.77 -20.17 10.89
C GLU B 433 -57.02 -19.33 10.71
N GLY B 434 -56.89 -18.02 10.51
CA GLY B 434 -58.01 -17.15 10.22
C GLY B 434 -58.56 -16.32 11.36
N ARG B 435 -57.96 -16.39 12.55
CA ARG B 435 -58.40 -15.55 13.66
C ARG B 435 -57.96 -14.11 13.43
N ASP B 436 -58.79 -13.16 13.86
CA ASP B 436 -58.47 -11.74 13.76
C ASP B 436 -57.65 -11.32 14.98
N LEU B 437 -56.43 -10.83 14.73
CA LEU B 437 -55.51 -10.54 15.82
C LEU B 437 -56.00 -9.37 16.69
N ALA B 438 -56.58 -8.34 16.08
CA ALA B 438 -57.06 -7.20 16.86
C ALA B 438 -58.18 -7.63 17.82
N ARG B 439 -59.13 -8.41 17.31
CA ARG B 439 -60.27 -8.83 18.11
C ARG B 439 -59.89 -9.84 19.19
N GLU B 440 -59.08 -10.83 18.83
CA GLU B 440 -58.81 -11.96 19.69
C GLU B 440 -57.41 -11.95 20.28
N GLY B 441 -56.65 -10.87 20.06
CA GLY B 441 -55.24 -10.86 20.44
C GLY B 441 -55.04 -11.26 21.88
N ASN B 442 -55.80 -10.66 22.79
CA ASN B 442 -55.68 -11.00 24.20
C ASN B 442 -56.03 -12.47 24.46
N THR B 443 -57.06 -13.01 23.77
CA THR B 443 -57.44 -14.41 23.95
C THR B 443 -56.35 -15.36 23.43
N ILE B 444 -55.68 -14.98 22.33
CA ILE B 444 -54.54 -15.77 21.85
C ILE B 444 -53.38 -15.71 22.84
N ILE B 445 -53.08 -14.52 23.36
CA ILE B 445 -52.08 -14.43 24.42
C ILE B 445 -52.47 -15.32 25.59
N ARG B 446 -53.77 -15.37 25.92
CA ARG B 446 -54.19 -16.04 27.16
C ARG B 446 -54.10 -17.55 27.02
N GLU B 447 -54.37 -18.09 25.84
CA GLU B 447 -54.17 -19.52 25.64
C GLU B 447 -52.72 -19.89 25.81
N ALA B 448 -51.82 -19.05 25.30
CA ALA B 448 -50.40 -19.37 25.33
C ALA B 448 -49.88 -19.47 26.75
N THR B 449 -50.39 -18.60 27.64
CA THR B 449 -50.00 -18.66 29.06
C THR B 449 -50.35 -20.00 29.68
N LYS B 450 -51.40 -20.65 29.20
CA LYS B 450 -51.80 -21.93 29.80
C LYS B 450 -50.77 -23.02 29.53
N TRP B 451 -50.15 -23.02 28.34
CA TRP B 451 -49.14 -24.04 28.02
C TRP B 451 -47.70 -23.58 28.21
N SER B 452 -47.46 -22.30 28.45
CA SER B 452 -46.10 -21.73 28.50
C SER B 452 -45.79 -21.13 29.87
N PRO B 453 -44.98 -21.80 30.72
CA PRO B 453 -44.63 -21.20 32.02
C PRO B 453 -43.98 -19.83 31.91
N GLU B 454 -43.09 -19.65 30.92
CA GLU B 454 -42.37 -18.39 30.77
C GLU B 454 -43.30 -17.27 30.33
N LEU B 455 -44.11 -17.53 29.31
CA LEU B 455 -44.96 -16.46 28.80
C LEU B 455 -45.95 -16.00 29.86
N ALA B 456 -46.45 -16.90 30.69
CA ALA B 456 -47.34 -16.49 31.77
C ALA B 456 -46.67 -15.45 32.66
N ALA B 457 -45.50 -15.79 33.22
CA ALA B 457 -44.71 -14.86 34.03
C ALA B 457 -44.64 -13.47 33.40
N ALA B 458 -44.26 -13.42 32.12
CA ALA B 458 -44.18 -12.13 31.44
C ALA B 458 -45.51 -11.41 31.46
N CYS B 459 -46.61 -12.14 31.28
CA CYS B 459 -47.90 -11.49 31.06
C CYS B 459 -48.40 -10.74 32.30
N GLU B 460 -48.17 -11.28 33.49
CA GLU B 460 -48.62 -10.57 34.69
C GLU B 460 -47.78 -9.34 34.99
N VAL B 461 -46.50 -9.33 34.58
CA VAL B 461 -45.65 -8.20 34.93
C VAL B 461 -46.07 -6.95 34.17
N TRP B 462 -46.69 -7.09 32.99
CA TRP B 462 -46.89 -5.95 32.11
C TRP B 462 -48.34 -5.85 31.62
N LYS B 463 -49.29 -6.49 32.30
CA LYS B 463 -50.68 -6.50 31.84
C LYS B 463 -51.24 -5.08 31.72
N GLU B 464 -50.93 -4.21 32.68
CA GLU B 464 -51.54 -2.89 32.81
C GLU B 464 -50.78 -1.79 32.06
N ILE B 465 -49.64 -2.12 31.44
CA ILE B 465 -48.76 -1.10 30.87
C ILE B 465 -49.27 -0.75 29.48
N LYS B 466 -49.54 0.54 29.26
CA LYS B 466 -49.98 1.05 27.97
C LYS B 466 -49.53 2.51 27.87
N PHE B 467 -49.14 2.92 26.67
CA PHE B 467 -48.75 4.30 26.40
C PHE B 467 -49.83 4.95 25.52
N GLU B 468 -50.58 5.92 26.11
CA GLU B 468 -51.74 6.53 25.46
C GLU B 468 -51.72 8.05 25.67
N PHE B 469 -50.78 8.71 25.01
CA PHE B 469 -50.73 10.16 25.05
C PHE B 469 -51.14 10.75 23.70
N PRO B 470 -51.74 11.94 23.70
CA PRO B 470 -52.16 12.54 22.43
C PRO B 470 -50.98 12.90 21.55
N ALA B 471 -51.13 12.65 20.25
CA ALA B 471 -50.03 12.76 19.29
C ALA B 471 -49.87 14.18 18.74
N MET B 472 -48.61 14.56 18.50
CA MET B 472 -48.24 15.91 18.07
C MET B 472 -48.16 16.07 16.57
N ASP B 473 -48.09 14.98 15.80
CA ASP B 473 -48.00 15.04 14.34
C ASP B 473 -49.10 14.16 13.73
N THR B 474 -50.20 14.79 13.31
CA THR B 474 -51.34 14.10 12.71
C THR B 474 -51.52 14.58 11.28
N VAL B 475 -52.03 13.69 10.42
CA VAL B 475 -52.09 13.99 8.98
C VAL B 475 -53.04 15.16 8.65
N ALA C 9 -50.11 -15.92 -9.39
CA ALA C 9 -50.87 -17.15 -9.61
C ALA C 9 -50.07 -18.14 -10.46
N SER C 10 -49.75 -19.30 -9.88
CA SER C 10 -48.90 -20.29 -10.55
C SER C 10 -49.59 -20.95 -11.74
N VAL C 11 -48.79 -21.46 -12.68
CA VAL C 11 -49.26 -22.33 -13.74
C VAL C 11 -48.43 -23.60 -13.65
N GLU C 12 -49.06 -24.73 -13.97
CA GLU C 12 -48.38 -26.02 -13.85
C GLU C 12 -47.16 -26.05 -14.75
N PHE C 13 -46.11 -26.72 -14.29
CA PHE C 13 -44.91 -26.94 -15.10
C PHE C 13 -45.16 -28.08 -16.07
N LYS C 14 -44.89 -27.84 -17.35
CA LYS C 14 -44.92 -28.91 -18.36
C LYS C 14 -43.60 -28.92 -19.11
N ALA C 15 -42.87 -30.03 -19.03
CA ALA C 15 -41.59 -30.15 -19.69
C ALA C 15 -41.79 -30.37 -21.19
N GLY C 16 -40.90 -29.79 -21.98
CA GLY C 16 -40.98 -29.95 -23.40
C GLY C 16 -40.84 -28.62 -24.10
N VAL C 17 -40.50 -28.66 -25.39
CA VAL C 17 -40.30 -27.47 -26.20
C VAL C 17 -41.64 -26.86 -26.57
N LYS C 18 -41.73 -25.53 -26.51
CA LYS C 18 -42.90 -24.79 -26.96
C LYS C 18 -42.40 -23.72 -27.92
N ASP C 19 -43.32 -23.08 -28.64
CA ASP C 19 -42.89 -22.01 -29.55
C ASP C 19 -42.47 -20.79 -28.75
N TYR C 20 -41.48 -20.06 -29.28
CA TYR C 20 -41.05 -18.84 -28.61
C TYR C 20 -42.16 -17.80 -28.58
N LYS C 21 -42.98 -17.75 -29.64
CA LYS C 21 -43.94 -16.67 -29.84
C LYS C 21 -44.99 -16.62 -28.74
N LEU C 22 -45.30 -17.77 -28.12
CA LEU C 22 -46.36 -17.78 -27.11
C LEU C 22 -45.98 -16.94 -25.91
N THR C 23 -44.71 -17.00 -25.50
CA THR C 23 -44.26 -16.26 -24.33
C THR C 23 -43.69 -14.89 -24.65
N TYR C 24 -43.03 -14.71 -25.81
CA TYR C 24 -42.20 -13.52 -26.05
C TYR C 24 -42.64 -12.67 -27.24
N TYR C 25 -43.75 -12.98 -27.90
CA TYR C 25 -44.30 -12.06 -28.90
C TYR C 25 -45.47 -11.32 -28.25
N THR C 26 -45.34 -10.00 -28.12
CA THR C 26 -46.36 -9.18 -27.47
C THR C 26 -46.60 -7.92 -28.30
N PRO C 27 -47.34 -8.05 -29.41
CA PRO C 27 -47.71 -6.86 -30.18
C PRO C 27 -48.54 -5.86 -29.38
N GLU C 28 -49.24 -6.33 -28.33
CA GLU C 28 -50.09 -5.48 -27.50
C GLU C 28 -49.29 -4.59 -26.55
N TYR C 29 -48.11 -5.06 -26.12
CA TYR C 29 -47.32 -4.39 -25.08
C TYR C 29 -47.06 -2.93 -25.37
N GLU C 30 -47.07 -2.12 -24.31
CA GLU C 30 -46.75 -0.70 -24.36
C GLU C 30 -45.44 -0.48 -23.59
N THR C 31 -44.44 0.04 -24.28
CA THR C 31 -43.10 0.15 -23.71
C THR C 31 -43.07 1.16 -22.57
N LEU C 32 -42.42 0.77 -21.49
CA LEU C 32 -42.14 1.69 -20.41
C LEU C 32 -40.92 2.56 -20.74
N ASP C 33 -40.85 3.72 -20.10
CA ASP C 33 -39.67 4.57 -20.26
C ASP C 33 -38.42 3.98 -19.63
N THR C 34 -38.57 3.01 -18.73
CA THR C 34 -37.41 2.35 -18.16
C THR C 34 -36.86 1.26 -19.07
N ASP C 35 -37.63 0.81 -20.05
CA ASP C 35 -37.22 -0.32 -20.88
C ASP C 35 -36.09 0.09 -21.83
N ILE C 36 -35.18 -0.83 -22.09
CA ILE C 36 -34.27 -0.69 -23.22
C ILE C 36 -34.99 -1.23 -24.45
N LEU C 37 -35.02 -0.45 -25.52
CA LEU C 37 -35.57 -0.86 -26.80
C LEU C 37 -34.43 -1.13 -27.78
N ALA C 38 -34.60 -2.11 -28.67
CA ALA C 38 -33.62 -2.42 -29.70
C ALA C 38 -34.32 -2.68 -31.02
N ALA C 39 -33.75 -2.12 -32.07
CA ALA C 39 -34.27 -2.27 -33.42
C ALA C 39 -33.37 -3.25 -34.17
N PHE C 40 -33.86 -4.45 -34.36
CA PHE C 40 -33.09 -5.50 -35.03
C PHE C 40 -33.62 -5.64 -36.46
N ARG C 41 -32.71 -5.63 -37.44
CA ARG C 41 -33.08 -6.03 -38.81
C ARG C 41 -32.90 -7.54 -38.89
N VAL C 42 -34.01 -8.27 -39.09
CA VAL C 42 -34.05 -9.73 -38.98
C VAL C 42 -34.29 -10.33 -40.36
N SER C 43 -33.48 -11.34 -40.71
CA SER C 43 -33.69 -12.16 -41.92
C SER C 43 -33.89 -13.62 -41.52
N PRO C 44 -35.14 -14.07 -41.29
CA PRO C 44 -35.37 -15.46 -40.90
C PRO C 44 -35.02 -16.44 -41.99
N GLN C 45 -34.64 -17.65 -41.58
CA GLN C 45 -34.43 -18.72 -42.54
C GLN C 45 -35.75 -19.09 -43.20
N PRO C 46 -35.70 -19.77 -44.35
CA PRO C 46 -36.96 -20.21 -45.00
C PRO C 46 -37.79 -21.09 -44.07
N GLY C 47 -39.09 -20.81 -44.03
CA GLY C 47 -40.02 -21.55 -43.20
C GLY C 47 -40.11 -21.08 -41.76
N VAL C 48 -39.40 -20.02 -41.40
CA VAL C 48 -39.47 -19.47 -40.04
C VAL C 48 -40.37 -18.23 -40.10
N PRO C 49 -41.47 -18.21 -39.35
CA PRO C 49 -42.33 -17.02 -39.34
C PRO C 49 -41.62 -15.83 -38.71
N PRO C 50 -41.90 -14.61 -39.19
CA PRO C 50 -41.28 -13.42 -38.57
C PRO C 50 -41.55 -13.29 -37.08
N GLU C 51 -42.77 -13.59 -36.65
CA GLU C 51 -43.11 -13.52 -35.23
C GLU C 51 -42.27 -14.48 -34.40
N GLU C 52 -42.03 -15.69 -34.92
CA GLU C 52 -41.18 -16.62 -34.18
C GLU C 52 -39.75 -16.11 -34.09
N ALA C 53 -39.23 -15.50 -35.15
CA ALA C 53 -37.84 -15.05 -35.13
C ALA C 53 -37.66 -13.86 -34.19
N GLY C 54 -38.57 -12.89 -34.26
CA GLY C 54 -38.52 -11.77 -33.33
C GLY C 54 -38.67 -12.21 -31.88
N ALA C 55 -39.52 -13.21 -31.64
CA ALA C 55 -39.72 -13.70 -30.28
C ALA C 55 -38.55 -14.56 -29.84
N ALA C 56 -37.90 -15.23 -30.79
CA ALA C 56 -36.70 -15.98 -30.47
C ALA C 56 -35.56 -15.06 -30.08
N VAL C 57 -35.45 -13.91 -30.76
CA VAL C 57 -34.39 -12.96 -30.44
C VAL C 57 -34.57 -12.43 -29.01
N ALA C 58 -35.80 -12.01 -28.68
CA ALA C 58 -36.09 -11.50 -27.34
C ALA C 58 -35.80 -12.55 -26.27
N ALA C 59 -36.28 -13.79 -26.49
CA ALA C 59 -36.16 -14.86 -25.50
C ALA C 59 -34.71 -15.17 -25.17
N GLU C 60 -33.89 -15.33 -26.20
CA GLU C 60 -32.51 -15.75 -26.04
C GLU C 60 -31.60 -14.60 -25.66
N SER C 61 -32.07 -13.36 -25.82
CA SER C 61 -31.35 -12.21 -25.31
C SER C 61 -31.71 -11.92 -23.85
N SER C 62 -32.87 -12.38 -23.35
CA SER C 62 -33.27 -12.01 -21.99
C SER C 62 -33.40 -13.18 -21.01
N THR C 63 -34.52 -13.94 -21.09
CA THR C 63 -34.86 -14.96 -20.10
C THR C 63 -35.21 -16.30 -20.71
N GLY C 64 -34.99 -16.53 -21.99
CA GLY C 64 -35.44 -17.79 -22.55
C GLY C 64 -34.38 -18.80 -22.92
N THR C 65 -34.77 -20.07 -23.07
CA THR C 65 -33.93 -21.11 -23.68
C THR C 65 -34.84 -21.97 -24.58
N TRP C 66 -34.28 -23.06 -25.12
CA TRP C 66 -34.98 -23.80 -26.18
C TRP C 66 -36.18 -24.61 -25.67
N THR C 67 -36.15 -25.07 -24.42
CA THR C 67 -37.20 -25.91 -23.85
C THR C 67 -37.66 -25.31 -22.54
N THR C 68 -38.84 -25.75 -22.08
CA THR C 68 -39.43 -25.23 -20.85
C THR C 68 -38.64 -25.69 -19.64
N VAL C 69 -38.40 -24.78 -18.70
CA VAL C 69 -37.71 -25.12 -17.46
C VAL C 69 -38.61 -24.82 -16.27
N TRP C 70 -38.50 -25.64 -15.22
CA TRP C 70 -39.37 -25.49 -14.06
C TRP C 70 -39.08 -24.22 -13.28
N THR C 71 -37.81 -23.81 -13.24
CA THR C 71 -37.38 -22.66 -12.42
C THR C 71 -38.15 -21.38 -12.76
N ASP C 72 -38.81 -21.32 -13.92
CA ASP C 72 -39.60 -20.15 -14.30
C ASP C 72 -40.73 -19.85 -13.32
N GLY C 73 -41.21 -20.85 -12.58
CA GLY C 73 -42.25 -20.65 -11.59
C GLY C 73 -41.82 -19.88 -10.36
N LEU C 74 -40.52 -19.90 -10.03
CA LEU C 74 -40.03 -19.15 -8.86
C LEU C 74 -39.99 -17.64 -9.12
N THR C 75 -39.76 -17.23 -10.36
CA THR C 75 -39.64 -15.84 -10.74
C THR C 75 -40.91 -15.36 -11.42
N ASN C 76 -41.00 -14.04 -11.63
CA ASN C 76 -42.07 -13.51 -12.47
C ASN C 76 -41.50 -13.19 -13.86
N LEU C 77 -41.54 -14.19 -14.75
CA LEU C 77 -40.93 -14.05 -16.06
C LEU C 77 -41.52 -12.88 -16.82
N ASP C 78 -42.81 -12.61 -16.64
CA ASP C 78 -43.43 -11.51 -17.37
C ASP C 78 -42.83 -10.17 -16.98
N ARG C 79 -42.47 -10.00 -15.71
CA ARG C 79 -41.80 -8.76 -15.32
C ARG C 79 -40.38 -8.67 -15.90
N TYR C 80 -39.71 -9.81 -16.10
CA TYR C 80 -38.33 -9.83 -16.58
C TYR C 80 -38.18 -10.19 -18.06
N LYS C 81 -39.21 -10.70 -18.73
CA LYS C 81 -39.02 -11.13 -20.11
C LYS C 81 -38.82 -9.94 -21.05
N GLY C 82 -37.91 -10.11 -22.01
CA GLY C 82 -37.89 -9.23 -23.16
C GLY C 82 -39.02 -9.59 -24.11
N ARG C 83 -39.54 -8.59 -24.78
CA ARG C 83 -40.71 -8.81 -25.63
C ARG C 83 -40.46 -8.20 -26.99
N CYS C 84 -40.78 -8.95 -28.04
CA CYS C 84 -40.96 -8.35 -29.36
C CYS C 84 -42.30 -7.60 -29.35
N TYR C 85 -42.27 -6.26 -29.29
CA TYR C 85 -43.53 -5.51 -29.28
C TYR C 85 -44.00 -5.12 -30.67
N HIS C 86 -43.11 -5.09 -31.66
CA HIS C 86 -43.52 -4.65 -32.99
C HIS C 86 -42.62 -5.31 -34.04
N ILE C 87 -43.21 -5.56 -35.20
CA ILE C 87 -42.55 -6.15 -36.35
C ILE C 87 -42.99 -5.37 -37.57
N GLU C 88 -42.05 -4.79 -38.30
CA GLU C 88 -42.38 -4.12 -39.54
C GLU C 88 -41.51 -4.66 -40.67
N PRO C 89 -42.10 -4.95 -41.83
CA PRO C 89 -41.28 -5.43 -42.95
C PRO C 89 -40.43 -4.33 -43.56
N VAL C 90 -39.35 -4.74 -44.18
CA VAL C 90 -38.41 -3.81 -44.80
C VAL C 90 -38.85 -3.58 -46.24
N ALA C 91 -38.70 -2.35 -46.70
CA ALA C 91 -39.01 -2.01 -48.09
C ALA C 91 -38.10 -2.76 -49.05
N GLY C 92 -38.66 -3.22 -50.15
CA GLY C 92 -37.89 -3.90 -51.17
C GLY C 92 -37.33 -5.24 -50.77
N GLU C 93 -37.80 -5.83 -49.66
CA GLU C 93 -37.20 -7.06 -49.15
C GLU C 93 -38.28 -8.09 -48.88
N GLU C 94 -37.89 -9.36 -48.98
CA GLU C 94 -38.74 -10.48 -48.64
C GLU C 94 -38.05 -11.32 -47.58
N ASN C 95 -38.81 -11.75 -46.58
CA ASN C 95 -38.26 -12.40 -45.41
C ASN C 95 -37.12 -11.55 -44.81
N GLN C 96 -37.32 -10.23 -44.84
CA GLN C 96 -36.53 -9.32 -44.00
C GLN C 96 -37.47 -8.36 -43.28
N TYR C 97 -37.35 -8.28 -41.95
CA TYR C 97 -38.25 -7.48 -41.12
C TYR C 97 -37.45 -6.73 -40.04
N ILE C 98 -38.01 -5.61 -39.59
CA ILE C 98 -37.47 -4.82 -38.48
C ILE C 98 -38.24 -5.23 -37.23
N CYS C 99 -37.59 -5.94 -36.32
CA CYS C 99 -38.22 -6.37 -35.07
C CYS C 99 -37.80 -5.48 -33.91
N TYR C 100 -38.78 -4.98 -33.15
CA TYR C 100 -38.56 -4.10 -32.00
C TYR C 100 -38.69 -4.92 -30.72
N VAL C 101 -37.63 -4.96 -29.91
CA VAL C 101 -37.56 -5.77 -28.70
C VAL C 101 -37.43 -4.85 -27.49
N ALA C 102 -38.25 -5.10 -26.46
CA ALA C 102 -38.22 -4.30 -25.23
C ALA C 102 -37.67 -5.18 -24.12
N TYR C 103 -36.64 -4.68 -23.46
CA TYR C 103 -35.99 -5.36 -22.35
C TYR C 103 -36.23 -4.56 -21.09
N PRO C 104 -36.64 -5.18 -19.99
CA PRO C 104 -36.80 -4.42 -18.74
C PRO C 104 -35.47 -3.90 -18.22
N LEU C 105 -35.56 -2.86 -17.37
CA LEU C 105 -34.36 -2.22 -16.82
C LEU C 105 -33.58 -3.15 -15.88
N ASP C 106 -34.28 -3.95 -15.06
CA ASP C 106 -33.63 -4.81 -14.07
C ASP C 106 -32.69 -5.85 -14.68
N LEU C 107 -32.81 -6.12 -15.98
CA LEU C 107 -31.96 -7.13 -16.62
C LEU C 107 -30.54 -6.68 -16.75
N PHE C 108 -30.28 -5.39 -16.57
CA PHE C 108 -29.00 -4.80 -16.93
C PHE C 108 -28.22 -4.33 -15.71
N GLU C 109 -26.90 -4.51 -15.75
CA GLU C 109 -25.99 -4.04 -14.70
C GLU C 109 -25.69 -2.54 -14.87
N GLU C 110 -25.84 -1.78 -13.78
CA GLU C 110 -25.58 -0.34 -13.81
C GLU C 110 -24.15 -0.04 -14.22
N GLY C 111 -23.99 0.95 -15.10
CA GLY C 111 -22.69 1.41 -15.57
C GLY C 111 -21.89 0.46 -16.46
N SER C 112 -22.46 -0.64 -16.96
CA SER C 112 -21.71 -1.64 -17.73
C SER C 112 -22.22 -1.77 -19.15
N VAL C 113 -21.52 -1.18 -20.12
CA VAL C 113 -21.85 -1.43 -21.53
C VAL C 113 -21.59 -2.90 -21.87
N THR C 114 -20.63 -3.52 -21.18
CA THR C 114 -20.35 -4.93 -21.39
C THR C 114 -21.60 -5.78 -21.15
N ASN C 115 -22.31 -5.51 -20.06
CA ASN C 115 -23.53 -6.25 -19.78
C ASN C 115 -24.62 -5.92 -20.78
N MET C 116 -24.75 -4.64 -21.15
CA MET C 116 -25.76 -4.25 -22.14
C MET C 116 -25.58 -5.02 -23.44
N PHE C 117 -24.32 -5.23 -23.85
CA PHE C 117 -24.09 -5.89 -25.12
C PHE C 117 -24.18 -7.40 -24.98
N THR C 118 -23.79 -7.94 -23.82
CA THR C 118 -23.83 -9.39 -23.61
C THR C 118 -25.26 -9.93 -23.63
N SER C 119 -26.22 -9.15 -23.17
CA SER C 119 -27.61 -9.61 -23.24
C SER C 119 -28.20 -9.37 -24.62
N ILE C 120 -28.14 -8.13 -25.10
CA ILE C 120 -28.84 -7.75 -26.31
C ILE C 120 -28.22 -8.42 -27.52
N VAL C 121 -26.91 -8.52 -27.53
CA VAL C 121 -26.16 -8.84 -28.74
C VAL C 121 -25.24 -10.05 -28.55
N GLY C 122 -25.36 -10.74 -27.41
CA GLY C 122 -24.50 -11.85 -27.02
C GLY C 122 -24.53 -13.15 -27.81
N ASN C 123 -25.71 -13.77 -27.97
CA ASN C 123 -25.85 -15.06 -28.63
C ASN C 123 -26.81 -15.08 -29.83
N VAL C 124 -27.72 -14.11 -29.94
CA VAL C 124 -28.81 -14.20 -30.91
C VAL C 124 -28.29 -14.35 -32.34
N PHE C 125 -27.16 -13.70 -32.66
CA PHE C 125 -26.66 -13.57 -34.02
C PHE C 125 -26.13 -14.89 -34.60
N GLY C 126 -25.94 -15.92 -33.78
CA GLY C 126 -25.52 -17.22 -34.25
C GLY C 126 -26.62 -18.25 -34.42
N PHE C 127 -27.86 -17.89 -34.11
CA PHE C 127 -28.94 -18.86 -34.15
C PHE C 127 -29.13 -19.42 -35.56
N LYS C 128 -29.33 -20.72 -35.63
CA LYS C 128 -29.46 -21.37 -36.93
C LYS C 128 -30.67 -20.86 -37.69
N ALA C 129 -31.80 -20.70 -37.01
CA ALA C 129 -33.06 -20.31 -37.63
C ALA C 129 -32.99 -18.95 -38.29
N LEU C 130 -31.86 -18.27 -38.15
CA LEU C 130 -31.68 -16.91 -38.66
C LEU C 130 -30.68 -16.94 -39.80
N ARG C 131 -31.04 -16.35 -40.93
CA ARG C 131 -30.04 -16.18 -41.99
C ARG C 131 -29.11 -15.03 -41.64
N ALA C 132 -29.66 -13.95 -41.10
CA ALA C 132 -28.85 -12.80 -40.75
C ALA C 132 -29.58 -12.00 -39.68
N LEU C 133 -28.81 -11.18 -38.98
CA LEU C 133 -29.32 -10.33 -37.90
C LEU C 133 -28.50 -9.06 -37.81
N ARG C 134 -29.16 -7.92 -37.76
CA ARG C 134 -28.47 -6.65 -37.57
C ARG C 134 -29.13 -5.90 -36.43
N LEU C 135 -28.32 -5.27 -35.56
CA LEU C 135 -28.85 -4.34 -34.56
C LEU C 135 -28.64 -2.91 -35.05
N GLU C 136 -29.73 -2.20 -35.28
CA GLU C 136 -29.64 -0.90 -35.93
C GLU C 136 -29.60 0.26 -34.96
N ASP C 137 -30.45 0.26 -33.94
CA ASP C 137 -30.53 1.36 -32.99
C ASP C 137 -30.94 0.82 -31.63
N LEU C 138 -30.41 1.46 -30.59
CA LEU C 138 -30.75 1.16 -29.20
C LEU C 138 -31.40 2.39 -28.62
N ARG C 139 -32.54 2.22 -27.98
CA ARG C 139 -33.15 3.28 -27.15
C ARG C 139 -32.74 3.01 -25.71
N ILE C 140 -31.72 3.69 -25.24
CA ILE C 140 -31.25 3.56 -23.85
C ILE C 140 -32.12 4.47 -22.99
N PRO C 141 -32.81 3.95 -22.00
CA PRO C 141 -33.54 4.79 -21.03
C PRO C 141 -32.60 5.76 -20.29
N VAL C 142 -33.17 6.90 -19.88
CA VAL C 142 -32.44 7.89 -19.10
C VAL C 142 -32.04 7.35 -17.74
N ALA C 143 -32.88 6.50 -17.13
CA ALA C 143 -32.49 5.93 -15.83
C ALA C 143 -31.26 5.07 -15.94
N TYR C 144 -31.06 4.40 -17.10
CA TYR C 144 -29.82 3.67 -17.31
C TYR C 144 -28.69 4.63 -17.64
N VAL C 145 -28.97 5.68 -18.44
CA VAL C 145 -27.96 6.71 -18.71
C VAL C 145 -27.36 7.26 -17.43
N LYS C 146 -28.20 7.58 -16.46
CA LYS C 146 -27.71 8.17 -15.21
C LYS C 146 -26.72 7.27 -14.47
N THR C 147 -26.73 5.94 -14.69
CA THR C 147 -25.80 5.06 -13.99
C THR C 147 -24.38 5.16 -14.53
N PHE C 148 -24.20 5.79 -15.68
CA PHE C 148 -22.91 5.84 -16.35
C PHE C 148 -22.24 7.17 -16.07
N GLN C 149 -20.90 7.19 -16.02
CA GLN C 149 -20.21 8.47 -15.85
C GLN C 149 -20.20 9.26 -17.16
N GLY C 150 -20.11 8.55 -18.29
CA GLY C 150 -20.07 9.21 -19.57
C GLY C 150 -18.70 9.79 -19.86
N PRO C 151 -18.61 10.73 -20.79
CA PRO C 151 -17.32 11.30 -21.17
C PRO C 151 -16.63 11.89 -19.97
N PRO C 152 -15.30 11.76 -19.86
CA PRO C 152 -14.61 12.36 -18.72
C PRO C 152 -14.76 13.88 -18.61
N HIS C 153 -14.89 14.58 -19.73
CA HIS C 153 -14.97 16.04 -19.73
C HIS C 153 -16.00 16.58 -20.73
N GLY C 154 -16.06 16.00 -21.93
CA GLY C 154 -17.04 16.43 -22.92
C GLY C 154 -16.66 17.70 -23.63
N ILE C 155 -17.54 18.12 -24.55
CA ILE C 155 -17.20 19.13 -25.57
C ILE C 155 -16.93 20.48 -24.94
N GLN C 156 -17.82 20.90 -24.04
CA GLN C 156 -17.70 22.23 -23.44
C GLN C 156 -16.42 22.33 -22.64
N VAL C 157 -16.20 21.38 -21.74
CA VAL C 157 -15.04 21.41 -20.87
C VAL C 157 -13.79 21.29 -21.69
N GLU C 158 -13.83 20.57 -22.80
CA GLU C 158 -12.61 20.42 -23.57
C GLU C 158 -12.19 21.75 -24.19
N ARG C 159 -13.13 22.50 -24.78
CA ARG C 159 -12.80 23.81 -25.35
C ARG C 159 -12.32 24.76 -24.26
N ASP C 160 -13.01 24.75 -23.11
CA ASP C 160 -12.62 25.60 -21.99
C ASP C 160 -11.22 25.28 -21.45
N LYS C 161 -10.90 24.00 -21.34
CA LYS C 161 -9.56 23.65 -20.87
C LYS C 161 -8.49 24.03 -21.89
N LEU C 162 -8.81 23.96 -23.19
CA LEU C 162 -7.84 24.22 -24.25
C LEU C 162 -7.92 25.63 -24.80
N ASN C 163 -8.89 26.42 -24.34
CA ASN C 163 -9.04 27.81 -24.77
C ASN C 163 -9.14 27.94 -26.29
N LYS C 164 -9.94 27.07 -26.90
CA LYS C 164 -10.11 27.06 -28.35
C LYS C 164 -11.60 27.19 -28.69
N TYR C 165 -11.98 28.29 -29.32
CA TYR C 165 -13.39 28.55 -29.61
C TYR C 165 -13.56 28.97 -31.08
N GLY C 166 -14.71 28.62 -31.64
CA GLY C 166 -15.18 29.25 -32.87
C GLY C 166 -14.80 28.56 -34.17
N ARG C 167 -14.20 27.38 -34.13
CA ARG C 167 -13.73 26.72 -35.33
C ARG C 167 -13.50 25.26 -35.01
N PRO C 168 -13.62 24.38 -35.98
CA PRO C 168 -13.17 22.99 -35.78
C PRO C 168 -11.73 22.97 -35.32
N LEU C 169 -11.42 22.05 -34.41
CA LEU C 169 -10.04 21.81 -34.04
C LEU C 169 -9.35 21.04 -35.16
N LEU C 170 -8.03 21.13 -35.19
CA LEU C 170 -7.24 20.55 -36.28
C LEU C 170 -6.16 19.63 -35.72
N GLY C 171 -6.07 18.43 -36.29
CA GLY C 171 -5.05 17.48 -35.89
C GLY C 171 -4.36 16.84 -37.08
N CYS C 172 -3.30 16.10 -36.77
CA CYS C 172 -2.53 15.34 -37.75
C CYS C 172 -2.17 13.99 -37.15
N THR C 173 -2.28 12.93 -37.94
CA THR C 173 -1.87 11.60 -37.50
C THR C 173 -0.49 11.30 -38.05
N ILE C 174 0.46 10.93 -37.18
CA ILE C 174 1.82 10.70 -37.65
C ILE C 174 1.90 9.50 -38.57
N LYS C 175 2.58 9.66 -39.70
CA LYS C 175 2.85 8.64 -40.70
C LYS C 175 4.36 8.56 -40.93
N PRO C 176 4.89 7.38 -41.35
CA PRO C 176 4.21 6.16 -41.72
C PRO C 176 3.55 5.56 -40.49
N LYS C 177 2.56 4.68 -40.63
CA LYS C 177 1.82 4.22 -39.46
C LYS C 177 2.74 3.62 -38.40
N LEU C 178 3.64 2.73 -38.82
CA LEU C 178 4.56 2.02 -37.94
C LEU C 178 5.98 2.23 -38.45
N GLY C 179 6.95 2.02 -37.57
CA GLY C 179 8.34 1.93 -37.96
C GLY C 179 9.17 3.16 -37.69
N LEU C 180 8.55 4.29 -37.38
CA LEU C 180 9.33 5.44 -37.01
C LEU C 180 9.91 5.24 -35.61
N SER C 181 11.04 5.89 -35.35
CA SER C 181 11.63 5.86 -34.02
C SER C 181 10.99 6.93 -33.14
N ALA C 182 11.26 6.86 -31.83
CA ALA C 182 10.69 7.84 -30.90
C ALA C 182 11.17 9.25 -31.22
N LYS C 183 12.49 9.46 -31.24
CA LYS C 183 13.03 10.78 -31.55
C LYS C 183 12.44 11.34 -32.86
N ASN C 184 12.34 10.52 -33.91
CA ASN C 184 11.72 10.99 -35.15
C ASN C 184 10.21 11.19 -34.98
N TYR C 185 9.57 10.45 -34.08
CA TYR C 185 8.16 10.69 -33.83
C TYR C 185 7.94 12.10 -33.30
N GLY C 186 8.87 12.59 -32.46
CA GLY C 186 8.73 13.92 -31.90
C GLY C 186 9.15 15.02 -32.85
N ARG C 187 10.15 14.74 -33.69
CA ARG C 187 10.50 15.64 -34.77
C ARG C 187 9.27 15.99 -35.59
N ALA C 188 8.51 14.98 -36.01
CA ALA C 188 7.32 15.18 -36.81
C ALA C 188 6.26 15.96 -36.05
N VAL C 189 6.06 15.61 -34.77
CA VAL C 189 5.02 16.22 -33.94
C VAL C 189 5.30 17.72 -33.78
N TYR C 190 6.55 18.08 -33.44
CA TYR C 190 6.89 19.49 -33.32
C TYR C 190 6.62 20.26 -34.60
N GLU C 191 7.20 19.81 -35.73
CA GLU C 191 7.00 20.52 -36.99
C GLU C 191 5.51 20.59 -37.36
N CYS C 192 4.71 19.60 -36.97
CA CYS C 192 3.29 19.70 -37.24
C CYS C 192 2.65 20.78 -36.39
N LEU C 193 2.88 20.75 -35.08
CA LEU C 193 2.15 21.63 -34.19
C LEU C 193 2.54 23.08 -34.40
N ARG C 194 3.78 23.34 -34.81
CA ARG C 194 4.25 24.71 -35.02
C ARG C 194 3.61 25.37 -36.23
N GLY C 195 3.07 24.60 -37.16
CA GLY C 195 2.39 25.12 -38.33
C GLY C 195 0.94 25.50 -38.12
N GLY C 196 0.35 25.20 -36.96
CA GLY C 196 -1.02 25.60 -36.67
C GLY C 196 -1.99 24.46 -36.38
N LEU C 197 -1.55 23.21 -36.33
CA LEU C 197 -2.42 22.12 -35.91
C LEU C 197 -2.55 22.14 -34.39
N ASP C 198 -3.76 21.92 -33.90
CA ASP C 198 -3.94 21.94 -32.46
C ASP C 198 -3.49 20.62 -31.87
N PHE C 199 -3.72 19.53 -32.60
CA PHE C 199 -3.36 18.20 -32.14
C PHE C 199 -2.48 17.48 -33.15
N THR C 200 -1.64 16.60 -32.64
CA THR C 200 -1.11 15.50 -33.43
C THR C 200 -1.51 14.24 -32.69
N KCX C 201 -1.21 13.07 -33.24
CA KCX C 201 -1.57 11.85 -32.55
CB KCX C 201 -3.04 11.48 -32.76
CG KCX C 201 -3.33 10.88 -34.13
CD KCX C 201 -4.83 10.77 -34.39
CE KCX C 201 -5.41 9.44 -33.96
NZ KCX C 201 -4.71 8.30 -34.65
C KCX C 201 -0.74 10.67 -32.99
O KCX C 201 -0.24 10.64 -34.12
CX KCX C 201 -5.30 7.60 -35.61
OQ1 KCX C 201 -6.46 7.88 -35.95
OQ2 KCX C 201 -4.69 6.66 -36.16
N ASP C 202 -0.62 9.69 -32.10
CA ASP C 202 -0.18 8.36 -32.47
C ASP C 202 -1.22 7.61 -33.35
N ASP C 203 -0.72 6.73 -34.23
CA ASP C 203 -1.62 5.86 -34.99
C ASP C 203 -2.16 4.77 -34.09
N GLU C 204 -3.35 4.29 -34.43
CA GLU C 204 -4.09 3.42 -33.54
C GLU C 204 -3.34 2.12 -33.31
N ASN C 205 -2.47 1.71 -34.25
CA ASN C 205 -1.63 0.54 -34.02
C ASN C 205 -0.31 0.87 -33.31
N VAL C 206 0.04 2.14 -33.12
CA VAL C 206 1.26 2.51 -32.38
C VAL C 206 1.01 2.35 -30.88
N ASN C 207 1.54 1.28 -30.31
CA ASN C 207 1.42 1.01 -28.87
C ASN C 207 2.81 1.01 -28.24
N SER C 208 3.35 -0.17 -27.98
CA SER C 208 4.77 -0.34 -27.65
C SER C 208 5.33 -1.47 -28.49
N GLN C 209 6.33 -1.15 -29.29
CA GLN C 209 6.85 -2.06 -30.29
C GLN C 209 8.37 -2.04 -30.26
N PRO C 210 9.02 -3.10 -30.73
CA PRO C 210 10.49 -3.10 -30.85
C PRO C 210 11.11 -1.89 -31.55
N PHE C 211 10.46 -1.32 -32.56
CA PHE C 211 11.04 -0.15 -33.20
C PHE C 211 10.88 1.11 -32.35
N MET C 212 9.86 1.20 -31.51
CA MET C 212 9.66 2.40 -30.70
C MET C 212 8.93 2.03 -29.42
N ARG C 213 9.59 2.12 -28.27
CA ARG C 213 8.92 1.77 -27.01
C ARG C 213 8.10 2.95 -26.49
N TRP C 214 6.96 2.65 -25.85
CA TRP C 214 5.99 3.70 -25.55
C TRP C 214 6.58 4.78 -24.63
N ARG C 215 7.40 4.43 -23.63
CA ARG C 215 7.85 5.49 -22.73
C ARG C 215 8.77 6.50 -23.43
N ASP C 216 9.61 6.06 -24.38
CA ASP C 216 10.41 7.02 -25.15
C ASP C 216 9.53 7.96 -25.98
N ARG C 217 8.57 7.41 -26.73
CA ARG C 217 7.69 8.27 -27.53
C ARG C 217 6.94 9.28 -26.65
N PHE C 218 6.41 8.82 -25.52
CA PHE C 218 5.75 9.74 -24.59
C PHE C 218 6.65 10.92 -24.21
N LEU C 219 7.92 10.64 -23.92
CA LEU C 219 8.84 11.69 -23.48
C LEU C 219 9.18 12.63 -24.63
N PHE C 220 9.60 12.06 -25.75
CA PHE C 220 9.95 12.87 -26.90
C PHE C 220 8.75 13.66 -27.40
N CYS C 221 7.57 13.05 -27.43
CA CYS C 221 6.39 13.75 -27.92
C CYS C 221 6.03 14.92 -27.01
N ALA C 222 6.24 14.76 -25.69
CA ALA C 222 5.98 15.86 -24.77
C ALA C 222 6.92 17.01 -25.03
N GLU C 223 8.21 16.73 -25.17
CA GLU C 223 9.17 17.79 -25.53
C GLU C 223 8.71 18.50 -26.80
N ALA C 224 8.46 17.76 -27.86
CA ALA C 224 7.96 18.32 -29.12
C ALA C 224 6.81 19.30 -28.88
N LEU C 225 5.71 18.82 -28.27
CA LEU C 225 4.49 19.61 -28.20
C LEU C 225 4.68 20.87 -27.34
N TYR C 226 5.52 20.79 -26.31
CA TYR C 226 5.80 21.97 -25.50
C TYR C 226 6.63 23.00 -26.26
N LYS C 227 7.55 22.52 -27.12
CA LYS C 227 8.30 23.42 -27.98
C LYS C 227 7.38 24.22 -28.89
N ALA C 228 6.36 23.57 -29.46
CA ALA C 228 5.49 24.22 -30.43
C ALA C 228 4.50 25.13 -29.75
N GLN C 229 3.99 24.71 -28.60
CA GLN C 229 3.13 25.58 -27.81
C GLN C 229 3.84 26.87 -27.41
N ALA C 230 5.13 26.78 -27.09
CA ALA C 230 5.87 28.01 -26.78
C ALA C 230 5.98 28.90 -28.03
N GLU C 231 6.40 28.31 -29.16
CA GLU C 231 6.57 29.09 -30.39
C GLU C 231 5.27 29.77 -30.82
N THR C 232 4.15 29.04 -30.80
CA THR C 232 2.89 29.55 -31.34
C THR C 232 2.17 30.45 -30.35
N GLY C 233 2.32 30.19 -29.05
CA GLY C 233 1.44 30.80 -28.05
C GLY C 233 0.03 30.22 -28.00
N GLU C 234 -0.20 29.07 -28.64
CA GLU C 234 -1.49 28.40 -28.63
C GLU C 234 -1.30 27.04 -27.96
N ILE C 235 -2.29 26.62 -27.17
CA ILE C 235 -2.16 25.34 -26.49
C ILE C 235 -2.07 24.27 -27.54
N LYS C 236 -1.22 23.28 -27.30
CA LYS C 236 -1.08 22.17 -28.23
C LYS C 236 -1.31 20.85 -27.50
N GLY C 237 -1.61 19.80 -28.26
CA GLY C 237 -1.78 18.48 -27.68
C GLY C 237 -1.27 17.39 -28.60
N HIS C 238 -0.90 16.27 -27.98
CA HIS C 238 -0.60 15.05 -28.73
C HIS C 238 -1.26 13.85 -28.05
N TYR C 239 -2.09 13.11 -28.78
CA TYR C 239 -2.79 11.98 -28.18
C TYR C 239 -1.80 10.83 -27.96
N LEU C 240 -1.46 10.57 -26.70
CA LEU C 240 -0.62 9.42 -26.34
C LEU C 240 -1.46 8.16 -26.24
N ASN C 241 -1.03 7.09 -26.93
CA ASN C 241 -1.83 5.86 -27.02
C ASN C 241 -1.62 4.99 -25.80
N ALA C 242 -2.68 4.82 -25.02
CA ALA C 242 -2.62 3.98 -23.84
C ALA C 242 -3.17 2.58 -24.06
N THR C 243 -3.78 2.30 -25.22
CA THR C 243 -4.17 0.93 -25.61
C THR C 243 -3.01 -0.03 -25.36
N ALA C 244 -3.31 -1.18 -24.76
CA ALA C 244 -2.27 -2.12 -24.34
C ALA C 244 -2.87 -3.52 -24.23
N GLY C 245 -2.01 -4.50 -23.89
CA GLY C 245 -2.48 -5.87 -23.71
C GLY C 245 -3.23 -6.15 -22.41
N THR C 246 -2.92 -5.43 -21.33
CA THR C 246 -3.49 -5.67 -20.01
C THR C 246 -3.94 -4.35 -19.37
N CYS C 247 -4.93 -4.42 -18.46
CA CYS C 247 -5.36 -3.20 -17.78
C CYS C 247 -4.19 -2.58 -17.00
N GLU C 248 -3.30 -3.41 -16.45
CA GLU C 248 -2.16 -2.85 -15.69
C GLU C 248 -1.22 -2.06 -16.60
N ASP C 249 -0.94 -2.58 -17.81
CA ASP C 249 -0.10 -1.86 -18.77
C ASP C 249 -0.77 -0.57 -19.23
N MET C 250 -2.03 -0.66 -19.63
CA MET C 250 -2.84 0.52 -19.96
C MET C 250 -2.78 1.58 -18.86
N MET C 251 -2.94 1.18 -17.60
CA MET C 251 -2.88 2.17 -16.53
C MET C 251 -1.48 2.79 -16.44
N LYS C 252 -0.43 1.99 -16.65
CA LYS C 252 0.95 2.49 -16.55
C LYS C 252 1.20 3.67 -17.50
N ARG C 253 0.74 3.53 -18.75
CA ARG C 253 0.88 4.59 -19.74
C ARG C 253 0.03 5.80 -19.37
N ALA C 254 -1.19 5.58 -18.90
CA ALA C 254 -2.01 6.70 -18.43
C ALA C 254 -1.31 7.50 -17.32
N VAL C 255 -0.63 6.82 -16.37
CA VAL C 255 0.02 7.51 -15.25
C VAL C 255 1.18 8.38 -15.75
N PHE C 256 2.01 7.88 -16.69
CA PHE C 256 3.11 8.70 -17.17
C PHE C 256 2.59 9.93 -17.91
N ALA C 257 1.56 9.76 -18.72
CA ALA C 257 0.90 10.91 -19.31
C ALA C 257 0.49 11.92 -18.24
N ARG C 258 -0.04 11.44 -17.11
CA ARG C 258 -0.41 12.36 -16.03
C ARG C 258 0.81 13.09 -15.48
N GLU C 259 1.90 12.35 -15.22
CA GLU C 259 3.14 12.96 -14.72
C GLU C 259 3.71 13.98 -15.72
N LEU C 260 3.66 13.71 -17.02
CA LEU C 260 4.05 14.67 -18.04
C LEU C 260 3.13 15.88 -18.09
N GLY C 261 1.92 15.78 -17.56
CA GLY C 261 0.97 16.89 -17.63
C GLY C 261 0.41 17.17 -19.00
N VAL C 262 0.44 16.17 -19.90
CA VAL C 262 -0.01 16.37 -21.27
C VAL C 262 -1.54 16.39 -21.29
N PRO C 263 -2.16 17.17 -22.16
CA PRO C 263 -3.62 17.34 -22.07
C PRO C 263 -4.49 16.16 -22.50
N ILE C 264 -4.01 15.17 -23.26
CA ILE C 264 -4.90 14.26 -23.96
C ILE C 264 -4.22 12.91 -24.23
N VAL C 265 -5.00 11.83 -24.07
CA VAL C 265 -4.57 10.46 -24.36
C VAL C 265 -5.63 9.79 -25.23
N MET C 266 -5.28 8.63 -25.75
CA MET C 266 -6.18 7.91 -26.66
C MET C 266 -6.25 6.44 -26.29
N HIS C 267 -7.45 5.88 -26.47
CA HIS C 267 -7.72 4.46 -26.31
C HIS C 267 -8.42 3.96 -27.56
N ASP C 268 -8.19 2.68 -27.91
CA ASP C 268 -8.93 1.99 -29.01
C ASP C 268 -10.00 1.11 -28.37
N TYR C 269 -11.22 1.64 -28.21
CA TYR C 269 -12.12 1.02 -27.26
C TYR C 269 -12.61 -0.34 -27.72
N LEU C 270 -12.72 -0.56 -29.02
CA LEU C 270 -13.21 -1.87 -29.45
C LEU C 270 -12.12 -2.92 -29.32
N THR C 271 -10.86 -2.59 -29.62
CA THR C 271 -9.82 -3.61 -29.55
C THR C 271 -9.32 -3.79 -28.11
N GLY C 272 -9.27 -2.70 -27.34
CA GLY C 272 -9.00 -2.82 -25.92
C GLY C 272 -10.16 -3.44 -25.16
N GLY C 273 -11.39 -3.11 -25.56
CA GLY C 273 -12.59 -3.60 -24.93
C GLY C 273 -13.25 -2.54 -24.04
N PHE C 274 -14.53 -2.76 -23.74
CA PHE C 274 -15.31 -1.75 -23.03
C PHE C 274 -14.93 -1.69 -21.56
N THR C 275 -14.59 -2.85 -20.99
CA THR C 275 -14.23 -2.92 -19.59
C THR C 275 -12.98 -2.11 -19.31
N ALA C 276 -11.93 -2.25 -20.15
CA ALA C 276 -10.76 -1.40 -19.98
C ALA C 276 -11.09 0.06 -20.29
N ASN C 277 -11.83 0.31 -21.37
CA ASN C 277 -12.18 1.69 -21.71
C ASN C 277 -12.89 2.38 -20.56
N THR C 278 -13.87 1.72 -19.94
CA THR C 278 -14.54 2.33 -18.78
C THR C 278 -13.55 2.61 -17.65
N THR C 279 -12.56 1.75 -17.50
CA THR C 279 -11.57 1.96 -16.46
C THR C 279 -10.75 3.20 -16.76
N LEU C 280 -10.34 3.33 -18.02
CA LEU C 280 -9.52 4.48 -18.42
C LEU C 280 -10.31 5.78 -18.34
N SER C 281 -11.52 5.79 -18.90
CA SER C 281 -12.41 6.93 -18.80
C SER C 281 -12.59 7.42 -17.35
N HIS C 282 -12.61 6.50 -16.39
CA HIS C 282 -12.67 6.96 -15.00
C HIS C 282 -11.35 7.60 -14.57
N TYR C 283 -10.21 7.05 -14.99
CA TYR C 283 -8.92 7.61 -14.60
C TYR C 283 -8.72 9.01 -15.16
N CYS C 284 -9.08 9.20 -16.43
CA CYS C 284 -9.06 10.50 -17.07
C CYS C 284 -9.91 11.49 -16.32
N ARG C 285 -11.16 11.13 -16.04
CA ARG C 285 -12.01 12.02 -15.26
C ARG C 285 -11.37 12.31 -13.90
N ASP C 286 -10.71 11.32 -13.30
CA ASP C 286 -10.08 11.54 -12.01
C ASP C 286 -8.83 12.39 -12.14
N ASN C 287 -8.18 12.40 -13.31
CA ASN C 287 -6.88 13.07 -13.39
C ASN C 287 -6.83 14.18 -14.43
N GLY C 288 -7.99 14.62 -14.90
CA GLY C 288 -8.05 15.76 -15.80
C GLY C 288 -7.55 15.53 -17.21
N LEU C 289 -7.43 14.30 -17.69
CA LEU C 289 -6.94 14.06 -19.05
C LEU C 289 -8.10 13.88 -20.02
N LEU C 290 -7.99 14.49 -21.20
CA LEU C 290 -8.95 14.20 -22.25
C LEU C 290 -8.71 12.81 -22.83
N LEU C 291 -9.78 12.11 -23.16
CA LEU C 291 -9.71 10.76 -23.70
C LEU C 291 -10.15 10.78 -25.16
N HIS C 292 -9.22 10.53 -26.08
CA HIS C 292 -9.53 10.44 -27.51
C HIS C 292 -9.81 8.99 -27.88
N ILE C 293 -10.98 8.72 -28.46
CA ILE C 293 -11.39 7.35 -28.75
C ILE C 293 -11.21 7.06 -30.23
N HIS C 294 -10.55 5.93 -30.53
CA HIS C 294 -10.39 5.41 -31.89
C HIS C 294 -11.30 4.20 -32.07
N ARG C 295 -11.88 4.06 -33.26
CA ARG C 295 -12.92 3.05 -33.47
C ARG C 295 -12.43 1.81 -34.22
N ALA C 296 -11.13 1.56 -34.18
CA ALA C 296 -10.53 0.37 -34.79
C ALA C 296 -11.36 -0.89 -34.53
N MET C 297 -11.69 -1.59 -35.61
CA MET C 297 -12.42 -2.85 -35.71
C MET C 297 -13.93 -2.62 -35.80
N HIS C 298 -14.42 -1.37 -35.79
CA HIS C 298 -15.85 -1.12 -35.95
C HIS C 298 -16.39 -1.62 -37.30
N ALA C 299 -15.59 -1.53 -38.37
CA ALA C 299 -16.09 -1.88 -39.69
C ALA C 299 -16.27 -3.39 -39.87
N VAL C 300 -15.64 -4.20 -39.04
CA VAL C 300 -15.93 -5.64 -39.02
C VAL C 300 -17.33 -5.89 -38.49
N ILE C 301 -17.82 -5.01 -37.63
CA ILE C 301 -19.13 -5.15 -37.00
C ILE C 301 -20.21 -4.42 -37.79
N ASP C 302 -19.88 -3.30 -38.44
CA ASP C 302 -20.90 -2.35 -38.88
C ASP C 302 -20.90 -1.99 -40.37
N ARG C 303 -20.12 -2.66 -41.23
CA ARG C 303 -20.06 -2.23 -42.63
C ARG C 303 -21.30 -2.67 -43.41
N GLN C 304 -21.90 -3.83 -43.07
CA GLN C 304 -22.86 -4.50 -43.94
C GLN C 304 -24.29 -4.40 -43.42
N LYS C 305 -25.21 -4.01 -44.31
CA LYS C 305 -26.59 -3.74 -43.93
C LYS C 305 -27.31 -4.97 -43.41
N ASN C 306 -26.93 -6.17 -43.86
CA ASN C 306 -27.69 -7.35 -43.49
C ASN C 306 -27.31 -7.89 -42.10
N HIS C 307 -26.05 -7.72 -41.66
CA HIS C 307 -25.58 -8.40 -40.46
C HIS C 307 -24.64 -7.53 -39.63
N GLY C 308 -24.71 -7.69 -38.30
CA GLY C 308 -23.86 -6.96 -37.37
C GLY C 308 -24.57 -5.95 -36.48
N MET C 309 -23.85 -4.88 -36.11
CA MET C 309 -24.39 -3.75 -35.38
C MET C 309 -23.98 -2.47 -36.09
N HIS C 310 -24.94 -1.56 -36.29
CA HIS C 310 -24.64 -0.26 -36.89
C HIS C 310 -23.79 0.60 -35.95
N PHE C 311 -22.97 1.50 -36.53
CA PHE C 311 -22.05 2.27 -35.72
C PHE C 311 -22.78 3.10 -34.67
N ARG C 312 -24.05 3.44 -34.94
CA ARG C 312 -24.76 4.33 -34.03
C ARG C 312 -25.01 3.67 -32.68
N VAL C 313 -25.10 2.34 -32.61
CA VAL C 313 -25.20 1.71 -31.30
C VAL C 313 -23.82 1.63 -30.64
N LEU C 314 -22.76 1.47 -31.42
CA LEU C 314 -21.41 1.50 -30.87
C LEU C 314 -21.05 2.90 -30.40
N ALA C 315 -21.49 3.93 -31.13
CA ALA C 315 -21.25 5.31 -30.69
C ALA C 315 -22.06 5.65 -29.45
N LYS C 316 -23.29 5.13 -29.35
CA LYS C 316 -24.04 5.34 -28.11
C LYS C 316 -23.31 4.74 -26.93
N ALA C 317 -22.70 3.57 -27.14
CA ALA C 317 -21.99 2.88 -26.08
C ALA C 317 -20.70 3.62 -25.70
N LEU C 318 -20.06 4.31 -26.64
CA LEU C 318 -18.87 5.08 -26.31
C LEU C 318 -19.21 6.28 -25.43
N ARG C 319 -20.36 6.91 -25.68
CA ARG C 319 -20.76 8.04 -24.87
C ARG C 319 -21.11 7.62 -23.43
N LEU C 320 -21.52 6.37 -23.23
CA LEU C 320 -21.75 5.86 -21.88
C LEU C 320 -20.44 5.40 -21.23
N SER C 321 -19.68 4.53 -21.92
CA SER C 321 -18.40 4.05 -21.38
C SER C 321 -17.48 5.22 -21.07
N GLY C 322 -17.36 6.16 -22.02
CA GLY C 322 -16.75 7.45 -21.81
C GLY C 322 -15.65 7.78 -22.81
N GLY C 323 -15.75 8.94 -23.43
CA GLY C 323 -14.70 9.40 -24.31
C GLY C 323 -15.02 10.84 -24.65
N ASP C 324 -13.99 11.68 -24.82
CA ASP C 324 -14.18 13.07 -25.20
C ASP C 324 -14.20 13.26 -26.71
N HIS C 325 -13.47 12.42 -27.46
CA HIS C 325 -13.52 12.39 -28.92
C HIS C 325 -13.92 10.99 -29.37
N ILE C 326 -14.62 10.91 -30.49
CA ILE C 326 -14.76 9.65 -31.20
C ILE C 326 -14.73 9.90 -32.69
N HIS C 327 -14.01 9.04 -33.41
CA HIS C 327 -13.96 9.09 -34.85
C HIS C 327 -15.35 8.85 -35.42
N SER C 328 -15.79 9.74 -36.30
CA SER C 328 -17.13 9.63 -36.83
C SER C 328 -17.17 9.41 -38.34
N GLY C 329 -16.01 9.29 -38.97
CA GLY C 329 -15.95 9.23 -40.42
C GLY C 329 -15.92 10.61 -41.04
N THR C 330 -15.73 10.62 -42.37
CA THR C 330 -15.58 11.85 -43.13
C THR C 330 -16.64 12.08 -44.19
N VAL C 331 -17.32 11.03 -44.65
CA VAL C 331 -18.23 11.02 -45.81
C VAL C 331 -17.42 11.13 -47.11
N VAL C 332 -16.55 12.14 -47.21
CA VAL C 332 -15.82 12.44 -48.46
C VAL C 332 -14.45 11.79 -48.55
N GLY C 333 -14.01 11.04 -47.54
CA GLY C 333 -12.67 10.48 -47.50
C GLY C 333 -12.62 9.04 -47.97
N LYS C 334 -11.52 8.35 -47.63
CA LYS C 334 -11.23 7.02 -48.16
C LYS C 334 -12.05 5.90 -47.51
N LEU C 335 -12.49 6.10 -46.27
CA LEU C 335 -13.31 5.13 -45.56
C LEU C 335 -14.79 5.41 -45.78
N GLU C 336 -15.61 4.37 -45.68
CA GLU C 336 -17.03 4.52 -45.98
C GLU C 336 -17.69 5.42 -44.94
N GLY C 337 -18.61 6.27 -45.42
CA GLY C 337 -19.41 7.15 -44.58
C GLY C 337 -20.54 7.84 -45.35
N GLU C 338 -21.79 7.56 -45.01
CA GLU C 338 -22.94 8.14 -45.71
C GLU C 338 -23.40 9.41 -45.02
N ARG C 339 -23.65 10.46 -45.80
CA ARG C 339 -23.84 11.80 -45.25
C ARG C 339 -24.99 11.86 -44.24
N ASP C 340 -26.18 11.40 -44.64
CA ASP C 340 -27.34 11.60 -43.77
C ASP C 340 -27.32 10.67 -42.57
N ILE C 341 -26.74 9.47 -42.71
CA ILE C 341 -26.57 8.54 -41.59
C ILE C 341 -25.59 9.09 -40.56
N THR C 342 -24.51 9.74 -41.02
CA THR C 342 -23.49 10.29 -40.12
C THR C 342 -24.00 11.53 -39.41
N LEU C 343 -24.85 12.32 -40.06
CA LEU C 343 -25.39 13.51 -39.43
C LEU C 343 -26.33 13.13 -38.30
N GLY C 344 -27.02 12.00 -38.45
CA GLY C 344 -27.90 11.53 -37.38
C GLY C 344 -27.12 11.04 -36.17
N PHE C 345 -26.08 10.22 -36.41
CA PHE C 345 -25.33 9.76 -35.25
C PHE C 345 -24.34 10.81 -34.74
N VAL C 346 -24.03 11.85 -35.53
CA VAL C 346 -23.22 12.96 -35.00
C VAL C 346 -24.04 13.79 -34.02
N ASP C 347 -25.32 14.05 -34.36
CA ASP C 347 -26.26 14.66 -33.42
C ASP C 347 -26.50 13.77 -32.20
N LEU C 348 -26.50 12.44 -32.40
CA LEU C 348 -26.62 11.51 -31.28
C LEU C 348 -25.41 11.62 -30.34
N LEU C 349 -24.21 11.82 -30.88
CA LEU C 349 -23.02 11.92 -30.03
C LEU C 349 -22.89 13.28 -29.36
N ARG C 350 -23.36 14.33 -30.03
CA ARG C 350 -23.17 15.70 -29.57
C ARG C 350 -24.28 16.19 -28.64
N ASP C 351 -25.53 15.78 -28.83
CA ASP C 351 -26.64 16.50 -28.23
C ASP C 351 -27.37 15.71 -27.14
N ASP C 352 -28.28 16.43 -26.45
CA ASP C 352 -29.03 15.93 -25.30
C ASP C 352 -30.32 15.22 -25.69
N TYR C 353 -30.87 15.50 -26.87
CA TYR C 353 -32.14 14.91 -27.24
C TYR C 353 -32.22 14.82 -28.75
N THR C 354 -32.62 13.66 -29.25
CA THR C 354 -32.70 13.45 -30.69
C THR C 354 -34.02 12.77 -31.02
N GLU C 355 -34.89 13.47 -31.75
CA GLU C 355 -36.15 12.86 -32.19
C GLU C 355 -35.87 11.68 -33.12
N LYS C 356 -36.77 10.71 -33.09
CA LYS C 356 -36.68 9.60 -34.03
C LYS C 356 -36.77 10.12 -35.46
N ASP C 357 -35.82 9.71 -36.30
CA ASP C 357 -35.78 10.12 -37.70
C ASP C 357 -35.33 8.93 -38.54
N ARG C 358 -36.28 8.29 -39.21
CA ARG C 358 -35.95 7.13 -40.02
C ARG C 358 -35.06 7.49 -41.20
N SER C 359 -35.14 8.73 -41.69
CA SER C 359 -34.37 9.13 -42.88
C SER C 359 -32.88 9.23 -42.56
N ARG C 360 -32.57 9.70 -41.35
CA ARG C 360 -31.20 9.84 -40.90
C ARG C 360 -30.73 8.61 -40.12
N GLY C 361 -31.55 7.56 -40.04
CA GLY C 361 -31.18 6.32 -39.35
C GLY C 361 -31.57 6.18 -37.90
N ILE C 362 -32.26 7.16 -37.30
CA ILE C 362 -32.57 7.13 -35.87
C ILE C 362 -33.89 6.39 -35.64
N TYR C 363 -33.81 5.17 -35.09
CA TYR C 363 -35.00 4.33 -34.92
C TYR C 363 -35.79 4.68 -33.65
N PHE C 364 -35.15 5.24 -32.63
CA PHE C 364 -35.84 5.68 -31.42
C PHE C 364 -35.38 7.09 -31.05
N THR C 365 -36.26 7.83 -30.35
CA THR C 365 -35.86 9.11 -29.78
C THR C 365 -34.97 8.87 -28.57
N GLN C 366 -33.89 9.62 -28.49
CA GLN C 366 -32.88 9.41 -27.46
C GLN C 366 -32.65 10.69 -26.68
N SER C 367 -32.73 10.60 -25.35
CA SER C 367 -32.33 11.70 -24.47
C SER C 367 -31.19 11.21 -23.58
N TRP C 368 -30.29 12.12 -23.22
CA TRP C 368 -29.04 11.80 -22.52
C TRP C 368 -28.93 12.37 -21.11
N VAL C 369 -30.01 12.98 -20.57
CA VAL C 369 -30.07 13.65 -19.26
C VAL C 369 -28.76 14.34 -18.88
N SER C 370 -28.28 15.21 -19.78
CA SER C 370 -27.11 16.06 -19.57
C SER C 370 -25.78 15.29 -19.48
N THR C 371 -25.75 14.01 -19.88
CA THR C 371 -24.49 13.34 -20.20
C THR C 371 -23.72 14.24 -21.16
N PRO C 372 -22.44 14.55 -20.89
CA PRO C 372 -21.69 15.43 -21.79
C PRO C 372 -21.71 14.95 -23.24
N GLY C 373 -21.64 15.90 -24.17
CA GLY C 373 -21.46 15.55 -25.57
C GLY C 373 -20.05 15.12 -25.92
N VAL C 374 -19.94 14.23 -26.93
CA VAL C 374 -18.66 13.75 -27.46
C VAL C 374 -18.34 14.54 -28.73
N LEU C 375 -17.05 14.83 -28.95
CA LEU C 375 -16.64 15.65 -30.09
C LEU C 375 -16.30 14.77 -31.30
N PRO C 376 -17.06 14.84 -32.39
CA PRO C 376 -16.82 13.97 -33.55
C PRO C 376 -15.51 14.29 -34.21
N VAL C 377 -14.84 13.26 -34.73
CA VAL C 377 -13.53 13.43 -35.36
C VAL C 377 -13.56 12.90 -36.79
N ALA C 378 -13.03 13.67 -37.73
CA ALA C 378 -13.06 13.32 -39.15
C ALA C 378 -11.63 13.10 -39.65
N SER C 379 -11.35 11.87 -40.09
CA SER C 379 -10.00 11.43 -40.42
C SER C 379 -10.02 10.47 -41.60
N GLY C 380 -8.94 10.47 -42.36
CA GLY C 380 -8.69 9.41 -43.31
C GLY C 380 -9.08 9.79 -44.71
N GLY C 381 -8.12 10.24 -45.51
CA GLY C 381 -8.33 10.50 -46.91
C GLY C 381 -8.69 11.92 -47.25
N ILE C 382 -8.74 12.82 -46.27
CA ILE C 382 -9.18 14.19 -46.49
C ILE C 382 -7.98 15.11 -46.69
N HIS C 383 -8.17 16.13 -47.53
CA HIS C 383 -7.13 17.11 -47.82
C HIS C 383 -7.79 18.46 -47.93
N VAL C 384 -6.98 19.47 -48.27
CA VAL C 384 -7.43 20.86 -48.21
C VAL C 384 -8.72 21.07 -49.01
N TRP C 385 -8.82 20.42 -50.17
CA TRP C 385 -10.02 20.59 -51.00
C TRP C 385 -11.29 20.10 -50.32
N HIS C 386 -11.17 19.23 -49.32
CA HIS C 386 -12.34 18.69 -48.62
C HIS C 386 -12.83 19.59 -47.50
N MET C 387 -12.04 20.59 -47.12
CA MET C 387 -12.35 21.37 -45.93
C MET C 387 -13.70 22.07 -45.96
N PRO C 388 -14.14 22.70 -47.06
CA PRO C 388 -15.46 23.35 -47.02
C PRO C 388 -16.59 22.36 -46.82
N ALA C 389 -16.54 21.20 -47.48
CA ALA C 389 -17.55 20.17 -47.20
C ALA C 389 -17.48 19.68 -45.76
N LEU C 390 -16.28 19.49 -45.21
CA LEU C 390 -16.19 19.06 -43.82
C LEU C 390 -16.81 20.11 -42.90
N THR C 391 -16.29 21.34 -42.96
CA THR C 391 -16.84 22.43 -42.16
C THR C 391 -18.35 22.51 -42.24
N GLU C 392 -18.93 22.18 -43.40
CA GLU C 392 -20.38 22.27 -43.58
C GLU C 392 -21.10 21.04 -43.04
N ILE C 393 -20.52 19.85 -43.21
CA ILE C 393 -21.12 18.64 -42.66
C ILE C 393 -21.08 18.65 -41.14
N PHE C 394 -19.91 18.92 -40.55
CA PHE C 394 -19.74 18.66 -39.14
C PHE C 394 -19.97 19.88 -38.24
N GLY C 395 -19.72 21.07 -38.73
CA GLY C 395 -19.84 22.25 -37.90
C GLY C 395 -18.60 22.52 -37.06
N ASP C 396 -18.71 23.53 -36.20
CA ASP C 396 -17.56 23.91 -35.38
C ASP C 396 -17.16 22.78 -34.44
N ASP C 397 -18.13 22.12 -33.83
CA ASP C 397 -17.80 21.14 -32.80
C ASP C 397 -17.34 19.85 -33.46
N SER C 398 -16.12 19.87 -33.97
CA SER C 398 -15.56 18.65 -34.54
C SER C 398 -14.05 18.76 -34.46
N VAL C 399 -13.36 17.67 -34.80
CA VAL C 399 -11.91 17.69 -35.03
C VAL C 399 -11.66 17.14 -36.42
N LEU C 400 -10.83 17.84 -37.19
CA LEU C 400 -10.53 17.45 -38.57
C LEU C 400 -9.10 16.98 -38.60
N GLN C 401 -8.88 15.75 -39.04
CA GLN C 401 -7.56 15.14 -38.89
C GLN C 401 -6.96 14.90 -40.26
N PHE C 402 -5.79 15.49 -40.49
CA PHE C 402 -5.06 15.36 -41.74
C PHE C 402 -3.75 14.65 -41.42
N GLY C 403 -3.69 13.35 -41.68
CA GLY C 403 -2.43 12.63 -41.55
C GLY C 403 -1.61 12.68 -42.80
N GLY C 404 -2.04 11.93 -43.82
CA GLY C 404 -1.46 12.07 -45.14
C GLY C 404 -1.48 13.51 -45.60
N GLY C 405 -2.58 14.20 -45.33
CA GLY C 405 -2.73 15.58 -45.77
C GLY C 405 -1.72 16.56 -45.20
N THR C 406 -1.13 16.24 -44.06
CA THR C 406 -0.11 17.13 -43.50
C THR C 406 1.28 16.65 -43.90
N LEU C 407 1.58 15.38 -43.68
CA LEU C 407 2.93 14.90 -43.90
C LEU C 407 3.29 14.79 -45.37
N GLY C 408 2.29 14.72 -46.25
CA GLY C 408 2.49 14.66 -47.68
C GLY C 408 2.70 15.99 -48.36
N HIS C 409 2.58 17.09 -47.62
CA HIS C 409 2.84 18.38 -48.22
C HIS C 409 4.29 18.44 -48.73
N PRO C 410 4.52 19.00 -49.91
CA PRO C 410 5.86 18.92 -50.51
C PRO C 410 6.89 19.75 -49.77
N TRP C 411 6.45 20.73 -48.98
CA TRP C 411 7.41 21.60 -48.31
C TRP C 411 7.73 21.13 -46.89
N GLY C 412 6.99 20.16 -46.35
CA GLY C 412 7.23 19.59 -45.04
C GLY C 412 5.99 19.66 -44.17
N ASN C 413 6.17 19.33 -42.89
CA ASN C 413 5.05 19.26 -41.94
C ASN C 413 4.55 20.63 -41.50
N ALA C 414 5.44 21.62 -41.39
CA ALA C 414 5.00 22.94 -40.91
C ALA C 414 4.25 23.70 -42.01
N PRO C 415 4.70 23.63 -43.27
CA PRO C 415 3.86 24.16 -44.35
C PRO C 415 2.56 23.39 -44.55
N GLY C 416 2.57 22.06 -44.38
CA GLY C 416 1.34 21.28 -44.49
C GLY C 416 0.36 21.57 -43.38
N ALA C 417 0.86 21.87 -42.19
CA ALA C 417 -0.01 22.36 -41.14
C ALA C 417 -0.62 23.71 -41.51
N VAL C 418 0.23 24.65 -41.91
CA VAL C 418 -0.25 25.98 -42.30
C VAL C 418 -1.32 25.89 -43.38
N ALA C 419 -1.11 25.01 -44.37
CA ALA C 419 -2.10 24.87 -45.43
C ALA C 419 -3.46 24.49 -44.88
N ASN C 420 -3.48 23.50 -43.98
CA ASN C 420 -4.76 23.04 -43.43
C ASN C 420 -5.33 24.04 -42.45
N ARG C 421 -4.47 24.72 -41.70
CA ARG C 421 -4.94 25.75 -40.78
C ARG C 421 -5.53 26.93 -41.55
N VAL C 422 -4.86 27.38 -42.63
CA VAL C 422 -5.37 28.48 -43.45
C VAL C 422 -6.68 28.08 -44.13
N ALA C 423 -6.76 26.84 -44.63
CA ALA C 423 -7.95 26.40 -45.34
C ALA C 423 -9.17 26.40 -44.44
N LEU C 424 -9.00 25.96 -43.19
CA LEU C 424 -10.12 25.97 -42.26
C LEU C 424 -10.55 27.40 -41.98
N GLU C 425 -9.60 28.27 -41.65
CA GLU C 425 -9.93 29.64 -41.26
C GLU C 425 -10.54 30.45 -42.42
N ALA C 426 -10.08 30.25 -43.66
CA ALA C 426 -10.76 30.82 -44.81
C ALA C 426 -12.19 30.34 -44.91
N CYS C 427 -12.42 29.04 -44.68
CA CYS C 427 -13.77 28.48 -44.68
C CYS C 427 -14.59 29.05 -43.54
N VAL C 428 -14.00 29.20 -42.34
CA VAL C 428 -14.73 29.76 -41.21
C VAL C 428 -15.12 31.20 -41.50
N GLN C 429 -14.18 32.00 -42.01
CA GLN C 429 -14.47 33.39 -42.31
C GLN C 429 -15.53 33.52 -43.39
N ALA C 430 -15.46 32.70 -44.43
CA ALA C 430 -16.43 32.81 -45.53
C ALA C 430 -17.82 32.41 -45.08
N ARG C 431 -17.93 31.33 -44.30
CA ARG C 431 -19.20 30.93 -43.71
C ARG C 431 -19.75 32.01 -42.78
N ASN C 432 -18.88 32.66 -41.98
CA ASN C 432 -19.32 33.71 -41.07
C ASN C 432 -19.76 34.95 -41.82
N GLU C 433 -19.15 35.21 -42.96
CA GLU C 433 -19.57 36.34 -43.78
C GLU C 433 -20.84 36.02 -44.55
N GLY C 434 -21.22 34.74 -44.62
CA GLY C 434 -22.50 34.33 -45.17
C GLY C 434 -22.43 33.56 -46.49
N ARG C 435 -21.24 33.31 -47.01
CA ARG C 435 -21.08 32.53 -48.24
C ARG C 435 -21.40 31.07 -47.96
N ASP C 436 -21.92 30.38 -48.97
CA ASP C 436 -22.26 28.96 -48.84
C ASP C 436 -21.02 28.13 -49.13
N LEU C 437 -20.61 27.33 -48.14
CA LEU C 437 -19.42 26.48 -48.28
C LEU C 437 -19.68 25.31 -49.24
N ALA C 438 -20.90 24.78 -49.29
CA ALA C 438 -21.17 23.72 -50.25
C ALA C 438 -21.08 24.22 -51.69
N ARG C 439 -21.63 25.40 -51.98
CA ARG C 439 -21.61 25.92 -53.34
C ARG C 439 -20.29 26.62 -53.69
N GLU C 440 -19.77 27.47 -52.82
CA GLU C 440 -18.63 28.33 -53.13
C GLU C 440 -17.31 27.83 -52.55
N GLY C 441 -17.24 26.59 -52.08
CA GLY C 441 -16.06 26.13 -51.35
C GLY C 441 -14.77 26.13 -52.15
N ASN C 442 -14.84 25.72 -53.43
CA ASN C 442 -13.65 25.72 -54.28
C ASN C 442 -13.15 27.12 -54.57
N THR C 443 -14.07 28.06 -54.77
CA THR C 443 -13.67 29.46 -54.90
C THR C 443 -13.02 29.97 -53.62
N ILE C 444 -13.57 29.59 -52.47
CA ILE C 444 -12.98 30.03 -51.21
C ILE C 444 -11.56 29.51 -51.07
N ILE C 445 -11.35 28.22 -51.37
CA ILE C 445 -10.00 27.66 -51.30
C ILE C 445 -9.07 28.41 -52.25
N ARG C 446 -9.57 28.73 -53.44
CA ARG C 446 -8.73 29.31 -54.49
C ARG C 446 -8.26 30.69 -54.08
N GLU C 447 -9.19 31.55 -53.65
CA GLU C 447 -8.81 32.89 -53.20
C GLU C 447 -7.73 32.82 -52.15
N ALA C 448 -7.78 31.82 -51.27
CA ALA C 448 -6.79 31.70 -50.21
C ALA C 448 -5.41 31.32 -50.76
N THR C 449 -5.36 30.58 -51.88
CA THR C 449 -4.08 30.16 -52.45
C THR C 449 -3.27 31.33 -53.00
N LYS C 450 -3.92 32.46 -53.32
CA LYS C 450 -3.24 33.62 -53.89
C LYS C 450 -2.41 34.38 -52.85
N TRP C 451 -2.83 34.41 -51.57
CA TRP C 451 -2.06 35.09 -50.54
C TRP C 451 -1.30 34.11 -49.61
N SER C 452 -1.49 32.81 -49.76
CA SER C 452 -0.77 31.84 -48.93
C SER C 452 0.00 30.85 -49.81
N PRO C 453 1.34 30.91 -49.80
CA PRO C 453 2.12 29.97 -50.63
C PRO C 453 1.97 28.51 -50.20
N GLU C 454 1.70 28.27 -48.91
CA GLU C 454 1.64 26.91 -48.40
C GLU C 454 0.33 26.25 -48.80
N LEU C 455 -0.78 26.98 -48.72
CA LEU C 455 -2.04 26.43 -49.23
C LEU C 455 -1.95 26.20 -50.73
N ALA C 456 -1.28 27.11 -51.44
CA ALA C 456 -1.12 26.96 -52.88
C ALA C 456 -0.33 25.70 -53.21
N ALA C 457 0.77 25.43 -52.47
CA ALA C 457 1.57 24.25 -52.78
C ALA C 457 0.78 22.97 -52.55
N ALA C 458 -0.07 22.96 -51.51
CA ALA C 458 -0.84 21.77 -51.19
C ALA C 458 -1.97 21.56 -52.19
N CYS C 459 -2.63 22.65 -52.60
CA CYS C 459 -3.77 22.53 -53.48
C CYS C 459 -3.36 21.94 -54.83
N GLU C 460 -2.12 22.14 -55.23
CA GLU C 460 -1.68 21.64 -56.52
C GLU C 460 -1.41 20.16 -56.50
N VAL C 461 -1.08 19.60 -55.32
CA VAL C 461 -0.78 18.18 -55.23
C VAL C 461 -2.05 17.36 -55.25
N TRP C 462 -3.07 17.82 -54.52
CA TRP C 462 -4.25 17.03 -54.28
C TRP C 462 -5.45 17.53 -55.08
N LYS C 463 -5.18 18.34 -56.12
CA LYS C 463 -6.26 18.98 -56.86
C LYS C 463 -7.26 17.97 -57.42
N GLU C 464 -6.78 16.83 -57.92
CA GLU C 464 -7.63 15.90 -58.65
C GLU C 464 -8.06 14.69 -57.81
N ILE C 465 -7.85 14.71 -56.52
CA ILE C 465 -8.05 13.53 -55.68
C ILE C 465 -9.44 13.57 -55.06
N LYS C 466 -10.11 12.41 -55.07
CA LYS C 466 -11.51 12.26 -54.68
C LYS C 466 -11.77 10.79 -54.39
N PHE C 467 -12.73 10.53 -53.51
CA PHE C 467 -13.07 9.16 -53.10
C PHE C 467 -14.57 8.95 -53.32
N GLU C 468 -14.96 8.55 -54.52
CA GLU C 468 -16.36 8.33 -54.86
C GLU C 468 -16.56 6.88 -55.28
N PHE C 469 -17.23 6.12 -54.42
CA PHE C 469 -17.57 4.72 -54.63
C PHE C 469 -19.02 4.53 -54.21
N PRO C 470 -19.68 3.47 -54.66
CA PRO C 470 -21.03 3.21 -54.20
C PRO C 470 -21.04 2.79 -52.74
N ALA C 471 -22.02 3.29 -52.00
CA ALA C 471 -22.17 2.93 -50.60
C ALA C 471 -22.64 1.49 -50.43
N MET C 472 -22.16 0.86 -49.36
CA MET C 472 -22.53 -0.50 -48.98
C MET C 472 -23.69 -0.53 -47.99
N ASP C 473 -23.93 0.60 -47.30
CA ASP C 473 -24.93 0.76 -46.26
C ASP C 473 -25.50 2.17 -46.41
N THR C 474 -26.26 2.39 -47.48
CA THR C 474 -27.19 3.50 -47.47
C THR C 474 -28.37 3.13 -46.58
N VAL C 475 -29.15 4.13 -46.19
CA VAL C 475 -30.19 3.93 -45.20
C VAL C 475 -31.32 3.04 -45.75
N ALA D 9 20.50 3.88 -49.55
CA ALA D 9 19.76 3.98 -50.82
C ALA D 9 18.48 4.77 -50.63
N SER D 10 18.55 6.07 -50.88
CA SER D 10 17.47 7.00 -50.54
C SER D 10 16.85 7.54 -51.83
N VAL D 11 15.59 7.18 -52.08
CA VAL D 11 14.85 7.79 -53.18
C VAL D 11 14.55 9.24 -52.82
N GLU D 12 14.30 10.05 -53.85
CA GLU D 12 13.83 11.41 -53.62
C GLU D 12 12.38 11.40 -53.15
N PHE D 13 11.99 12.45 -52.44
CA PHE D 13 10.61 12.60 -52.00
C PHE D 13 9.81 13.30 -53.09
N LYS D 14 8.74 12.64 -53.55
CA LYS D 14 7.82 13.18 -54.55
C LYS D 14 6.41 13.15 -53.98
N ALA D 15 5.85 14.32 -53.70
CA ALA D 15 4.52 14.39 -53.11
C ALA D 15 3.47 13.83 -54.08
N GLY D 16 2.39 13.32 -53.53
CA GLY D 16 1.26 12.89 -54.31
C GLY D 16 0.94 11.41 -54.14
N VAL D 17 -0.24 11.05 -54.63
CA VAL D 17 -0.76 9.69 -54.44
C VAL D 17 -0.20 8.77 -55.52
N LYS D 18 0.17 7.56 -55.10
CA LYS D 18 0.63 6.47 -55.94
C LYS D 18 -0.20 5.25 -55.64
N ASP D 19 -0.24 4.33 -56.59
CA ASP D 19 -1.01 3.11 -56.40
C ASP D 19 -0.37 2.25 -55.31
N TYR D 20 -1.22 1.70 -54.45
CA TYR D 20 -0.73 0.89 -53.32
C TYR D 20 0.10 -0.29 -53.82
N LYS D 21 -0.26 -0.88 -54.97
CA LYS D 21 0.44 -2.04 -55.53
C LYS D 21 1.91 -1.74 -55.84
N LEU D 22 2.26 -0.46 -56.04
CA LEU D 22 3.65 -0.13 -56.35
C LEU D 22 4.60 -0.38 -55.19
N THR D 23 4.10 -0.42 -53.95
CA THR D 23 4.96 -0.65 -52.81
C THR D 23 4.51 -1.82 -51.95
N TYR D 24 3.24 -2.18 -52.00
CA TYR D 24 2.70 -3.15 -51.06
C TYR D 24 2.17 -4.43 -51.72
N TYR D 25 2.30 -4.60 -53.04
CA TYR D 25 2.02 -5.88 -53.67
C TYR D 25 3.35 -6.48 -54.09
N THR D 26 3.77 -7.54 -53.41
CA THR D 26 5.07 -8.15 -53.65
C THR D 26 4.87 -9.65 -53.87
N PRO D 27 4.40 -10.02 -55.05
CA PRO D 27 4.09 -11.45 -55.31
C PRO D 27 5.31 -12.34 -55.22
N GLU D 28 6.51 -11.80 -55.46
CA GLU D 28 7.76 -12.55 -55.37
C GLU D 28 8.24 -12.80 -53.93
N TYR D 29 7.67 -12.11 -52.94
CA TYR D 29 8.19 -12.16 -51.58
C TYR D 29 8.04 -13.54 -50.94
N GLU D 30 9.08 -13.99 -50.26
CA GLU D 30 9.05 -15.27 -49.56
C GLU D 30 8.86 -15.02 -48.07
N THR D 31 7.86 -15.68 -47.49
CA THR D 31 7.47 -15.42 -46.12
C THR D 31 8.56 -15.83 -45.14
N LEU D 32 8.78 -15.01 -44.12
CA LEU D 32 9.65 -15.36 -43.01
C LEU D 32 8.85 -16.11 -41.95
N ASP D 33 9.51 -17.03 -41.25
CA ASP D 33 8.83 -17.72 -40.17
C ASP D 33 8.43 -16.77 -39.06
N THR D 34 9.12 -15.63 -38.94
CA THR D 34 8.77 -14.62 -37.96
C THR D 34 7.54 -13.81 -38.36
N ASP D 35 7.15 -13.85 -39.63
CA ASP D 35 6.04 -13.04 -40.12
C ASP D 35 4.71 -13.52 -39.55
N ILE D 36 3.80 -12.58 -39.30
CA ILE D 36 2.39 -12.94 -39.10
C ILE D 36 1.75 -12.99 -40.47
N LEU D 37 1.08 -14.09 -40.79
CA LEU D 37 0.41 -14.20 -42.09
C LEU D 37 -1.09 -14.10 -41.89
N ALA D 38 -1.76 -13.37 -42.78
CA ALA D 38 -3.21 -13.27 -42.72
C ALA D 38 -3.79 -13.69 -44.07
N ALA D 39 -4.86 -14.49 -44.03
CA ALA D 39 -5.62 -14.81 -45.24
C ALA D 39 -6.90 -13.97 -45.24
N PHE D 40 -7.03 -13.10 -46.23
CA PHE D 40 -8.13 -12.15 -46.31
C PHE D 40 -9.05 -12.51 -47.48
N ARG D 41 -10.36 -12.59 -47.22
CA ARG D 41 -11.34 -12.76 -48.29
C ARG D 41 -11.80 -11.36 -48.73
N VAL D 42 -11.31 -10.91 -49.89
CA VAL D 42 -11.46 -9.52 -50.34
C VAL D 42 -12.46 -9.46 -51.47
N SER D 43 -13.51 -8.66 -51.30
CA SER D 43 -14.44 -8.34 -52.38
C SER D 43 -14.23 -6.90 -52.85
N PRO D 44 -13.37 -6.68 -53.85
CA PRO D 44 -13.07 -5.33 -54.32
C PRO D 44 -14.28 -4.67 -54.93
N GLN D 45 -14.27 -3.32 -54.92
CA GLN D 45 -15.35 -2.63 -55.61
C GLN D 45 -15.07 -2.66 -57.12
N PRO D 46 -16.11 -2.57 -57.97
CA PRO D 46 -15.88 -2.51 -59.42
C PRO D 46 -14.86 -1.46 -59.80
N GLY D 47 -13.98 -1.82 -60.74
CA GLY D 47 -12.92 -0.91 -61.17
C GLY D 47 -11.67 -0.89 -60.30
N VAL D 48 -11.64 -1.62 -59.20
CA VAL D 48 -10.43 -1.75 -58.39
C VAL D 48 -9.82 -3.10 -58.71
N PRO D 49 -8.62 -3.15 -59.27
CA PRO D 49 -8.00 -4.44 -59.60
C PRO D 49 -7.73 -5.20 -58.32
N PRO D 50 -7.81 -6.54 -58.36
CA PRO D 50 -7.56 -7.32 -57.15
C PRO D 50 -6.19 -7.09 -56.55
N GLU D 51 -5.18 -6.74 -57.36
CA GLU D 51 -3.86 -6.45 -56.81
C GLU D 51 -3.84 -5.15 -56.02
N GLU D 52 -4.55 -4.13 -56.51
CA GLU D 52 -4.65 -2.88 -55.75
C GLU D 52 -5.36 -3.09 -54.43
N ALA D 53 -6.36 -3.99 -54.40
CA ALA D 53 -7.14 -4.23 -53.20
C ALA D 53 -6.32 -4.92 -52.13
N GLY D 54 -5.62 -6.00 -52.50
CA GLY D 54 -4.74 -6.64 -51.55
C GLY D 54 -3.65 -5.72 -51.06
N ALA D 55 -3.11 -4.89 -51.96
CA ALA D 55 -2.06 -3.93 -51.61
C ALA D 55 -2.60 -2.83 -50.69
N ALA D 56 -3.84 -2.42 -50.92
CA ALA D 56 -4.49 -1.49 -50.01
C ALA D 56 -4.65 -2.09 -48.61
N VAL D 57 -5.06 -3.36 -48.54
CA VAL D 57 -5.27 -4.00 -47.25
C VAL D 57 -3.94 -4.14 -46.49
N ALA D 58 -2.88 -4.51 -47.21
CA ALA D 58 -1.56 -4.60 -46.60
C ALA D 58 -1.07 -3.23 -46.14
N ALA D 59 -1.17 -2.22 -47.02
CA ALA D 59 -0.63 -0.89 -46.75
C ALA D 59 -1.26 -0.26 -45.51
N GLU D 60 -2.58 -0.19 -45.49
CA GLU D 60 -3.26 0.53 -44.43
C GLU D 60 -3.40 -0.29 -43.14
N SER D 61 -3.06 -1.58 -43.17
CA SER D 61 -2.94 -2.37 -41.97
C SER D 61 -1.52 -2.43 -41.44
N SER D 62 -0.61 -1.59 -41.94
CA SER D 62 0.80 -1.72 -41.59
C SER D 62 1.53 -0.39 -41.53
N THR D 63 1.93 0.18 -42.68
CA THR D 63 2.75 1.39 -42.66
C THR D 63 2.30 2.45 -43.65
N GLY D 64 1.16 2.30 -44.29
CA GLY D 64 0.87 3.22 -45.38
C GLY D 64 -0.36 4.08 -45.22
N THR D 65 -0.37 5.21 -45.93
CA THR D 65 -1.55 6.07 -46.01
C THR D 65 -1.76 6.43 -47.47
N TRP D 66 -2.79 7.25 -47.73
CA TRP D 66 -3.33 7.44 -49.07
C TRP D 66 -2.40 8.21 -50.01
N THR D 67 -1.42 8.94 -49.47
CA THR D 67 -0.51 9.74 -50.29
C THR D 67 0.91 9.59 -49.77
N THR D 68 1.90 9.94 -50.59
CA THR D 68 3.29 9.73 -50.23
C THR D 68 3.73 10.72 -49.17
N VAL D 69 4.33 10.21 -48.10
CA VAL D 69 4.80 11.04 -47.00
C VAL D 69 6.32 11.02 -46.96
N TRP D 70 6.91 12.16 -46.61
CA TRP D 70 8.36 12.25 -46.65
C TRP D 70 9.03 11.41 -45.57
N THR D 71 8.35 11.18 -44.45
CA THR D 71 8.93 10.46 -43.32
C THR D 71 9.28 9.01 -43.64
N ASP D 72 8.87 8.49 -44.79
CA ASP D 72 9.23 7.11 -45.16
C ASP D 72 10.73 6.98 -45.37
N GLY D 73 11.38 8.02 -45.89
CA GLY D 73 12.82 8.07 -46.05
C GLY D 73 13.62 8.04 -44.75
N LEU D 74 12.98 8.26 -43.60
CA LEU D 74 13.71 8.13 -42.35
C LEU D 74 13.74 6.69 -41.84
N THR D 75 12.81 5.86 -42.26
CA THR D 75 12.89 4.44 -41.96
C THR D 75 13.34 3.68 -43.20
N ASN D 76 13.49 2.38 -43.04
CA ASN D 76 13.56 1.46 -44.15
C ASN D 76 12.17 0.83 -44.24
N LEU D 77 11.36 1.31 -45.18
CA LEU D 77 9.98 0.81 -45.24
C LEU D 77 9.95 -0.66 -45.60
N ASP D 78 10.87 -1.11 -46.47
CA ASP D 78 10.89 -2.52 -46.87
C ASP D 78 11.02 -3.45 -45.68
N ARG D 79 11.71 -3.03 -44.63
CA ARG D 79 11.80 -3.86 -43.44
C ARG D 79 10.45 -3.98 -42.74
N TYR D 80 9.71 -2.88 -42.62
CA TYR D 80 8.48 -2.92 -41.81
C TYR D 80 7.19 -3.14 -42.59
N LYS D 81 7.14 -2.85 -43.90
CA LYS D 81 5.86 -2.81 -44.60
C LYS D 81 5.19 -4.18 -44.70
N GLY D 82 3.86 -4.18 -44.54
CA GLY D 82 3.08 -5.37 -44.81
C GLY D 82 2.99 -5.64 -46.30
N ARG D 83 2.99 -6.91 -46.67
CA ARG D 83 3.15 -7.30 -48.06
C ARG D 83 1.99 -8.21 -48.47
N CYS D 84 1.35 -7.89 -49.59
CA CYS D 84 0.46 -8.84 -50.25
C CYS D 84 1.32 -9.71 -51.16
N TYR D 85 1.42 -11.00 -50.85
CA TYR D 85 2.36 -11.87 -51.55
C TYR D 85 1.66 -12.98 -52.33
N HIS D 86 0.38 -13.19 -52.15
CA HIS D 86 -0.34 -14.10 -53.03
C HIS D 86 -1.77 -13.61 -53.22
N ILE D 87 -2.29 -13.82 -54.42
CA ILE D 87 -3.70 -13.58 -54.73
C ILE D 87 -4.24 -14.81 -55.42
N GLU D 88 -5.37 -15.32 -54.93
CA GLU D 88 -6.02 -16.52 -55.41
C GLU D 88 -7.48 -16.16 -55.62
N PRO D 89 -8.05 -16.41 -56.80
CA PRO D 89 -9.47 -16.17 -56.99
C PRO D 89 -10.30 -17.24 -56.30
N VAL D 90 -11.53 -16.89 -55.95
CA VAL D 90 -12.40 -17.80 -55.22
C VAL D 90 -13.35 -18.47 -56.21
N ALA D 91 -13.46 -19.79 -56.12
CA ALA D 91 -14.24 -20.53 -57.11
C ALA D 91 -15.71 -20.15 -57.03
N GLY D 92 -16.31 -19.92 -58.19
CA GLY D 92 -17.70 -19.57 -58.26
C GLY D 92 -17.97 -18.13 -57.88
N GLU D 93 -16.91 -17.35 -57.71
CA GLU D 93 -17.05 -15.96 -57.29
C GLU D 93 -16.17 -15.10 -58.19
N GLU D 94 -16.79 -14.15 -58.88
CA GLU D 94 -16.06 -13.10 -59.55
C GLU D 94 -15.98 -11.90 -58.63
N ASN D 95 -14.89 -11.12 -58.77
CA ASN D 95 -14.63 -9.98 -57.90
C ASN D 95 -14.57 -10.40 -56.42
N GLN D 96 -14.14 -11.63 -56.16
CA GLN D 96 -13.76 -12.04 -54.79
C GLN D 96 -12.46 -12.84 -54.88
N TYR D 97 -11.51 -12.53 -53.99
CA TYR D 97 -10.18 -13.14 -54.03
C TYR D 97 -9.68 -13.38 -52.62
N ILE D 98 -8.96 -14.48 -52.42
CA ILE D 98 -8.26 -14.72 -51.16
C ILE D 98 -6.88 -14.07 -51.29
N CYS D 99 -6.63 -13.05 -50.47
CA CYS D 99 -5.37 -12.31 -50.49
C CYS D 99 -4.57 -12.66 -49.24
N TYR D 100 -3.27 -12.93 -49.42
CA TYR D 100 -2.39 -13.35 -48.33
C TYR D 100 -1.46 -12.20 -48.02
N VAL D 101 -1.42 -11.79 -46.75
CA VAL D 101 -0.60 -10.65 -46.34
C VAL D 101 0.42 -11.14 -45.31
N ALA D 102 1.65 -10.65 -45.44
CA ALA D 102 2.71 -10.93 -44.48
C ALA D 102 3.02 -9.64 -43.74
N TYR D 103 3.03 -9.71 -42.41
CA TYR D 103 3.38 -8.61 -41.50
C TYR D 103 4.63 -8.98 -40.72
N PRO D 104 5.70 -8.19 -40.83
CA PRO D 104 6.91 -8.44 -40.02
C PRO D 104 6.62 -8.43 -38.52
N LEU D 105 7.38 -9.26 -37.78
CA LEU D 105 7.24 -9.40 -36.33
C LEU D 105 7.35 -8.06 -35.61
N ASP D 106 8.22 -7.17 -36.09
CA ASP D 106 8.47 -5.87 -35.47
C ASP D 106 7.21 -5.03 -35.27
N LEU D 107 6.15 -5.28 -36.03
CA LEU D 107 4.97 -4.42 -36.02
C LEU D 107 4.08 -4.63 -34.81
N PHE D 108 4.35 -5.66 -34.01
CA PHE D 108 3.41 -6.18 -33.02
C PHE D 108 3.95 -6.03 -31.58
N GLU D 109 3.12 -5.48 -30.69
CA GLU D 109 3.47 -5.40 -29.28
C GLU D 109 3.40 -6.79 -28.65
N GLU D 110 4.44 -7.15 -27.92
CA GLU D 110 4.52 -8.48 -27.35
C GLU D 110 3.40 -8.74 -26.36
N GLY D 111 2.73 -9.88 -26.50
CA GLY D 111 1.69 -10.25 -25.58
C GLY D 111 0.36 -9.55 -25.76
N SER D 112 0.20 -8.70 -26.78
CA SER D 112 -1.03 -7.93 -26.91
C SER D 112 -1.86 -8.45 -28.10
N VAL D 113 -2.84 -9.31 -27.80
CA VAL D 113 -3.89 -9.63 -28.78
C VAL D 113 -4.51 -8.34 -29.31
N THR D 114 -4.74 -7.36 -28.42
CA THR D 114 -5.33 -6.08 -28.81
C THR D 114 -4.51 -5.41 -29.90
N ASN D 115 -3.19 -5.34 -29.73
CA ASN D 115 -2.37 -4.70 -30.76
C ASN D 115 -2.40 -5.48 -32.06
N MET D 116 -2.47 -6.82 -31.98
CA MET D 116 -2.46 -7.65 -33.17
C MET D 116 -3.69 -7.38 -34.03
N PHE D 117 -4.87 -7.31 -33.39
CA PHE D 117 -6.11 -7.02 -34.08
C PHE D 117 -6.19 -5.56 -34.52
N THR D 118 -5.49 -4.66 -33.84
CA THR D 118 -5.62 -3.25 -34.18
C THR D 118 -4.91 -2.91 -35.48
N SER D 119 -3.80 -3.58 -35.77
CA SER D 119 -3.22 -3.44 -37.10
C SER D 119 -4.03 -4.19 -38.14
N ILE D 120 -4.36 -5.45 -37.87
CA ILE D 120 -4.83 -6.34 -38.92
C ILE D 120 -6.28 -6.05 -39.30
N VAL D 121 -7.18 -5.89 -38.32
CA VAL D 121 -8.60 -5.65 -38.62
C VAL D 121 -9.04 -4.22 -38.27
N GLY D 122 -8.11 -3.29 -38.06
CA GLY D 122 -8.49 -2.00 -37.51
C GLY D 122 -9.35 -1.12 -38.40
N ASN D 123 -8.80 -0.70 -39.55
CA ASN D 123 -9.42 0.28 -40.42
C ASN D 123 -9.84 -0.30 -41.77
N VAL D 124 -9.23 -1.41 -42.19
CA VAL D 124 -9.24 -1.80 -43.59
C VAL D 124 -10.65 -2.22 -44.06
N PHE D 125 -11.45 -2.81 -43.16
CA PHE D 125 -12.77 -3.30 -43.51
C PHE D 125 -13.75 -2.19 -43.87
N GLY D 126 -13.46 -0.95 -43.50
CA GLY D 126 -14.31 0.18 -43.85
C GLY D 126 -13.89 0.96 -45.08
N PHE D 127 -12.86 0.52 -45.81
CA PHE D 127 -12.41 1.23 -47.00
C PHE D 127 -13.47 1.23 -48.08
N LYS D 128 -13.60 2.38 -48.75
CA LYS D 128 -14.61 2.52 -49.77
C LYS D 128 -14.34 1.59 -50.94
N ALA D 129 -13.07 1.33 -51.27
CA ALA D 129 -12.69 0.56 -52.44
C ALA D 129 -12.99 -0.92 -52.29
N LEU D 130 -13.38 -1.37 -51.09
CA LEU D 130 -13.82 -2.74 -50.88
C LEU D 130 -15.34 -2.79 -50.75
N ARG D 131 -15.92 -3.86 -51.27
CA ARG D 131 -17.33 -4.13 -50.99
C ARG D 131 -17.51 -4.88 -49.68
N ALA D 132 -16.52 -5.71 -49.33
CA ALA D 132 -16.58 -6.60 -48.18
C ALA D 132 -15.19 -7.14 -47.95
N LEU D 133 -14.86 -7.41 -46.69
CA LEU D 133 -13.60 -8.04 -46.31
C LEU D 133 -13.85 -9.04 -45.19
N ARG D 134 -13.19 -10.20 -45.26
CA ARG D 134 -13.27 -11.20 -44.19
C ARG D 134 -11.88 -11.75 -43.89
N LEU D 135 -11.52 -11.81 -42.60
CA LEU D 135 -10.28 -12.45 -42.20
C LEU D 135 -10.57 -13.92 -41.95
N GLU D 136 -10.06 -14.78 -42.83
CA GLU D 136 -10.37 -16.20 -42.66
C GLU D 136 -9.44 -16.87 -41.65
N ASP D 137 -8.13 -16.61 -41.73
CA ASP D 137 -7.16 -17.30 -40.89
C ASP D 137 -5.98 -16.36 -40.64
N LEU D 138 -5.24 -16.63 -39.57
CA LEU D 138 -4.03 -15.90 -39.24
C LEU D 138 -2.94 -16.92 -38.97
N ARG D 139 -1.73 -16.69 -39.43
CA ARG D 139 -0.61 -17.56 -39.10
C ARG D 139 0.25 -16.86 -38.06
N ILE D 140 0.20 -17.32 -36.82
CA ILE D 140 0.97 -16.71 -35.74
C ILE D 140 2.33 -17.41 -35.67
N PRO D 141 3.43 -16.69 -35.89
CA PRO D 141 4.75 -17.28 -35.75
C PRO D 141 4.99 -17.65 -34.29
N VAL D 142 5.66 -18.78 -34.09
CA VAL D 142 5.98 -19.25 -32.73
C VAL D 142 6.79 -18.23 -31.93
N ALA D 143 7.52 -17.32 -32.60
CA ALA D 143 8.21 -16.25 -31.88
C ALA D 143 7.22 -15.26 -31.27
N TYR D 144 6.06 -15.07 -31.89
CA TYR D 144 5.01 -14.30 -31.23
C TYR D 144 4.33 -15.11 -30.11
N VAL D 145 4.05 -16.39 -30.36
CA VAL D 145 3.37 -17.25 -29.38
C VAL D 145 4.12 -17.24 -28.04
N LYS D 146 5.45 -17.32 -28.07
CA LYS D 146 6.20 -17.40 -26.82
C LYS D 146 6.01 -16.17 -25.95
N THR D 147 5.63 -15.03 -26.55
CA THR D 147 5.43 -13.79 -25.81
C THR D 147 4.12 -13.77 -25.04
N PHE D 148 3.23 -14.72 -25.27
CA PHE D 148 1.93 -14.72 -24.59
C PHE D 148 1.92 -15.77 -23.49
N GLN D 149 1.15 -15.51 -22.43
CA GLN D 149 1.08 -16.46 -21.34
C GLN D 149 0.32 -17.71 -21.75
N GLY D 150 -0.66 -17.57 -22.61
CA GLY D 150 -1.47 -18.69 -23.00
C GLY D 150 -2.53 -18.94 -21.96
N PRO D 151 -3.14 -20.12 -22.01
CA PRO D 151 -4.09 -20.48 -20.97
C PRO D 151 -3.44 -20.45 -19.61
N PRO D 152 -4.19 -20.09 -18.57
CA PRO D 152 -3.63 -20.13 -17.21
C PRO D 152 -3.29 -21.54 -16.75
N HIS D 153 -4.03 -22.54 -17.21
CA HIS D 153 -3.73 -23.91 -16.78
C HIS D 153 -3.62 -24.86 -17.97
N GLY D 154 -4.63 -24.91 -18.82
CA GLY D 154 -4.62 -25.81 -19.96
C GLY D 154 -5.42 -27.06 -19.69
N ILE D 155 -5.42 -27.96 -20.68
CA ILE D 155 -6.29 -29.14 -20.62
C ILE D 155 -5.77 -30.15 -19.61
N GLN D 156 -4.47 -30.47 -19.68
CA GLN D 156 -3.91 -31.52 -18.84
C GLN D 156 -3.96 -31.15 -17.37
N VAL D 157 -3.64 -29.89 -17.04
CA VAL D 157 -3.62 -29.51 -15.63
C VAL D 157 -5.04 -29.47 -15.09
N GLU D 158 -6.01 -29.06 -15.92
CA GLU D 158 -7.37 -28.96 -15.39
C GLU D 158 -7.93 -30.34 -15.05
N ARG D 159 -7.71 -31.33 -15.92
CA ARG D 159 -8.08 -32.71 -15.59
C ARG D 159 -7.36 -33.18 -14.33
N ASP D 160 -6.07 -32.90 -14.21
CA ASP D 160 -5.31 -33.32 -13.03
C ASP D 160 -5.81 -32.64 -11.76
N LYS D 161 -6.07 -31.32 -11.81
CA LYS D 161 -6.45 -30.61 -10.61
C LYS D 161 -7.82 -31.06 -10.12
N LEU D 162 -8.71 -31.40 -11.05
CA LEU D 162 -10.06 -31.84 -10.73
C LEU D 162 -10.19 -33.34 -10.58
N ASN D 163 -9.15 -34.10 -10.93
CA ASN D 163 -9.16 -35.57 -10.87
C ASN D 163 -10.33 -36.16 -11.65
N LYS D 164 -10.52 -35.67 -12.87
CA LYS D 164 -11.56 -36.17 -13.77
C LYS D 164 -10.89 -36.63 -15.06
N TYR D 165 -10.91 -37.94 -15.32
CA TYR D 165 -10.29 -38.50 -16.52
C TYR D 165 -11.26 -39.42 -17.25
N GLY D 166 -11.04 -39.57 -18.55
CA GLY D 166 -11.65 -40.63 -19.34
C GLY D 166 -12.97 -40.32 -20.00
N ARG D 167 -13.44 -39.08 -19.98
CA ARG D 167 -14.76 -38.76 -20.49
C ARG D 167 -14.86 -37.25 -20.67
N PRO D 168 -15.83 -36.77 -21.46
CA PRO D 168 -16.07 -35.32 -21.52
C PRO D 168 -16.70 -34.82 -20.24
N LEU D 169 -16.38 -33.58 -19.89
CA LEU D 169 -16.92 -33.04 -18.65
C LEU D 169 -18.33 -32.52 -18.89
N LEU D 170 -19.17 -32.58 -17.86
CA LEU D 170 -20.58 -32.23 -17.99
C LEU D 170 -20.87 -30.93 -17.23
N GLY D 171 -21.59 -30.03 -17.89
CA GLY D 171 -21.93 -28.77 -17.29
C GLY D 171 -23.41 -28.48 -17.45
N CYS D 172 -23.86 -27.49 -16.73
CA CYS D 172 -25.20 -26.93 -16.91
C CYS D 172 -25.11 -25.41 -16.89
N THR D 173 -25.98 -24.77 -17.65
CA THR D 173 -26.19 -23.33 -17.54
C THR D 173 -27.52 -23.14 -16.82
N ILE D 174 -27.46 -22.52 -15.63
CA ILE D 174 -28.67 -22.27 -14.85
C ILE D 174 -29.66 -21.43 -15.65
N LYS D 175 -30.93 -21.78 -15.58
CA LYS D 175 -32.00 -21.11 -16.28
C LYS D 175 -33.09 -20.79 -15.27
N PRO D 176 -33.95 -19.78 -15.52
CA PRO D 176 -33.99 -18.86 -16.66
C PRO D 176 -32.74 -18.01 -16.72
N LYS D 177 -32.41 -17.45 -17.88
CA LYS D 177 -31.12 -16.77 -18.05
C LYS D 177 -30.95 -15.65 -17.04
N LEU D 178 -31.98 -14.83 -16.89
CA LEU D 178 -32.01 -13.72 -15.95
C LEU D 178 -33.26 -13.86 -15.09
N GLY D 179 -33.22 -13.24 -13.91
CA GLY D 179 -34.38 -13.11 -13.05
C GLY D 179 -34.36 -13.93 -11.78
N LEU D 180 -33.46 -14.90 -11.65
CA LEU D 180 -33.45 -15.74 -10.45
C LEU D 180 -32.87 -14.98 -9.27
N SER D 181 -33.30 -15.33 -8.05
CA SER D 181 -32.64 -14.80 -6.87
C SER D 181 -31.34 -15.56 -6.64
N ALA D 182 -30.51 -15.02 -5.74
CA ALA D 182 -29.25 -15.68 -5.43
C ALA D 182 -29.49 -17.03 -4.80
N LYS D 183 -30.49 -17.14 -3.91
CA LYS D 183 -30.73 -18.40 -3.20
C LYS D 183 -31.29 -19.46 -4.14
N ASN D 184 -32.20 -19.08 -5.03
CA ASN D 184 -32.73 -20.06 -5.98
C ASN D 184 -31.70 -20.46 -7.02
N TYR D 185 -30.76 -19.56 -7.33
CA TYR D 185 -29.60 -19.93 -8.14
C TYR D 185 -28.80 -21.04 -7.47
N GLY D 186 -28.76 -21.03 -6.15
CA GLY D 186 -27.94 -21.97 -5.42
C GLY D 186 -28.63 -23.29 -5.20
N ARG D 187 -29.93 -23.26 -4.92
CA ARG D 187 -30.69 -24.51 -4.91
C ARG D 187 -30.56 -25.19 -6.26
N ALA D 188 -30.71 -24.41 -7.34
CA ALA D 188 -30.58 -24.96 -8.68
C ALA D 188 -29.18 -25.52 -8.92
N VAL D 189 -28.15 -24.86 -8.39
CA VAL D 189 -26.79 -25.35 -8.60
C VAL D 189 -26.61 -26.67 -7.88
N TYR D 190 -27.10 -26.77 -6.63
CA TYR D 190 -26.90 -27.97 -5.82
C TYR D 190 -27.63 -29.17 -6.42
N GLU D 191 -28.88 -28.97 -6.83
CA GLU D 191 -29.63 -30.08 -7.43
C GLU D 191 -28.96 -30.56 -8.72
N CYS D 192 -28.50 -29.64 -9.58
CA CYS D 192 -27.79 -30.04 -10.80
C CYS D 192 -26.50 -30.78 -10.50
N LEU D 193 -25.73 -30.27 -9.54
CA LEU D 193 -24.43 -30.87 -9.30
C LEU D 193 -24.54 -32.25 -8.66
N ARG D 194 -25.56 -32.52 -7.82
CA ARG D 194 -25.63 -33.81 -7.13
C ARG D 194 -26.05 -34.96 -8.06
N GLY D 195 -26.78 -34.67 -9.13
CA GLY D 195 -27.14 -35.66 -10.12
C GLY D 195 -26.00 -36.18 -10.98
N GLY D 196 -24.78 -35.65 -10.88
CA GLY D 196 -23.66 -36.20 -11.63
C GLY D 196 -23.00 -35.25 -12.62
N LEU D 197 -23.44 -34.00 -12.70
CA LEU D 197 -22.78 -33.02 -13.56
C LEU D 197 -21.51 -32.55 -12.89
N ASP D 198 -20.48 -32.29 -13.70
CA ASP D 198 -19.21 -31.81 -13.14
C ASP D 198 -19.25 -30.33 -12.80
N PHE D 199 -19.91 -29.54 -13.64
CA PHE D 199 -19.86 -28.09 -13.58
C PHE D 199 -21.26 -27.50 -13.70
N THR D 200 -21.50 -26.39 -13.02
CA THR D 200 -22.64 -25.53 -13.33
C THR D 200 -22.04 -24.19 -13.71
N KCX D 201 -22.89 -23.24 -14.12
CA KCX D 201 -22.34 -22.02 -14.64
CB KCX D 201 -21.87 -22.23 -16.08
CG KCX D 201 -22.76 -21.70 -17.22
CD KCX D 201 -22.06 -21.91 -18.58
CE KCX D 201 -21.52 -20.61 -19.19
NZ KCX D 201 -22.68 -19.74 -19.44
C KCX D 201 -23.31 -20.85 -14.56
O KCX D 201 -24.53 -21.03 -14.60
CX KCX D 201 -23.30 -19.80 -20.61
OQ1 KCX D 201 -22.91 -20.56 -21.51
OQ2 KCX D 201 -24.28 -19.08 -20.80
N ASP D 202 -22.75 -19.67 -14.40
CA ASP D 202 -23.49 -18.44 -14.58
C ASP D 202 -23.66 -18.19 -16.08
N ASP D 203 -24.89 -17.89 -16.47
CA ASP D 203 -25.16 -17.47 -17.85
C ASP D 203 -24.32 -16.23 -18.18
N GLU D 204 -24.03 -16.06 -19.47
CA GLU D 204 -23.09 -15.00 -19.86
C GLU D 204 -23.61 -13.61 -19.47
N ASN D 205 -24.92 -13.40 -19.50
CA ASN D 205 -25.47 -12.08 -19.15
C ASN D 205 -25.58 -11.86 -17.63
N VAL D 206 -25.43 -12.91 -16.82
CA VAL D 206 -25.57 -12.79 -15.36
C VAL D 206 -24.29 -12.22 -14.79
N ASN D 207 -24.33 -10.96 -14.38
CA ASN D 207 -23.17 -10.31 -13.77
C ASN D 207 -23.52 -9.91 -12.35
N SER D 208 -23.80 -8.63 -12.13
CA SER D 208 -24.43 -8.14 -10.92
C SER D 208 -25.63 -7.29 -11.32
N GLN D 209 -26.81 -7.65 -10.84
CA GLN D 209 -28.05 -7.06 -11.32
C GLN D 209 -28.99 -6.76 -10.17
N PRO D 210 -30.00 -5.91 -10.38
CA PRO D 210 -30.99 -5.67 -9.33
C PRO D 210 -31.68 -6.91 -8.82
N PHE D 211 -31.82 -7.98 -9.63
CA PHE D 211 -32.51 -9.18 -9.17
C PHE D 211 -31.59 -10.11 -8.41
N MET D 212 -30.30 -10.07 -8.72
CA MET D 212 -29.29 -10.89 -8.06
C MET D 212 -27.98 -10.13 -8.08
N ARG D 213 -27.42 -9.80 -6.91
CA ARG D 213 -26.10 -9.16 -6.84
C ARG D 213 -25.05 -10.25 -6.75
N TRP D 214 -23.87 -9.97 -7.32
CA TRP D 214 -22.91 -11.05 -7.56
C TRP D 214 -22.41 -11.64 -6.25
N ARG D 215 -22.04 -10.80 -5.30
CA ARG D 215 -21.42 -11.33 -4.08
C ARG D 215 -22.35 -12.33 -3.39
N ASP D 216 -23.64 -11.99 -3.29
CA ASP D 216 -24.64 -12.96 -2.83
C ASP D 216 -24.65 -14.21 -3.69
N ARG D 217 -24.61 -14.06 -5.01
CA ARG D 217 -24.58 -15.24 -5.86
C ARG D 217 -23.35 -16.08 -5.57
N PHE D 218 -22.19 -15.43 -5.53
CA PHE D 218 -20.97 -16.19 -5.34
C PHE D 218 -21.03 -17.01 -4.07
N LEU D 219 -21.56 -16.43 -3.00
CA LEU D 219 -21.61 -17.11 -1.71
C LEU D 219 -22.57 -18.30 -1.72
N PHE D 220 -23.81 -18.07 -2.15
CA PHE D 220 -24.81 -19.14 -2.23
C PHE D 220 -24.37 -20.26 -3.16
N CYS D 221 -23.83 -19.91 -4.33
CA CYS D 221 -23.33 -20.93 -5.24
C CYS D 221 -22.15 -21.67 -4.61
N ALA D 222 -21.34 -21.00 -3.79
CA ALA D 222 -20.23 -21.70 -3.14
C ALA D 222 -20.75 -22.75 -2.14
N GLU D 223 -21.73 -22.39 -1.31
CA GLU D 223 -22.27 -23.37 -0.36
C GLU D 223 -22.90 -24.54 -1.11
N ALA D 224 -23.55 -24.26 -2.24
CA ALA D 224 -24.23 -25.31 -3.00
C ALA D 224 -23.23 -26.30 -3.60
N LEU D 225 -22.17 -25.82 -4.24
CA LEU D 225 -21.26 -26.79 -4.84
C LEU D 225 -20.54 -27.60 -3.78
N TYR D 226 -20.39 -27.05 -2.58
CA TYR D 226 -19.73 -27.83 -1.53
C TYR D 226 -20.66 -28.88 -0.95
N LYS D 227 -21.96 -28.59 -0.90
CA LYS D 227 -22.93 -29.59 -0.45
C LYS D 227 -22.95 -30.77 -1.40
N ALA D 228 -23.06 -30.48 -2.71
CA ALA D 228 -23.09 -31.52 -3.72
C ALA D 228 -21.78 -32.30 -3.78
N GLN D 229 -20.64 -31.62 -3.69
CA GLN D 229 -19.35 -32.32 -3.70
C GLN D 229 -19.21 -33.24 -2.49
N ALA D 230 -19.73 -32.82 -1.34
CA ALA D 230 -19.65 -33.67 -0.14
C ALA D 230 -20.47 -34.95 -0.30
N GLU D 231 -21.67 -34.87 -0.89
CA GLU D 231 -22.48 -36.06 -1.01
C GLU D 231 -22.13 -36.92 -2.24
N THR D 232 -21.52 -36.36 -3.29
CA THR D 232 -21.22 -37.18 -4.46
C THR D 232 -19.88 -37.89 -4.36
N GLY D 233 -18.95 -37.36 -3.58
CA GLY D 233 -17.58 -37.84 -3.61
C GLY D 233 -16.76 -37.32 -4.78
N GLU D 234 -17.30 -36.41 -5.59
CA GLU D 234 -16.67 -35.91 -6.80
C GLU D 234 -16.51 -34.40 -6.74
N ILE D 235 -15.39 -33.90 -7.27
CA ILE D 235 -15.15 -32.46 -7.27
C ILE D 235 -16.16 -31.77 -8.18
N LYS D 236 -16.77 -30.71 -7.69
CA LYS D 236 -17.76 -29.95 -8.44
C LYS D 236 -17.26 -28.52 -8.62
N GLY D 237 -17.68 -27.88 -9.71
CA GLY D 237 -17.31 -26.50 -9.95
C GLY D 237 -18.48 -25.71 -10.49
N HIS D 238 -18.52 -24.43 -10.16
CA HIS D 238 -19.51 -23.48 -10.68
C HIS D 238 -18.78 -22.29 -11.28
N TYR D 239 -19.06 -21.95 -12.54
CA TYR D 239 -18.34 -20.82 -13.13
C TYR D 239 -19.01 -19.54 -12.65
N LEU D 240 -18.32 -18.82 -11.78
CA LEU D 240 -18.78 -17.54 -11.29
C LEU D 240 -18.34 -16.47 -12.28
N ASN D 241 -19.30 -15.66 -12.75
CA ASN D 241 -19.01 -14.69 -13.79
C ASN D 241 -18.24 -13.53 -13.21
N ALA D 242 -17.09 -13.23 -13.80
CA ALA D 242 -16.28 -12.09 -13.38
C ALA D 242 -16.48 -10.88 -14.28
N THR D 243 -17.12 -11.07 -15.46
CA THR D 243 -17.37 -9.99 -16.41
C THR D 243 -18.04 -8.82 -15.72
N ALA D 244 -17.61 -7.61 -16.08
CA ALA D 244 -18.04 -6.40 -15.36
C ALA D 244 -17.81 -5.18 -16.24
N GLY D 245 -18.27 -4.02 -15.74
CA GLY D 245 -18.09 -2.75 -16.42
C GLY D 245 -16.69 -2.15 -16.38
N THR D 246 -15.90 -2.44 -15.33
CA THR D 246 -14.53 -1.92 -15.17
C THR D 246 -13.58 -3.04 -14.75
N CYS D 247 -12.28 -2.82 -14.91
CA CYS D 247 -11.34 -3.88 -14.52
C CYS D 247 -11.37 -4.04 -12.99
N GLU D 248 -11.57 -2.93 -12.27
CA GLU D 248 -11.69 -2.96 -10.80
C GLU D 248 -12.82 -3.87 -10.34
N ASP D 249 -14.02 -3.68 -10.89
CA ASP D 249 -15.12 -4.59 -10.58
C ASP D 249 -14.80 -6.01 -11.00
N MET D 250 -14.16 -6.18 -12.15
CA MET D 250 -13.77 -7.52 -12.56
C MET D 250 -12.84 -8.15 -11.54
N MET D 251 -11.86 -7.40 -11.04
CA MET D 251 -10.92 -7.94 -10.06
C MET D 251 -11.62 -8.27 -8.76
N LYS D 252 -12.51 -7.39 -8.27
CA LYS D 252 -13.18 -7.66 -7.00
C LYS D 252 -13.89 -9.00 -7.04
N ARG D 253 -14.56 -9.30 -8.16
CA ARG D 253 -15.23 -10.57 -8.35
C ARG D 253 -14.24 -11.73 -8.34
N ALA D 254 -13.19 -11.65 -9.16
CA ALA D 254 -12.21 -12.72 -9.16
C ALA D 254 -11.54 -12.87 -7.80
N VAL D 255 -11.40 -11.78 -7.06
CA VAL D 255 -10.74 -11.85 -5.76
C VAL D 255 -11.59 -12.64 -4.76
N PHE D 256 -12.91 -12.44 -4.77
CA PHE D 256 -13.74 -13.14 -3.81
C PHE D 256 -13.85 -14.62 -4.14
N ALA D 257 -13.88 -14.96 -5.43
CA ALA D 257 -13.84 -16.36 -5.81
C ALA D 257 -12.65 -17.06 -5.18
N ARG D 258 -11.48 -16.42 -5.26
CA ARG D 258 -10.28 -16.99 -4.68
C ARG D 258 -10.42 -17.19 -3.16
N GLU D 259 -10.99 -16.19 -2.46
CA GLU D 259 -11.22 -16.32 -1.03
C GLU D 259 -12.10 -17.53 -0.72
N LEU D 260 -13.09 -17.78 -1.57
CA LEU D 260 -13.97 -18.93 -1.44
C LEU D 260 -13.26 -20.25 -1.76
N GLY D 261 -12.09 -20.20 -2.38
CA GLY D 261 -11.40 -21.45 -2.69
C GLY D 261 -12.08 -22.30 -3.72
N VAL D 262 -12.95 -21.70 -4.53
CA VAL D 262 -13.67 -22.39 -5.60
C VAL D 262 -12.70 -22.69 -6.73
N PRO D 263 -13.02 -23.64 -7.61
CA PRO D 263 -12.09 -24.04 -8.67
C PRO D 263 -12.14 -23.23 -9.97
N ILE D 264 -13.24 -22.56 -10.31
CA ILE D 264 -13.37 -22.03 -11.67
C ILE D 264 -14.16 -20.71 -11.67
N VAL D 265 -13.67 -19.74 -12.47
CA VAL D 265 -14.35 -18.48 -12.76
C VAL D 265 -14.54 -18.36 -14.27
N MET D 266 -15.38 -17.41 -14.69
CA MET D 266 -15.61 -17.22 -16.13
C MET D 266 -15.60 -15.76 -16.52
N HIS D 267 -15.22 -15.52 -17.76
CA HIS D 267 -15.22 -14.22 -18.39
C HIS D 267 -15.87 -14.32 -19.76
N ASP D 268 -16.54 -13.26 -20.20
CA ASP D 268 -16.92 -13.12 -21.62
C ASP D 268 -15.89 -12.21 -22.30
N TYR D 269 -15.00 -12.79 -23.08
CA TYR D 269 -13.83 -12.01 -23.53
C TYR D 269 -14.11 -11.06 -24.69
N LEU D 270 -15.17 -11.26 -25.45
CA LEU D 270 -15.41 -10.30 -26.53
C LEU D 270 -16.22 -9.09 -26.06
N THR D 271 -17.15 -9.29 -25.13
CA THR D 271 -17.87 -8.15 -24.58
C THR D 271 -17.11 -7.49 -23.46
N GLY D 272 -16.28 -8.27 -22.74
CA GLY D 272 -15.36 -7.75 -21.76
C GLY D 272 -14.18 -7.09 -22.42
N GLY D 273 -13.71 -7.68 -23.51
CA GLY D 273 -12.59 -7.15 -24.28
C GLY D 273 -11.29 -7.87 -23.96
N PHE D 274 -10.33 -7.76 -24.86
CA PHE D 274 -9.10 -8.52 -24.73
C PHE D 274 -8.21 -7.98 -23.62
N THR D 275 -8.31 -6.69 -23.31
CA THR D 275 -7.39 -6.12 -22.32
C THR D 275 -7.76 -6.59 -20.92
N ALA D 276 -9.07 -6.61 -20.63
CA ALA D 276 -9.53 -7.11 -19.33
C ALA D 276 -9.33 -8.61 -19.24
N ASN D 277 -9.52 -9.32 -20.37
CA ASN D 277 -9.39 -10.77 -20.37
C ASN D 277 -7.95 -11.22 -20.12
N THR D 278 -6.97 -10.57 -20.74
CA THR D 278 -5.57 -10.90 -20.44
C THR D 278 -5.20 -10.55 -19.00
N THR D 279 -5.78 -9.48 -18.43
CA THR D 279 -5.57 -9.19 -17.03
C THR D 279 -6.07 -10.31 -16.15
N LEU D 280 -7.30 -10.77 -16.41
CA LEU D 280 -7.91 -11.83 -15.60
C LEU D 280 -7.17 -13.16 -15.79
N SER D 281 -6.85 -13.50 -17.04
CA SER D 281 -6.05 -14.68 -17.32
C SER D 281 -4.78 -14.71 -16.47
N HIS D 282 -4.10 -13.57 -16.38
CA HIS D 282 -2.90 -13.49 -15.56
C HIS D 282 -3.21 -13.64 -14.07
N TYR D 283 -4.40 -13.23 -13.62
CA TYR D 283 -4.72 -13.40 -12.22
C TYR D 283 -5.03 -14.86 -11.91
N CYS D 284 -5.76 -15.53 -12.81
CA CYS D 284 -6.10 -16.93 -12.59
C CYS D 284 -4.85 -17.81 -12.53
N ARG D 285 -3.84 -17.53 -13.36
CA ARG D 285 -2.59 -18.26 -13.26
C ARG D 285 -1.91 -18.00 -11.92
N ASP D 286 -1.94 -16.75 -11.47
CA ASP D 286 -1.29 -16.39 -10.22
C ASP D 286 -1.96 -17.03 -9.00
N ASN D 287 -3.25 -17.35 -9.12
CA ASN D 287 -4.03 -17.77 -7.97
C ASN D 287 -4.65 -19.14 -8.13
N GLY D 288 -4.23 -19.89 -9.14
CA GLY D 288 -4.73 -21.24 -9.34
C GLY D 288 -6.21 -21.32 -9.69
N LEU D 289 -6.72 -20.40 -10.50
CA LEU D 289 -8.13 -20.39 -10.86
C LEU D 289 -8.29 -20.79 -12.32
N LEU D 290 -9.21 -21.70 -12.61
CA LEU D 290 -9.54 -22.03 -13.99
C LEU D 290 -10.42 -20.94 -14.60
N LEU D 291 -10.23 -20.70 -15.90
CA LEU D 291 -10.92 -19.63 -16.60
C LEU D 291 -11.75 -20.19 -17.75
N HIS D 292 -13.06 -20.04 -17.65
CA HIS D 292 -13.97 -20.48 -18.69
C HIS D 292 -14.40 -19.27 -19.50
N ILE D 293 -14.18 -19.30 -20.82
CA ILE D 293 -14.41 -18.16 -21.68
C ILE D 293 -15.68 -18.36 -22.50
N HIS D 294 -16.60 -17.40 -22.41
CA HIS D 294 -17.80 -17.35 -23.23
C HIS D 294 -17.56 -16.44 -24.44
N ARG D 295 -17.91 -16.91 -25.63
CA ARG D 295 -17.55 -16.20 -26.87
C ARG D 295 -18.63 -15.20 -27.30
N ALA D 296 -19.48 -14.76 -26.37
CA ALA D 296 -20.61 -13.88 -26.67
C ALA D 296 -20.20 -12.69 -27.54
N MET D 297 -21.10 -12.31 -28.45
CA MET D 297 -20.96 -11.28 -29.49
C MET D 297 -20.13 -11.77 -30.67
N HIS D 298 -19.51 -12.96 -30.63
CA HIS D 298 -18.72 -13.42 -31.76
C HIS D 298 -19.56 -13.42 -33.04
N ALA D 299 -20.74 -14.06 -33.02
CA ALA D 299 -21.58 -14.19 -34.22
C ALA D 299 -21.90 -12.86 -34.89
N VAL D 300 -21.79 -11.74 -34.20
CA VAL D 300 -21.88 -10.44 -34.84
C VAL D 300 -20.73 -10.26 -35.81
N ILE D 301 -19.61 -10.91 -35.52
CA ILE D 301 -18.38 -10.82 -36.30
C ILE D 301 -18.24 -11.95 -37.33
N ASP D 302 -18.65 -13.18 -37.01
CA ASP D 302 -18.17 -14.36 -37.74
C ASP D 302 -19.26 -15.23 -38.38
N ARG D 303 -20.53 -14.78 -38.42
CA ARG D 303 -21.57 -15.62 -39.03
C ARG D 303 -21.46 -15.64 -40.56
N GLN D 304 -21.12 -14.52 -41.20
CA GLN D 304 -21.28 -14.38 -42.64
C GLN D 304 -19.97 -14.59 -43.39
N LYS D 305 -20.06 -15.25 -44.57
CA LYS D 305 -18.86 -15.56 -45.34
C LYS D 305 -18.24 -14.33 -46.00
N ASN D 306 -19.03 -13.33 -46.35
CA ASN D 306 -18.47 -12.20 -47.09
C ASN D 306 -17.77 -11.19 -46.20
N HIS D 307 -18.21 -11.02 -44.95
CA HIS D 307 -17.67 -9.93 -44.14
C HIS D 307 -17.43 -10.35 -42.69
N GLY D 308 -16.39 -9.79 -42.08
CA GLY D 308 -16.11 -10.12 -40.70
C GLY D 308 -14.82 -10.87 -40.44
N MET D 309 -14.72 -11.48 -39.27
CA MET D 309 -13.64 -12.39 -38.96
C MET D 309 -14.22 -13.78 -38.76
N HIS D 310 -13.49 -14.80 -39.21
CA HIS D 310 -13.87 -16.15 -38.82
C HIS D 310 -13.49 -16.42 -37.36
N PHE D 311 -14.27 -17.30 -36.71
CA PHE D 311 -14.08 -17.61 -35.29
C PHE D 311 -12.75 -18.29 -35.03
N ARG D 312 -12.15 -18.91 -36.04
CA ARG D 312 -10.85 -19.53 -35.82
C ARG D 312 -9.78 -18.48 -35.54
N VAL D 313 -9.90 -17.29 -36.12
CA VAL D 313 -9.01 -16.19 -35.74
C VAL D 313 -9.24 -15.80 -34.29
N LEU D 314 -10.51 -15.63 -33.91
CA LEU D 314 -10.86 -15.29 -32.52
C LEU D 314 -10.53 -16.42 -31.55
N ALA D 315 -10.54 -17.68 -32.02
CA ALA D 315 -10.17 -18.80 -31.16
C ALA D 315 -8.68 -18.81 -30.89
N LYS D 316 -7.87 -18.59 -31.92
CA LYS D 316 -6.43 -18.48 -31.72
C LYS D 316 -6.10 -17.31 -30.84
N ALA D 317 -6.91 -16.24 -30.93
CA ALA D 317 -6.66 -15.07 -30.10
C ALA D 317 -6.92 -15.37 -28.63
N LEU D 318 -7.98 -16.13 -28.34
CA LEU D 318 -8.25 -16.55 -26.96
C LEU D 318 -7.16 -17.50 -26.42
N ARG D 319 -6.63 -18.41 -27.25
CA ARG D 319 -5.57 -19.27 -26.74
C ARG D 319 -4.36 -18.45 -26.33
N LEU D 320 -4.11 -17.35 -27.05
CA LEU D 320 -3.01 -16.46 -26.71
C LEU D 320 -3.36 -15.58 -25.51
N SER D 321 -4.48 -14.86 -25.59
CA SER D 321 -4.94 -14.05 -24.46
C SER D 321 -4.98 -14.87 -23.18
N GLY D 322 -5.61 -16.05 -23.24
CA GLY D 322 -5.61 -17.01 -22.16
C GLY D 322 -6.99 -17.45 -21.71
N GLY D 323 -7.20 -18.77 -21.72
CA GLY D 323 -8.44 -19.38 -21.30
C GLY D 323 -8.24 -20.87 -21.17
N ASP D 324 -8.90 -21.49 -20.18
CA ASP D 324 -8.82 -22.93 -20.04
C ASP D 324 -9.95 -23.62 -20.80
N HIS D 325 -11.06 -22.91 -21.02
CA HIS D 325 -12.19 -23.35 -21.82
C HIS D 325 -12.56 -22.27 -22.80
N ILE D 326 -12.99 -22.66 -24.01
CA ILE D 326 -13.71 -21.73 -24.87
C ILE D 326 -14.89 -22.44 -25.54
N HIS D 327 -16.01 -21.76 -25.59
CA HIS D 327 -17.15 -22.30 -26.30
C HIS D 327 -16.80 -22.51 -27.76
N SER D 328 -17.15 -23.68 -28.27
CA SER D 328 -16.75 -24.09 -29.60
C SER D 328 -17.92 -24.30 -30.54
N GLY D 329 -19.12 -24.45 -29.99
CA GLY D 329 -20.33 -24.76 -30.74
C GLY D 329 -20.68 -26.22 -30.61
N THR D 330 -21.96 -26.53 -30.84
CA THR D 330 -22.41 -27.92 -30.72
C THR D 330 -22.50 -28.64 -32.05
N VAL D 331 -22.46 -27.91 -33.17
CA VAL D 331 -22.74 -28.47 -34.50
C VAL D 331 -24.21 -28.92 -34.59
N VAL D 332 -24.62 -29.83 -33.71
CA VAL D 332 -25.97 -30.38 -33.74
C VAL D 332 -27.00 -29.55 -32.97
N GLY D 333 -26.59 -28.48 -32.30
CA GLY D 333 -27.49 -27.73 -31.45
C GLY D 333 -28.17 -26.58 -32.18
N LYS D 334 -28.73 -25.65 -31.37
CA LYS D 334 -29.53 -24.55 -31.91
C LYS D 334 -28.70 -23.48 -32.61
N LEU D 335 -27.42 -23.36 -32.29
CA LEU D 335 -26.56 -22.37 -32.94
C LEU D 335 -25.79 -22.98 -34.10
N GLU D 336 -25.30 -22.12 -34.98
CA GLU D 336 -24.71 -22.59 -36.23
C GLU D 336 -23.28 -23.07 -36.03
N GLY D 337 -22.99 -24.26 -36.57
CA GLY D 337 -21.63 -24.77 -36.66
C GLY D 337 -21.53 -25.87 -37.70
N GLU D 338 -20.59 -25.78 -38.63
CA GLU D 338 -20.40 -26.83 -39.64
C GLU D 338 -19.35 -27.81 -39.14
N ARG D 339 -19.64 -29.10 -39.28
CA ARG D 339 -18.85 -30.12 -38.59
C ARG D 339 -17.37 -30.08 -38.96
N ASP D 340 -17.05 -29.82 -40.23
CA ASP D 340 -15.66 -29.86 -40.66
C ASP D 340 -14.90 -28.62 -40.22
N ILE D 341 -15.58 -27.46 -40.23
CA ILE D 341 -14.99 -26.21 -39.74
C ILE D 341 -14.75 -26.29 -38.24
N THR D 342 -15.78 -26.72 -37.49
CA THR D 342 -15.65 -26.86 -36.04
C THR D 342 -14.57 -27.86 -35.68
N LEU D 343 -14.44 -28.92 -36.48
CA LEU D 343 -13.35 -29.84 -36.21
C LEU D 343 -12.00 -29.17 -36.41
N GLY D 344 -11.92 -28.18 -37.30
CA GLY D 344 -10.64 -27.54 -37.57
C GLY D 344 -10.22 -26.60 -36.46
N PHE D 345 -11.10 -25.68 -36.04
CA PHE D 345 -10.64 -24.78 -35.01
C PHE D 345 -10.54 -25.48 -33.65
N VAL D 346 -11.24 -26.61 -33.45
CA VAL D 346 -11.01 -27.41 -32.23
C VAL D 346 -9.58 -27.95 -32.19
N ASP D 347 -9.09 -28.49 -33.31
CA ASP D 347 -7.69 -28.90 -33.37
C ASP D 347 -6.76 -27.72 -33.13
N LEU D 348 -7.12 -26.55 -33.64
CA LEU D 348 -6.31 -25.38 -33.34
C LEU D 348 -6.31 -25.04 -31.85
N LEU D 349 -7.41 -25.37 -31.13
CA LEU D 349 -7.55 -25.07 -29.72
C LEU D 349 -6.87 -26.07 -28.81
N ARG D 350 -6.71 -27.32 -29.25
CA ARG D 350 -6.25 -28.41 -28.39
C ARG D 350 -4.82 -28.91 -28.65
N ASP D 351 -4.31 -28.84 -29.88
CA ASP D 351 -3.06 -29.52 -30.18
C ASP D 351 -1.92 -28.55 -30.33
N ASP D 352 -0.70 -29.12 -30.39
CA ASP D 352 0.51 -28.32 -30.58
C ASP D 352 0.73 -27.96 -32.05
N TYR D 353 0.15 -28.73 -32.97
CA TYR D 353 0.47 -28.56 -34.39
C TYR D 353 -0.75 -28.89 -35.23
N THR D 354 -1.05 -28.06 -36.22
CA THR D 354 -2.12 -28.33 -37.16
C THR D 354 -1.62 -28.03 -38.56
N GLU D 355 -1.59 -29.03 -39.42
CA GLU D 355 -1.20 -28.77 -40.80
C GLU D 355 -2.32 -28.03 -41.53
N LYS D 356 -1.95 -27.35 -42.60
CA LYS D 356 -2.92 -26.60 -43.38
C LYS D 356 -3.92 -27.54 -44.06
N ASP D 357 -5.22 -27.24 -43.93
CA ASP D 357 -6.31 -28.08 -44.44
C ASP D 357 -7.43 -27.18 -44.94
N ARG D 358 -7.37 -26.83 -46.23
CA ARG D 358 -8.36 -25.94 -46.81
C ARG D 358 -9.76 -26.52 -46.73
N SER D 359 -9.88 -27.86 -46.68
CA SER D 359 -11.18 -28.50 -46.51
C SER D 359 -11.78 -28.20 -45.14
N ARG D 360 -10.95 -27.99 -44.12
CA ARG D 360 -11.41 -27.68 -42.78
C ARG D 360 -11.26 -26.20 -42.43
N GLY D 361 -11.07 -25.34 -43.44
CA GLY D 361 -10.85 -23.92 -43.21
C GLY D 361 -9.52 -23.54 -42.59
N ILE D 362 -8.51 -24.40 -42.64
CA ILE D 362 -7.18 -24.10 -42.14
C ILE D 362 -6.33 -23.60 -43.31
N TYR D 363 -6.04 -22.29 -43.34
CA TYR D 363 -5.29 -21.67 -44.43
C TYR D 363 -3.78 -21.66 -44.21
N PHE D 364 -3.33 -21.99 -42.99
CA PHE D 364 -1.92 -21.89 -42.64
C PHE D 364 -1.59 -23.02 -41.69
N THR D 365 -0.38 -23.52 -41.77
CA THR D 365 0.12 -24.43 -40.74
C THR D 365 0.44 -23.64 -39.48
N GLN D 366 -0.10 -24.07 -38.34
CA GLN D 366 0.08 -23.35 -37.08
C GLN D 366 0.75 -24.26 -36.05
N SER D 367 1.80 -23.75 -35.39
CA SER D 367 2.44 -24.43 -34.27
C SER D 367 2.31 -23.58 -33.02
N TRP D 368 2.05 -24.21 -31.88
CA TRP D 368 1.82 -23.50 -30.63
C TRP D 368 3.00 -23.54 -29.66
N VAL D 369 4.10 -24.20 -30.02
CA VAL D 369 5.35 -24.16 -29.27
C VAL D 369 5.10 -24.47 -27.78
N SER D 370 4.25 -25.46 -27.53
CA SER D 370 3.90 -26.06 -26.23
C SER D 370 2.97 -25.19 -25.38
N THR D 371 2.38 -24.13 -25.93
CA THR D 371 1.28 -23.45 -25.26
C THR D 371 0.19 -24.48 -24.94
N PRO D 372 -0.32 -24.51 -23.70
CA PRO D 372 -1.34 -25.51 -23.35
C PRO D 372 -2.56 -25.44 -24.27
N GLY D 373 -3.26 -26.55 -24.38
CA GLY D 373 -4.49 -26.55 -25.13
C GLY D 373 -5.66 -26.02 -24.33
N VAL D 374 -6.72 -25.64 -25.05
CA VAL D 374 -7.97 -25.16 -24.46
C VAL D 374 -9.03 -26.25 -24.62
N LEU D 375 -9.85 -26.45 -23.60
CA LEU D 375 -10.91 -27.44 -23.66
C LEU D 375 -12.09 -26.88 -24.45
N PRO D 376 -12.48 -27.49 -25.56
CA PRO D 376 -13.65 -27.01 -26.29
C PRO D 376 -14.91 -27.28 -25.49
N VAL D 377 -15.84 -26.34 -25.51
CA VAL D 377 -17.07 -26.47 -24.75
C VAL D 377 -18.24 -26.47 -25.72
N ALA D 378 -19.09 -27.48 -25.63
CA ALA D 378 -20.24 -27.61 -26.52
C ALA D 378 -21.51 -27.31 -25.75
N SER D 379 -22.25 -26.31 -26.18
CA SER D 379 -23.42 -25.81 -25.46
C SER D 379 -24.42 -25.26 -26.46
N GLY D 380 -25.71 -25.36 -26.14
CA GLY D 380 -26.73 -24.68 -26.91
C GLY D 380 -27.73 -25.57 -27.59
N GLY D 381 -28.85 -25.82 -26.92
CA GLY D 381 -29.94 -26.61 -27.49
C GLY D 381 -29.58 -28.05 -27.75
N ILE D 382 -28.93 -28.70 -26.81
CA ILE D 382 -28.61 -30.11 -26.96
C ILE D 382 -29.30 -30.86 -25.85
N HIS D 383 -29.60 -32.13 -26.10
CA HIS D 383 -30.24 -33.02 -25.14
C HIS D 383 -29.57 -34.38 -25.24
N VAL D 384 -30.10 -35.37 -24.53
CA VAL D 384 -29.47 -36.69 -24.40
C VAL D 384 -29.29 -37.44 -25.73
N TRP D 385 -30.19 -37.24 -26.70
CA TRP D 385 -30.06 -37.90 -27.99
C TRP D 385 -28.89 -37.35 -28.82
N HIS D 386 -28.52 -36.09 -28.57
CA HIS D 386 -27.34 -35.46 -29.16
C HIS D 386 -26.05 -35.98 -28.56
N MET D 387 -26.10 -36.72 -27.44
CA MET D 387 -24.90 -37.13 -26.73
C MET D 387 -23.99 -38.08 -27.49
N PRO D 388 -24.48 -39.09 -28.19
CA PRO D 388 -23.54 -39.92 -28.95
C PRO D 388 -22.80 -39.12 -29.98
N ALA D 389 -23.49 -38.17 -30.62
CA ALA D 389 -22.91 -37.35 -31.68
C ALA D 389 -21.87 -36.38 -31.13
N LEU D 390 -22.14 -35.77 -29.97
CA LEU D 390 -21.15 -34.90 -29.36
C LEU D 390 -19.92 -35.68 -28.92
N THR D 391 -20.12 -36.80 -28.25
CA THR D 391 -18.98 -37.61 -27.80
C THR D 391 -18.11 -38.02 -28.98
N GLU D 392 -18.74 -38.41 -30.10
CA GLU D 392 -17.98 -38.89 -31.26
C GLU D 392 -17.29 -37.74 -32.00
N ILE D 393 -17.92 -36.57 -32.08
CA ILE D 393 -17.28 -35.41 -32.70
C ILE D 393 -16.09 -34.92 -31.87
N PHE D 394 -16.35 -34.57 -30.61
CA PHE D 394 -15.41 -33.79 -29.81
C PHE D 394 -14.38 -34.62 -29.07
N GLY D 395 -14.65 -35.89 -28.86
CA GLY D 395 -13.76 -36.73 -28.09
C GLY D 395 -13.89 -36.47 -26.61
N ASP D 396 -13.00 -37.10 -25.84
CA ASP D 396 -13.11 -37.01 -24.39
C ASP D 396 -12.67 -35.66 -23.86
N ASP D 397 -11.72 -34.99 -24.53
CA ASP D 397 -11.26 -33.66 -24.11
C ASP D 397 -12.27 -32.61 -24.58
N SER D 398 -13.38 -32.51 -23.84
CA SER D 398 -14.37 -31.48 -24.12
C SER D 398 -15.22 -31.28 -22.87
N VAL D 399 -16.04 -30.24 -22.88
CA VAL D 399 -17.08 -30.06 -21.88
C VAL D 399 -18.41 -29.99 -22.61
N LEU D 400 -19.39 -30.74 -22.15
CA LEU D 400 -20.74 -30.67 -22.72
C LEU D 400 -21.65 -30.01 -21.71
N GLN D 401 -22.40 -29.01 -22.14
CA GLN D 401 -23.16 -28.15 -21.24
C GLN D 401 -24.63 -28.22 -21.60
N PHE D 402 -25.44 -28.70 -20.66
CA PHE D 402 -26.88 -28.85 -20.88
C PHE D 402 -27.60 -27.93 -19.91
N GLY D 403 -28.13 -26.82 -20.42
CA GLY D 403 -28.94 -25.97 -19.58
C GLY D 403 -30.37 -26.43 -19.62
N GLY D 404 -31.01 -26.24 -20.77
CA GLY D 404 -32.36 -26.75 -20.95
C GLY D 404 -32.43 -28.25 -20.73
N GLY D 405 -31.34 -28.96 -21.06
CA GLY D 405 -31.33 -30.40 -20.91
C GLY D 405 -31.45 -30.90 -19.47
N THR D 406 -30.92 -30.13 -18.51
CA THR D 406 -31.03 -30.48 -17.10
C THR D 406 -32.26 -29.84 -16.47
N LEU D 407 -32.40 -28.53 -16.62
CA LEU D 407 -33.47 -27.82 -15.93
C LEU D 407 -34.84 -28.12 -16.52
N GLY D 408 -34.92 -28.53 -17.79
CA GLY D 408 -36.17 -28.89 -18.44
C GLY D 408 -36.64 -30.30 -18.16
N HIS D 409 -35.82 -31.10 -17.49
CA HIS D 409 -36.22 -32.47 -17.19
C HIS D 409 -37.47 -32.48 -16.31
N PRO D 410 -38.42 -33.38 -16.58
CA PRO D 410 -39.73 -33.30 -15.91
C PRO D 410 -39.70 -33.71 -14.45
N TRP D 411 -38.68 -34.46 -14.03
CA TRP D 411 -38.56 -34.82 -12.62
C TRP D 411 -37.77 -33.79 -11.81
N GLY D 412 -37.00 -32.92 -12.46
CA GLY D 412 -36.20 -31.91 -11.80
C GLY D 412 -34.74 -31.96 -12.24
N ASN D 413 -33.90 -31.18 -11.53
CA ASN D 413 -32.50 -30.98 -11.93
C ASN D 413 -31.62 -32.17 -11.60
N ALA D 414 -31.74 -32.70 -10.38
CA ALA D 414 -30.97 -33.90 -10.03
C ALA D 414 -31.28 -35.06 -10.98
N PRO D 415 -32.56 -35.41 -11.25
CA PRO D 415 -32.82 -36.42 -12.29
C PRO D 415 -32.31 -35.99 -13.66
N GLY D 416 -32.50 -34.73 -14.03
CA GLY D 416 -31.99 -34.23 -15.30
C GLY D 416 -30.48 -34.32 -15.40
N ALA D 417 -29.77 -34.09 -14.29
CA ALA D 417 -28.35 -34.33 -14.29
C ALA D 417 -28.03 -35.80 -14.52
N VAL D 418 -28.77 -36.70 -13.85
CA VAL D 418 -28.45 -38.12 -13.93
C VAL D 418 -28.66 -38.63 -15.34
N ALA D 419 -29.67 -38.10 -16.04
CA ALA D 419 -29.90 -38.49 -17.42
C ALA D 419 -28.68 -38.24 -18.28
N ASN D 420 -28.14 -37.01 -18.22
CA ASN D 420 -26.99 -36.64 -19.04
C ASN D 420 -25.72 -37.35 -18.62
N ARG D 421 -25.54 -37.62 -17.33
CA ARG D 421 -24.35 -38.34 -16.89
C ARG D 421 -24.45 -39.82 -17.26
N VAL D 422 -25.63 -40.41 -17.12
CA VAL D 422 -25.84 -41.81 -17.54
C VAL D 422 -25.62 -41.95 -19.04
N ALA D 423 -26.20 -41.02 -19.81
CA ALA D 423 -26.15 -41.10 -21.26
C ALA D 423 -24.71 -41.05 -21.74
N LEU D 424 -23.93 -40.09 -21.21
CA LEU D 424 -22.55 -39.90 -21.63
C LEU D 424 -21.70 -41.13 -21.30
N GLU D 425 -21.86 -41.68 -20.09
CA GLU D 425 -21.06 -42.84 -19.69
C GLU D 425 -21.46 -44.09 -20.45
N ALA D 426 -22.74 -44.24 -20.79
CA ALA D 426 -23.15 -45.35 -21.64
C ALA D 426 -22.51 -45.26 -23.02
N CYS D 427 -22.37 -44.03 -23.56
CA CYS D 427 -21.64 -43.83 -24.81
C CYS D 427 -20.16 -44.13 -24.66
N VAL D 428 -19.55 -43.75 -23.54
CA VAL D 428 -18.12 -43.98 -23.35
C VAL D 428 -17.84 -45.47 -23.25
N GLN D 429 -18.66 -46.20 -22.49
CA GLN D 429 -18.53 -47.65 -22.38
C GLN D 429 -18.63 -48.31 -23.75
N ALA D 430 -19.71 -47.98 -24.49
CA ALA D 430 -19.91 -48.54 -25.82
C ALA D 430 -18.73 -48.25 -26.74
N ARG D 431 -18.23 -47.01 -26.74
CA ARG D 431 -17.06 -46.66 -27.54
C ARG D 431 -15.83 -47.45 -27.10
N ASN D 432 -15.68 -47.66 -25.79
CA ASN D 432 -14.53 -48.42 -25.31
C ASN D 432 -14.65 -49.89 -25.70
N GLU D 433 -15.88 -50.40 -25.69
CA GLU D 433 -16.14 -51.76 -26.15
C GLU D 433 -15.97 -51.92 -27.65
N GLY D 434 -15.80 -50.82 -28.39
CA GLY D 434 -15.56 -50.86 -29.83
C GLY D 434 -16.72 -50.42 -30.70
N ARG D 435 -17.90 -50.18 -30.13
CA ARG D 435 -19.06 -49.80 -30.94
C ARG D 435 -18.91 -48.39 -31.47
N ASP D 436 -19.56 -48.12 -32.60
CA ASP D 436 -19.44 -46.85 -33.32
C ASP D 436 -20.56 -45.92 -32.87
N LEU D 437 -20.20 -44.77 -32.30
CA LEU D 437 -21.21 -43.88 -31.73
C LEU D 437 -22.10 -43.27 -32.81
N ALA D 438 -21.56 -43.00 -34.00
CA ALA D 438 -22.38 -42.43 -35.06
C ALA D 438 -23.46 -43.40 -35.52
N ARG D 439 -23.14 -44.69 -35.53
CA ARG D 439 -24.04 -45.71 -36.06
C ARG D 439 -24.95 -46.36 -35.00
N GLU D 440 -24.50 -46.44 -33.74
CA GLU D 440 -25.25 -47.13 -32.71
C GLU D 440 -25.80 -46.18 -31.65
N GLY D 441 -25.87 -44.89 -31.97
CA GLY D 441 -26.16 -43.90 -30.93
C GLY D 441 -27.53 -44.07 -30.34
N ASN D 442 -28.53 -44.34 -31.17
CA ASN D 442 -29.90 -44.45 -30.66
C ASN D 442 -30.08 -45.71 -29.83
N THR D 443 -29.44 -46.80 -30.22
CA THR D 443 -29.58 -48.04 -29.48
C THR D 443 -28.85 -47.98 -28.13
N ILE D 444 -27.73 -47.25 -28.07
CA ILE D 444 -26.95 -47.14 -26.84
C ILE D 444 -27.69 -46.30 -25.81
N ILE D 445 -28.25 -45.16 -26.22
CA ILE D 445 -29.13 -44.43 -25.31
C ILE D 445 -30.32 -45.30 -24.91
N ARG D 446 -30.97 -45.94 -25.90
CA ARG D 446 -32.19 -46.70 -25.63
C ARG D 446 -31.92 -47.88 -24.70
N GLU D 447 -30.78 -48.57 -24.89
CA GLU D 447 -30.50 -49.68 -23.98
C GLU D 447 -30.29 -49.18 -22.56
N ALA D 448 -29.75 -47.97 -22.40
CA ALA D 448 -29.53 -47.45 -21.06
C ALA D 448 -30.84 -47.00 -20.42
N THR D 449 -31.88 -46.74 -21.22
CA THR D 449 -33.15 -46.29 -20.65
C THR D 449 -33.84 -47.43 -19.91
N LYS D 450 -33.49 -48.68 -20.21
CA LYS D 450 -34.16 -49.79 -19.55
C LYS D 450 -33.80 -49.86 -18.07
N TRP D 451 -32.53 -49.57 -17.72
CA TRP D 451 -32.16 -49.56 -16.31
C TRP D 451 -32.26 -48.18 -15.65
N SER D 452 -32.25 -47.07 -16.41
CA SER D 452 -32.26 -45.74 -15.81
C SER D 452 -33.57 -45.00 -16.07
N PRO D 453 -34.43 -44.81 -15.06
CA PRO D 453 -35.71 -44.12 -15.30
C PRO D 453 -35.53 -42.66 -15.64
N GLU D 454 -34.53 -42.03 -15.03
CA GLU D 454 -34.24 -40.62 -15.29
C GLU D 454 -33.87 -40.40 -16.75
N LEU D 455 -32.96 -41.23 -17.29
CA LEU D 455 -32.67 -41.18 -18.71
C LEU D 455 -33.93 -41.46 -19.52
N ALA D 456 -34.72 -42.45 -19.08
CA ALA D 456 -35.91 -42.85 -19.81
C ALA D 456 -36.97 -41.76 -19.84
N ALA D 457 -37.02 -40.91 -18.82
CA ALA D 457 -38.00 -39.83 -18.83
C ALA D 457 -37.59 -38.72 -19.79
N ALA D 458 -36.31 -38.34 -19.76
CA ALA D 458 -35.86 -37.21 -20.56
C ALA D 458 -35.99 -37.50 -22.04
N CYS D 459 -35.69 -38.75 -22.44
CA CYS D 459 -35.79 -39.16 -23.84
C CYS D 459 -37.19 -38.94 -24.38
N GLU D 460 -38.21 -39.38 -23.62
CA GLU D 460 -39.59 -39.22 -24.03
C GLU D 460 -39.94 -37.75 -24.31
N VAL D 461 -39.28 -36.81 -23.64
CA VAL D 461 -39.60 -35.39 -23.78
C VAL D 461 -38.85 -34.76 -24.96
N TRP D 462 -37.60 -35.16 -25.21
CA TRP D 462 -36.78 -34.55 -26.26
C TRP D 462 -36.52 -35.54 -27.40
N LYS D 463 -37.54 -36.37 -27.70
CA LYS D 463 -37.38 -37.41 -28.70
C LYS D 463 -37.12 -36.82 -30.09
N GLU D 464 -38.10 -36.07 -30.61
CA GLU D 464 -38.05 -35.62 -31.99
C GLU D 464 -37.50 -34.21 -32.13
N ILE D 465 -36.63 -33.77 -31.22
CA ILE D 465 -36.15 -32.39 -31.19
C ILE D 465 -34.80 -32.34 -31.89
N LYS D 466 -34.75 -31.67 -33.03
CA LYS D 466 -33.55 -31.56 -33.83
C LYS D 466 -33.43 -30.12 -34.29
N PHE D 467 -32.24 -29.74 -34.77
CA PHE D 467 -31.99 -28.38 -35.27
C PHE D 467 -31.30 -28.48 -36.64
N GLU D 468 -32.08 -28.45 -37.71
CA GLU D 468 -31.57 -28.64 -39.06
C GLU D 468 -31.96 -27.45 -39.93
N PHE D 469 -30.95 -26.73 -40.41
CA PHE D 469 -31.16 -25.52 -41.20
C PHE D 469 -29.99 -25.35 -42.14
N PRO D 470 -30.17 -24.63 -43.24
CA PRO D 470 -29.02 -24.21 -44.06
C PRO D 470 -27.99 -23.45 -43.23
N ALA D 471 -26.72 -23.64 -43.58
CA ALA D 471 -25.64 -22.92 -42.93
C ALA D 471 -25.27 -21.67 -43.71
N MET D 472 -24.93 -20.60 -42.99
CA MET D 472 -24.56 -19.33 -43.60
C MET D 472 -23.10 -19.29 -44.04
N ASP D 473 -22.27 -20.13 -43.44
CA ASP D 473 -20.83 -20.14 -43.68
C ASP D 473 -20.43 -21.60 -43.76
N THR D 474 -20.32 -22.12 -44.98
CA THR D 474 -19.74 -23.42 -45.22
C THR D 474 -18.46 -23.21 -46.03
N VAL D 475 -17.67 -24.27 -46.13
CA VAL D 475 -16.30 -24.12 -46.60
C VAL D 475 -16.22 -23.52 -48.02
N ALA E 9 4.79 -46.41 -28.58
CA ALA E 9 4.89 -47.61 -27.76
C ALA E 9 5.88 -47.40 -26.61
N SER E 10 5.67 -48.12 -25.52
CA SER E 10 6.48 -47.99 -24.30
C SER E 10 7.32 -49.24 -24.08
N VAL E 11 8.60 -49.06 -23.81
CA VAL E 11 9.48 -50.16 -23.41
C VAL E 11 9.37 -50.35 -21.90
N GLU E 12 9.48 -51.61 -21.45
CA GLU E 12 9.43 -51.93 -20.01
C GLU E 12 10.55 -51.24 -19.24
N PHE E 13 10.36 -51.10 -17.93
CA PHE E 13 11.38 -50.49 -17.08
C PHE E 13 12.47 -51.51 -16.81
N LYS E 14 13.73 -51.11 -17.00
CA LYS E 14 14.88 -51.94 -16.62
C LYS E 14 15.77 -51.15 -15.68
N ALA E 15 15.84 -51.58 -14.42
CA ALA E 15 16.70 -50.94 -13.45
C ALA E 15 18.16 -51.20 -13.79
N GLY E 16 19.01 -50.22 -13.49
CA GLY E 16 20.44 -50.33 -13.69
C GLY E 16 21.01 -49.19 -14.52
N VAL E 17 22.34 -49.22 -14.66
CA VAL E 17 23.07 -48.16 -15.34
C VAL E 17 23.30 -48.56 -16.79
N LYS E 18 22.94 -47.66 -17.72
CA LYS E 18 23.25 -47.82 -19.13
C LYS E 18 23.93 -46.55 -19.60
N ASP E 19 24.73 -46.68 -20.65
CA ASP E 19 25.58 -45.56 -21.05
C ASP E 19 24.73 -44.38 -21.53
N TYR E 20 25.32 -43.19 -21.39
CA TYR E 20 24.68 -41.98 -21.86
C TYR E 20 24.58 -41.95 -23.39
N LYS E 21 25.56 -42.54 -24.10
CA LYS E 21 25.60 -42.40 -25.55
C LYS E 21 24.41 -43.06 -26.22
N LEU E 22 23.85 -44.11 -25.63
CA LEU E 22 22.72 -44.77 -26.27
C LEU E 22 21.55 -43.81 -26.41
N THR E 23 21.11 -43.25 -25.29
CA THR E 23 19.95 -42.39 -25.32
C THR E 23 20.25 -40.92 -25.60
N TYR E 24 21.51 -40.45 -25.50
CA TYR E 24 21.78 -39.02 -25.65
C TYR E 24 22.82 -38.66 -26.71
N TYR E 25 23.33 -39.59 -27.49
CA TYR E 25 24.15 -39.24 -28.64
C TYR E 25 23.32 -39.51 -29.90
N THR E 26 23.09 -38.45 -30.69
CA THR E 26 22.18 -38.49 -31.83
C THR E 26 22.78 -37.74 -33.00
N PRO E 27 23.82 -38.30 -33.65
CA PRO E 27 24.50 -37.57 -34.72
C PRO E 27 23.62 -37.27 -35.94
N GLU E 28 22.53 -38.01 -36.14
CA GLU E 28 21.66 -37.80 -37.30
C GLU E 28 20.72 -36.62 -37.13
N TYR E 29 20.38 -36.29 -35.88
CA TYR E 29 19.41 -35.24 -35.54
C TYR E 29 19.67 -33.93 -36.29
N GLU E 30 18.61 -33.36 -36.85
CA GLU E 30 18.65 -32.03 -37.45
C GLU E 30 18.14 -31.03 -36.44
N THR E 31 18.88 -29.95 -36.23
CA THR E 31 18.46 -28.99 -35.22
C THR E 31 17.20 -28.27 -35.67
N LEU E 32 16.22 -28.22 -34.77
CA LEU E 32 15.07 -27.33 -34.93
C LEU E 32 15.49 -25.88 -34.78
N ASP E 33 14.71 -24.99 -35.39
CA ASP E 33 14.99 -23.57 -35.31
C ASP E 33 14.61 -22.96 -33.96
N THR E 34 13.77 -23.64 -33.17
CA THR E 34 13.37 -23.23 -31.84
C THR E 34 14.35 -23.66 -30.75
N ASP E 35 15.20 -24.65 -31.04
CA ASP E 35 16.08 -25.20 -30.01
C ASP E 35 17.21 -24.26 -29.64
N ILE E 36 17.68 -24.37 -28.39
CA ILE E 36 18.94 -23.73 -28.03
C ILE E 36 20.07 -24.69 -28.35
N LEU E 37 21.14 -24.19 -28.95
CA LEU E 37 22.32 -24.96 -29.32
C LEU E 37 23.51 -24.50 -28.47
N ALA E 38 24.38 -25.44 -28.08
CA ALA E 38 25.53 -25.13 -27.23
C ALA E 38 26.79 -25.75 -27.82
N ALA E 39 27.86 -24.97 -27.82
CA ALA E 39 29.16 -25.38 -28.34
C ALA E 39 30.11 -25.52 -27.17
N PHE E 40 30.42 -26.75 -26.80
CA PHE E 40 31.30 -27.03 -25.67
C PHE E 40 32.66 -27.44 -26.20
N ARG E 41 33.73 -26.85 -25.65
CA ARG E 41 35.04 -27.46 -25.79
C ARG E 41 35.21 -28.47 -24.66
N VAL E 42 35.27 -29.76 -25.02
CA VAL E 42 35.19 -30.88 -24.08
C VAL E 42 36.53 -31.58 -24.04
N SER E 43 37.11 -31.68 -22.85
CA SER E 43 38.34 -32.45 -22.67
C SER E 43 38.06 -33.66 -21.79
N PRO E 44 37.78 -34.83 -22.37
CA PRO E 44 37.39 -35.99 -21.56
C PRO E 44 38.57 -36.49 -20.77
N GLN E 45 38.26 -37.23 -19.71
CA GLN E 45 39.31 -37.95 -19.00
C GLN E 45 39.87 -39.05 -19.89
N PRO E 46 41.11 -39.48 -19.63
CA PRO E 46 41.69 -40.58 -20.41
C PRO E 46 40.85 -41.85 -20.31
N GLY E 47 40.61 -42.48 -21.46
CA GLY E 47 39.78 -43.66 -21.50
C GLY E 47 38.29 -43.40 -21.58
N VAL E 48 37.86 -42.15 -21.65
CA VAL E 48 36.44 -41.83 -21.78
C VAL E 48 36.18 -41.49 -23.25
N PRO E 49 35.29 -42.22 -23.92
CA PRO E 49 35.02 -41.96 -25.33
C PRO E 49 34.39 -40.59 -25.55
N PRO E 50 34.80 -39.87 -26.59
CA PRO E 50 34.26 -38.52 -26.81
C PRO E 50 32.76 -38.49 -26.86
N GLU E 51 32.13 -39.56 -27.36
CA GLU E 51 30.68 -39.53 -27.56
C GLU E 51 29.96 -39.66 -26.24
N GLU E 52 30.52 -40.40 -25.30
CA GLU E 52 29.89 -40.51 -23.99
C GLU E 52 30.02 -39.18 -23.24
N ALA E 53 31.18 -38.54 -23.34
CA ALA E 53 31.36 -37.21 -22.77
C ALA E 53 30.33 -36.24 -23.33
N GLY E 54 30.22 -36.17 -24.65
CA GLY E 54 29.19 -35.32 -25.24
C GLY E 54 27.81 -35.68 -24.76
N ALA E 55 27.50 -36.98 -24.74
CA ALA E 55 26.16 -37.42 -24.34
C ALA E 55 25.95 -37.26 -22.84
N ALA E 56 27.02 -37.39 -22.05
CA ALA E 56 26.93 -37.05 -20.63
C ALA E 56 26.61 -35.58 -20.42
N VAL E 57 27.35 -34.70 -21.13
CA VAL E 57 27.08 -33.27 -21.03
C VAL E 57 25.64 -32.96 -21.42
N ALA E 58 25.13 -33.63 -22.46
CA ALA E 58 23.75 -33.39 -22.84
C ALA E 58 22.77 -33.92 -21.78
N ALA E 59 23.00 -35.14 -21.28
CA ALA E 59 22.01 -35.78 -20.42
C ALA E 59 21.88 -35.10 -19.06
N GLU E 60 23.01 -34.75 -18.45
CA GLU E 60 22.95 -34.15 -17.13
C GLU E 60 22.50 -32.68 -17.16
N SER E 61 22.71 -31.97 -18.28
CA SER E 61 22.19 -30.63 -18.43
C SER E 61 20.71 -30.60 -18.75
N SER E 62 20.09 -31.75 -19.07
CA SER E 62 18.71 -31.72 -19.55
C SER E 62 17.76 -32.65 -18.79
N THR E 63 17.75 -33.94 -19.11
CA THR E 63 16.78 -34.86 -18.55
C THR E 63 17.40 -36.08 -17.88
N GLY E 64 18.72 -36.20 -17.85
CA GLY E 64 19.28 -37.48 -17.42
C GLY E 64 19.98 -37.57 -16.07
N THR E 65 20.16 -38.80 -15.59
CA THR E 65 20.95 -39.08 -14.39
C THR E 65 21.73 -40.38 -14.60
N TRP E 66 22.44 -40.82 -13.55
CA TRP E 66 23.44 -41.87 -13.67
C TRP E 66 22.82 -43.26 -13.84
N THR E 67 21.58 -43.47 -13.38
CA THR E 67 20.90 -44.76 -13.51
C THR E 67 19.53 -44.53 -14.14
N THR E 68 18.99 -45.59 -14.74
CA THR E 68 17.69 -45.50 -15.40
C THR E 68 16.57 -45.38 -14.38
N VAL E 69 15.66 -44.43 -14.59
CA VAL E 69 14.57 -44.14 -13.66
C VAL E 69 13.24 -44.49 -14.33
N TRP E 70 12.35 -45.16 -13.59
CA TRP E 70 11.07 -45.56 -14.16
C TRP E 70 10.19 -44.39 -14.57
N THR E 71 10.44 -43.17 -14.06
CA THR E 71 9.54 -42.06 -14.38
C THR E 71 9.69 -41.62 -15.82
N ASP E 72 10.78 -42.02 -16.47
CA ASP E 72 11.01 -41.64 -17.85
C ASP E 72 9.86 -42.07 -18.77
N GLY E 73 9.22 -43.21 -18.48
CA GLY E 73 8.13 -43.70 -19.31
C GLY E 73 6.84 -42.90 -19.21
N LEU E 74 6.70 -42.06 -18.18
CA LEU E 74 5.52 -41.20 -18.08
C LEU E 74 5.63 -39.99 -18.99
N THR E 75 6.84 -39.52 -19.26
CA THR E 75 7.10 -38.45 -20.22
C THR E 75 7.60 -39.05 -21.53
N ASN E 76 7.62 -38.20 -22.55
CA ASN E 76 8.22 -38.57 -23.84
C ASN E 76 9.62 -37.99 -23.85
N LEU E 77 10.62 -38.81 -23.57
CA LEU E 77 11.97 -38.28 -23.39
C LEU E 77 12.49 -37.65 -24.68
N ASP E 78 12.23 -38.27 -25.83
CA ASP E 78 12.76 -37.74 -27.09
C ASP E 78 12.33 -36.30 -27.31
N ARG E 79 11.14 -35.94 -26.82
CA ARG E 79 10.67 -34.56 -26.91
C ARG E 79 11.50 -33.61 -26.03
N TYR E 80 12.00 -34.09 -24.89
CA TYR E 80 12.62 -33.16 -23.95
C TYR E 80 14.14 -33.30 -23.85
N LYS E 81 14.73 -34.41 -24.28
CA LYS E 81 16.14 -34.68 -24.00
C LYS E 81 17.06 -33.74 -24.77
N GLY E 82 18.08 -33.23 -24.07
CA GLY E 82 19.21 -32.62 -24.75
C GLY E 82 19.90 -33.66 -25.62
N ARG E 83 20.52 -33.19 -26.69
CA ARG E 83 21.08 -34.10 -27.69
C ARG E 83 22.45 -33.61 -28.09
N CYS E 84 23.46 -34.46 -28.02
CA CYS E 84 24.73 -34.13 -28.65
C CYS E 84 24.65 -34.67 -30.08
N TYR E 85 24.67 -33.77 -31.07
CA TYR E 85 24.41 -34.14 -32.46
C TYR E 85 25.62 -34.04 -33.36
N HIS E 86 26.70 -33.39 -32.92
CA HIS E 86 27.92 -33.32 -33.72
C HIS E 86 29.12 -33.19 -32.79
N ILE E 87 30.18 -33.94 -33.10
CA ILE E 87 31.45 -33.85 -32.39
C ILE E 87 32.54 -33.53 -33.40
N GLU E 88 33.34 -32.51 -33.11
CA GLU E 88 34.39 -32.09 -34.02
C GLU E 88 35.72 -32.07 -33.28
N PRO E 89 36.78 -32.62 -33.85
CA PRO E 89 38.08 -32.57 -33.17
C PRO E 89 38.67 -31.16 -33.19
N VAL E 90 39.58 -30.93 -32.25
CA VAL E 90 40.25 -29.65 -32.10
C VAL E 90 41.68 -29.79 -32.62
N ALA E 91 42.06 -28.90 -33.54
CA ALA E 91 43.41 -28.94 -34.09
C ALA E 91 44.48 -28.75 -33.01
N GLY E 92 45.60 -29.46 -33.14
CA GLY E 92 46.67 -29.40 -32.18
C GLY E 92 46.40 -30.20 -30.92
N GLU E 93 45.18 -30.69 -30.73
CA GLU E 93 44.78 -31.31 -29.47
C GLU E 93 44.40 -32.77 -29.72
N GLU E 94 44.87 -33.64 -28.86
CA GLU E 94 44.33 -34.98 -28.76
C GLU E 94 43.57 -35.03 -27.44
N ASN E 95 42.42 -35.72 -27.46
CA ASN E 95 41.50 -35.78 -26.32
C ASN E 95 40.93 -34.41 -25.98
N GLN E 96 40.83 -33.52 -26.97
CA GLN E 96 39.99 -32.34 -26.87
C GLN E 96 39.09 -32.26 -28.09
N TYR E 97 37.80 -32.09 -27.86
CA TYR E 97 36.80 -32.07 -28.92
C TYR E 97 35.83 -30.93 -28.68
N ILE E 98 35.29 -30.37 -29.77
CA ILE E 98 34.13 -29.48 -29.69
C ILE E 98 32.88 -30.33 -29.87
N CYS E 99 31.97 -30.28 -28.91
CA CYS E 99 30.71 -31.01 -28.96
C CYS E 99 29.55 -30.03 -29.05
N TYR E 100 28.59 -30.31 -29.94
CA TYR E 100 27.43 -29.45 -30.15
C TYR E 100 26.23 -30.12 -29.51
N VAL E 101 25.47 -29.38 -28.68
CA VAL E 101 24.36 -29.96 -27.92
C VAL E 101 23.11 -29.10 -28.12
N ALA E 102 22.01 -29.72 -28.52
CA ALA E 102 20.75 -29.03 -28.75
C ALA E 102 19.78 -29.27 -27.60
N TYR E 103 19.24 -28.19 -27.07
CA TYR E 103 18.25 -28.27 -26.03
C TYR E 103 16.91 -27.79 -26.59
N PRO E 104 15.81 -28.47 -26.32
CA PRO E 104 14.51 -27.97 -26.79
C PRO E 104 14.02 -26.75 -26.02
N LEU E 105 13.16 -25.97 -26.71
CA LEU E 105 12.63 -24.74 -26.15
C LEU E 105 11.79 -24.96 -24.88
N ASP E 106 11.13 -26.12 -24.75
CA ASP E 106 10.28 -26.44 -23.60
C ASP E 106 11.04 -26.61 -22.28
N LEU E 107 12.38 -26.72 -22.32
CA LEU E 107 13.20 -26.95 -21.13
C LEU E 107 13.52 -25.66 -20.36
N PHE E 108 13.30 -24.50 -20.98
CA PHE E 108 13.79 -23.24 -20.47
C PHE E 108 12.63 -22.39 -19.98
N GLU E 109 12.88 -21.61 -18.92
CA GLU E 109 11.87 -20.67 -18.44
C GLU E 109 11.99 -19.38 -19.25
N GLU E 110 10.84 -18.91 -19.74
CA GLU E 110 10.79 -17.71 -20.55
C GLU E 110 11.26 -16.51 -19.75
N GLY E 111 12.22 -15.77 -20.30
CA GLY E 111 12.66 -14.55 -19.68
C GLY E 111 13.75 -14.71 -18.65
N SER E 112 14.25 -15.93 -18.44
CA SER E 112 15.16 -16.22 -17.34
C SER E 112 16.54 -16.61 -17.87
N VAL E 113 17.45 -15.64 -17.95
CA VAL E 113 18.84 -16.01 -18.16
C VAL E 113 19.31 -16.97 -17.06
N THR E 114 18.82 -16.76 -15.83
CA THR E 114 19.18 -17.62 -14.71
C THR E 114 18.89 -19.08 -15.02
N ASN E 115 17.65 -19.37 -15.44
CA ASN E 115 17.24 -20.74 -15.71
C ASN E 115 18.02 -21.36 -16.87
N MET E 116 18.32 -20.57 -17.90
CA MET E 116 19.08 -21.09 -19.05
C MET E 116 20.47 -21.54 -18.63
N PHE E 117 21.19 -20.68 -17.90
CA PHE E 117 22.52 -21.05 -17.39
C PHE E 117 22.42 -22.23 -16.44
N THR E 118 21.35 -22.27 -15.63
CA THR E 118 21.22 -23.33 -14.63
C THR E 118 21.14 -24.70 -15.28
N SER E 119 20.44 -24.79 -16.41
CA SER E 119 20.35 -26.06 -17.11
C SER E 119 21.64 -26.38 -17.87
N ILE E 120 22.04 -25.48 -18.77
CA ILE E 120 23.14 -25.74 -19.70
C ILE E 120 24.46 -25.89 -18.98
N VAL E 121 24.66 -25.17 -17.89
CA VAL E 121 25.98 -24.99 -17.33
C VAL E 121 26.08 -25.43 -15.87
N GLY E 122 24.96 -25.85 -15.26
CA GLY E 122 24.82 -26.14 -13.83
C GLY E 122 25.72 -27.19 -13.16
N ASN E 123 25.65 -28.44 -13.61
CA ASN E 123 26.38 -29.52 -12.97
C ASN E 123 27.50 -30.11 -13.84
N VAL E 124 27.39 -30.01 -15.17
CA VAL E 124 28.24 -30.77 -16.10
C VAL E 124 29.74 -30.47 -15.91
N PHE E 125 30.11 -29.22 -15.64
CA PHE E 125 31.50 -28.83 -15.46
C PHE E 125 32.16 -29.56 -14.29
N GLY E 126 31.37 -30.09 -13.36
CA GLY E 126 31.87 -30.79 -12.19
C GLY E 126 32.15 -32.26 -12.36
N PHE E 127 31.77 -32.84 -13.50
CA PHE E 127 31.82 -34.29 -13.64
C PHE E 127 33.25 -34.84 -13.66
N LYS E 128 33.45 -35.90 -12.89
CA LYS E 128 34.75 -36.56 -12.76
C LYS E 128 35.29 -37.01 -14.11
N ALA E 129 34.42 -37.53 -14.99
CA ALA E 129 34.83 -38.07 -16.27
C ALA E 129 35.41 -37.03 -17.23
N LEU E 130 35.37 -35.73 -16.90
CA LEU E 130 35.89 -34.66 -17.76
C LEU E 130 37.09 -34.00 -17.10
N ARG E 131 38.16 -33.78 -17.86
CA ARG E 131 39.30 -33.01 -17.35
C ARG E 131 39.00 -31.50 -17.34
N ALA E 132 38.28 -31.02 -18.35
CA ALA E 132 37.97 -29.60 -18.47
C ALA E 132 36.75 -29.44 -19.36
N LEU E 133 36.00 -28.37 -19.13
CA LEU E 133 34.83 -28.07 -19.96
C LEU E 133 34.73 -26.56 -20.13
N ARG E 134 34.56 -26.12 -21.38
CA ARG E 134 34.34 -24.70 -21.67
C ARG E 134 33.10 -24.57 -22.55
N LEU E 135 32.27 -23.58 -22.27
CA LEU E 135 31.13 -23.28 -23.13
C LEU E 135 31.55 -22.13 -24.05
N GLU E 136 31.65 -22.43 -25.34
CA GLU E 136 32.26 -21.48 -26.25
C GLU E 136 31.25 -20.56 -26.91
N ASP E 137 30.02 -21.01 -27.13
CA ASP E 137 29.00 -20.22 -27.81
C ASP E 137 27.65 -20.88 -27.53
N LEU E 138 26.60 -20.11 -27.76
CA LEU E 138 25.22 -20.56 -27.61
C LEU E 138 24.45 -19.99 -28.80
N ARG E 139 23.52 -20.77 -29.35
CA ARG E 139 22.61 -20.25 -30.36
C ARG E 139 21.26 -20.07 -29.69
N ILE E 140 20.91 -18.83 -29.39
CA ILE E 140 19.65 -18.52 -28.74
C ILE E 140 18.59 -18.36 -29.82
N PRO E 141 17.58 -19.21 -29.86
CA PRO E 141 16.53 -19.09 -30.88
C PRO E 141 15.73 -17.80 -30.71
N VAL E 142 15.21 -17.29 -31.84
CA VAL E 142 14.52 -16.01 -31.81
C VAL E 142 13.20 -16.13 -31.06
N ALA E 143 12.63 -17.34 -30.95
CA ALA E 143 11.41 -17.52 -30.16
C ALA E 143 11.69 -17.41 -28.67
N TYR E 144 12.93 -17.70 -28.24
CA TYR E 144 13.30 -17.48 -26.84
C TYR E 144 13.73 -16.02 -26.62
N VAL E 145 14.43 -15.43 -27.60
CA VAL E 145 14.79 -14.00 -27.55
C VAL E 145 13.55 -13.16 -27.23
N LYS E 146 12.50 -13.33 -28.01
CA LYS E 146 11.30 -12.51 -27.86
C LYS E 146 10.70 -12.57 -26.45
N THR E 147 11.02 -13.57 -25.62
CA THR E 147 10.50 -13.61 -24.25
C THR E 147 11.22 -12.66 -23.28
N PHE E 148 12.36 -12.09 -23.67
CA PHE E 148 13.16 -11.19 -22.86
C PHE E 148 12.87 -9.74 -23.26
N GLN E 149 12.92 -8.83 -22.28
CA GLN E 149 12.76 -7.41 -22.58
C GLN E 149 14.01 -6.85 -23.27
N GLY E 150 15.17 -7.37 -22.91
CA GLY E 150 16.40 -6.93 -23.51
C GLY E 150 16.82 -5.58 -22.97
N PRO E 151 17.76 -4.94 -23.66
CA PRO E 151 18.30 -3.66 -23.21
C PRO E 151 17.16 -2.70 -22.95
N PRO E 152 17.23 -1.95 -21.85
CA PRO E 152 16.15 -1.01 -21.54
C PRO E 152 15.91 0.04 -22.61
N HIS E 153 16.95 0.52 -23.28
CA HIS E 153 16.81 1.55 -24.30
C HIS E 153 17.53 1.16 -25.60
N GLY E 154 18.80 0.76 -25.52
CA GLY E 154 19.51 0.36 -26.72
C GLY E 154 20.20 1.54 -27.37
N ILE E 155 21.02 1.25 -28.40
CA ILE E 155 21.96 2.26 -28.90
C ILE E 155 21.24 3.47 -29.43
N GLN E 156 20.22 3.26 -30.27
CA GLN E 156 19.52 4.38 -30.90
C GLN E 156 18.88 5.28 -29.86
N VAL E 157 18.10 4.70 -28.94
CA VAL E 157 17.42 5.50 -27.93
C VAL E 157 18.42 6.22 -27.05
N GLU E 158 19.53 5.56 -26.72
CA GLU E 158 20.47 6.20 -25.82
C GLU E 158 21.04 7.47 -26.47
N ARG E 159 21.52 7.34 -27.71
CA ARG E 159 22.07 8.49 -28.44
C ARG E 159 21.02 9.59 -28.60
N ASP E 160 19.78 9.21 -28.91
CA ASP E 160 18.75 10.23 -29.09
C ASP E 160 18.45 10.95 -27.78
N LYS E 161 18.51 10.23 -26.66
CA LYS E 161 18.24 10.88 -25.39
C LYS E 161 19.36 11.86 -25.00
N LEU E 162 20.60 11.57 -25.40
CA LEU E 162 21.72 12.41 -25.03
C LEU E 162 22.05 13.50 -26.04
N ASN E 163 21.46 13.43 -27.25
CA ASN E 163 21.79 14.35 -28.34
C ASN E 163 23.26 14.27 -28.73
N LYS E 164 23.84 13.07 -28.68
CA LYS E 164 25.22 12.88 -29.08
C LYS E 164 25.25 11.96 -30.30
N TYR E 165 25.79 12.44 -31.41
CA TYR E 165 25.87 11.62 -32.60
C TYR E 165 27.24 11.81 -33.24
N GLY E 166 27.71 10.76 -33.88
CA GLY E 166 28.80 10.90 -34.83
C GLY E 166 30.19 10.69 -34.27
N ARG E 167 30.31 10.33 -33.01
CA ARG E 167 31.62 9.99 -32.47
C ARG E 167 31.43 8.88 -31.46
N PRO E 168 32.50 8.17 -31.10
CA PRO E 168 32.45 7.37 -29.88
C PRO E 168 32.15 8.26 -28.68
N LEU E 169 31.48 7.68 -27.69
CA LEU E 169 31.29 8.40 -26.42
C LEU E 169 32.54 8.28 -25.55
N LEU E 170 32.74 9.28 -24.69
CA LEU E 170 33.94 9.40 -23.87
C LEU E 170 33.57 9.47 -22.41
N GLY E 171 34.22 8.64 -21.58
CA GLY E 171 33.92 8.58 -20.16
C GLY E 171 35.19 8.49 -19.33
N CYS E 172 35.00 8.48 -18.00
CA CYS E 172 36.08 8.51 -17.03
C CYS E 172 35.65 7.84 -15.73
N THR E 173 36.46 6.93 -15.21
CA THR E 173 36.23 6.37 -13.87
C THR E 173 36.97 7.23 -12.84
N ILE E 174 36.25 7.71 -11.82
CA ILE E 174 36.92 8.49 -10.78
C ILE E 174 37.88 7.58 -10.02
N LYS E 175 39.09 8.08 -9.76
CA LYS E 175 40.10 7.37 -8.99
C LYS E 175 40.56 8.24 -7.84
N PRO E 176 41.13 7.66 -6.77
CA PRO E 176 41.44 6.27 -6.47
C PRO E 176 40.17 5.42 -6.45
N LYS E 177 40.29 4.09 -6.53
CA LYS E 177 39.08 3.28 -6.62
C LYS E 177 38.24 3.49 -5.38
N LEU E 178 38.87 3.40 -4.22
CA LEU E 178 38.18 3.54 -2.94
C LEU E 178 38.88 4.64 -2.14
N GLY E 179 38.17 5.13 -1.13
CA GLY E 179 38.73 6.05 -0.16
C GLY E 179 38.36 7.51 -0.31
N LEU E 180 37.77 7.93 -1.44
CA LEU E 180 37.37 9.32 -1.60
C LEU E 180 36.06 9.60 -0.86
N SER E 181 35.93 10.84 -0.38
CA SER E 181 34.69 11.37 0.18
C SER E 181 33.68 11.72 -0.90
N ALA E 182 32.40 11.68 -0.51
CA ALA E 182 31.31 12.11 -1.38
C ALA E 182 31.52 13.53 -1.94
N LYS E 183 32.04 14.45 -1.11
CA LYS E 183 32.33 15.80 -1.58
C LYS E 183 33.45 15.80 -2.62
N ASN E 184 34.54 15.07 -2.36
CA ASN E 184 35.62 15.05 -3.33
C ASN E 184 35.23 14.28 -4.59
N TYR E 185 34.46 13.19 -4.44
CA TYR E 185 33.99 12.43 -5.58
C TYR E 185 33.26 13.33 -6.57
N GLY E 186 32.38 14.18 -6.05
CA GLY E 186 31.62 15.07 -6.92
C GLY E 186 32.50 16.14 -7.49
N ARG E 187 33.43 16.65 -6.68
CA ARG E 187 34.38 17.65 -7.17
C ARG E 187 35.14 17.12 -8.39
N ALA E 188 35.66 15.89 -8.30
CA ALA E 188 36.41 15.31 -9.40
C ALA E 188 35.51 15.00 -10.61
N VAL E 189 34.25 14.66 -10.37
CA VAL E 189 33.30 14.47 -11.46
C VAL E 189 33.06 15.79 -12.19
N TYR E 190 32.94 16.91 -11.47
CA TYR E 190 32.66 18.16 -12.16
C TYR E 190 33.82 18.56 -13.05
N GLU E 191 35.04 18.46 -12.53
CA GLU E 191 36.18 18.85 -13.35
C GLU E 191 36.33 17.94 -14.57
N CYS E 192 36.11 16.65 -14.39
CA CYS E 192 36.21 15.75 -15.54
C CYS E 192 35.21 16.14 -16.62
N LEU E 193 33.95 16.34 -16.25
CA LEU E 193 32.90 16.56 -17.24
C LEU E 193 33.03 17.91 -17.93
N ARG E 194 33.42 18.97 -17.21
CA ARG E 194 33.58 20.30 -17.79
C ARG E 194 34.66 20.37 -18.87
N GLY E 195 35.49 19.35 -19.01
CA GLY E 195 36.55 19.29 -20.00
C GLY E 195 36.24 18.47 -21.22
N GLY E 196 35.03 17.93 -21.34
CA GLY E 196 34.61 17.31 -22.58
C GLY E 196 34.34 15.84 -22.48
N LEU E 197 34.45 15.24 -21.30
CA LEU E 197 34.08 13.83 -21.18
C LEU E 197 32.56 13.76 -21.08
N ASP E 198 31.94 12.85 -21.83
CA ASP E 198 30.49 12.79 -21.84
C ASP E 198 29.94 12.26 -20.51
N PHE E 199 30.58 11.21 -20.00
CA PHE E 199 30.17 10.52 -18.78
C PHE E 199 31.30 10.51 -17.77
N THR E 200 30.93 10.28 -16.51
CA THR E 200 31.86 9.78 -15.51
C THR E 200 31.13 8.62 -14.82
N KCX E 201 31.84 7.85 -13.98
CA KCX E 201 31.24 6.71 -13.32
CB KCX E 201 31.33 5.47 -14.20
CG KCX E 201 32.71 4.84 -14.24
CD KCX E 201 32.75 3.73 -15.28
CE KCX E 201 32.23 2.41 -14.75
NZ KCX E 201 33.11 1.96 -13.67
C KCX E 201 31.86 6.38 -11.97
O KCX E 201 32.98 6.76 -11.67
CX KCX E 201 34.20 1.24 -13.93
OQ1 KCX E 201 34.51 0.90 -15.09
OQ2 KCX E 201 34.91 0.91 -12.95
N ASP E 202 31.07 5.69 -11.14
CA ASP E 202 31.57 5.11 -9.91
C ASP E 202 32.43 3.91 -10.37
N ASP E 203 33.48 3.59 -9.62
CA ASP E 203 34.15 2.30 -9.83
C ASP E 203 33.20 1.17 -9.43
N GLU E 204 33.51 -0.03 -9.90
CA GLU E 204 32.56 -1.13 -9.74
C GLU E 204 32.41 -1.55 -8.28
N ASN E 205 33.46 -1.35 -7.45
CA ASN E 205 33.43 -1.66 -6.02
C ASN E 205 32.77 -0.55 -5.19
N VAL E 206 32.65 0.66 -5.73
CA VAL E 206 32.03 1.77 -4.99
C VAL E 206 30.53 1.53 -4.93
N ASN E 207 30.02 1.31 -3.71
CA ASN E 207 28.60 1.05 -3.50
C ASN E 207 28.10 1.89 -2.33
N SER E 208 28.15 1.33 -1.11
CA SER E 208 27.95 2.12 0.11
C SER E 208 28.92 1.63 1.17
N GLN E 209 29.78 2.53 1.64
CA GLN E 209 30.94 2.16 2.45
C GLN E 209 31.21 3.23 3.49
N PRO E 210 31.99 2.92 4.52
CA PRO E 210 32.24 3.91 5.58
C PRO E 210 32.88 5.19 5.10
N PHE E 211 33.71 5.17 4.04
CA PHE E 211 34.26 6.43 3.56
C PHE E 211 33.25 7.21 2.74
N MET E 212 32.21 6.56 2.22
CA MET E 212 31.28 7.21 1.30
C MET E 212 29.99 6.42 1.24
N ARG E 213 28.94 6.99 1.78
CA ARG E 213 27.64 6.34 1.73
C ARG E 213 26.95 6.77 0.44
N TRP E 214 26.16 5.86 -0.12
CA TRP E 214 25.72 6.04 -1.51
C TRP E 214 24.93 7.31 -1.70
N ARG E 215 24.04 7.64 -0.75
CA ARG E 215 23.12 8.75 -0.95
C ARG E 215 23.87 10.08 -1.00
N ASP E 216 24.93 10.22 -0.21
CA ASP E 216 25.71 11.45 -0.24
C ASP E 216 26.45 11.59 -1.57
N ARG E 217 27.01 10.48 -2.06
CA ARG E 217 27.61 10.50 -3.39
C ARG E 217 26.56 10.84 -4.44
N PHE E 218 25.43 10.14 -4.44
CA PHE E 218 24.45 10.41 -5.48
C PHE E 218 24.12 11.88 -5.54
N LEU E 219 23.99 12.49 -4.36
CA LEU E 219 23.55 13.87 -4.28
C LEU E 219 24.63 14.81 -4.80
N PHE E 220 25.88 14.61 -4.34
CA PHE E 220 26.99 15.47 -4.74
C PHE E 220 27.34 15.28 -6.20
N CYS E 221 27.30 14.04 -6.68
CA CYS E 221 27.57 13.79 -8.09
C CYS E 221 26.49 14.37 -8.99
N ALA E 222 25.22 14.37 -8.55
CA ALA E 222 24.18 15.05 -9.32
C ALA E 222 24.47 16.55 -9.44
N GLU E 223 24.79 17.21 -8.32
CA GLU E 223 25.09 18.63 -8.35
C GLU E 223 26.24 18.91 -9.31
N ALA E 224 27.31 18.10 -9.23
CA ALA E 224 28.44 18.26 -10.15
C ALA E 224 28.03 18.08 -11.60
N LEU E 225 27.28 17.03 -11.94
CA LEU E 225 27.04 16.83 -13.37
C LEU E 225 26.18 17.94 -13.95
N TYR E 226 25.28 18.51 -13.15
CA TYR E 226 24.47 19.63 -13.60
C TYR E 226 25.32 20.88 -13.79
N LYS E 227 26.27 21.15 -12.89
CA LYS E 227 27.14 22.31 -13.08
C LYS E 227 27.90 22.22 -14.42
N ALA E 228 28.56 21.10 -14.67
CA ALA E 228 29.32 20.93 -15.91
C ALA E 228 28.41 20.99 -17.14
N GLN E 229 27.19 20.46 -17.01
CA GLN E 229 26.23 20.52 -18.11
C GLN E 229 25.84 21.97 -18.44
N ALA E 230 25.61 22.82 -17.43
CA ALA E 230 25.30 24.21 -17.74
C ALA E 230 26.50 24.92 -18.36
N GLU E 231 27.70 24.56 -17.90
CA GLU E 231 28.93 25.18 -18.38
C GLU E 231 29.22 24.79 -19.84
N THR E 232 29.06 23.52 -20.15
CA THR E 232 29.46 23.04 -21.47
C THR E 232 28.39 23.29 -22.51
N GLY E 233 27.13 23.27 -22.11
CA GLY E 233 26.04 23.21 -23.08
C GLY E 233 25.81 21.83 -23.62
N GLU E 234 26.40 20.80 -22.99
CA GLU E 234 26.31 19.43 -23.46
C GLU E 234 25.72 18.56 -22.37
N ILE E 235 24.81 17.65 -22.75
CA ILE E 235 24.27 16.72 -21.76
C ILE E 235 25.38 15.86 -21.18
N LYS E 236 25.34 15.67 -19.86
CA LYS E 236 26.36 14.96 -19.10
C LYS E 236 25.72 13.84 -18.29
N GLY E 237 26.49 12.78 -18.02
CA GLY E 237 26.00 11.71 -17.16
C GLY E 237 27.06 11.23 -16.20
N HIS E 238 26.61 10.74 -15.05
CA HIS E 238 27.50 10.01 -14.14
C HIS E 238 26.86 8.67 -13.84
N TYR E 239 27.54 7.58 -14.15
CA TYR E 239 26.99 6.27 -13.83
C TYR E 239 26.97 6.11 -12.31
N LEU E 240 25.77 5.93 -11.76
CA LEU E 240 25.59 5.81 -10.32
C LEU E 240 25.33 4.35 -10.00
N ASN E 241 26.10 3.79 -9.05
CA ASN E 241 26.15 2.34 -8.87
C ASN E 241 25.02 1.88 -7.95
N ALA E 242 24.10 1.09 -8.49
CA ALA E 242 23.02 0.55 -7.65
C ALA E 242 23.33 -0.85 -7.14
N THR E 243 24.50 -1.40 -7.45
CA THR E 243 24.89 -2.71 -6.94
C THR E 243 24.80 -2.73 -5.43
N ALA E 244 24.16 -3.77 -4.88
CA ALA E 244 23.88 -3.82 -3.44
C ALA E 244 23.83 -5.26 -2.94
N GLY E 245 23.72 -5.39 -1.61
CA GLY E 245 23.59 -6.72 -1.00
C GLY E 245 22.25 -7.38 -1.22
N THR E 246 21.19 -6.59 -1.45
CA THR E 246 19.84 -7.13 -1.54
C THR E 246 19.09 -6.38 -2.62
N CYS E 247 18.02 -6.99 -3.17
CA CYS E 247 17.26 -6.35 -4.24
C CYS E 247 16.60 -5.07 -3.71
N GLU E 248 16.27 -5.06 -2.41
CA GLU E 248 15.61 -3.91 -1.80
C GLU E 248 16.52 -2.69 -1.78
N ASP E 249 17.76 -2.89 -1.36
CA ASP E 249 18.74 -1.81 -1.36
C ASP E 249 19.00 -1.32 -2.77
N MET E 250 19.30 -2.27 -3.67
CA MET E 250 19.48 -1.96 -5.08
C MET E 250 18.34 -1.07 -5.59
N MET E 251 17.09 -1.43 -5.25
CA MET E 251 15.95 -0.62 -5.69
C MET E 251 15.93 0.77 -5.07
N LYS E 252 16.33 0.88 -3.79
CA LYS E 252 16.39 2.19 -3.12
C LYS E 252 17.36 3.13 -3.81
N ARG E 253 18.53 2.63 -4.21
CA ARG E 253 19.42 3.46 -5.02
C ARG E 253 18.74 3.86 -6.34
N ALA E 254 18.25 2.88 -7.11
CA ALA E 254 17.63 3.20 -8.41
C ALA E 254 16.53 4.26 -8.30
N VAL E 255 15.71 4.20 -7.24
CA VAL E 255 14.64 5.17 -7.05
C VAL E 255 15.19 6.57 -6.77
N PHE E 256 16.27 6.67 -5.97
CA PHE E 256 16.82 8.00 -5.72
C PHE E 256 17.38 8.60 -7.00
N ALA E 257 18.09 7.79 -7.79
CA ALA E 257 18.52 8.25 -9.10
C ALA E 257 17.35 8.83 -9.88
N ARG E 258 16.24 8.09 -9.92
CA ARG E 258 15.06 8.56 -10.62
C ARG E 258 14.64 9.93 -10.09
N GLU E 259 14.56 10.08 -8.77
CA GLU E 259 14.19 11.36 -8.17
C GLU E 259 15.15 12.48 -8.60
N LEU E 260 16.47 12.22 -8.60
CA LEU E 260 17.42 13.25 -9.00
C LEU E 260 17.28 13.63 -10.47
N GLY E 261 16.72 12.77 -11.30
CA GLY E 261 16.61 13.08 -12.72
C GLY E 261 17.84 12.80 -13.55
N VAL E 262 18.85 12.12 -12.98
CA VAL E 262 20.12 11.88 -13.66
C VAL E 262 19.82 10.91 -14.81
N PRO E 263 20.71 10.77 -15.80
CA PRO E 263 20.36 9.98 -16.99
C PRO E 263 20.66 8.49 -16.93
N ILE E 264 21.62 8.06 -16.11
CA ILE E 264 22.17 6.70 -16.23
C ILE E 264 22.62 6.18 -14.88
N VAL E 265 22.37 4.90 -14.63
CA VAL E 265 22.89 4.17 -13.48
C VAL E 265 23.74 3.02 -13.99
N MET E 266 24.33 2.29 -13.06
CA MET E 266 25.20 1.17 -13.40
C MET E 266 24.96 -0.01 -12.45
N HIS E 267 25.21 -1.21 -12.96
CA HIS E 267 25.05 -2.43 -12.18
C HIS E 267 26.15 -3.43 -12.55
N ASP E 268 26.62 -4.17 -11.55
CA ASP E 268 27.58 -5.26 -11.74
C ASP E 268 26.77 -6.55 -11.85
N TYR E 269 26.51 -6.99 -13.09
CA TYR E 269 25.49 -8.03 -13.26
C TYR E 269 25.94 -9.42 -12.83
N LEU E 270 27.26 -9.71 -12.85
CA LEU E 270 27.69 -11.03 -12.42
C LEU E 270 27.75 -11.16 -10.91
N THR E 271 28.37 -10.20 -10.22
CA THR E 271 28.41 -10.27 -8.77
C THR E 271 27.03 -10.02 -8.18
N GLY E 272 26.31 -9.02 -8.67
CA GLY E 272 24.92 -8.87 -8.29
C GLY E 272 24.08 -10.09 -8.65
N GLY E 273 24.26 -10.63 -9.86
CA GLY E 273 23.55 -11.77 -10.39
C GLY E 273 22.44 -11.39 -11.36
N PHE E 274 22.04 -12.36 -12.17
CA PHE E 274 21.08 -12.10 -13.25
C PHE E 274 19.69 -11.77 -12.73
N THR E 275 19.26 -12.47 -11.67
CA THR E 275 17.93 -12.22 -11.12
C THR E 275 17.76 -10.75 -10.73
N ALA E 276 18.69 -10.22 -9.95
CA ALA E 276 18.65 -8.81 -9.59
C ALA E 276 18.86 -7.91 -10.82
N ASN E 277 19.80 -8.25 -11.71
CA ASN E 277 20.00 -7.43 -12.91
C ASN E 277 18.72 -7.31 -13.71
N THR E 278 18.08 -8.43 -14.02
CA THR E 278 16.86 -8.38 -14.81
C THR E 278 15.80 -7.53 -14.11
N THR E 279 15.73 -7.58 -12.79
CA THR E 279 14.86 -6.68 -12.04
C THR E 279 15.21 -5.24 -12.33
N LEU E 280 16.50 -4.90 -12.28
CA LEU E 280 16.94 -3.52 -12.48
C LEU E 280 16.64 -3.04 -13.90
N SER E 281 17.11 -3.78 -14.91
CA SER E 281 16.77 -3.51 -16.30
C SER E 281 15.29 -3.16 -16.48
N HIS E 282 14.38 -3.95 -15.88
CA HIS E 282 12.96 -3.62 -15.99
C HIS E 282 12.61 -2.32 -15.29
N TYR E 283 13.32 -1.98 -14.20
CA TYR E 283 13.02 -0.72 -13.54
C TYR E 283 13.48 0.42 -14.40
N CYS E 284 14.68 0.30 -14.96
CA CYS E 284 15.22 1.32 -15.84
C CYS E 284 14.31 1.55 -17.04
N ARG E 285 13.76 0.48 -17.64
CA ARG E 285 12.84 0.68 -18.76
C ARG E 285 11.59 1.43 -18.32
N ASP E 286 11.10 1.17 -17.10
CA ASP E 286 9.87 1.81 -16.64
C ASP E 286 10.11 3.23 -16.20
N ASN E 287 11.36 3.62 -16.04
CA ASN E 287 11.66 4.92 -15.46
C ASN E 287 12.63 5.74 -16.29
N GLY E 288 12.95 5.28 -17.50
CA GLY E 288 13.74 6.05 -18.43
C GLY E 288 15.20 6.19 -18.08
N LEU E 289 15.75 5.24 -17.34
CA LEU E 289 17.13 5.33 -16.88
C LEU E 289 18.00 4.48 -17.80
N LEU E 290 19.10 5.06 -18.28
CA LEU E 290 20.07 4.25 -18.98
C LEU E 290 20.81 3.37 -17.96
N LEU E 291 21.18 2.16 -18.38
CA LEU E 291 21.75 1.13 -17.50
C LEU E 291 23.10 0.68 -18.06
N HIS E 292 24.18 1.11 -17.41
CA HIS E 292 25.54 0.68 -17.75
C HIS E 292 25.87 -0.58 -16.98
N ILE E 293 26.44 -1.57 -17.65
CA ILE E 293 26.74 -2.86 -17.03
C ILE E 293 28.26 -3.06 -16.95
N HIS E 294 28.76 -3.38 -15.75
CA HIS E 294 30.18 -3.71 -15.51
C HIS E 294 30.34 -5.22 -15.41
N ARG E 295 31.39 -5.80 -16.00
CA ARG E 295 31.50 -7.25 -16.10
C ARG E 295 32.42 -7.86 -15.03
N ALA E 296 32.54 -7.22 -13.87
CA ALA E 296 33.42 -7.71 -12.81
C ALA E 296 33.10 -9.14 -12.46
N MET E 297 34.13 -9.99 -12.44
CA MET E 297 34.12 -11.41 -12.12
C MET E 297 34.10 -12.27 -13.40
N HIS E 298 33.89 -11.67 -14.58
CA HIS E 298 33.84 -12.46 -15.83
C HIS E 298 35.13 -13.24 -16.06
N ALA E 299 36.29 -12.63 -15.76
CA ALA E 299 37.58 -13.28 -15.98
C ALA E 299 37.81 -14.51 -15.10
N VAL E 300 37.15 -14.59 -13.94
CA VAL E 300 37.15 -15.87 -13.20
C VAL E 300 36.54 -16.97 -14.05
N ILE E 301 35.58 -16.63 -14.89
CA ILE E 301 34.83 -17.58 -15.68
C ILE E 301 35.42 -17.81 -17.07
N ASP E 302 36.02 -16.79 -17.69
CA ASP E 302 36.31 -16.84 -19.12
C ASP E 302 37.77 -16.66 -19.54
N ARG E 303 38.71 -16.50 -18.59
CA ARG E 303 40.10 -16.18 -18.96
C ARG E 303 40.76 -17.33 -19.70
N GLN E 304 40.47 -18.58 -19.29
CA GLN E 304 41.21 -19.74 -19.76
C GLN E 304 40.44 -20.50 -20.84
N LYS E 305 41.19 -20.96 -21.85
CA LYS E 305 40.57 -21.60 -23.01
C LYS E 305 39.96 -22.96 -22.66
N ASN E 306 40.65 -23.76 -21.86
CA ASN E 306 40.25 -25.15 -21.60
C ASN E 306 39.01 -25.27 -20.72
N HIS E 307 38.81 -24.36 -19.76
CA HIS E 307 37.72 -24.53 -18.81
C HIS E 307 37.01 -23.20 -18.63
N GLY E 308 35.68 -23.25 -18.56
CA GLY E 308 34.89 -22.06 -18.26
C GLY E 308 33.70 -21.77 -19.16
N MET E 309 33.35 -20.49 -19.25
CA MET E 309 32.42 -19.97 -20.24
C MET E 309 33.11 -18.77 -20.88
N HIS E 310 33.06 -18.72 -22.21
CA HIS E 310 33.59 -17.57 -22.93
C HIS E 310 32.74 -16.33 -22.68
N PHE E 311 33.37 -15.15 -22.80
CA PHE E 311 32.65 -13.91 -22.57
C PHE E 311 31.52 -13.68 -23.59
N ARG E 312 31.66 -14.20 -24.81
CA ARG E 312 30.58 -14.00 -25.78
C ARG E 312 29.27 -14.59 -25.27
N VAL E 313 29.34 -15.70 -24.53
CA VAL E 313 28.15 -16.27 -23.91
C VAL E 313 27.63 -15.36 -22.81
N LEU E 314 28.53 -14.79 -22.00
CA LEU E 314 28.09 -13.86 -20.96
C LEU E 314 27.55 -12.56 -21.55
N ALA E 315 28.13 -12.09 -22.67
CA ALA E 315 27.65 -10.87 -23.32
C ALA E 315 26.27 -11.04 -23.94
N LYS E 316 25.90 -12.25 -24.37
CA LYS E 316 24.55 -12.47 -24.87
C LYS E 316 23.55 -12.55 -23.74
N ALA E 317 23.96 -13.10 -22.60
CA ALA E 317 23.09 -13.15 -21.44
C ALA E 317 22.72 -11.75 -20.97
N LEU E 318 23.70 -10.83 -21.00
CA LEU E 318 23.46 -9.42 -20.67
C LEU E 318 22.50 -8.76 -21.67
N ARG E 319 22.65 -9.06 -22.96
CA ARG E 319 21.77 -8.44 -23.94
C ARG E 319 20.33 -8.86 -23.74
N LEU E 320 20.12 -10.09 -23.23
CA LEU E 320 18.78 -10.59 -22.94
C LEU E 320 18.26 -10.07 -21.60
N SER E 321 19.06 -10.21 -20.53
CA SER E 321 18.70 -9.73 -19.20
C SER E 321 18.45 -8.24 -19.22
N GLY E 322 19.38 -7.49 -19.84
CA GLY E 322 19.21 -6.06 -20.11
C GLY E 322 20.34 -5.18 -19.60
N GLY E 323 21.02 -4.55 -20.53
CA GLY E 323 21.89 -3.44 -20.22
C GLY E 323 21.99 -2.59 -21.47
N ASP E 324 22.22 -1.29 -21.31
CA ASP E 324 22.41 -0.38 -22.43
C ASP E 324 23.87 -0.30 -22.83
N HIS E 325 24.76 -0.35 -21.85
CA HIS E 325 26.19 -0.42 -22.09
C HIS E 325 26.68 -1.78 -21.61
N ILE E 326 27.76 -2.29 -22.20
CA ILE E 326 28.48 -3.37 -21.54
C ILE E 326 29.98 -3.24 -21.80
N HIS E 327 30.76 -3.55 -20.79
CA HIS E 327 32.21 -3.50 -20.91
C HIS E 327 32.69 -4.61 -21.84
N SER E 328 33.62 -4.27 -22.70
CA SER E 328 33.94 -5.16 -23.81
C SER E 328 35.41 -5.53 -23.90
N GLY E 329 36.27 -4.85 -23.18
CA GLY E 329 37.69 -4.96 -23.41
C GLY E 329 38.19 -3.85 -24.31
N THR E 330 39.51 -3.69 -24.34
CA THR E 330 40.11 -2.66 -25.15
C THR E 330 41.02 -3.20 -26.23
N VAL E 331 41.31 -4.50 -26.20
CA VAL E 331 42.43 -5.14 -26.91
C VAL E 331 43.78 -4.57 -26.45
N VAL E 332 43.96 -3.23 -26.49
CA VAL E 332 45.27 -2.59 -26.35
C VAL E 332 45.62 -2.13 -24.92
N GLY E 333 44.70 -2.25 -23.96
CA GLY E 333 44.91 -1.81 -22.60
C GLY E 333 45.49 -2.88 -21.70
N LYS E 334 45.25 -2.72 -20.40
CA LYS E 334 45.95 -3.55 -19.42
C LYS E 334 45.30 -4.93 -19.23
N LEU E 335 43.99 -5.07 -19.46
CA LEU E 335 43.30 -6.36 -19.42
C LEU E 335 43.25 -7.01 -20.80
N GLU E 336 43.03 -8.33 -20.81
CA GLU E 336 43.28 -9.14 -22.00
C GLU E 336 42.07 -9.20 -22.92
N GLY E 337 42.27 -8.87 -24.19
CA GLY E 337 41.23 -9.04 -25.20
C GLY E 337 41.80 -9.14 -26.60
N GLU E 338 41.69 -10.29 -27.24
CA GLU E 338 42.22 -10.44 -28.59
C GLU E 338 41.33 -9.71 -29.59
N ARG E 339 41.95 -9.20 -30.67
CA ARG E 339 41.22 -8.33 -31.59
C ARG E 339 40.06 -9.04 -32.29
N ASP E 340 40.32 -10.21 -32.89
CA ASP E 340 39.29 -10.87 -33.68
C ASP E 340 38.12 -11.32 -32.82
N ILE E 341 38.42 -11.83 -31.61
CA ILE E 341 37.37 -12.28 -30.71
C ILE E 341 36.48 -11.12 -30.31
N THR E 342 37.11 -9.97 -30.03
CA THR E 342 36.38 -8.78 -29.60
C THR E 342 35.49 -8.22 -30.69
N LEU E 343 36.02 -8.11 -31.91
CA LEU E 343 35.18 -7.69 -33.03
C LEU E 343 33.99 -8.61 -33.18
N GLY E 344 34.20 -9.91 -32.91
CA GLY E 344 33.10 -10.86 -32.95
C GLY E 344 32.01 -10.55 -31.94
N PHE E 345 32.38 -10.46 -30.63
CA PHE E 345 31.30 -10.25 -29.68
C PHE E 345 30.81 -8.79 -29.66
N VAL E 346 31.59 -7.83 -30.17
CA VAL E 346 31.06 -6.48 -30.35
C VAL E 346 29.90 -6.49 -31.35
N ASP E 347 30.03 -7.25 -32.44
CA ASP E 347 28.92 -7.38 -33.39
C ASP E 347 27.76 -8.19 -32.80
N LEU E 348 28.05 -9.21 -32.00
CA LEU E 348 27.00 -9.93 -31.28
C LEU E 348 26.29 -9.05 -30.24
N LEU E 349 26.92 -7.94 -29.79
CA LEU E 349 26.25 -7.01 -28.88
C LEU E 349 25.41 -5.98 -29.60
N ARG E 350 25.87 -5.52 -30.77
CA ARG E 350 25.34 -4.36 -31.46
C ARG E 350 24.42 -4.67 -32.64
N ASP E 351 24.71 -5.71 -33.42
CA ASP E 351 23.99 -5.97 -34.66
C ASP E 351 22.74 -6.84 -34.41
N ASP E 352 21.83 -6.86 -35.41
CA ASP E 352 20.67 -7.74 -35.38
C ASP E 352 20.94 -9.14 -35.88
N TYR E 353 22.06 -9.36 -36.56
CA TYR E 353 22.30 -10.65 -37.22
C TYR E 353 23.78 -10.84 -37.43
N THR E 354 24.33 -11.93 -36.91
CA THR E 354 25.73 -12.26 -37.10
C THR E 354 25.82 -13.69 -37.61
N GLU E 355 26.39 -13.86 -38.80
CA GLU E 355 26.65 -15.19 -39.31
C GLU E 355 27.77 -15.85 -38.52
N LYS E 356 27.77 -17.18 -38.55
CA LYS E 356 28.83 -17.95 -37.94
C LYS E 356 30.16 -17.63 -38.60
N ASP E 357 31.19 -17.39 -37.78
CA ASP E 357 32.54 -17.02 -38.24
C ASP E 357 33.51 -17.56 -37.20
N ARG E 358 34.10 -18.72 -37.47
CA ARG E 358 35.00 -19.38 -36.54
C ARG E 358 36.31 -18.63 -36.37
N SER E 359 36.73 -17.90 -37.41
CA SER E 359 37.89 -17.03 -37.30
C SER E 359 37.69 -15.97 -36.21
N ARG E 360 36.47 -15.50 -36.02
CA ARG E 360 36.16 -14.50 -35.01
C ARG E 360 35.50 -15.12 -33.77
N GLY E 361 35.47 -16.45 -33.68
CA GLY E 361 34.93 -17.13 -32.51
C GLY E 361 33.43 -17.34 -32.47
N ILE E 362 32.70 -17.07 -33.58
CA ILE E 362 31.25 -17.19 -33.61
C ILE E 362 30.89 -18.58 -34.14
N TYR E 363 30.52 -19.48 -33.24
CA TYR E 363 30.23 -20.86 -33.61
C TYR E 363 28.87 -21.04 -34.28
N PHE E 364 27.91 -20.16 -33.99
CA PHE E 364 26.56 -20.27 -34.55
C PHE E 364 26.16 -18.93 -35.14
N THR E 365 25.29 -18.97 -36.14
CA THR E 365 24.62 -17.76 -36.60
C THR E 365 23.60 -17.34 -35.57
N GLN E 366 23.63 -16.08 -35.18
CA GLN E 366 22.73 -15.55 -34.15
C GLN E 366 21.87 -14.43 -34.73
N SER E 367 20.56 -14.52 -34.57
CA SER E 367 19.66 -13.43 -34.95
C SER E 367 18.98 -12.92 -33.69
N TRP E 368 18.72 -11.62 -33.67
CA TRP E 368 18.24 -10.96 -32.45
C TRP E 368 16.83 -10.45 -32.57
N VAL E 369 16.18 -10.65 -33.74
CA VAL E 369 14.75 -10.42 -33.97
C VAL E 369 14.38 -9.03 -33.44
N SER E 370 15.29 -8.09 -33.70
CA SER E 370 15.16 -6.66 -33.43
C SER E 370 15.32 -6.31 -31.95
N THR E 371 15.91 -7.21 -31.17
CA THR E 371 16.34 -6.85 -29.82
C THR E 371 17.36 -5.72 -29.94
N PRO E 372 17.22 -4.63 -29.17
CA PRO E 372 18.12 -3.48 -29.29
C PRO E 372 19.61 -3.79 -29.12
N GLY E 373 20.44 -2.99 -29.77
CA GLY E 373 21.88 -3.13 -29.60
C GLY E 373 22.39 -2.62 -28.26
N VAL E 374 23.43 -3.27 -27.75
CA VAL E 374 24.11 -2.86 -26.52
C VAL E 374 25.39 -2.12 -26.90
N LEU E 375 25.62 -0.99 -26.25
CA LEU E 375 26.79 -0.17 -26.59
C LEU E 375 28.03 -0.74 -25.93
N PRO E 376 29.07 -1.10 -26.70
CA PRO E 376 30.31 -1.61 -26.09
C PRO E 376 31.10 -0.48 -25.45
N VAL E 377 31.67 -0.77 -24.29
CA VAL E 377 32.47 0.17 -23.53
C VAL E 377 33.89 -0.38 -23.45
N ALA E 378 34.87 0.41 -23.88
CA ALA E 378 36.28 0.01 -23.90
C ALA E 378 36.99 0.76 -22.79
N SER E 379 37.53 0.03 -21.81
CA SER E 379 38.03 0.59 -20.55
C SER E 379 39.24 -0.21 -20.07
N GLY E 380 40.13 0.45 -19.30
CA GLY E 380 41.18 -0.27 -18.61
C GLY E 380 42.58 -0.13 -19.19
N GLY E 381 43.37 0.77 -18.61
CA GLY E 381 44.74 1.01 -19.02
C GLY E 381 44.91 1.76 -20.33
N ILE E 382 43.86 2.39 -20.86
CA ILE E 382 43.99 3.09 -22.13
C ILE E 382 44.34 4.55 -21.89
N HIS E 383 44.83 5.22 -22.93
CA HIS E 383 45.33 6.58 -22.85
C HIS E 383 45.40 7.15 -24.28
N VAL E 384 45.74 8.44 -24.39
CA VAL E 384 45.53 9.21 -25.62
C VAL E 384 46.18 8.53 -26.84
N TRP E 385 47.33 7.87 -26.67
CA TRP E 385 47.97 7.24 -27.83
C TRP E 385 47.20 6.02 -28.34
N HIS E 386 46.41 5.38 -27.50
CA HIS E 386 45.56 4.28 -27.94
C HIS E 386 44.36 4.76 -28.76
N MET E 387 44.07 6.06 -28.75
CA MET E 387 42.80 6.53 -29.33
C MET E 387 42.63 6.12 -30.78
N PRO E 388 43.60 6.32 -31.69
CA PRO E 388 43.35 5.95 -33.09
C PRO E 388 43.01 4.48 -33.24
N ALA E 389 43.66 3.60 -32.47
CA ALA E 389 43.40 2.17 -32.61
C ALA E 389 42.07 1.78 -32.00
N LEU E 390 41.65 2.49 -30.95
CA LEU E 390 40.32 2.22 -30.37
C LEU E 390 39.22 2.65 -31.33
N THR E 391 39.30 3.89 -31.84
CA THR E 391 38.34 4.38 -32.83
C THR E 391 38.21 3.43 -34.00
N GLU E 392 39.34 2.95 -34.50
CA GLU E 392 39.29 2.05 -35.65
C GLU E 392 38.70 0.70 -35.27
N ILE E 393 38.99 0.21 -34.07
CA ILE E 393 38.48 -1.12 -33.68
C ILE E 393 36.97 -1.08 -33.47
N PHE E 394 36.47 -0.09 -32.72
CA PHE E 394 35.11 -0.15 -32.23
C PHE E 394 34.11 0.65 -33.07
N GLY E 395 34.58 1.66 -33.78
CA GLY E 395 33.67 2.50 -34.53
C GLY E 395 32.94 3.49 -33.61
N ASP E 396 32.12 4.32 -34.23
CA ASP E 396 31.45 5.38 -33.49
C ASP E 396 30.58 4.83 -32.36
N ASP E 397 30.00 3.65 -32.52
CA ASP E 397 29.04 3.16 -31.52
C ASP E 397 29.81 2.46 -30.40
N SER E 398 30.44 3.29 -29.58
CA SER E 398 31.22 2.75 -28.47
C SER E 398 31.35 3.84 -27.44
N VAL E 399 31.77 3.43 -26.25
CA VAL E 399 32.18 4.35 -25.19
C VAL E 399 33.63 4.04 -24.85
N LEU E 400 34.49 5.05 -24.90
CA LEU E 400 35.87 4.87 -24.49
C LEU E 400 36.06 5.58 -23.15
N GLN E 401 36.66 4.87 -22.18
CA GLN E 401 36.67 5.31 -20.79
C GLN E 401 38.10 5.39 -20.28
N PHE E 402 38.48 6.58 -19.82
CA PHE E 402 39.84 6.91 -19.36
C PHE E 402 39.77 7.34 -17.90
N GLY E 403 40.09 6.42 -16.98
CA GLY E 403 40.14 6.74 -15.57
C GLY E 403 41.46 7.36 -15.16
N GLY E 404 42.51 6.53 -15.08
CA GLY E 404 43.85 7.05 -14.92
C GLY E 404 44.26 7.99 -16.04
N GLY E 405 43.69 7.80 -17.24
CA GLY E 405 44.04 8.65 -18.37
C GLY E 405 43.45 10.05 -18.31
N THR E 406 42.39 10.23 -17.53
CA THR E 406 41.92 11.57 -17.19
C THR E 406 42.59 12.07 -15.92
N LEU E 407 42.56 11.28 -14.86
CA LEU E 407 42.98 11.71 -13.54
C LEU E 407 44.49 11.69 -13.36
N GLY E 408 45.23 11.08 -14.28
CA GLY E 408 46.69 11.04 -14.26
C GLY E 408 47.30 12.20 -15.02
N HIS E 409 46.49 13.15 -15.43
CA HIS E 409 47.01 14.23 -16.23
C HIS E 409 47.68 15.25 -15.32
N PRO E 410 48.88 15.73 -15.69
CA PRO E 410 49.58 16.68 -14.83
C PRO E 410 48.83 17.99 -14.58
N TRP E 411 47.92 18.38 -15.47
CA TRP E 411 47.20 19.62 -15.31
C TRP E 411 45.85 19.45 -14.62
N GLY E 412 45.50 18.22 -14.23
CA GLY E 412 44.24 17.94 -13.57
C GLY E 412 43.20 17.32 -14.49
N ASN E 413 42.01 17.14 -13.93
CA ASN E 413 40.93 16.43 -14.62
C ASN E 413 40.43 17.21 -15.83
N ALA E 414 40.08 18.48 -15.64
CA ALA E 414 39.53 19.23 -16.78
C ALA E 414 40.50 19.30 -17.94
N PRO E 415 41.79 19.59 -17.74
CA PRO E 415 42.74 19.42 -18.84
C PRO E 415 42.82 17.99 -19.34
N GLY E 416 42.77 17.02 -18.42
CA GLY E 416 42.85 15.63 -18.82
C GLY E 416 41.69 15.21 -19.68
N ALA E 417 40.49 15.70 -19.34
CA ALA E 417 39.34 15.46 -20.19
C ALA E 417 39.51 16.09 -21.56
N VAL E 418 40.06 17.31 -21.61
CA VAL E 418 40.23 18.02 -22.88
C VAL E 418 41.17 17.25 -23.79
N ALA E 419 42.26 16.72 -23.21
CA ALA E 419 43.22 15.95 -23.99
C ALA E 419 42.55 14.78 -24.67
N ASN E 420 41.70 14.08 -23.93
CA ASN E 420 41.00 12.90 -24.46
C ASN E 420 39.95 13.30 -25.48
N ARG E 421 39.22 14.40 -25.22
CA ARG E 421 38.22 14.90 -26.16
C ARG E 421 38.86 15.35 -27.46
N VAL E 422 40.02 16.01 -27.37
CA VAL E 422 40.73 16.48 -28.56
C VAL E 422 41.23 15.30 -29.38
N ALA E 423 41.70 14.25 -28.71
CA ALA E 423 42.22 13.07 -29.39
C ALA E 423 41.13 12.34 -30.14
N LEU E 424 39.97 12.16 -29.51
CA LEU E 424 38.90 11.42 -30.17
C LEU E 424 38.45 12.14 -31.44
N GLU E 425 38.31 13.47 -31.35
CA GLU E 425 37.79 14.27 -32.43
C GLU E 425 38.80 14.47 -33.55
N ALA E 426 40.10 14.57 -33.22
CA ALA E 426 41.11 14.55 -34.26
C ALA E 426 41.05 13.25 -35.05
N CYS E 427 40.92 12.12 -34.34
CA CYS E 427 40.81 10.82 -35.00
C CYS E 427 39.52 10.71 -35.78
N VAL E 428 38.42 11.25 -35.27
CA VAL E 428 37.16 11.19 -36.00
C VAL E 428 37.23 12.09 -37.23
N GLN E 429 37.83 13.26 -37.08
CA GLN E 429 37.98 14.14 -38.23
C GLN E 429 38.83 13.47 -39.32
N ALA E 430 40.00 12.97 -38.94
CA ALA E 430 40.90 12.32 -39.89
C ALA E 430 40.26 11.10 -40.55
N ARG E 431 39.53 10.29 -39.78
CA ARG E 431 38.83 9.14 -40.35
C ARG E 431 37.80 9.59 -41.38
N ASN E 432 37.11 10.71 -41.13
CA ASN E 432 36.09 11.21 -42.03
C ASN E 432 36.70 11.85 -43.26
N GLU E 433 37.93 12.31 -43.16
CA GLU E 433 38.63 12.86 -44.31
C GLU E 433 39.25 11.77 -45.16
N GLY E 434 39.22 10.54 -44.69
CA GLY E 434 39.74 9.41 -45.43
C GLY E 434 41.13 8.95 -45.04
N ARG E 435 41.77 9.59 -44.07
CA ARG E 435 43.06 9.12 -43.58
C ARG E 435 42.88 7.80 -42.83
N ASP E 436 43.97 7.05 -42.67
CA ASP E 436 43.90 5.72 -42.06
C ASP E 436 44.33 5.77 -40.60
N LEU E 437 43.40 5.41 -39.71
CA LEU E 437 43.69 5.43 -38.29
C LEU E 437 44.74 4.39 -37.92
N ALA E 438 44.71 3.21 -38.55
CA ALA E 438 45.70 2.18 -38.26
C ALA E 438 47.11 2.63 -38.61
N ARG E 439 47.29 3.24 -39.78
CA ARG E 439 48.63 3.59 -40.27
C ARG E 439 49.13 4.92 -39.73
N GLU E 440 48.29 5.96 -39.74
CA GLU E 440 48.72 7.31 -39.41
C GLU E 440 48.26 7.75 -38.02
N GLY E 441 47.92 6.79 -37.15
CA GLY E 441 47.36 7.16 -35.86
C GLY E 441 48.28 8.07 -35.07
N ASN E 442 49.56 7.71 -34.96
CA ASN E 442 50.49 8.52 -34.19
C ASN E 442 50.68 9.89 -34.81
N THR E 443 50.68 9.95 -36.15
CA THR E 443 50.75 11.24 -36.85
C THR E 443 49.53 12.10 -36.56
N ILE E 444 48.36 11.49 -36.42
CA ILE E 444 47.15 12.27 -36.13
C ILE E 444 47.22 12.85 -34.72
N ILE E 445 47.70 12.07 -33.75
CA ILE E 445 47.81 12.59 -32.39
C ILE E 445 48.89 13.65 -32.30
N ARG E 446 50.03 13.47 -32.99
CA ARG E 446 51.12 14.45 -32.91
C ARG E 446 50.70 15.79 -33.51
N GLU E 447 50.05 15.77 -34.67
CA GLU E 447 49.43 16.97 -35.23
C GLU E 447 48.58 17.71 -34.21
N ALA E 448 47.73 16.98 -33.48
CA ALA E 448 46.83 17.63 -32.55
C ALA E 448 47.58 18.24 -31.36
N THR E 449 48.73 17.67 -30.95
CA THR E 449 49.50 18.24 -29.86
C THR E 449 50.03 19.62 -30.20
N LYS E 450 50.11 19.95 -31.48
CA LYS E 450 50.67 21.23 -31.88
C LYS E 450 49.73 22.38 -31.55
N TRP E 451 48.41 22.16 -31.59
CA TRP E 451 47.47 23.21 -31.26
C TRP E 451 46.79 23.02 -29.91
N SER E 452 46.85 21.83 -29.32
CA SER E 452 46.23 21.61 -28.01
C SER E 452 47.30 21.43 -26.95
N PRO E 453 47.54 22.42 -26.08
CA PRO E 453 48.56 22.24 -25.04
C PRO E 453 48.25 21.09 -24.12
N GLU E 454 46.95 20.79 -23.95
CA GLU E 454 46.50 19.75 -23.04
C GLU E 454 46.85 18.37 -23.58
N LEU E 455 46.60 18.13 -24.87
CA LEU E 455 46.95 16.84 -25.45
C LEU E 455 48.45 16.62 -25.44
N ALA E 456 49.22 17.67 -25.68
CA ALA E 456 50.67 17.55 -25.70
C ALA E 456 51.22 17.13 -24.35
N ALA E 457 50.77 17.78 -23.27
CA ALA E 457 51.13 17.36 -21.92
C ALA E 457 50.85 15.87 -21.70
N ALA E 458 49.65 15.43 -22.13
CA ALA E 458 49.24 14.04 -21.94
C ALA E 458 50.07 13.09 -22.79
N CYS E 459 50.39 13.49 -24.01
CA CYS E 459 51.22 12.65 -24.86
C CYS E 459 52.61 12.49 -24.28
N GLU E 460 53.13 13.56 -23.70
CA GLU E 460 54.44 13.51 -23.06
C GLU E 460 54.51 12.40 -22.01
N VAL E 461 53.50 12.33 -21.14
CA VAL E 461 53.59 11.45 -19.97
C VAL E 461 53.53 9.98 -20.38
N TRP E 462 52.56 9.61 -21.20
CA TRP E 462 52.30 8.20 -21.51
C TRP E 462 52.92 7.77 -22.83
N LYS E 463 54.00 8.42 -23.28
CA LYS E 463 54.44 8.23 -24.65
C LYS E 463 54.87 6.80 -24.94
N GLU E 464 55.32 6.08 -23.93
CA GLU E 464 55.86 4.73 -24.13
C GLU E 464 55.05 3.64 -23.45
N ILE E 465 53.98 3.99 -22.75
CA ILE E 465 53.21 2.99 -22.01
C ILE E 465 52.41 2.14 -23.00
N LYS E 466 52.62 0.82 -22.93
CA LYS E 466 51.97 -0.16 -23.77
C LYS E 466 51.78 -1.43 -22.93
N PHE E 467 50.94 -2.34 -23.41
CA PHE E 467 50.67 -3.57 -22.67
C PHE E 467 50.73 -4.72 -23.65
N GLU E 468 51.92 -5.29 -23.82
CA GLU E 468 52.13 -6.38 -24.76
C GLU E 468 52.53 -7.63 -23.97
N PHE E 469 51.67 -8.65 -23.99
CA PHE E 469 51.85 -9.93 -23.33
C PHE E 469 51.33 -11.05 -24.23
N PRO E 470 51.58 -12.31 -23.88
CA PRO E 470 50.96 -13.40 -24.62
C PRO E 470 49.50 -13.59 -24.22
N ALA E 471 48.64 -13.74 -25.23
CA ALA E 471 47.25 -14.07 -24.98
C ALA E 471 47.13 -15.41 -24.30
N MET E 472 46.09 -15.55 -23.49
CA MET E 472 45.70 -16.82 -22.90
C MET E 472 44.50 -17.45 -23.60
N ASP E 473 43.62 -16.62 -24.16
CA ASP E 473 42.46 -17.08 -24.92
C ASP E 473 42.69 -16.62 -26.36
N THR E 474 43.06 -17.56 -27.22
CA THR E 474 43.27 -17.31 -28.63
C THR E 474 42.25 -18.11 -29.43
N VAL E 475 41.87 -17.57 -30.59
CA VAL E 475 40.90 -18.23 -31.44
C VAL E 475 41.40 -19.61 -31.86
N ALA F 9 52.43 14.72 6.33
CA ALA F 9 53.01 15.40 5.16
C ALA F 9 52.29 15.00 3.85
N SER F 10 52.45 15.82 2.81
CA SER F 10 51.92 15.52 1.49
C SER F 10 53.09 15.42 0.51
N VAL F 11 53.14 14.32 -0.23
CA VAL F 11 54.11 14.19 -1.30
C VAL F 11 53.56 14.92 -2.52
N GLU F 12 54.45 15.47 -3.33
CA GLU F 12 54.02 16.13 -4.56
C GLU F 12 53.41 15.13 -5.54
N PHE F 13 52.51 15.61 -6.42
CA PHE F 13 51.93 14.80 -7.49
C PHE F 13 52.86 14.82 -8.69
N LYS F 14 53.44 13.67 -9.01
CA LYS F 14 54.21 13.48 -10.23
C LYS F 14 53.40 12.57 -11.13
N ALA F 15 52.98 13.07 -12.29
CA ALA F 15 52.24 12.23 -13.22
C ALA F 15 53.17 11.17 -13.80
N GLY F 16 52.58 10.03 -14.14
CA GLY F 16 53.34 8.98 -14.80
C GLY F 16 53.04 7.61 -14.25
N VAL F 17 53.62 6.59 -14.86
CA VAL F 17 53.40 5.21 -14.46
C VAL F 17 54.52 4.78 -13.52
N LYS F 18 54.14 4.24 -12.36
CA LYS F 18 55.06 3.71 -11.36
C LYS F 18 54.75 2.23 -11.17
N ASP F 19 55.75 1.49 -10.71
CA ASP F 19 55.53 0.08 -10.41
C ASP F 19 54.61 -0.07 -9.20
N TYR F 20 53.76 -1.10 -9.26
CA TYR F 20 52.81 -1.38 -8.20
C TYR F 20 53.53 -1.72 -6.89
N LYS F 21 54.72 -2.33 -6.98
CA LYS F 21 55.42 -2.77 -5.77
C LYS F 21 55.80 -1.60 -4.88
N LEU F 22 55.94 -0.40 -5.45
CA LEU F 22 56.38 0.76 -4.68
C LEU F 22 55.37 1.15 -3.62
N THR F 23 54.08 1.04 -3.91
CA THR F 23 53.04 1.41 -2.95
C THR F 23 52.28 0.22 -2.36
N TYR F 24 52.14 -0.87 -3.12
CA TYR F 24 51.23 -1.95 -2.76
C TYR F 24 51.94 -3.24 -2.32
N TYR F 25 53.26 -3.30 -2.34
CA TYR F 25 53.96 -4.41 -1.71
C TYR F 25 54.47 -3.95 -0.34
N THR F 26 53.93 -4.56 0.72
CA THR F 26 54.31 -4.26 2.11
C THR F 26 54.56 -5.58 2.82
N PRO F 27 55.77 -6.13 2.70
CA PRO F 27 56.09 -7.39 3.40
C PRO F 27 56.20 -7.25 4.91
N GLU F 28 56.52 -6.05 5.42
CA GLU F 28 56.69 -5.81 6.85
C GLU F 28 55.38 -5.46 7.55
N TYR F 29 54.26 -5.52 6.85
CA TYR F 29 52.96 -5.17 7.42
C TYR F 29 52.39 -6.34 8.22
N GLU F 30 51.82 -6.01 9.38
CA GLU F 30 51.18 -6.98 10.28
C GLU F 30 49.66 -6.86 10.13
N THR F 31 49.01 -7.99 9.87
CA THR F 31 47.59 -7.93 9.56
C THR F 31 46.77 -7.56 10.80
N LEU F 32 45.78 -6.71 10.60
CA LEU F 32 44.83 -6.36 11.64
C LEU F 32 43.73 -7.41 11.73
N ASP F 33 43.20 -7.62 12.94
CA ASP F 33 42.06 -8.53 13.06
C ASP F 33 40.84 -8.00 12.30
N THR F 34 40.83 -6.72 11.91
CA THR F 34 39.74 -6.19 11.13
C THR F 34 39.88 -6.45 9.63
N ASP F 35 41.07 -6.83 9.17
CA ASP F 35 41.28 -6.90 7.73
C ASP F 35 40.61 -8.14 7.13
N ILE F 36 40.23 -8.04 5.85
CA ILE F 36 39.95 -9.24 5.06
C ILE F 36 41.27 -9.72 4.49
N LEU F 37 41.57 -11.00 4.65
CA LEU F 37 42.80 -11.56 4.08
C LEU F 37 42.43 -12.50 2.94
N ALA F 38 43.21 -12.46 1.88
CA ALA F 38 42.96 -13.29 0.72
C ALA F 38 44.22 -14.05 0.38
N ALA F 39 44.02 -15.24 -0.17
CA ALA F 39 45.09 -16.15 -0.57
C ALA F 39 44.94 -16.42 -2.06
N PHE F 40 45.80 -15.82 -2.86
CA PHE F 40 45.75 -15.94 -4.31
C PHE F 40 46.85 -16.88 -4.78
N ARG F 41 46.48 -17.90 -5.55
CA ARG F 41 47.43 -18.67 -6.35
C ARG F 41 47.68 -17.89 -7.64
N VAL F 42 48.83 -17.19 -7.68
CA VAL F 42 49.20 -16.26 -8.75
C VAL F 42 50.18 -16.96 -9.69
N SER F 43 49.84 -16.99 -10.98
CA SER F 43 50.75 -17.53 -12.00
C SER F 43 51.15 -16.38 -12.91
N PRO F 44 52.24 -15.67 -12.61
CA PRO F 44 52.64 -14.53 -13.41
C PRO F 44 53.02 -14.92 -14.82
N GLN F 45 53.02 -13.92 -15.69
CA GLN F 45 53.55 -13.97 -17.04
C GLN F 45 55.07 -13.83 -16.97
N PRO F 46 55.81 -14.44 -17.90
CA PRO F 46 57.28 -14.37 -17.82
C PRO F 46 57.76 -12.93 -17.87
N GLY F 47 58.76 -12.62 -17.07
CA GLY F 47 59.27 -11.27 -16.96
C GLY F 47 58.61 -10.41 -15.91
N VAL F 48 57.61 -10.95 -15.21
CA VAL F 48 56.83 -10.20 -14.23
C VAL F 48 57.28 -10.67 -12.84
N PRO F 49 57.94 -9.83 -12.05
CA PRO F 49 58.34 -10.20 -10.70
C PRO F 49 57.14 -10.60 -9.87
N PRO F 50 57.22 -11.70 -9.13
CA PRO F 50 56.08 -12.08 -8.29
C PRO F 50 55.65 -10.98 -7.32
N GLU F 51 56.57 -10.12 -6.85
CA GLU F 51 56.17 -9.02 -5.96
C GLU F 51 55.38 -7.97 -6.72
N GLU F 52 55.72 -7.73 -7.99
CA GLU F 52 54.91 -6.81 -8.78
C GLU F 52 53.53 -7.40 -9.08
N ALA F 53 53.43 -8.72 -9.22
CA ALA F 53 52.16 -9.35 -9.53
C ALA F 53 51.27 -9.50 -8.30
N GLY F 54 51.87 -9.69 -7.12
CA GLY F 54 51.08 -9.54 -5.91
C GLY F 54 50.62 -8.11 -5.74
N ALA F 55 51.52 -7.15 -5.97
CA ALA F 55 51.17 -5.76 -5.77
C ALA F 55 50.16 -5.27 -6.81
N ALA F 56 50.25 -5.79 -8.04
CA ALA F 56 49.25 -5.47 -9.06
C ALA F 56 47.88 -5.96 -8.63
N VAL F 57 47.80 -7.20 -8.15
CA VAL F 57 46.54 -7.77 -7.68
C VAL F 57 45.99 -6.93 -6.52
N ALA F 58 46.85 -6.53 -5.59
CA ALA F 58 46.37 -5.79 -4.43
C ALA F 58 45.86 -4.41 -4.80
N ALA F 59 46.47 -3.77 -5.82
CA ALA F 59 46.10 -2.41 -6.19
C ALA F 59 44.78 -2.37 -6.93
N GLU F 60 44.64 -3.23 -7.94
CA GLU F 60 43.46 -3.23 -8.79
C GLU F 60 42.23 -3.87 -8.12
N SER F 61 42.40 -4.69 -7.06
CA SER F 61 41.28 -5.11 -6.22
C SER F 61 40.97 -4.12 -5.11
N SER F 62 41.69 -2.99 -4.99
CA SER F 62 41.53 -2.12 -3.84
C SER F 62 41.38 -0.66 -4.24
N THR F 63 42.49 0.08 -4.36
CA THR F 63 42.47 1.53 -4.51
C THR F 63 43.22 2.05 -5.74
N GLY F 64 44.02 1.23 -6.41
CA GLY F 64 44.93 1.82 -7.38
C GLY F 64 44.63 1.52 -8.82
N THR F 65 45.28 2.23 -9.75
CA THR F 65 45.15 2.07 -11.19
C THR F 65 46.53 2.19 -11.84
N TRP F 66 46.57 2.06 -13.18
CA TRP F 66 47.79 1.81 -13.92
C TRP F 66 48.76 2.99 -13.97
N THR F 67 48.31 4.20 -13.63
CA THR F 67 49.14 5.41 -13.63
C THR F 67 48.85 6.17 -12.34
N THR F 68 49.67 7.18 -12.03
CA THR F 68 49.52 7.96 -10.79
C THR F 68 48.45 9.03 -10.92
N VAL F 69 47.53 9.11 -9.96
CA VAL F 69 46.44 10.08 -10.01
C VAL F 69 46.60 11.10 -8.87
N TRP F 70 46.32 12.38 -9.16
CA TRP F 70 46.51 13.42 -8.15
C TRP F 70 45.53 13.26 -6.97
N THR F 71 44.44 12.55 -7.17
CA THR F 71 43.42 12.48 -6.13
C THR F 71 43.89 11.65 -4.94
N ASP F 72 44.97 10.88 -5.09
CA ASP F 72 45.45 10.08 -3.97
C ASP F 72 45.81 10.97 -2.80
N GLY F 73 46.41 12.13 -3.09
CA GLY F 73 46.79 13.13 -2.12
C GLY F 73 45.63 13.75 -1.35
N LEU F 74 44.39 13.46 -1.75
CA LEU F 74 43.23 13.94 -1.01
C LEU F 74 42.79 12.99 0.09
N THR F 75 43.02 11.69 -0.08
CA THR F 75 42.73 10.68 0.92
C THR F 75 44.05 10.16 1.50
N ASN F 76 43.96 9.45 2.60
CA ASN F 76 45.15 8.82 3.17
C ASN F 76 45.20 7.37 2.71
N LEU F 77 45.92 7.14 1.61
CA LEU F 77 45.88 5.83 0.97
C LEU F 77 46.39 4.72 1.88
N ASP F 78 47.42 4.97 2.70
CA ASP F 78 48.00 3.90 3.53
C ASP F 78 46.94 3.20 4.37
N ARG F 79 45.97 3.94 4.92
CA ARG F 79 44.93 3.26 5.68
C ARG F 79 43.88 2.58 4.78
N TYR F 80 43.75 2.99 3.51
CA TYR F 80 42.76 2.38 2.62
C TYR F 80 43.32 1.26 1.73
N LYS F 81 44.59 1.30 1.33
CA LYS F 81 45.07 0.40 0.28
C LYS F 81 45.08 -1.06 0.70
N GLY F 82 44.73 -1.94 -0.26
CA GLY F 82 45.04 -3.35 -0.14
C GLY F 82 46.53 -3.58 -0.24
N ARG F 83 47.02 -4.57 0.49
CA ARG F 83 48.46 -4.74 0.64
C ARG F 83 48.87 -6.17 0.35
N CYS F 84 49.92 -6.37 -0.45
CA CYS F 84 50.57 -7.68 -0.53
C CYS F 84 51.61 -7.77 0.58
N TYR F 85 51.41 -8.68 1.53
CA TYR F 85 52.23 -8.73 2.74
C TYR F 85 53.03 -10.02 2.88
N HIS F 86 52.85 -11.00 1.98
CA HIS F 86 53.62 -12.23 2.01
C HIS F 86 53.47 -12.96 0.69
N ILE F 87 54.60 -13.38 0.10
CA ILE F 87 54.59 -14.19 -1.11
C ILE F 87 55.28 -15.51 -0.79
N GLU F 88 54.62 -16.62 -1.12
CA GLU F 88 55.11 -17.96 -0.86
C GLU F 88 55.23 -18.73 -2.17
N PRO F 89 56.39 -19.32 -2.47
CA PRO F 89 56.52 -20.12 -3.70
C PRO F 89 55.77 -21.44 -3.60
N VAL F 90 55.22 -21.88 -4.73
CA VAL F 90 54.41 -23.10 -4.75
C VAL F 90 55.33 -24.27 -5.04
N ALA F 91 55.26 -25.30 -4.18
CA ALA F 91 56.15 -26.45 -4.28
C ALA F 91 55.79 -27.32 -5.47
N GLY F 92 56.81 -27.65 -6.28
CA GLY F 92 56.60 -28.40 -7.49
C GLY F 92 56.17 -27.56 -8.65
N GLU F 93 56.20 -26.24 -8.54
CA GLU F 93 55.74 -25.38 -9.63
C GLU F 93 56.71 -24.23 -9.84
N GLU F 94 56.89 -23.85 -11.10
CA GLU F 94 57.70 -22.69 -11.46
C GLU F 94 56.75 -21.59 -11.91
N ASN F 95 57.02 -20.37 -11.46
CA ASN F 95 56.20 -19.20 -11.81
C ASN F 95 54.77 -19.34 -11.31
N GLN F 96 54.58 -20.08 -10.21
CA GLN F 96 53.31 -20.11 -9.50
C GLN F 96 53.56 -19.80 -8.02
N TYR F 97 52.86 -18.79 -7.50
CA TYR F 97 53.12 -18.28 -6.16
C TYR F 97 51.80 -18.10 -5.42
N ILE F 98 51.86 -18.20 -4.10
CA ILE F 98 50.73 -17.86 -3.23
C ILE F 98 51.03 -16.49 -2.64
N CYS F 99 50.15 -15.52 -2.89
CA CYS F 99 50.35 -14.14 -2.50
C CYS F 99 49.20 -13.72 -1.60
N TYR F 100 49.54 -13.23 -0.41
CA TYR F 100 48.57 -12.89 0.62
C TYR F 100 48.32 -11.38 0.57
N VAL F 101 47.06 -10.98 0.38
CA VAL F 101 46.72 -9.57 0.28
C VAL F 101 45.85 -9.18 1.47
N ALA F 102 46.10 -8.00 2.00
CA ALA F 102 45.38 -7.46 3.14
C ALA F 102 44.44 -6.38 2.66
N TYR F 103 43.16 -6.52 2.96
CA TYR F 103 42.15 -5.52 2.58
C TYR F 103 41.57 -4.91 3.85
N PRO F 104 41.62 -3.59 4.04
CA PRO F 104 41.03 -2.97 5.23
C PRO F 104 39.50 -3.06 5.26
N LEU F 105 38.94 -3.20 6.46
CA LEU F 105 37.49 -3.37 6.63
C LEU F 105 36.67 -2.20 6.05
N ASP F 106 37.21 -0.97 6.08
CA ASP F 106 36.52 0.18 5.50
C ASP F 106 36.26 0.02 4.00
N LEU F 107 36.96 -0.89 3.32
CA LEU F 107 36.76 -1.07 1.88
C LEU F 107 35.40 -1.69 1.54
N PHE F 108 34.72 -2.31 2.51
CA PHE F 108 33.63 -3.24 2.23
C PHE F 108 32.28 -2.72 2.71
N GLU F 109 31.23 -3.01 1.95
CA GLU F 109 29.88 -2.69 2.39
C GLU F 109 29.39 -3.75 3.37
N GLU F 110 28.79 -3.30 4.47
CA GLU F 110 28.27 -4.21 5.47
C GLU F 110 27.14 -5.06 4.89
N GLY F 111 27.26 -6.37 5.06
CA GLY F 111 26.24 -7.29 4.65
C GLY F 111 26.27 -7.68 3.19
N SER F 112 27.25 -7.24 2.42
CA SER F 112 27.17 -7.39 0.96
C SER F 112 28.24 -8.33 0.40
N VAL F 113 27.91 -9.62 0.29
CA VAL F 113 28.81 -10.56 -0.39
C VAL F 113 29.12 -10.06 -1.80
N THR F 114 28.11 -9.50 -2.47
CA THR F 114 28.29 -8.91 -3.79
C THR F 114 29.45 -7.95 -3.76
N ASN F 115 29.41 -7.00 -2.82
CA ASN F 115 30.47 -6.01 -2.73
C ASN F 115 31.82 -6.68 -2.52
N MET F 116 31.89 -7.61 -1.56
CA MET F 116 33.16 -8.24 -1.19
C MET F 116 33.79 -8.94 -2.40
N PHE F 117 32.99 -9.69 -3.17
CA PHE F 117 33.49 -10.30 -4.41
C PHE F 117 33.87 -9.25 -5.46
N THR F 118 33.10 -8.15 -5.55
CA THR F 118 33.39 -7.15 -6.59
C THR F 118 34.76 -6.53 -6.42
N SER F 119 35.15 -6.26 -5.18
CA SER F 119 36.50 -5.79 -4.93
C SER F 119 37.52 -6.88 -5.24
N ILE F 120 37.46 -7.99 -4.50
CA ILE F 120 38.58 -8.92 -4.46
C ILE F 120 38.71 -9.69 -5.76
N VAL F 121 37.59 -9.90 -6.45
CA VAL F 121 37.53 -10.82 -7.57
C VAL F 121 37.12 -10.13 -8.86
N GLY F 122 36.84 -8.81 -8.82
CA GLY F 122 36.33 -8.05 -9.94
C GLY F 122 37.08 -8.05 -11.27
N ASN F 123 38.31 -7.51 -11.28
CA ASN F 123 39.07 -7.26 -12.50
C ASN F 123 40.45 -7.94 -12.52
N VAL F 124 40.97 -8.42 -11.39
CA VAL F 124 42.37 -8.86 -11.33
C VAL F 124 42.61 -10.07 -12.23
N PHE F 125 41.64 -11.00 -12.26
CA PHE F 125 41.73 -12.24 -13.02
C PHE F 125 41.86 -12.05 -14.54
N GLY F 126 41.51 -10.88 -15.08
CA GLY F 126 41.67 -10.59 -16.49
C GLY F 126 42.93 -9.84 -16.90
N PHE F 127 43.80 -9.52 -15.95
CA PHE F 127 45.00 -8.75 -16.26
C PHE F 127 45.90 -9.51 -17.23
N LYS F 128 46.48 -8.77 -18.17
CA LYS F 128 47.40 -9.36 -19.15
C LYS F 128 48.66 -9.90 -18.49
N ALA F 129 49.16 -9.21 -17.46
CA ALA F 129 50.41 -9.53 -16.79
C ALA F 129 50.37 -10.85 -16.04
N LEU F 130 49.21 -11.44 -15.81
CA LEU F 130 49.10 -12.76 -15.20
C LEU F 130 48.64 -13.78 -16.24
N ARG F 131 49.11 -15.01 -16.08
CA ARG F 131 48.61 -16.12 -16.91
C ARG F 131 47.35 -16.73 -16.31
N ALA F 132 47.28 -16.79 -14.98
CA ALA F 132 46.17 -17.39 -14.27
C ALA F 132 46.10 -16.81 -12.87
N LEU F 133 44.94 -16.93 -12.25
CA LEU F 133 44.77 -16.48 -10.88
C LEU F 133 43.70 -17.35 -10.25
N ARG F 134 43.97 -17.84 -9.04
CA ARG F 134 42.95 -18.58 -8.29
C ARG F 134 42.94 -18.10 -6.84
N LEU F 135 41.78 -17.61 -6.41
CA LEU F 135 41.57 -17.26 -5.01
C LEU F 135 41.26 -18.54 -4.25
N GLU F 136 42.20 -18.95 -3.38
CA GLU F 136 42.02 -20.19 -2.64
C GLU F 136 41.23 -20.00 -1.36
N ASP F 137 41.49 -18.93 -0.60
CA ASP F 137 40.84 -18.79 0.70
C ASP F 137 40.66 -17.31 1.02
N LEU F 138 39.66 -17.04 1.85
CA LEU F 138 39.43 -15.70 2.35
C LEU F 138 39.44 -15.76 3.86
N ARG F 139 40.05 -14.78 4.50
CA ARG F 139 39.92 -14.65 5.94
C ARG F 139 38.95 -13.52 6.21
N ILE F 140 37.74 -13.87 6.63
CA ILE F 140 36.69 -12.89 6.87
C ILE F 140 36.74 -12.49 8.34
N PRO F 141 36.99 -11.23 8.68
CA PRO F 141 37.11 -10.83 10.08
C PRO F 141 35.76 -10.96 10.78
N VAL F 142 35.81 -11.25 12.08
CA VAL F 142 34.60 -11.42 12.90
C VAL F 142 33.76 -10.15 12.91
N ALA F 143 34.40 -8.99 12.73
CA ALA F 143 33.69 -7.73 12.69
C ALA F 143 32.95 -7.54 11.37
N TYR F 144 33.38 -8.19 10.28
CA TYR F 144 32.59 -8.19 9.05
C TYR F 144 31.50 -9.25 9.09
N VAL F 145 31.81 -10.42 9.67
CA VAL F 145 30.84 -11.51 9.85
C VAL F 145 29.58 -11.02 10.53
N LYS F 146 29.75 -10.18 11.58
CA LYS F 146 28.67 -9.67 12.40
C LYS F 146 27.67 -8.81 11.61
N THR F 147 28.08 -8.24 10.47
CA THR F 147 27.17 -7.47 9.64
C THR F 147 26.19 -8.32 8.85
N PHE F 148 26.44 -9.62 8.74
CA PHE F 148 25.64 -10.50 7.91
C PHE F 148 24.56 -11.18 8.73
N GLN F 149 23.41 -11.43 8.09
CA GLN F 149 22.36 -12.14 8.81
C GLN F 149 22.70 -13.61 8.98
N GLY F 150 23.36 -14.21 7.99
CA GLY F 150 23.78 -15.58 8.07
C GLY F 150 22.68 -16.52 7.63
N PRO F 151 22.83 -17.81 7.91
CA PRO F 151 21.74 -18.77 7.67
C PRO F 151 20.45 -18.31 8.31
N PRO F 152 19.32 -18.51 7.64
CA PRO F 152 18.03 -18.16 8.24
C PRO F 152 17.75 -18.92 9.51
N HIS F 153 18.26 -20.15 9.64
CA HIS F 153 17.97 -20.97 10.79
C HIS F 153 19.23 -21.68 11.31
N GLY F 154 19.93 -22.40 10.46
CA GLY F 154 21.10 -23.13 10.89
C GLY F 154 20.76 -24.51 11.38
N ILE F 155 21.82 -25.29 11.65
CA ILE F 155 21.66 -26.72 11.91
C ILE F 155 20.74 -26.98 13.10
N GLN F 156 20.97 -26.26 14.21
CA GLN F 156 20.27 -26.57 15.45
C GLN F 156 18.79 -26.22 15.35
N VAL F 157 18.47 -25.11 14.69
CA VAL F 157 17.05 -24.75 14.56
C VAL F 157 16.34 -25.70 13.61
N GLU F 158 17.01 -26.10 12.54
CA GLU F 158 16.42 -27.04 11.59
C GLU F 158 16.03 -28.34 12.26
N ARG F 159 17.00 -28.95 12.94
CA ARG F 159 16.73 -30.20 13.63
C ARG F 159 15.54 -30.03 14.56
N ASP F 160 15.58 -28.97 15.36
CA ASP F 160 14.49 -28.71 16.32
C ASP F 160 13.14 -28.55 15.62
N LYS F 161 13.09 -27.74 14.56
CA LYS F 161 11.80 -27.50 13.92
C LYS F 161 11.28 -28.78 13.25
N LEU F 162 12.18 -29.65 12.75
CA LEU F 162 11.81 -30.91 12.10
C LEU F 162 11.72 -32.10 13.03
N ASN F 163 12.16 -31.95 14.28
CA ASN F 163 12.14 -33.01 15.28
C ASN F 163 12.89 -34.24 14.81
N LYS F 164 14.09 -34.03 14.25
CA LYS F 164 14.91 -35.12 13.73
C LYS F 164 16.29 -35.02 14.35
N TYR F 165 16.70 -36.05 15.05
CA TYR F 165 17.96 -36.02 15.75
C TYR F 165 18.63 -37.38 15.65
N GLY F 166 19.95 -37.38 15.53
CA GLY F 166 20.73 -38.60 15.69
C GLY F 166 21.02 -39.40 14.44
N ARG F 167 20.80 -38.84 13.26
CA ARG F 167 21.16 -39.49 12.00
C ARG F 167 21.30 -38.41 10.94
N PRO F 168 22.06 -38.67 9.89
CA PRO F 168 22.02 -37.75 8.74
C PRO F 168 20.61 -37.72 8.18
N LEU F 169 20.25 -36.58 7.59
CA LEU F 169 18.93 -36.45 6.95
C LEU F 169 18.97 -37.09 5.56
N LEU F 170 17.86 -37.73 5.18
CA LEU F 170 17.76 -38.43 3.90
C LEU F 170 16.84 -37.69 2.93
N GLY F 171 17.29 -37.52 1.69
CA GLY F 171 16.52 -36.79 0.71
C GLY F 171 16.66 -37.41 -0.68
N CYS F 172 15.77 -36.98 -1.57
CA CYS F 172 15.74 -37.52 -2.93
C CYS F 172 15.38 -36.42 -3.92
N THR F 173 16.04 -36.44 -5.09
CA THR F 173 15.77 -35.47 -6.16
C THR F 173 14.90 -36.15 -7.22
N ILE F 174 13.74 -35.55 -7.54
CA ILE F 174 12.82 -36.19 -8.48
C ILE F 174 13.40 -36.16 -9.90
N LYS F 175 13.26 -37.28 -10.59
CA LYS F 175 13.74 -37.47 -11.96
C LYS F 175 12.59 -38.03 -12.79
N PRO F 176 12.61 -37.86 -14.14
CA PRO F 176 13.59 -37.17 -14.96
C PRO F 176 13.67 -35.71 -14.58
N LYS F 177 14.82 -35.09 -14.79
CA LYS F 177 15.03 -33.71 -14.35
C LYS F 177 13.92 -32.82 -14.86
N LEU F 178 13.71 -32.80 -16.16
CA LEU F 178 12.70 -31.96 -16.77
C LEU F 178 11.72 -32.84 -17.53
N GLY F 179 10.54 -32.29 -17.81
CA GLY F 179 9.52 -32.97 -18.58
C GLY F 179 8.48 -33.72 -17.78
N LEU F 180 8.62 -33.80 -16.46
CA LEU F 180 7.58 -34.37 -15.62
C LEU F 180 6.46 -33.37 -15.42
N SER F 181 5.21 -33.85 -15.44
CA SER F 181 4.08 -32.97 -15.14
C SER F 181 4.01 -32.70 -13.63
N ALA F 182 3.22 -31.68 -13.26
CA ALA F 182 3.10 -31.28 -11.85
C ALA F 182 2.37 -32.34 -11.02
N LYS F 183 1.36 -33.00 -11.61
CA LYS F 183 0.67 -34.06 -10.90
C LYS F 183 1.55 -35.29 -10.74
N ASN F 184 2.33 -35.61 -11.78
CA ASN F 184 3.27 -36.73 -11.69
C ASN F 184 4.43 -36.41 -10.74
N TYR F 185 4.88 -35.16 -10.72
CA TYR F 185 5.89 -34.76 -9.75
C TYR F 185 5.41 -35.07 -8.35
N GLY F 186 4.19 -34.63 -8.03
CA GLY F 186 3.65 -34.92 -6.71
C GLY F 186 3.54 -36.41 -6.43
N ARG F 187 2.99 -37.17 -7.37
CA ARG F 187 2.89 -38.62 -7.22
C ARG F 187 4.22 -39.24 -6.86
N ALA F 188 5.31 -38.80 -7.53
CA ALA F 188 6.63 -39.29 -7.19
C ALA F 188 7.07 -38.78 -5.82
N VAL F 189 6.68 -37.55 -5.45
CA VAL F 189 7.08 -36.98 -4.17
C VAL F 189 6.44 -37.75 -3.02
N TYR F 190 5.15 -38.06 -3.16
CA TYR F 190 4.45 -38.83 -2.13
C TYR F 190 5.09 -40.19 -1.92
N GLU F 191 5.35 -40.91 -3.02
CA GLU F 191 5.86 -42.27 -2.91
C GLU F 191 7.24 -42.31 -2.28
N CYS F 192 8.11 -41.35 -2.59
CA CYS F 192 9.42 -41.33 -1.94
C CYS F 192 9.31 -41.03 -0.46
N LEU F 193 8.55 -39.99 -0.09
CA LEU F 193 8.43 -39.56 1.30
C LEU F 193 7.76 -40.62 2.19
N ARG F 194 6.77 -41.33 1.66
CA ARG F 194 6.11 -42.40 2.41
C ARG F 194 7.06 -43.57 2.73
N GLY F 195 8.17 -43.69 2.01
CA GLY F 195 9.13 -44.75 2.28
C GLY F 195 10.31 -44.37 3.16
N GLY F 196 10.20 -43.30 3.94
CA GLY F 196 11.20 -42.99 4.94
C GLY F 196 12.17 -41.87 4.61
N LEU F 197 12.18 -41.39 3.38
CA LEU F 197 13.01 -40.23 3.07
C LEU F 197 12.44 -39.01 3.77
N ASP F 198 13.31 -38.10 4.21
CA ASP F 198 12.83 -36.92 4.93
C ASP F 198 12.47 -35.80 3.96
N PHE F 199 13.22 -35.67 2.87
CA PHE F 199 13.07 -34.59 1.93
C PHE F 199 12.90 -35.16 0.54
N THR F 200 12.14 -34.42 -0.29
CA THR F 200 12.20 -34.56 -1.75
C THR F 200 12.59 -33.21 -2.34
N KCX F 201 12.97 -33.19 -3.61
CA KCX F 201 13.61 -32.05 -4.27
CB KCX F 201 15.10 -32.29 -4.48
CG KCX F 201 15.98 -32.14 -3.32
CD KCX F 201 17.40 -32.05 -3.84
CE KCX F 201 17.68 -30.70 -4.40
NZ KCX F 201 17.71 -30.65 -5.88
C KCX F 201 13.12 -31.69 -5.68
O KCX F 201 13.04 -32.55 -6.56
CX KCX F 201 18.83 -30.95 -6.56
OQ1 KCX F 201 19.88 -31.34 -6.01
OQ2 KCX F 201 18.80 -30.83 -7.79
N ASP F 202 12.91 -30.40 -5.91
CA ASP F 202 12.90 -29.93 -7.29
C ASP F 202 14.37 -29.93 -7.77
N ASP F 203 14.59 -30.21 -9.06
CA ASP F 203 15.95 -30.10 -9.58
C ASP F 203 16.32 -28.64 -9.74
N GLU F 204 17.64 -28.38 -9.73
CA GLU F 204 18.11 -27.01 -9.83
C GLU F 204 17.54 -26.30 -11.07
N ASN F 205 17.43 -27.03 -12.19
CA ASN F 205 16.93 -26.47 -13.45
C ASN F 205 15.40 -26.31 -13.49
N VAL F 206 14.64 -27.03 -12.66
CA VAL F 206 13.19 -26.91 -12.65
C VAL F 206 12.80 -25.60 -11.98
N ASN F 207 12.21 -24.68 -12.74
CA ASN F 207 11.68 -23.45 -12.16
C ASN F 207 10.21 -23.32 -12.51
N SER F 208 9.86 -22.50 -13.50
CA SER F 208 8.54 -22.55 -14.12
C SER F 208 8.74 -22.74 -15.62
N GLN F 209 8.20 -23.82 -16.18
CA GLN F 209 8.47 -24.16 -17.57
C GLN F 209 7.19 -24.58 -18.30
N PRO F 210 7.22 -24.62 -19.65
CA PRO F 210 6.05 -25.10 -20.40
C PRO F 210 5.48 -26.43 -19.94
N PHE F 211 6.32 -27.42 -19.62
CA PHE F 211 5.80 -28.71 -19.17
C PHE F 211 5.25 -28.64 -17.74
N MET F 212 5.77 -27.73 -16.92
CA MET F 212 5.37 -27.64 -15.52
C MET F 212 5.47 -26.21 -15.04
N ARG F 213 4.34 -25.59 -14.71
CA ARG F 213 4.34 -24.25 -14.14
C ARG F 213 4.44 -24.38 -12.62
N TRP F 214 5.19 -23.45 -12.02
CA TRP F 214 5.58 -23.59 -10.62
C TRP F 214 4.37 -23.67 -9.69
N ARG F 215 3.38 -22.80 -9.87
CA ARG F 215 2.29 -22.76 -8.90
C ARG F 215 1.53 -24.09 -8.88
N ASP F 216 1.35 -24.74 -10.04
CA ASP F 216 0.73 -26.06 -10.04
C ASP F 216 1.63 -27.13 -9.44
N ARG F 217 2.94 -27.00 -9.62
CA ARG F 217 3.86 -27.92 -8.95
C ARG F 217 3.80 -27.74 -7.43
N PHE F 218 3.88 -26.49 -6.95
CA PHE F 218 3.86 -26.28 -5.51
C PHE F 218 2.63 -26.91 -4.89
N LEU F 219 1.47 -26.71 -5.53
CA LEU F 219 0.20 -27.17 -4.98
C LEU F 219 0.16 -28.69 -4.89
N PHE F 220 0.63 -29.38 -5.92
CA PHE F 220 0.54 -30.84 -5.92
C PHE F 220 1.55 -31.44 -4.96
N CYS F 221 2.79 -30.96 -4.99
CA CYS F 221 3.78 -31.42 -4.04
C CYS F 221 3.34 -31.19 -2.60
N ALA F 222 2.58 -30.13 -2.32
CA ALA F 222 2.16 -29.92 -0.93
C ALA F 222 1.12 -30.95 -0.52
N GLU F 223 0.17 -31.26 -1.40
CA GLU F 223 -0.77 -32.35 -1.13
C GLU F 223 -0.03 -33.66 -0.93
N ALA F 224 1.01 -33.88 -1.75
CA ALA F 224 1.78 -35.10 -1.59
C ALA F 224 2.45 -35.14 -0.22
N LEU F 225 3.28 -34.14 0.09
CA LEU F 225 4.10 -34.21 1.30
C LEU F 225 3.22 -34.32 2.54
N TYR F 226 2.04 -33.69 2.51
CA TYR F 226 1.09 -33.86 3.61
C TYR F 226 0.56 -35.29 3.68
N LYS F 227 0.21 -35.88 2.54
CA LYS F 227 -0.27 -37.26 2.55
C LYS F 227 0.76 -38.20 3.15
N ALA F 228 2.03 -38.03 2.78
CA ALA F 228 3.08 -38.91 3.30
C ALA F 228 3.31 -38.66 4.78
N GLN F 229 3.30 -37.40 5.21
CA GLN F 229 3.55 -37.06 6.60
C GLN F 229 2.54 -37.71 7.53
N ALA F 230 1.29 -37.81 7.09
CA ALA F 230 0.25 -38.41 7.93
C ALA F 230 0.40 -39.93 7.98
N GLU F 231 0.83 -40.53 6.87
CA GLU F 231 1.07 -41.97 6.81
C GLU F 231 2.23 -42.38 7.71
N THR F 232 3.30 -41.60 7.73
CA THR F 232 4.53 -41.99 8.40
C THR F 232 4.57 -41.57 9.86
N GLY F 233 3.89 -40.49 10.22
CA GLY F 233 4.05 -39.90 11.53
C GLY F 233 5.31 -39.07 11.67
N GLU F 234 6.03 -38.84 10.58
CA GLU F 234 7.25 -38.04 10.60
C GLU F 234 7.05 -36.78 9.76
N ILE F 235 7.72 -35.70 10.17
CA ILE F 235 7.67 -34.47 9.40
C ILE F 235 8.35 -34.69 8.06
N LYS F 236 7.67 -34.30 6.99
CA LYS F 236 8.22 -34.41 5.65
C LYS F 236 8.33 -33.00 5.04
N GLY F 237 9.29 -32.84 4.15
CA GLY F 237 9.39 -31.63 3.35
C GLY F 237 9.83 -31.94 1.93
N HIS F 238 9.47 -31.05 1.01
CA HIS F 238 9.90 -31.13 -0.39
C HIS F 238 10.43 -29.78 -0.82
N TYR F 239 11.68 -29.72 -1.25
CA TYR F 239 12.30 -28.43 -1.59
C TYR F 239 11.62 -27.84 -2.81
N LEU F 240 11.07 -26.64 -2.66
CA LEU F 240 10.35 -25.98 -3.71
C LEU F 240 11.25 -24.88 -4.27
N ASN F 241 11.54 -24.96 -5.57
CA ASN F 241 12.49 -24.02 -6.15
C ASN F 241 11.82 -22.66 -6.33
N ALA F 242 12.40 -21.65 -5.69
CA ALA F 242 12.05 -20.26 -5.83
C ALA F 242 12.91 -19.54 -6.86
N THR F 243 13.92 -20.21 -7.43
CA THR F 243 14.78 -19.58 -8.43
C THR F 243 13.92 -19.11 -9.61
N ALA F 244 14.30 -17.97 -10.19
CA ALA F 244 13.42 -17.23 -11.09
C ALA F 244 14.20 -16.11 -11.78
N GLY F 245 13.63 -15.57 -12.86
CA GLY F 245 14.25 -14.50 -13.64
C GLY F 245 14.36 -13.16 -12.93
N THR F 246 13.47 -12.88 -11.99
CA THR F 246 13.44 -11.58 -11.35
C THR F 246 13.19 -11.77 -9.87
N CYS F 247 13.62 -10.79 -9.08
CA CYS F 247 13.36 -10.90 -7.64
C CYS F 247 11.85 -10.92 -7.41
N GLU F 248 11.10 -10.13 -8.18
CA GLU F 248 9.64 -10.16 -8.11
C GLU F 248 9.10 -11.57 -8.25
N ASP F 249 9.57 -12.30 -9.26
CA ASP F 249 9.10 -13.67 -9.47
C ASP F 249 9.56 -14.58 -8.35
N MET F 250 10.82 -14.44 -7.92
CA MET F 250 11.32 -15.21 -6.79
C MET F 250 10.44 -15.03 -5.55
N MET F 251 10.12 -13.80 -5.20
CA MET F 251 9.32 -13.56 -4.00
C MET F 251 7.93 -14.18 -4.14
N LYS F 252 7.34 -14.10 -5.34
CA LYS F 252 6.03 -14.70 -5.54
C LYS F 252 6.06 -16.17 -5.21
N ARG F 253 7.15 -16.86 -5.53
CA ARG F 253 7.21 -18.29 -5.25
C ARG F 253 7.42 -18.58 -3.76
N ALA F 254 8.21 -17.75 -3.04
CA ALA F 254 8.35 -17.95 -1.58
C ALA F 254 7.06 -17.61 -0.83
N VAL F 255 6.25 -16.68 -1.34
CA VAL F 255 5.02 -16.27 -0.66
C VAL F 255 3.97 -17.37 -0.76
N PHE F 256 3.90 -18.07 -1.90
CA PHE F 256 2.95 -19.19 -1.99
C PHE F 256 3.35 -20.30 -1.06
N ALA F 257 4.65 -20.57 -0.97
CA ALA F 257 5.14 -21.58 -0.04
C ALA F 257 4.76 -21.22 1.39
N ARG F 258 4.93 -19.97 1.76
CA ARG F 258 4.54 -19.53 3.10
C ARG F 258 3.05 -19.80 3.31
N GLU F 259 2.24 -19.49 2.30
CA GLU F 259 0.81 -19.72 2.38
C GLU F 259 0.48 -21.20 2.53
N LEU F 260 1.21 -22.06 1.82
CA LEU F 260 1.02 -23.51 1.90
C LEU F 260 1.39 -24.07 3.26
N GLY F 261 2.35 -23.46 3.95
CA GLY F 261 2.79 -23.94 5.24
C GLY F 261 3.96 -24.88 5.18
N VAL F 262 4.59 -25.01 4.01
CA VAL F 262 5.64 -25.97 3.74
C VAL F 262 6.93 -25.60 4.49
N PRO F 263 7.76 -26.60 4.88
CA PRO F 263 8.92 -26.32 5.75
C PRO F 263 10.15 -25.79 5.05
N ILE F 264 10.32 -26.05 3.76
CA ILE F 264 11.61 -25.77 3.11
C ILE F 264 11.40 -25.33 1.68
N VAL F 265 12.12 -24.27 1.27
CA VAL F 265 12.24 -23.86 -0.13
C VAL F 265 13.72 -23.85 -0.48
N MET F 266 14.00 -23.69 -1.77
CA MET F 266 15.35 -23.81 -2.29
C MET F 266 15.65 -22.71 -3.30
N HIS F 267 16.93 -22.43 -3.45
CA HIS F 267 17.42 -21.38 -4.36
C HIS F 267 18.78 -21.76 -4.89
N ASP F 268 19.00 -21.53 -6.19
CA ASP F 268 20.34 -21.63 -6.77
C ASP F 268 21.01 -20.26 -6.63
N TYR F 269 21.96 -20.16 -5.69
CA TYR F 269 22.46 -18.84 -5.37
C TYR F 269 23.49 -18.33 -6.36
N LEU F 270 24.20 -19.19 -7.09
CA LEU F 270 25.14 -18.63 -8.05
C LEU F 270 24.44 -18.19 -9.33
N THR F 271 23.51 -19.00 -9.84
CA THR F 271 22.79 -18.57 -11.04
C THR F 271 21.76 -17.48 -10.72
N GLY F 272 21.03 -17.62 -9.60
CA GLY F 272 20.21 -16.51 -9.15
C GLY F 272 21.02 -15.26 -8.86
N GLY F 273 22.17 -15.42 -8.20
CA GLY F 273 23.04 -14.35 -7.79
C GLY F 273 22.96 -14.08 -6.29
N PHE F 274 23.97 -13.36 -5.79
CA PHE F 274 24.06 -13.11 -4.34
C PHE F 274 23.01 -12.13 -3.85
N THR F 275 22.77 -11.07 -4.62
CA THR F 275 21.78 -10.07 -4.25
C THR F 275 20.41 -10.70 -4.06
N ALA F 276 19.95 -11.47 -5.05
CA ALA F 276 18.66 -12.14 -4.92
C ALA F 276 18.72 -13.18 -3.81
N ASN F 277 19.87 -13.85 -3.65
CA ASN F 277 19.94 -14.87 -2.61
C ASN F 277 19.79 -14.25 -1.23
N THR F 278 20.49 -13.14 -0.98
CA THR F 278 20.39 -12.51 0.33
C THR F 278 18.99 -11.97 0.59
N THR F 279 18.28 -11.54 -0.47
CA THR F 279 16.89 -11.13 -0.31
C THR F 279 16.02 -12.30 0.11
N LEU F 280 16.21 -13.45 -0.53
CA LEU F 280 15.44 -14.65 -0.17
C LEU F 280 15.75 -15.10 1.25
N SER F 281 17.03 -15.20 1.60
CA SER F 281 17.41 -15.57 2.97
C SER F 281 16.75 -14.65 4.00
N HIS F 282 16.55 -13.38 3.66
CA HIS F 282 15.90 -12.50 4.63
C HIS F 282 14.39 -12.73 4.67
N TYR F 283 13.79 -13.22 3.59
CA TYR F 283 12.37 -13.58 3.63
C TYR F 283 12.17 -14.84 4.45
N CYS F 284 13.06 -15.81 4.25
CA CYS F 284 13.01 -17.08 4.95
C CYS F 284 13.16 -16.88 6.47
N ARG F 285 14.00 -15.93 6.91
CA ARG F 285 14.05 -15.69 8.35
C ARG F 285 12.75 -15.09 8.85
N ASP F 286 12.19 -14.13 8.11
CA ASP F 286 11.00 -13.42 8.53
C ASP F 286 9.75 -14.28 8.42
N ASN F 287 9.78 -15.40 7.72
CA ASN F 287 8.57 -16.20 7.58
C ASN F 287 8.76 -17.66 7.98
N GLY F 288 9.87 -17.99 8.64
CA GLY F 288 10.16 -19.32 9.13
C GLY F 288 10.36 -20.37 8.06
N LEU F 289 10.88 -20.01 6.88
CA LEU F 289 11.14 -20.98 5.82
C LEU F 289 12.59 -21.44 5.86
N LEU F 290 12.81 -22.76 5.83
CA LEU F 290 14.16 -23.28 5.67
C LEU F 290 14.64 -23.09 4.23
N LEU F 291 15.89 -22.68 4.07
CA LEU F 291 16.43 -22.32 2.75
C LEU F 291 17.55 -23.27 2.35
N HIS F 292 17.32 -24.07 1.32
CA HIS F 292 18.31 -25.02 0.81
C HIS F 292 19.00 -24.42 -0.42
N ILE F 293 20.34 -24.42 -0.42
CA ILE F 293 21.10 -23.71 -1.43
C ILE F 293 21.80 -24.71 -2.35
N HIS F 294 21.48 -24.66 -3.65
CA HIS F 294 22.11 -25.48 -4.67
C HIS F 294 23.23 -24.68 -5.32
N ARG F 295 24.38 -25.32 -5.53
CA ARG F 295 25.56 -24.61 -6.04
C ARG F 295 25.74 -24.81 -7.54
N ALA F 296 24.64 -24.64 -8.28
CA ALA F 296 24.68 -24.69 -9.75
C ALA F 296 25.66 -23.66 -10.28
N MET F 297 26.55 -24.09 -11.18
CA MET F 297 27.59 -23.30 -11.84
C MET F 297 28.87 -23.17 -11.01
N HIS F 298 28.95 -23.70 -9.78
CA HIS F 298 30.20 -23.57 -9.00
C HIS F 298 31.39 -24.18 -9.76
N ALA F 299 31.18 -25.30 -10.46
CA ALA F 299 32.28 -25.99 -11.12
C ALA F 299 32.90 -25.19 -12.27
N VAL F 300 32.14 -24.28 -12.91
CA VAL F 300 32.74 -23.38 -13.90
C VAL F 300 33.86 -22.56 -13.28
N ILE F 301 33.66 -22.11 -12.03
CA ILE F 301 34.58 -21.23 -11.33
C ILE F 301 35.66 -22.01 -10.59
N ASP F 302 35.33 -23.19 -10.04
CA ASP F 302 36.17 -23.84 -9.03
C ASP F 302 36.77 -25.19 -9.42
N ARG F 303 36.64 -25.64 -10.67
CA ARG F 303 37.19 -26.96 -10.99
C ARG F 303 38.70 -26.96 -10.99
N GLN F 304 39.32 -25.97 -11.65
CA GLN F 304 40.74 -26.02 -11.96
C GLN F 304 41.60 -25.32 -10.90
N LYS F 305 42.78 -25.90 -10.66
CA LYS F 305 43.66 -25.43 -9.59
C LYS F 305 44.36 -24.12 -9.96
N ASN F 306 44.73 -23.97 -11.23
CA ASN F 306 45.47 -22.79 -11.67
C ASN F 306 44.62 -21.51 -11.68
N HIS F 307 43.31 -21.63 -11.95
CA HIS F 307 42.49 -20.47 -12.23
C HIS F 307 41.07 -20.67 -11.71
N GLY F 308 40.52 -19.61 -11.11
CA GLY F 308 39.17 -19.68 -10.57
C GLY F 308 39.06 -19.18 -9.13
N MET F 309 38.10 -19.71 -8.41
CA MET F 309 37.99 -19.52 -6.97
C MET F 309 37.63 -20.87 -6.39
N HIS F 310 38.32 -21.28 -5.34
CA HIS F 310 37.95 -22.52 -4.67
C HIS F 310 36.54 -22.44 -4.10
N PHE F 311 35.88 -23.60 -4.03
CA PHE F 311 34.53 -23.66 -3.45
C PHE F 311 34.50 -23.22 -1.99
N ARG F 312 35.63 -23.29 -1.26
CA ARG F 312 35.62 -22.84 0.13
C ARG F 312 35.37 -21.34 0.25
N VAL F 313 35.78 -20.55 -0.74
CA VAL F 313 35.39 -19.14 -0.77
C VAL F 313 33.91 -19.02 -1.06
N LEU F 314 33.41 -19.81 -2.02
CA LEU F 314 32.00 -19.76 -2.41
C LEU F 314 31.09 -20.25 -1.28
N ALA F 315 31.56 -21.18 -0.45
CA ALA F 315 30.78 -21.67 0.68
C ALA F 315 30.72 -20.64 1.80
N LYS F 316 31.85 -19.96 2.08
CA LYS F 316 31.84 -18.91 3.09
C LYS F 316 30.90 -17.79 2.66
N ALA F 317 30.89 -17.49 1.37
CA ALA F 317 29.95 -16.48 0.88
C ALA F 317 28.53 -16.89 1.18
N LEU F 318 28.22 -18.18 1.04
CA LEU F 318 26.86 -18.64 1.27
C LEU F 318 26.50 -18.57 2.76
N ARG F 319 27.42 -18.94 3.65
CA ARG F 319 27.14 -18.87 5.09
C ARG F 319 26.82 -17.44 5.54
N LEU F 320 27.44 -16.45 4.89
CA LEU F 320 27.17 -15.05 5.17
C LEU F 320 25.89 -14.56 4.46
N SER F 321 25.77 -14.85 3.16
CA SER F 321 24.58 -14.46 2.40
C SER F 321 23.30 -15.01 3.02
N GLY F 322 23.24 -16.33 3.21
CA GLY F 322 22.12 -16.96 3.87
C GLY F 322 21.63 -18.27 3.26
N GLY F 323 21.77 -19.34 4.02
CA GLY F 323 21.34 -20.65 3.57
C GLY F 323 21.36 -21.61 4.73
N ASP F 324 20.35 -22.47 4.82
CA ASP F 324 20.31 -23.50 5.84
C ASP F 324 21.03 -24.76 5.39
N HIS F 325 20.96 -25.06 4.10
CA HIS F 325 21.77 -26.12 3.49
C HIS F 325 22.62 -25.54 2.37
N ILE F 326 23.69 -26.26 2.04
CA ILE F 326 24.41 -26.04 0.80
C ILE F 326 24.94 -27.41 0.36
N HIS F 327 24.99 -27.62 -0.95
CA HIS F 327 25.63 -28.81 -1.50
C HIS F 327 27.13 -28.74 -1.27
N SER F 328 27.71 -29.84 -0.84
CA SER F 328 29.11 -29.86 -0.47
C SER F 328 29.91 -30.85 -1.29
N GLY F 329 29.25 -31.66 -2.10
CA GLY F 329 29.92 -32.72 -2.84
C GLY F 329 29.79 -34.05 -2.13
N THR F 330 30.10 -35.11 -2.87
CA THR F 330 30.00 -36.44 -2.29
C THR F 330 31.33 -37.10 -1.98
N VAL F 331 32.40 -36.67 -2.64
CA VAL F 331 33.68 -37.39 -2.70
C VAL F 331 33.50 -38.67 -3.53
N VAL F 332 32.51 -39.51 -3.20
CA VAL F 332 32.37 -40.85 -3.78
C VAL F 332 31.42 -40.91 -4.99
N GLY F 333 30.73 -39.82 -5.31
CA GLY F 333 29.72 -39.83 -6.35
C GLY F 333 30.27 -39.47 -7.72
N LYS F 334 29.35 -39.11 -8.64
CA LYS F 334 29.75 -38.88 -10.04
C LYS F 334 30.44 -37.54 -10.21
N LEU F 335 30.14 -36.56 -9.36
CA LEU F 335 30.80 -35.27 -9.40
C LEU F 335 32.11 -35.33 -8.62
N GLU F 336 33.04 -34.45 -8.98
CA GLU F 336 34.36 -34.47 -8.36
C GLU F 336 34.33 -33.97 -6.93
N GLY F 337 35.02 -34.70 -6.03
CA GLY F 337 35.21 -34.29 -4.65
C GLY F 337 36.42 -34.98 -4.03
N GLU F 338 37.30 -34.23 -3.39
CA GLU F 338 38.46 -34.79 -2.71
C GLU F 338 38.20 -34.80 -1.21
N ARG F 339 38.46 -35.94 -0.55
CA ARG F 339 38.04 -36.12 0.84
C ARG F 339 38.64 -35.06 1.77
N ASP F 340 39.95 -34.79 1.65
CA ASP F 340 40.57 -33.86 2.60
C ASP F 340 40.05 -32.44 2.40
N ILE F 341 39.93 -32.00 1.14
CA ILE F 341 39.37 -30.68 0.87
C ILE F 341 37.93 -30.60 1.38
N THR F 342 37.14 -31.63 1.07
CA THR F 342 35.73 -31.60 1.40
C THR F 342 35.51 -31.60 2.91
N LEU F 343 36.28 -32.43 3.64
CA LEU F 343 36.19 -32.45 5.09
C LEU F 343 36.58 -31.09 5.67
N GLY F 344 37.58 -30.45 5.05
CA GLY F 344 37.99 -29.12 5.49
C GLY F 344 36.92 -28.07 5.30
N PHE F 345 36.34 -27.97 4.10
CA PHE F 345 35.32 -26.95 3.92
C PHE F 345 33.97 -27.36 4.53
N VAL F 346 33.77 -28.65 4.84
CA VAL F 346 32.55 -29.02 5.56
C VAL F 346 32.64 -28.54 7.01
N ASP F 347 33.86 -28.40 7.55
CA ASP F 347 34.02 -27.79 8.87
C ASP F 347 33.88 -26.27 8.79
N LEU F 348 34.32 -25.67 7.70
CA LEU F 348 34.14 -24.24 7.50
C LEU F 348 32.67 -23.86 7.43
N LEU F 349 31.81 -24.78 6.99
CA LEU F 349 30.37 -24.52 6.92
C LEU F 349 29.64 -24.81 8.23
N ARG F 350 30.15 -25.74 9.05
CA ARG F 350 29.41 -26.21 10.21
C ARG F 350 29.87 -25.64 11.55
N ASP F 351 31.12 -25.21 11.69
CA ASP F 351 31.69 -24.92 12.99
C ASP F 351 31.84 -23.42 13.26
N ASP F 352 32.02 -23.08 14.54
CA ASP F 352 32.25 -21.69 14.90
C ASP F 352 33.69 -21.26 14.70
N TYR F 353 34.62 -22.20 14.63
CA TYR F 353 36.04 -21.86 14.56
C TYR F 353 36.73 -22.98 13.81
N THR F 354 37.64 -22.62 12.93
CA THR F 354 38.40 -23.62 12.20
C THR F 354 39.82 -23.10 12.14
N GLU F 355 40.74 -23.81 12.78
CA GLU F 355 42.12 -23.37 12.74
C GLU F 355 42.71 -23.70 11.39
N LYS F 356 43.78 -22.98 11.04
CA LYS F 356 44.40 -23.17 9.73
C LYS F 356 45.03 -24.55 9.63
N ASP F 357 44.80 -25.20 8.49
CA ASP F 357 45.22 -26.59 8.21
C ASP F 357 45.43 -26.69 6.71
N ARG F 358 46.65 -26.36 6.26
CA ARG F 358 46.96 -26.36 4.83
C ARG F 358 46.68 -27.71 4.19
N SER F 359 46.84 -28.80 4.96
CA SER F 359 46.61 -30.13 4.42
C SER F 359 45.17 -30.30 3.95
N ARG F 360 44.22 -29.70 4.66
CA ARG F 360 42.81 -29.76 4.29
C ARG F 360 42.35 -28.54 3.50
N GLY F 361 43.29 -27.72 3.03
CA GLY F 361 42.97 -26.58 2.19
C GLY F 361 42.71 -25.26 2.89
N ILE F 362 42.84 -25.22 4.22
CA ILE F 362 42.51 -24.04 5.02
C ILE F 362 43.75 -23.16 5.12
N TYR F 363 43.76 -22.04 4.39
CA TYR F 363 44.90 -21.13 4.44
C TYR F 363 44.87 -20.23 5.67
N PHE F 364 43.70 -19.88 6.20
CA PHE F 364 43.61 -19.01 7.36
C PHE F 364 42.73 -19.61 8.46
N THR F 365 42.95 -19.15 9.67
CA THR F 365 42.08 -19.49 10.78
C THR F 365 40.79 -18.68 10.65
N GLN F 366 39.65 -19.35 10.78
CA GLN F 366 38.35 -18.70 10.58
C GLN F 366 37.46 -18.87 11.80
N SER F 367 36.95 -17.75 12.34
CA SER F 367 35.93 -17.76 13.37
C SER F 367 34.64 -17.14 12.84
N TRP F 368 33.52 -17.59 13.39
CA TRP F 368 32.21 -17.23 12.86
C TRP F 368 31.32 -16.54 13.88
N VAL F 369 31.91 -16.02 14.98
CA VAL F 369 31.24 -15.35 16.10
C VAL F 369 29.81 -15.86 16.28
N SER F 370 29.64 -17.18 16.37
CA SER F 370 28.35 -17.84 16.60
C SER F 370 27.36 -17.73 15.44
N THR F 371 27.82 -17.34 14.25
CA THR F 371 26.95 -17.45 13.09
C THR F 371 26.52 -18.90 13.00
N PRO F 372 25.22 -19.18 12.91
CA PRO F 372 24.77 -20.57 12.85
C PRO F 372 25.40 -21.29 11.66
N GLY F 373 25.54 -22.61 11.79
CA GLY F 373 26.20 -23.41 10.79
C GLY F 373 25.25 -23.94 9.75
N VAL F 374 25.81 -24.29 8.58
CA VAL F 374 25.05 -24.72 7.41
C VAL F 374 25.19 -26.23 7.28
N LEU F 375 24.07 -26.89 6.95
CA LEU F 375 24.02 -28.35 6.87
C LEU F 375 24.55 -28.83 5.52
N PRO F 376 25.65 -29.57 5.47
CA PRO F 376 26.21 -29.98 4.18
C PRO F 376 25.30 -30.98 3.49
N VAL F 377 25.23 -30.89 2.17
CA VAL F 377 24.38 -31.80 1.39
C VAL F 377 25.24 -32.51 0.35
N ALA F 378 25.15 -33.84 0.31
CA ALA F 378 25.94 -34.66 -0.60
C ALA F 378 25.01 -35.40 -1.57
N SER F 379 25.17 -35.12 -2.86
CA SER F 379 24.23 -35.59 -3.88
C SER F 379 24.99 -36.03 -5.13
N GLY F 380 24.41 -37.00 -5.84
CA GLY F 380 24.89 -37.33 -7.18
C GLY F 380 25.67 -38.61 -7.32
N GLY F 381 25.07 -39.60 -7.98
CA GLY F 381 25.73 -40.89 -8.20
C GLY F 381 26.06 -41.63 -6.93
N ILE F 382 25.18 -41.59 -5.94
CA ILE F 382 25.39 -42.29 -4.68
C ILE F 382 24.25 -43.28 -4.51
N HIS F 383 24.57 -44.43 -3.94
CA HIS F 383 23.59 -45.49 -3.75
C HIS F 383 23.91 -46.22 -2.45
N VAL F 384 23.08 -47.22 -2.12
CA VAL F 384 23.13 -47.87 -0.81
C VAL F 384 24.56 -48.30 -0.45
N TRP F 385 25.30 -48.82 -1.44
CA TRP F 385 26.65 -49.28 -1.12
C TRP F 385 27.56 -48.13 -0.68
N HIS F 386 27.27 -46.90 -1.11
CA HIS F 386 28.05 -45.75 -0.65
C HIS F 386 27.71 -45.33 0.77
N MET F 387 26.61 -45.81 1.33
CA MET F 387 26.09 -45.23 2.56
C MET F 387 27.03 -45.34 3.77
N PRO F 388 27.76 -46.43 4.00
CA PRO F 388 28.68 -46.40 5.14
C PRO F 388 29.71 -45.30 5.01
N ALA F 389 30.29 -45.14 3.82
CA ALA F 389 31.33 -44.13 3.64
C ALA F 389 30.78 -42.73 3.84
N LEU F 390 29.63 -42.45 3.24
CA LEU F 390 28.98 -41.16 3.44
C LEU F 390 28.78 -40.86 4.92
N THR F 391 28.32 -41.84 5.69
CA THR F 391 28.16 -41.63 7.13
C THR F 391 29.52 -41.36 7.79
N GLU F 392 30.57 -42.05 7.35
CA GLU F 392 31.88 -41.81 7.92
C GLU F 392 32.40 -40.43 7.59
N ILE F 393 32.21 -39.97 6.35
CA ILE F 393 32.82 -38.71 5.93
C ILE F 393 32.10 -37.52 6.57
N PHE F 394 30.79 -37.60 6.66
CA PHE F 394 30.01 -36.42 7.02
C PHE F 394 29.48 -36.45 8.44
N GLY F 395 29.09 -37.61 8.93
CA GLY F 395 28.55 -37.68 10.27
C GLY F 395 27.09 -37.27 10.29
N ASP F 396 26.56 -37.15 11.51
CA ASP F 396 25.12 -37.01 11.68
C ASP F 396 24.60 -35.69 11.10
N ASP F 397 25.38 -34.62 11.13
CA ASP F 397 24.87 -33.33 10.67
C ASP F 397 25.21 -33.14 9.19
N SER F 398 24.40 -33.78 8.33
CA SER F 398 24.51 -33.66 6.88
C SER F 398 23.23 -34.17 6.25
N VAL F 399 23.03 -33.84 4.97
CA VAL F 399 21.93 -34.39 4.18
C VAL F 399 22.52 -35.21 3.04
N LEU F 400 22.07 -36.44 2.90
CA LEU F 400 22.50 -37.35 1.83
C LEU F 400 21.31 -37.55 0.90
N GLN F 401 21.52 -37.31 -0.40
CA GLN F 401 20.42 -37.22 -1.36
C GLN F 401 20.58 -38.23 -2.48
N PHE F 402 19.57 -39.06 -2.69
CA PHE F 402 19.56 -40.06 -3.75
C PHE F 402 18.40 -39.79 -4.69
N GLY F 403 18.69 -39.27 -5.88
CA GLY F 403 17.65 -39.14 -6.88
C GLY F 403 17.47 -40.44 -7.66
N GLY F 404 18.46 -40.77 -8.48
CA GLY F 404 18.46 -42.08 -9.12
C GLY F 404 18.45 -43.22 -8.12
N GLY F 405 19.11 -43.02 -6.98
CA GLY F 405 19.15 -44.09 -5.98
C GLY F 405 17.79 -44.44 -5.41
N THR F 406 16.87 -43.48 -5.41
CA THR F 406 15.48 -43.78 -5.05
C THR F 406 14.69 -44.22 -6.27
N LEU F 407 14.76 -43.43 -7.34
CA LEU F 407 13.89 -43.64 -8.49
C LEU F 407 14.32 -44.82 -9.36
N GLY F 408 15.62 -45.10 -9.44
CA GLY F 408 16.11 -46.25 -10.16
C GLY F 408 15.83 -47.59 -9.50
N HIS F 409 15.25 -47.59 -8.31
CA HIS F 409 15.01 -48.85 -7.62
C HIS F 409 13.98 -49.68 -8.39
N PRO F 410 14.13 -51.01 -8.42
CA PRO F 410 13.25 -51.82 -9.28
C PRO F 410 11.82 -51.98 -8.77
N TRP F 411 11.58 -51.84 -7.46
CA TRP F 411 10.22 -51.97 -6.96
C TRP F 411 9.51 -50.64 -6.81
N GLY F 412 10.14 -49.53 -7.18
CA GLY F 412 9.48 -48.24 -7.18
C GLY F 412 10.13 -47.26 -6.21
N ASN F 413 9.44 -46.13 -6.03
CA ASN F 413 10.00 -45.04 -5.23
C ASN F 413 9.93 -45.36 -3.74
N ALA F 414 8.80 -45.87 -3.26
CA ALA F 414 8.69 -46.20 -1.84
C ALA F 414 9.69 -47.28 -1.41
N PRO F 415 9.80 -48.43 -2.08
CA PRO F 415 10.84 -49.38 -1.70
C PRO F 415 12.26 -48.81 -1.79
N GLY F 416 12.56 -47.99 -2.81
CA GLY F 416 13.90 -47.42 -2.92
C GLY F 416 14.22 -46.45 -1.80
N ALA F 417 13.21 -45.70 -1.35
CA ALA F 417 13.34 -44.91 -0.12
C ALA F 417 13.62 -45.81 1.07
N VAL F 418 12.82 -46.87 1.22
CA VAL F 418 13.05 -47.83 2.31
C VAL F 418 14.45 -48.42 2.22
N ALA F 419 14.95 -48.65 1.01
CA ALA F 419 16.28 -49.23 0.90
C ALA F 419 17.32 -48.30 1.51
N ASN F 420 17.24 -47.01 1.20
CA ASN F 420 18.21 -46.05 1.69
C ASN F 420 18.00 -45.74 3.17
N ARG F 421 16.74 -45.72 3.64
CA ARG F 421 16.53 -45.47 5.05
C ARG F 421 17.09 -46.61 5.89
N VAL F 422 16.91 -47.85 5.44
CA VAL F 422 17.39 -49.00 6.17
C VAL F 422 18.92 -49.02 6.18
N ALA F 423 19.54 -48.72 5.05
CA ALA F 423 20.99 -48.74 5.00
C ALA F 423 21.61 -47.68 5.90
N LEU F 424 21.00 -46.49 5.97
CA LEU F 424 21.53 -45.45 6.86
C LEU F 424 21.32 -45.82 8.32
N GLU F 425 20.12 -46.31 8.65
CA GLU F 425 19.82 -46.70 10.04
C GLU F 425 20.68 -47.88 10.47
N ALA F 426 20.88 -48.86 9.58
CA ALA F 426 21.83 -49.94 9.82
C ALA F 426 23.21 -49.40 10.18
N CYS F 427 23.70 -48.44 9.39
CA CYS F 427 25.03 -47.86 9.63
C CYS F 427 25.10 -47.07 10.93
N VAL F 428 24.09 -46.23 11.23
CA VAL F 428 24.11 -45.49 12.50
C VAL F 428 24.18 -46.46 13.69
N GLN F 429 23.36 -47.52 13.65
CA GLN F 429 23.35 -48.53 14.72
C GLN F 429 24.68 -49.26 14.85
N ALA F 430 25.31 -49.59 13.70
CA ALA F 430 26.65 -50.15 13.74
C ALA F 430 27.66 -49.15 14.30
N ARG F 431 27.55 -47.88 13.88
CA ARG F 431 28.47 -46.84 14.34
C ARG F 431 28.38 -46.67 15.85
N ASN F 432 27.17 -46.60 16.37
CA ASN F 432 26.93 -46.45 17.80
C ASN F 432 27.36 -47.68 18.57
N GLU F 433 27.36 -48.85 17.94
CA GLU F 433 27.78 -50.07 18.60
C GLU F 433 29.29 -50.22 18.63
N GLY F 434 30.02 -49.42 17.86
CA GLY F 434 31.46 -49.45 17.85
C GLY F 434 32.09 -50.11 16.66
N ARG F 435 31.29 -50.62 15.73
CA ARG F 435 31.86 -51.16 14.51
C ARG F 435 32.36 -50.02 13.64
N ASP F 436 33.41 -50.28 12.87
CA ASP F 436 34.07 -49.27 12.06
C ASP F 436 33.50 -49.33 10.64
N LEU F 437 32.97 -48.20 10.16
CA LEU F 437 32.19 -48.23 8.92
C LEU F 437 33.09 -48.37 7.68
N ALA F 438 34.27 -47.75 7.69
CA ALA F 438 35.17 -47.88 6.54
C ALA F 438 35.51 -49.34 6.26
N ARG F 439 35.81 -50.11 7.30
CA ARG F 439 36.26 -51.48 7.14
C ARG F 439 35.11 -52.47 6.98
N GLU F 440 34.03 -52.30 7.75
CA GLU F 440 32.93 -53.25 7.81
C GLU F 440 31.71 -52.81 7.01
N GLY F 441 31.85 -51.76 6.19
CA GLY F 441 30.68 -51.15 5.57
C GLY F 441 29.94 -52.10 4.65
N ASN F 442 30.66 -52.97 3.94
CA ASN F 442 29.99 -53.98 3.13
C ASN F 442 29.25 -55.00 3.99
N THR F 443 29.89 -55.45 5.07
CA THR F 443 29.28 -56.47 5.95
C THR F 443 27.96 -55.97 6.52
N ILE F 444 27.95 -54.72 7.01
CA ILE F 444 26.77 -54.20 7.68
C ILE F 444 25.59 -54.12 6.73
N ILE F 445 25.83 -53.66 5.50
CA ILE F 445 24.75 -53.60 4.52
C ILE F 445 24.23 -54.99 4.21
N ARG F 446 25.13 -55.98 4.10
CA ARG F 446 24.70 -57.34 3.76
C ARG F 446 23.81 -57.93 4.85
N GLU F 447 24.15 -57.68 6.11
CA GLU F 447 23.32 -58.18 7.20
C GLU F 447 21.92 -57.60 7.11
N ALA F 448 21.78 -56.33 6.70
CA ALA F 448 20.45 -55.73 6.56
C ALA F 448 19.70 -56.28 5.36
N THR F 449 20.40 -56.72 4.30
CA THR F 449 19.70 -57.32 3.17
C THR F 449 18.97 -58.59 3.59
N LYS F 450 19.41 -59.22 4.68
CA LYS F 450 18.83 -60.48 5.06
C LYS F 450 17.44 -60.31 5.69
N TRP F 451 17.15 -59.16 6.30
CA TRP F 451 15.83 -58.92 6.86
C TRP F 451 15.02 -57.86 6.09
N SER F 452 15.64 -57.12 5.18
CA SER F 452 14.93 -56.11 4.41
C SER F 452 14.94 -56.48 2.93
N PRO F 453 13.82 -56.96 2.37
CA PRO F 453 13.79 -57.26 0.93
C PRO F 453 14.10 -56.06 0.05
N GLU F 454 13.72 -54.86 0.50
CA GLU F 454 13.83 -53.67 -0.34
C GLU F 454 15.28 -53.23 -0.49
N LEU F 455 16.07 -53.35 0.59
CA LEU F 455 17.49 -53.02 0.50
C LEU F 455 18.26 -54.07 -0.29
N ALA F 456 17.86 -55.33 -0.19
CA ALA F 456 18.52 -56.41 -0.92
C ALA F 456 18.41 -56.24 -2.43
N ALA F 457 17.22 -55.90 -2.93
CA ALA F 457 17.05 -55.76 -4.37
C ALA F 457 17.69 -54.48 -4.89
N ALA F 458 17.75 -53.42 -4.06
CA ALA F 458 18.51 -52.23 -4.40
C ALA F 458 20.01 -52.51 -4.39
N CYS F 459 20.47 -53.31 -3.43
CA CYS F 459 21.87 -53.70 -3.37
C CYS F 459 22.30 -54.45 -4.62
N GLU F 460 21.44 -55.35 -5.10
CA GLU F 460 21.74 -56.12 -6.31
C GLU F 460 21.93 -55.21 -7.52
N VAL F 461 21.03 -54.24 -7.71
CA VAL F 461 21.03 -53.43 -8.92
C VAL F 461 22.33 -52.66 -9.08
N TRP F 462 22.89 -52.16 -7.97
CA TRP F 462 23.97 -51.19 -8.02
C TRP F 462 25.29 -51.72 -7.45
N LYS F 463 25.45 -53.04 -7.41
CA LYS F 463 26.53 -53.68 -6.66
C LYS F 463 27.90 -53.11 -7.03
N GLU F 464 28.13 -52.81 -8.31
CA GLU F 464 29.46 -52.36 -8.71
C GLU F 464 29.41 -51.04 -9.47
N ILE F 465 28.56 -50.12 -9.05
CA ILE F 465 28.62 -48.77 -9.63
C ILE F 465 29.49 -47.94 -8.69
N LYS F 466 30.72 -47.74 -9.10
CA LYS F 466 31.69 -46.96 -8.38
C LYS F 466 32.21 -45.91 -9.35
N PHE F 467 32.43 -44.70 -8.86
CA PHE F 467 32.89 -43.59 -9.71
C PHE F 467 34.30 -43.22 -9.24
N GLU F 468 35.31 -43.70 -9.96
CA GLU F 468 36.70 -43.41 -9.64
C GLU F 468 37.40 -42.87 -10.86
N PHE F 469 38.07 -41.74 -10.70
CA PHE F 469 38.71 -41.00 -11.77
C PHE F 469 39.80 -40.14 -11.15
N PRO F 470 40.80 -39.74 -11.95
CA PRO F 470 41.77 -38.73 -11.47
C PRO F 470 41.11 -37.40 -11.16
N ALA F 471 41.65 -36.69 -10.17
CA ALA F 471 41.13 -35.44 -9.65
C ALA F 471 41.95 -34.26 -10.16
N MET F 472 41.26 -33.17 -10.50
CA MET F 472 41.86 -31.95 -11.04
C MET F 472 42.35 -31.00 -9.96
N ASP F 473 41.77 -31.05 -8.77
CA ASP F 473 42.09 -30.14 -7.68
C ASP F 473 42.56 -31.00 -6.49
N THR F 474 43.88 -31.18 -6.40
CA THR F 474 44.51 -31.84 -5.27
C THR F 474 45.19 -30.77 -4.42
N VAL F 475 45.26 -31.03 -3.11
CA VAL F 475 45.85 -30.09 -2.16
C VAL F 475 47.25 -29.59 -2.61
N ALA G 9 32.35 -32.69 29.79
CA ALA G 9 31.58 -33.43 30.77
C ALA G 9 30.37 -32.62 31.24
N SER G 10 29.63 -33.20 32.18
CA SER G 10 28.46 -32.57 32.79
C SER G 10 28.54 -32.76 34.30
N VAL G 11 27.79 -31.92 35.04
CA VAL G 11 27.76 -31.96 36.50
C VAL G 11 26.31 -32.09 36.95
N GLU G 12 26.12 -32.71 38.11
CA GLU G 12 24.78 -32.97 38.62
C GLU G 12 24.08 -31.68 39.03
N PHE G 13 22.76 -31.69 38.93
CA PHE G 13 21.96 -30.58 39.41
C PHE G 13 21.81 -30.68 40.92
N LYS G 14 22.14 -29.59 41.62
CA LYS G 14 21.86 -29.45 43.04
C LYS G 14 21.05 -28.18 43.27
N ALA G 15 19.79 -28.35 43.67
CA ALA G 15 18.91 -27.22 43.92
C ALA G 15 19.40 -26.35 45.07
N GLY G 16 19.02 -25.08 45.04
CA GLY G 16 19.19 -24.19 46.17
C GLY G 16 20.22 -23.12 45.90
N VAL G 17 20.29 -22.19 46.84
CA VAL G 17 21.08 -20.97 46.71
C VAL G 17 22.55 -21.26 46.92
N LYS G 18 23.37 -20.76 45.99
CA LYS G 18 24.82 -20.70 46.12
C LYS G 18 25.26 -19.26 45.95
N ASP G 19 26.49 -18.99 46.39
CA ASP G 19 27.06 -17.66 46.22
C ASP G 19 27.21 -17.35 44.74
N TYR G 20 26.97 -16.09 44.39
CA TYR G 20 27.22 -15.69 43.01
C TYR G 20 28.71 -15.79 42.65
N LYS G 21 29.60 -15.57 43.63
CA LYS G 21 31.03 -15.49 43.33
C LYS G 21 31.59 -16.82 42.85
N LEU G 22 30.97 -17.94 43.22
CA LEU G 22 31.48 -19.23 42.80
C LEU G 22 31.49 -19.35 41.27
N THR G 23 30.43 -18.86 40.62
CA THR G 23 30.25 -19.01 39.19
C THR G 23 30.54 -17.76 38.39
N TYR G 24 30.38 -16.57 38.98
CA TYR G 24 30.40 -15.33 38.22
C TYR G 24 31.51 -14.36 38.62
N TYR G 25 32.48 -14.81 39.42
CA TYR G 25 33.69 -14.05 39.70
C TYR G 25 34.88 -14.88 39.26
N THR G 26 35.63 -14.38 38.28
CA THR G 26 36.63 -15.17 37.56
C THR G 26 37.87 -14.31 37.39
N PRO G 27 38.59 -14.03 38.47
CA PRO G 27 39.73 -13.12 38.40
C PRO G 27 40.82 -13.53 37.42
N GLU G 28 40.80 -14.75 36.92
CA GLU G 28 41.82 -15.22 36.00
C GLU G 28 41.42 -15.07 34.53
N TYR G 29 40.21 -14.56 34.28
CA TYR G 29 39.65 -14.55 32.94
C TYR G 29 40.34 -13.55 32.03
N GLU G 30 40.68 -13.99 30.83
CA GLU G 30 41.27 -13.12 29.82
C GLU G 30 40.16 -12.49 29.00
N THR G 31 40.16 -11.15 28.91
CA THR G 31 39.19 -10.48 28.06
C THR G 31 39.33 -10.97 26.62
N LEU G 32 38.21 -11.09 25.94
CA LEU G 32 38.13 -11.36 24.51
C LEU G 32 37.83 -10.06 23.79
N ASP G 33 38.41 -9.90 22.59
CA ASP G 33 38.15 -8.68 21.84
C ASP G 33 36.69 -8.59 21.42
N THR G 34 35.97 -9.71 21.44
CA THR G 34 34.56 -9.69 21.14
C THR G 34 33.71 -9.29 22.33
N ASP G 35 34.29 -9.19 23.53
CA ASP G 35 33.49 -8.93 24.73
C ASP G 35 33.12 -7.47 24.89
N ILE G 36 31.91 -7.23 25.39
CA ILE G 36 31.53 -5.91 25.92
C ILE G 36 32.04 -5.84 27.36
N LEU G 37 32.85 -4.84 27.68
CA LEU G 37 33.39 -4.68 29.03
C LEU G 37 32.71 -3.50 29.69
N ALA G 38 32.48 -3.58 30.99
CA ALA G 38 31.83 -2.52 31.74
C ALA G 38 32.62 -2.22 33.01
N ALA G 39 32.65 -0.94 33.38
CA ALA G 39 33.32 -0.47 34.58
C ALA G 39 32.26 0.08 35.52
N PHE G 40 31.92 -0.69 36.54
CA PHE G 40 30.87 -0.33 37.48
C PHE G 40 31.51 0.27 38.73
N ARG G 41 30.97 1.40 39.20
CA ARG G 41 31.29 1.89 40.54
C ARG G 41 30.31 1.25 41.53
N VAL G 42 30.82 0.30 42.34
CA VAL G 42 30.00 -0.58 43.18
C VAL G 42 30.14 -0.16 44.65
N SER G 43 29.02 0.11 45.32
CA SER G 43 28.95 0.42 46.76
C SER G 43 28.20 -0.70 47.50
N PRO G 44 28.90 -1.76 47.94
CA PRO G 44 28.21 -2.86 48.61
C PRO G 44 27.47 -2.43 49.86
N GLN G 45 26.43 -3.16 50.22
CA GLN G 45 25.82 -2.94 51.52
C GLN G 45 26.71 -3.57 52.59
N PRO G 46 26.66 -3.06 53.82
CA PRO G 46 27.46 -3.68 54.89
C PRO G 46 27.17 -5.18 54.98
N GLY G 47 28.25 -5.97 55.05
CA GLY G 47 28.09 -7.41 55.12
C GLY G 47 28.17 -8.14 53.79
N VAL G 48 28.24 -7.42 52.68
CA VAL G 48 28.32 -8.02 51.35
C VAL G 48 29.75 -7.89 50.87
N PRO G 49 30.48 -8.99 50.70
CA PRO G 49 31.86 -8.88 50.23
C PRO G 49 31.89 -8.29 48.84
N PRO G 50 32.97 -7.57 48.49
CA PRO G 50 33.06 -6.99 47.15
C PRO G 50 32.96 -8.03 46.04
N GLU G 51 33.59 -9.19 46.23
CA GLU G 51 33.52 -10.26 45.25
C GLU G 51 32.09 -10.79 45.06
N GLU G 52 31.32 -10.86 46.14
CA GLU G 52 29.92 -11.24 45.96
C GLU G 52 29.14 -10.13 45.27
N ALA G 53 29.56 -8.88 45.47
CA ALA G 53 28.84 -7.74 44.91
C ALA G 53 29.09 -7.59 43.42
N GLY G 54 30.34 -7.75 42.98
CA GLY G 54 30.61 -7.71 41.56
C GLY G 54 30.05 -8.91 40.82
N ALA G 55 30.08 -10.08 41.46
CA ALA G 55 29.62 -11.29 40.80
C ALA G 55 28.11 -11.27 40.61
N ALA G 56 27.39 -10.68 41.58
CA ALA G 56 25.94 -10.53 41.47
C ALA G 56 25.58 -9.56 40.34
N VAL G 57 26.35 -8.47 40.19
CA VAL G 57 26.16 -7.56 39.07
C VAL G 57 26.36 -8.31 37.75
N ALA G 58 27.43 -9.09 37.65
CA ALA G 58 27.70 -9.87 36.44
C ALA G 58 26.66 -10.95 36.25
N ALA G 59 26.25 -11.58 37.34
CA ALA G 59 25.30 -12.69 37.25
C ALA G 59 23.98 -12.22 36.70
N GLU G 60 23.38 -11.23 37.36
CA GLU G 60 22.00 -10.92 37.07
C GLU G 60 21.84 -9.96 35.90
N SER G 61 22.95 -9.46 35.37
CA SER G 61 22.93 -8.76 34.11
C SER G 61 23.24 -9.69 32.94
N SER G 62 23.39 -11.00 33.19
CA SER G 62 23.76 -11.90 32.10
C SER G 62 22.89 -13.16 32.13
N THR G 63 23.30 -14.18 32.89
CA THR G 63 22.63 -15.48 32.83
C THR G 63 22.10 -15.95 34.18
N GLY G 64 22.24 -15.16 35.25
CA GLY G 64 22.10 -15.67 36.59
C GLY G 64 20.81 -15.30 37.30
N THR G 65 20.38 -16.17 38.21
CA THR G 65 19.25 -15.89 39.10
C THR G 65 19.66 -16.30 40.53
N TRP G 66 18.72 -16.23 41.48
CA TRP G 66 19.09 -16.29 42.90
C TRP G 66 19.30 -17.73 43.41
N THR G 67 18.63 -18.71 42.83
CA THR G 67 18.85 -20.11 43.18
C THR G 67 19.27 -20.90 41.95
N THR G 68 19.91 -22.06 42.17
CA THR G 68 20.41 -22.87 41.05
C THR G 68 19.25 -23.41 40.21
N VAL G 69 19.35 -23.29 38.89
CA VAL G 69 18.31 -23.80 38.01
C VAL G 69 18.85 -25.01 37.27
N TRP G 70 17.98 -26.03 37.11
CA TRP G 70 18.40 -27.27 36.44
C TRP G 70 18.70 -27.04 34.96
N THR G 71 18.10 -26.01 34.35
CA THR G 71 18.24 -25.79 32.91
C THR G 71 19.64 -25.37 32.55
N ASP G 72 20.42 -24.85 33.52
CA ASP G 72 21.77 -24.36 33.23
C ASP G 72 22.65 -25.41 32.60
N GLY G 73 22.35 -26.69 32.81
CA GLY G 73 23.16 -27.74 32.19
C GLY G 73 22.92 -27.90 30.70
N LEU G 74 21.69 -27.61 30.25
CA LEU G 74 21.38 -27.77 28.82
C LEU G 74 22.25 -26.85 27.97
N THR G 75 22.53 -25.64 28.45
CA THR G 75 23.45 -24.69 27.85
C THR G 75 24.87 -24.92 28.36
N ASN G 76 25.83 -24.27 27.72
CA ASN G 76 27.18 -24.21 28.25
C ASN G 76 27.41 -22.83 28.84
N LEU G 77 27.23 -22.72 30.16
CA LEU G 77 27.22 -21.41 30.82
C LEU G 77 28.53 -20.65 30.65
N ASP G 78 29.66 -21.36 30.60
CA ASP G 78 30.92 -20.62 30.57
C ASP G 78 31.07 -19.79 29.30
N ARG G 79 30.56 -20.28 28.17
CA ARG G 79 30.65 -19.50 26.94
C ARG G 79 29.72 -18.29 26.94
N TYR G 80 28.69 -18.29 27.78
CA TYR G 80 27.68 -17.24 27.77
C TYR G 80 27.65 -16.35 29.01
N LYS G 81 28.18 -16.78 30.13
CA LYS G 81 28.02 -16.02 31.36
C LYS G 81 28.83 -14.73 31.33
N GLY G 82 28.27 -13.70 31.99
CA GLY G 82 29.06 -12.52 32.28
C GLY G 82 30.00 -12.79 33.45
N ARG G 83 31.20 -12.23 33.36
CA ARG G 83 32.25 -12.49 34.34
C ARG G 83 32.71 -11.19 34.98
N CYS G 84 32.87 -11.20 36.30
CA CYS G 84 33.60 -10.15 37.01
C CYS G 84 35.06 -10.59 37.02
N TYR G 85 35.88 -9.99 36.16
CA TYR G 85 37.26 -10.43 36.01
C TYR G 85 38.27 -9.68 36.87
N HIS G 86 37.96 -8.46 37.31
CA HIS G 86 38.90 -7.66 38.06
C HIS G 86 38.14 -6.71 38.96
N ILE G 87 38.62 -6.55 40.20
CA ILE G 87 38.04 -5.60 41.15
C ILE G 87 39.13 -4.69 41.66
N GLU G 88 38.91 -3.38 41.57
CA GLU G 88 39.88 -2.43 42.10
C GLU G 88 39.23 -1.59 43.20
N PRO G 89 39.95 -1.32 44.29
CA PRO G 89 39.39 -0.46 45.34
C PRO G 89 39.47 1.00 44.94
N VAL G 90 38.45 1.76 45.35
CA VAL G 90 38.38 3.18 45.01
C VAL G 90 39.20 3.96 46.03
N ALA G 91 40.21 4.68 45.54
CA ALA G 91 41.12 5.46 46.36
C ALA G 91 40.40 6.57 47.15
N GLY G 92 40.75 6.70 48.41
CA GLY G 92 40.08 7.64 49.30
C GLY G 92 38.65 7.28 49.62
N GLU G 93 38.24 6.04 49.36
CA GLU G 93 36.88 5.62 49.58
C GLU G 93 36.90 4.27 50.29
N GLU G 94 35.86 4.01 51.06
CA GLU G 94 35.72 2.75 51.77
C GLU G 94 34.35 2.17 51.46
N ASN G 95 34.30 0.84 51.30
CA ASN G 95 33.10 0.15 50.85
C ASN G 95 32.69 0.61 49.44
N GLN G 96 33.67 1.00 48.61
CA GLN G 96 33.43 1.34 47.20
C GLN G 96 34.49 0.69 46.33
N TYR G 97 34.06 -0.02 45.30
CA TYR G 97 35.00 -0.70 44.42
C TYR G 97 34.59 -0.49 42.97
N ILE G 98 35.57 -0.32 42.09
CA ILE G 98 35.32 -0.39 40.66
C ILE G 98 35.47 -1.84 40.22
N CYS G 99 34.35 -2.44 39.79
CA CYS G 99 34.31 -3.83 39.35
C CYS G 99 34.26 -3.86 37.82
N TYR G 100 35.05 -4.74 37.22
CA TYR G 100 35.10 -4.88 35.77
C TYR G 100 34.40 -6.18 35.37
N VAL G 101 33.45 -6.08 34.44
CA VAL G 101 32.57 -7.19 34.07
C VAL G 101 32.56 -7.34 32.56
N ALA G 102 32.82 -8.56 32.09
CA ALA G 102 32.90 -8.88 30.68
C ALA G 102 31.65 -9.64 30.28
N TYR G 103 31.00 -9.19 29.22
CA TYR G 103 29.86 -9.85 28.63
C TYR G 103 30.21 -10.38 27.25
N PRO G 104 30.02 -11.68 26.99
CA PRO G 104 30.32 -12.22 25.65
C PRO G 104 29.37 -11.64 24.61
N LEU G 105 29.83 -11.64 23.35
CA LEU G 105 29.08 -10.96 22.29
C LEU G 105 27.70 -11.59 22.05
N ASP G 106 27.58 -12.92 22.16
CA ASP G 106 26.32 -13.60 21.82
C ASP G 106 25.16 -13.16 22.69
N LEU G 107 25.42 -12.43 23.76
CA LEU G 107 24.37 -12.03 24.67
C LEU G 107 23.50 -10.90 24.13
N PHE G 108 23.99 -10.16 23.13
CA PHE G 108 23.43 -8.88 22.72
C PHE G 108 22.78 -8.93 21.34
N GLU G 109 21.62 -8.27 21.21
CA GLU G 109 20.95 -8.16 19.91
C GLU G 109 21.68 -7.17 19.02
N GLU G 110 21.93 -7.55 17.77
CA GLU G 110 22.72 -6.69 16.90
C GLU G 110 21.96 -5.41 16.54
N GLY G 111 22.64 -4.28 16.65
CA GLY G 111 22.08 -3.00 16.25
C GLY G 111 21.10 -2.40 17.23
N SER G 112 20.88 -3.03 18.37
CA SER G 112 19.92 -2.54 19.36
C SER G 112 20.69 -1.96 20.55
N VAL G 113 20.63 -0.64 20.73
CA VAL G 113 21.15 -0.06 21.97
C VAL G 113 20.27 -0.49 23.12
N THR G 114 18.97 -0.66 22.83
CA THR G 114 18.01 -1.04 23.86
C THR G 114 18.40 -2.34 24.51
N ASN G 115 18.79 -3.32 23.71
CA ASN G 115 19.15 -4.61 24.26
C ASN G 115 20.35 -4.49 25.19
N MET G 116 21.39 -3.78 24.74
CA MET G 116 22.64 -3.70 25.50
C MET G 116 22.40 -3.05 26.85
N PHE G 117 21.63 -1.96 26.88
CA PHE G 117 21.31 -1.29 28.13
C PHE G 117 20.38 -2.13 29.01
N THR G 118 19.54 -2.97 28.39
CA THR G 118 18.61 -3.82 29.15
C THR G 118 19.34 -4.96 29.86
N SER G 119 20.41 -5.48 29.27
CA SER G 119 21.16 -6.53 29.96
C SER G 119 22.00 -5.93 31.07
N ILE G 120 22.86 -4.97 30.71
CA ILE G 120 23.91 -4.52 31.59
C ILE G 120 23.35 -3.71 32.74
N VAL G 121 22.29 -2.96 32.50
CA VAL G 121 21.79 -1.94 33.41
C VAL G 121 20.33 -2.22 33.81
N GLY G 122 19.75 -3.32 33.34
CA GLY G 122 18.33 -3.64 33.52
C GLY G 122 17.80 -3.79 34.93
N ASN G 123 18.29 -4.78 35.70
CA ASN G 123 17.84 -5.00 37.08
C ASN G 123 18.91 -4.76 38.14
N VAL G 124 20.20 -4.66 37.76
CA VAL G 124 21.27 -4.72 38.74
C VAL G 124 21.24 -3.56 39.73
N PHE G 125 20.80 -2.38 39.31
CA PHE G 125 20.88 -1.17 40.12
C PHE G 125 19.94 -1.16 41.33
N GLY G 126 19.00 -2.10 41.41
CA GLY G 126 18.03 -2.08 42.49
C GLY G 126 18.19 -3.21 43.48
N PHE G 127 19.25 -4.01 43.30
CA PHE G 127 19.58 -5.08 44.23
C PHE G 127 19.62 -4.58 45.66
N LYS G 128 18.97 -5.32 46.54
CA LYS G 128 19.02 -4.99 47.97
C LYS G 128 20.45 -5.00 48.52
N ALA G 129 21.30 -5.93 48.05
CA ALA G 129 22.68 -6.08 48.50
C ALA G 129 23.54 -4.85 48.27
N LEU G 130 23.12 -3.89 47.44
CA LEU G 130 23.99 -2.79 47.03
C LEU G 130 23.44 -1.48 47.55
N ARG G 131 24.31 -0.61 48.07
CA ARG G 131 23.83 0.71 48.45
C ARG G 131 23.70 1.62 47.25
N ALA G 132 24.59 1.46 46.28
CA ALA G 132 24.58 2.26 45.07
C ALA G 132 25.40 1.52 44.03
N LEU G 133 25.16 1.88 42.76
CA LEU G 133 25.86 1.34 41.60
C LEU G 133 25.87 2.39 40.50
N ARG G 134 27.02 2.57 39.86
CA ARG G 134 27.12 3.46 38.71
C ARG G 134 27.98 2.82 37.62
N LEU G 135 27.46 2.79 36.41
CA LEU G 135 28.20 2.33 35.23
C LEU G 135 29.07 3.48 34.77
N GLU G 136 30.38 3.31 34.84
CA GLU G 136 31.22 4.44 34.50
C GLU G 136 31.58 4.44 33.02
N ASP G 137 31.91 3.29 32.48
CA ASP G 137 32.37 3.21 31.10
C ASP G 137 31.97 1.85 30.54
N LEU G 138 31.93 1.78 29.22
CA LEU G 138 31.72 0.53 28.48
C LEU G 138 32.79 0.48 27.41
N ARG G 139 33.30 -0.70 27.16
CA ARG G 139 34.14 -0.91 26.00
C ARG G 139 33.30 -1.70 25.03
N ILE G 140 32.87 -1.05 23.95
CA ILE G 140 32.03 -1.70 22.96
C ILE G 140 32.96 -2.29 21.89
N PRO G 141 32.97 -3.61 21.74
CA PRO G 141 33.91 -4.24 20.80
C PRO G 141 33.65 -3.76 19.37
N VAL G 142 34.70 -3.82 18.55
CA VAL G 142 34.53 -3.32 17.19
C VAL G 142 33.47 -4.12 16.46
N ALA G 143 33.41 -5.43 16.73
CA ALA G 143 32.43 -6.25 16.03
C ALA G 143 30.99 -5.86 16.38
N TYR G 144 30.75 -5.34 17.59
CA TYR G 144 29.39 -4.86 17.90
C TYR G 144 29.11 -3.49 17.26
N VAL G 145 30.14 -2.63 17.13
CA VAL G 145 29.99 -1.32 16.48
C VAL G 145 29.54 -1.49 15.04
N LYS G 146 30.05 -2.52 14.36
CA LYS G 146 29.82 -2.71 12.94
C LYS G 146 28.37 -3.16 12.64
N THR G 147 27.61 -3.54 13.66
CA THR G 147 26.20 -3.86 13.44
C THR G 147 25.27 -2.66 13.60
N PHE G 148 25.79 -1.48 13.95
CA PHE G 148 25.00 -0.27 14.08
C PHE G 148 25.27 0.65 12.89
N GLN G 149 24.23 1.36 12.45
CA GLN G 149 24.41 2.29 11.33
C GLN G 149 25.26 3.48 11.73
N GLY G 150 25.09 3.95 12.96
CA GLY G 150 25.85 5.07 13.45
C GLY G 150 25.13 6.34 13.11
N PRO G 151 25.86 7.45 13.15
CA PRO G 151 25.30 8.74 12.73
C PRO G 151 24.83 8.67 11.29
N PRO G 152 23.68 9.30 10.97
CA PRO G 152 23.20 9.24 9.59
C PRO G 152 24.19 9.77 8.59
N HIS G 153 25.02 10.73 9.02
CA HIS G 153 25.93 11.49 8.16
C HIS G 153 27.32 11.66 8.74
N GLY G 154 27.42 12.30 9.93
CA GLY G 154 28.70 12.49 10.59
C GLY G 154 29.35 13.82 10.28
N ILE G 155 30.51 14.07 10.91
CA ILE G 155 31.05 15.43 10.96
C ILE G 155 31.48 15.92 9.58
N GLN G 156 32.09 15.05 8.77
CA GLN G 156 32.60 15.49 7.48
C GLN G 156 31.47 15.75 6.50
N VAL G 157 30.55 14.80 6.37
CA VAL G 157 29.43 14.97 5.44
C VAL G 157 28.59 16.17 5.82
N GLU G 158 28.48 16.48 7.11
CA GLU G 158 27.66 17.63 7.49
C GLU G 158 28.30 18.92 7.00
N ARG G 159 29.61 19.09 7.21
CA ARG G 159 30.26 20.32 6.75
C ARG G 159 30.20 20.43 5.24
N ASP G 160 30.45 19.33 4.53
CA ASP G 160 30.42 19.37 3.08
C ASP G 160 29.03 19.64 2.55
N LYS G 161 28.01 19.12 3.24
CA LYS G 161 26.65 19.40 2.80
C LYS G 161 26.28 20.86 3.03
N LEU G 162 26.76 21.46 4.11
CA LEU G 162 26.40 22.84 4.41
C LEU G 162 27.42 23.84 3.92
N ASN G 163 28.57 23.36 3.45
CA ASN G 163 29.65 24.21 2.92
C ASN G 163 30.13 25.21 3.97
N LYS G 164 30.27 24.75 5.22
CA LYS G 164 30.93 25.53 6.26
C LYS G 164 32.18 24.78 6.73
N TYR G 165 33.34 25.43 6.60
CA TYR G 165 34.60 24.87 7.08
C TYR G 165 35.40 25.92 7.85
N GLY G 166 36.19 25.44 8.80
CA GLY G 166 37.21 26.26 9.42
C GLY G 166 36.83 26.98 10.70
N ARG G 167 35.71 26.65 11.32
CA ARG G 167 35.28 27.35 12.53
C ARG G 167 34.18 26.52 13.17
N PRO G 168 33.96 26.73 14.46
CA PRO G 168 32.74 26.23 15.09
C PRO G 168 31.49 26.77 14.42
N LEU G 169 30.45 25.95 14.41
CA LEU G 169 29.16 26.37 13.92
C LEU G 169 28.43 27.16 15.02
N LEU G 170 27.49 28.00 14.61
CA LEU G 170 26.79 28.85 15.56
C LEU G 170 25.29 28.58 15.47
N GLY G 171 24.65 28.39 16.64
CA GLY G 171 23.24 28.13 16.73
C GLY G 171 22.59 28.92 17.85
N CYS G 172 21.26 28.79 17.96
CA CYS G 172 20.47 29.61 18.86
C CYS G 172 19.14 28.93 19.18
N THR G 173 18.76 28.95 20.44
CA THR G 173 17.50 28.37 20.88
C THR G 173 16.46 29.47 21.04
N ILE G 174 15.37 29.39 20.28
CA ILE G 174 14.34 30.43 20.36
C ILE G 174 13.72 30.45 21.77
N LYS G 175 13.65 31.65 22.34
CA LYS G 175 13.07 31.87 23.65
C LYS G 175 11.88 32.80 23.51
N PRO G 176 10.89 32.74 24.42
CA PRO G 176 10.84 31.94 25.64
C PRO G 176 10.59 30.50 25.27
N LYS G 177 10.95 29.55 26.13
CA LYS G 177 10.93 28.14 25.74
C LYS G 177 9.58 27.75 25.18
N LEU G 178 8.51 28.21 25.82
CA LEU G 178 7.16 27.86 25.44
C LEU G 178 6.30 29.11 25.43
N GLY G 179 5.15 29.00 24.78
CA GLY G 179 4.19 30.09 24.68
C GLY G 179 4.28 30.93 23.42
N LEU G 180 5.29 30.75 22.60
CA LEU G 180 5.39 31.52 21.38
C LEU G 180 4.48 30.92 20.30
N SER G 181 4.01 31.75 19.38
CA SER G 181 3.23 31.28 18.25
C SER G 181 4.14 30.79 17.13
N ALA G 182 3.54 30.10 16.16
CA ALA G 182 4.31 29.59 15.03
C ALA G 182 4.84 30.74 14.16
N LYS G 183 4.06 31.81 13.96
CA LYS G 183 4.56 32.95 13.19
C LYS G 183 5.67 33.69 13.92
N ASN G 184 5.47 33.99 15.21
CA ASN G 184 6.56 34.59 15.99
C ASN G 184 7.78 33.68 16.06
N TYR G 185 7.59 32.37 16.06
CA TYR G 185 8.76 31.49 15.99
C TYR G 185 9.56 31.77 14.73
N GLY G 186 8.88 31.91 13.59
CA GLY G 186 9.58 32.20 12.36
C GLY G 186 10.20 33.59 12.33
N ARG G 187 9.49 34.58 12.88
CA ARG G 187 10.03 35.94 12.94
C ARG G 187 11.33 35.96 13.76
N ALA G 188 11.36 35.25 14.87
CA ALA G 188 12.59 35.14 15.64
C ALA G 188 13.66 34.35 14.89
N VAL G 189 13.26 33.27 14.22
CA VAL G 189 14.20 32.45 13.46
C VAL G 189 14.89 33.28 12.37
N TYR G 190 14.11 34.13 11.67
CA TYR G 190 14.66 34.88 10.53
C TYR G 190 15.60 35.99 10.98
N GLU G 191 15.22 36.74 12.00
CA GLU G 191 16.14 37.74 12.55
C GLU G 191 17.41 37.08 13.10
N CYS G 192 17.29 35.95 13.80
CA CYS G 192 18.52 35.30 14.28
C CYS G 192 19.40 34.87 13.12
N LEU G 193 18.81 34.26 12.09
CA LEU G 193 19.59 33.65 11.05
C LEU G 193 20.25 34.69 10.15
N ARG G 194 19.60 35.85 9.93
CA ARG G 194 20.16 36.90 9.06
C ARG G 194 21.37 37.57 9.69
N GLY G 195 21.54 37.42 11.01
CA GLY G 195 22.67 38.04 11.71
C GLY G 195 23.99 37.28 11.66
N GLY G 196 24.03 36.09 11.07
CA GLY G 196 25.28 35.34 11.01
C GLY G 196 25.24 33.96 11.61
N LEU G 197 24.18 33.58 12.32
CA LEU G 197 24.12 32.25 12.92
C LEU G 197 23.86 31.20 11.85
N ASP G 198 24.53 30.05 11.95
CA ASP G 198 24.23 29.00 10.98
C ASP G 198 22.92 28.32 11.27
N PHE G 199 22.53 28.26 12.54
CA PHE G 199 21.45 27.42 12.98
C PHE G 199 20.57 28.14 13.99
N THR G 200 19.27 27.79 13.97
CA THR G 200 18.35 27.99 15.07
C THR G 200 17.75 26.62 15.35
N KCX G 201 16.95 26.53 16.42
CA KCX G 201 16.25 25.29 16.73
CB KCX G 201 17.14 24.32 17.51
CG KCX G 201 18.19 24.95 18.39
CD KCX G 201 18.03 24.67 19.86
CE KCX G 201 18.36 23.23 20.19
NZ KCX G 201 17.41 22.90 21.27
C KCX G 201 14.99 25.50 17.55
O KCX G 201 14.79 26.55 18.16
CX KCX G 201 17.65 23.00 22.57
OQ1 KCX G 201 18.74 23.32 23.07
OQ2 KCX G 201 16.70 22.71 23.31
N ASP G 202 14.13 24.48 17.54
CA ASP G 202 13.10 24.38 18.56
C ASP G 202 13.78 24.08 19.92
N ASP G 203 13.18 24.57 21.00
CA ASP G 203 13.55 24.09 22.33
C ASP G 203 13.12 22.63 22.45
N GLU G 204 13.79 21.90 23.35
CA GLU G 204 13.55 20.47 23.47
C GLU G 204 12.12 20.17 23.91
N ASN G 205 11.48 21.09 24.60
CA ASN G 205 10.10 20.82 24.99
C ASN G 205 9.11 21.33 23.95
N VAL G 206 9.59 22.00 22.91
CA VAL G 206 8.71 22.47 21.85
C VAL G 206 8.40 21.31 20.93
N ASN G 207 7.19 20.77 21.05
CA ASN G 207 6.84 19.67 20.19
C ASN G 207 5.65 20.12 19.37
N SER G 208 4.46 19.67 19.77
CA SER G 208 3.21 20.19 19.24
C SER G 208 2.32 20.45 20.45
N GLN G 209 1.85 21.68 20.59
CA GLN G 209 1.14 22.11 21.78
C GLN G 209 -0.03 23.00 21.40
N PRO G 210 -1.00 23.21 22.31
CA PRO G 210 -2.08 24.16 22.01
C PRO G 210 -1.64 25.56 21.60
N PHE G 211 -0.52 26.07 22.12
CA PHE G 211 -0.06 27.39 21.68
C PHE G 211 0.61 27.34 20.32
N MET G 212 1.07 26.17 19.90
CA MET G 212 1.81 26.04 18.65
C MET G 212 1.73 24.59 18.20
N ARG G 213 1.21 24.36 17.00
CA ARG G 213 1.18 23.01 16.45
C ARG G 213 2.35 22.85 15.49
N TRP G 214 2.82 21.62 15.35
CA TRP G 214 4.12 21.41 14.73
C TRP G 214 4.11 21.77 13.26
N ARG G 215 3.06 21.42 12.53
CA ARG G 215 3.07 21.70 11.09
C ARG G 215 3.12 23.20 10.81
N ASP G 216 2.32 23.99 11.54
CA ASP G 216 2.37 25.45 11.37
C ASP G 216 3.75 26.00 11.68
N ARG G 217 4.42 25.47 12.71
CA ARG G 217 5.76 25.96 13.02
C ARG G 217 6.74 25.53 11.94
N PHE G 218 6.71 24.26 11.56
CA PHE G 218 7.58 23.77 10.49
C PHE G 218 7.49 24.66 9.27
N LEU G 219 6.25 25.03 8.92
CA LEU G 219 5.98 25.82 7.73
C LEU G 219 6.56 27.23 7.85
N PHE G 220 6.25 27.92 8.94
CA PHE G 220 6.78 29.28 9.13
C PHE G 220 8.30 29.26 9.29
N CYS G 221 8.85 28.24 9.97
CA CYS G 221 10.29 28.24 10.16
C CYS G 221 11.01 27.99 8.84
N ALA G 222 10.38 27.26 7.90
CA ALA G 222 10.98 27.10 6.57
C ALA G 222 11.05 28.43 5.83
N GLU G 223 9.91 29.12 5.74
CA GLU G 223 9.90 30.46 5.15
C GLU G 223 11.03 31.31 5.70
N ALA G 224 11.14 31.40 7.03
CA ALA G 224 12.14 32.26 7.65
C ALA G 224 13.56 31.81 7.30
N LEU G 225 13.87 30.53 7.43
CA LEU G 225 15.23 30.13 7.13
C LEU G 225 15.57 30.30 5.65
N TYR G 226 14.59 30.24 4.74
CA TYR G 226 14.89 30.49 3.33
C TYR G 226 15.09 31.98 3.01
N LYS G 227 14.32 32.86 3.65
CA LYS G 227 14.54 34.31 3.55
C LYS G 227 15.91 34.70 4.11
N ALA G 228 16.36 34.05 5.19
CA ALA G 228 17.68 34.39 5.72
C ALA G 228 18.78 33.78 4.88
N GLN G 229 18.58 32.59 4.31
CA GLN G 229 19.58 32.06 3.40
C GLN G 229 19.80 32.97 2.19
N ALA G 230 18.73 33.55 1.63
CA ALA G 230 18.85 34.40 0.45
C ALA G 230 19.61 35.69 0.76
N GLU G 231 19.32 36.32 1.88
CA GLU G 231 19.97 37.58 2.24
C GLU G 231 21.45 37.38 2.54
N THR G 232 21.81 36.33 3.28
CA THR G 232 23.18 36.16 3.74
C THR G 232 24.07 35.52 2.70
N GLY G 233 23.50 34.77 1.76
CA GLY G 233 24.34 34.03 0.82
C GLY G 233 24.98 32.80 1.41
N GLU G 234 24.47 32.33 2.54
CA GLU G 234 25.06 31.28 3.36
C GLU G 234 23.96 30.30 3.70
N ILE G 235 24.30 29.01 3.79
CA ILE G 235 23.28 28.00 4.06
C ILE G 235 22.81 28.08 5.51
N LYS G 236 21.49 27.91 5.70
CA LYS G 236 20.84 28.02 6.99
C LYS G 236 20.08 26.74 7.30
N GLY G 237 20.04 26.39 8.59
CA GLY G 237 19.16 25.34 9.06
C GLY G 237 18.41 25.79 10.30
N HIS G 238 17.34 25.05 10.59
CA HIS G 238 16.59 25.20 11.84
C HIS G 238 16.22 23.81 12.30
N TYR G 239 16.56 23.46 13.54
CA TYR G 239 16.29 22.09 13.97
C TYR G 239 14.83 21.98 14.31
N LEU G 240 14.06 21.31 13.46
CA LEU G 240 12.67 21.05 13.74
C LEU G 240 12.57 19.80 14.60
N ASN G 241 11.83 19.88 15.70
CA ASN G 241 11.71 18.76 16.62
C ASN G 241 10.70 17.74 16.07
N ALA G 242 11.14 16.47 15.99
CA ALA G 242 10.26 15.36 15.67
C ALA G 242 9.82 14.58 16.91
N THR G 243 10.41 14.84 18.09
CA THR G 243 10.00 14.17 19.34
C THR G 243 8.49 14.18 19.49
N ALA G 244 7.92 13.01 19.78
CA ALA G 244 6.48 12.84 19.79
C ALA G 244 6.11 11.74 20.78
N GLY G 245 4.80 11.53 20.91
CA GLY G 245 4.29 10.47 21.75
C GLY G 245 4.37 9.11 21.11
N THR G 246 4.20 9.03 19.78
CA THR G 246 4.24 7.77 19.05
C THR G 246 5.23 7.87 17.91
N CYS G 247 5.73 6.72 17.43
CA CYS G 247 6.60 6.76 16.26
C CYS G 247 5.84 7.26 15.04
N GLU G 248 4.53 7.04 14.98
CA GLU G 248 3.77 7.54 13.83
C GLU G 248 3.77 9.06 13.81
N ASP G 249 3.53 9.67 14.97
CA ASP G 249 3.61 11.11 15.08
C ASP G 249 5.03 11.61 14.82
N MET G 250 6.03 10.84 15.22
CA MET G 250 7.42 11.20 14.94
C MET G 250 7.73 11.10 13.47
N MET G 251 7.25 10.06 12.81
CA MET G 251 7.50 9.97 11.38
C MET G 251 6.79 11.08 10.61
N LYS G 252 5.52 11.37 10.96
CA LYS G 252 4.80 12.39 10.19
C LYS G 252 5.58 13.70 10.18
N ARG G 253 6.13 14.07 11.34
CA ARG G 253 6.94 15.29 11.45
C ARG G 253 8.17 15.20 10.56
N ALA G 254 8.91 14.09 10.65
CA ALA G 254 10.09 13.94 9.81
C ALA G 254 9.71 13.94 8.32
N VAL G 255 8.58 13.33 7.96
CA VAL G 255 8.17 13.31 6.57
C VAL G 255 7.89 14.72 6.06
N PHE G 256 7.27 15.58 6.89
CA PHE G 256 6.97 16.93 6.42
C PHE G 256 8.23 17.77 6.29
N ALA G 257 9.24 17.54 7.16
CA ALA G 257 10.54 18.18 7.01
C ALA G 257 11.17 17.83 5.67
N ARG G 258 11.09 16.56 5.28
CA ARG G 258 11.71 16.16 4.04
C ARG G 258 11.06 16.87 2.86
N GLU G 259 9.74 17.04 2.89
CA GLU G 259 9.00 17.76 1.84
C GLU G 259 9.40 19.22 1.75
N LEU G 260 9.62 19.88 2.89
CA LEU G 260 10.14 21.23 2.92
C LEU G 260 11.57 21.31 2.43
N GLY G 261 12.24 20.16 2.28
CA GLY G 261 13.62 20.12 1.86
C GLY G 261 14.61 20.73 2.84
N VAL G 262 14.23 20.90 4.10
CA VAL G 262 15.08 21.58 5.06
C VAL G 262 16.23 20.64 5.43
N PRO G 263 17.34 21.14 5.96
CA PRO G 263 18.51 20.27 6.11
C PRO G 263 18.60 19.48 7.40
N ILE G 264 17.93 19.84 8.49
CA ILE G 264 18.23 19.23 9.79
C ILE G 264 16.98 19.14 10.66
N VAL G 265 16.90 18.07 11.46
CA VAL G 265 15.81 17.84 12.41
C VAL G 265 16.42 17.42 13.75
N MET G 266 15.63 17.53 14.81
CA MET G 266 16.15 17.17 16.13
C MET G 266 15.25 16.16 16.83
N HIS G 267 15.87 15.28 17.61
CA HIS G 267 15.18 14.32 18.46
C HIS G 267 15.76 14.34 19.87
N ASP G 268 14.90 14.27 20.87
CA ASP G 268 15.36 14.06 22.24
C ASP G 268 15.41 12.56 22.50
N TYR G 269 16.60 11.98 22.47
CA TYR G 269 16.68 10.53 22.38
C TYR G 269 16.38 9.83 23.70
N LEU G 270 16.65 10.44 24.85
CA LEU G 270 16.33 9.73 26.07
C LEU G 270 14.84 9.81 26.39
N THR G 271 14.21 10.96 26.13
CA THR G 271 12.79 11.10 26.45
C THR G 271 11.92 10.38 25.42
N GLY G 272 12.34 10.37 24.16
CA GLY G 272 11.68 9.56 23.15
C GLY G 272 12.08 8.10 23.24
N GLY G 273 13.34 7.85 23.57
CA GLY G 273 13.83 6.49 23.71
C GLY G 273 14.65 6.03 22.51
N PHE G 274 15.51 5.04 22.75
CA PHE G 274 16.43 4.50 21.75
C PHE G 274 15.70 3.84 20.58
N THR G 275 14.60 3.14 20.86
CA THR G 275 13.86 2.46 19.81
C THR G 275 13.35 3.44 18.77
N ALA G 276 12.63 4.47 19.23
CA ALA G 276 12.25 5.57 18.34
C ALA G 276 13.47 6.21 17.70
N ASN G 277 14.51 6.49 18.48
CA ASN G 277 15.64 7.28 17.97
C ASN G 277 16.35 6.56 16.84
N THR G 278 16.71 5.30 17.05
CA THR G 278 17.34 4.51 15.98
C THR G 278 16.47 4.46 14.71
N THR G 279 15.14 4.43 14.86
CA THR G 279 14.22 4.46 13.71
C THR G 279 14.34 5.78 12.96
N LEU G 280 14.37 6.90 13.69
CA LEU G 280 14.50 8.22 13.09
C LEU G 280 15.86 8.39 12.44
N SER G 281 16.94 8.02 13.15
CA SER G 281 18.26 8.04 12.54
C SER G 281 18.29 7.28 11.22
N HIS G 282 17.55 6.18 11.11
CA HIS G 282 17.55 5.44 9.85
C HIS G 282 16.78 6.20 8.76
N TYR G 283 15.70 6.88 9.13
CA TYR G 283 14.96 7.66 8.14
C TYR G 283 15.78 8.84 7.69
N CYS G 284 16.63 9.35 8.57
CA CYS G 284 17.40 10.54 8.24
C CYS G 284 18.52 10.21 7.26
N ARG G 285 19.24 9.12 7.52
CA ARG G 285 20.18 8.63 6.51
C ARG G 285 19.48 8.31 5.17
N ASP G 286 18.25 7.80 5.20
CA ASP G 286 17.57 7.48 3.95
C ASP G 286 17.08 8.71 3.21
N ASN G 287 16.86 9.81 3.91
CA ASN G 287 16.33 11.00 3.27
C ASN G 287 17.26 12.21 3.37
N GLY G 288 18.56 11.97 3.55
CA GLY G 288 19.55 13.03 3.63
C GLY G 288 19.30 14.10 4.69
N LEU G 289 18.68 13.76 5.80
CA LEU G 289 18.39 14.74 6.84
C LEU G 289 19.43 14.63 7.96
N LEU G 290 20.00 15.77 8.36
CA LEU G 290 20.88 15.80 9.53
C LEU G 290 20.06 15.67 10.81
N LEU G 291 20.62 15.01 11.82
CA LEU G 291 19.90 14.73 13.06
C LEU G 291 20.61 15.36 14.24
N HIS G 292 19.95 16.31 14.89
CA HIS G 292 20.49 16.93 16.10
C HIS G 292 19.88 16.23 17.32
N ILE G 293 20.71 15.80 18.24
CA ILE G 293 20.24 15.01 19.37
C ILE G 293 20.37 15.83 20.65
N HIS G 294 19.23 16.21 21.21
CA HIS G 294 19.14 16.83 22.53
C HIS G 294 19.08 15.72 23.59
N ARG G 295 19.84 15.90 24.67
CA ARG G 295 20.07 14.85 25.67
C ARG G 295 19.18 15.01 26.91
N ALA G 296 18.00 15.61 26.75
CA ALA G 296 17.17 15.94 27.91
C ALA G 296 16.88 14.69 28.73
N MET G 297 16.81 14.87 30.04
CA MET G 297 16.66 13.87 31.09
C MET G 297 17.99 13.17 31.37
N HIS G 298 19.09 13.52 30.70
CA HIS G 298 20.36 12.83 30.99
C HIS G 298 20.72 12.99 32.46
N ALA G 299 20.59 14.19 33.02
CA ALA G 299 21.06 14.48 34.38
C ALA G 299 20.29 13.72 35.47
N VAL G 300 19.07 13.26 35.21
CA VAL G 300 18.41 12.35 36.15
C VAL G 300 19.26 11.11 36.35
N ILE G 301 19.94 10.69 35.29
CA ILE G 301 20.71 9.46 35.25
C ILE G 301 22.13 9.68 35.68
N ASP G 302 22.71 10.83 35.36
CA ASP G 302 24.16 10.94 35.25
C ASP G 302 24.83 11.97 36.14
N ARG G 303 24.08 12.75 36.93
CA ARG G 303 24.68 13.84 37.69
C ARG G 303 25.62 13.37 38.81
N GLN G 304 25.30 12.27 39.51
CA GLN G 304 25.95 11.92 40.77
C GLN G 304 26.99 10.81 40.63
N LYS G 305 28.05 10.89 41.44
CA LYS G 305 29.20 9.99 41.26
C LYS G 305 28.90 8.57 41.72
N ASN G 306 28.05 8.39 42.77
CA ASN G 306 27.88 7.08 43.39
C ASN G 306 26.83 6.19 42.74
N HIS G 307 25.86 6.75 42.01
CA HIS G 307 24.79 5.92 41.47
C HIS G 307 24.41 6.41 40.08
N GLY G 308 24.03 5.47 39.20
CA GLY G 308 23.51 5.84 37.91
C GLY G 308 24.35 5.38 36.73
N MET G 309 24.38 6.16 35.66
CA MET G 309 25.24 5.90 34.53
C MET G 309 25.95 7.19 34.22
N HIS G 310 27.24 7.13 33.91
CA HIS G 310 27.89 8.35 33.43
C HIS G 310 27.37 8.73 32.04
N PHE G 311 27.48 10.03 31.71
CA PHE G 311 27.06 10.48 30.39
C PHE G 311 27.89 9.85 29.29
N ARG G 312 29.17 9.58 29.53
CA ARG G 312 30.04 9.07 28.47
C ARG G 312 29.48 7.78 27.90
N VAL G 313 28.80 6.99 28.71
CA VAL G 313 28.17 5.78 28.19
C VAL G 313 26.99 6.14 27.30
N LEU G 314 26.10 6.99 27.82
CA LEU G 314 24.93 7.43 27.07
C LEU G 314 25.33 8.14 25.77
N ALA G 315 26.53 8.74 25.75
CA ALA G 315 26.97 9.41 24.53
C ALA G 315 27.44 8.41 23.49
N LYS G 316 28.14 7.35 23.93
CA LYS G 316 28.52 6.26 23.03
C LYS G 316 27.29 5.57 22.47
N ALA G 317 26.30 5.33 23.35
CA ALA G 317 25.05 4.75 22.91
C ALA G 317 24.36 5.63 21.87
N LEU G 318 24.47 6.96 22.00
CA LEU G 318 23.95 7.82 20.95
C LEU G 318 24.76 7.70 19.66
N ARG G 319 26.09 7.55 19.77
CA ARG G 319 26.89 7.38 18.57
C ARG G 319 26.48 6.12 17.83
N LEU G 320 26.15 5.07 18.57
CA LEU G 320 25.68 3.85 17.91
C LEU G 320 24.24 4.00 17.41
N SER G 321 23.34 4.56 18.23
CA SER G 321 21.93 4.63 17.87
C SER G 321 21.70 5.53 16.67
N GLY G 322 22.40 6.67 16.64
CA GLY G 322 22.32 7.57 15.52
C GLY G 322 22.05 9.01 15.90
N GLY G 323 23.01 9.87 15.62
CA GLY G 323 22.82 11.31 15.69
C GLY G 323 23.99 11.95 15.03
N ASP G 324 23.75 13.11 14.39
CA ASP G 324 24.83 13.91 13.80
C ASP G 324 25.39 14.94 14.77
N HIS G 325 24.57 15.44 15.69
CA HIS G 325 24.95 16.32 16.77
C HIS G 325 24.54 15.69 18.10
N ILE G 326 25.31 15.96 19.16
CA ILE G 326 24.81 15.67 20.51
C ILE G 326 25.36 16.71 21.48
N HIS G 327 24.46 17.30 22.28
CA HIS G 327 24.87 18.27 23.29
C HIS G 327 25.90 17.64 24.23
N SER G 328 27.00 18.34 24.42
CA SER G 328 28.10 17.84 25.22
C SER G 328 28.25 18.54 26.55
N GLY G 329 27.58 19.68 26.73
CA GLY G 329 27.81 20.56 27.86
C GLY G 329 28.74 21.68 27.48
N THR G 330 28.80 22.71 28.32
CA THR G 330 29.62 23.89 28.03
C THR G 330 30.85 24.03 28.91
N VAL G 331 30.91 23.33 30.04
CA VAL G 331 31.89 23.57 31.11
C VAL G 331 31.61 24.92 31.79
N VAL G 332 31.73 26.02 31.03
CA VAL G 332 31.65 27.37 31.60
C VAL G 332 30.24 27.87 31.83
N GLY G 333 29.22 27.17 31.34
CA GLY G 333 27.85 27.65 31.33
C GLY G 333 27.08 27.31 32.59
N LYS G 334 25.75 27.38 32.49
CA LYS G 334 24.91 27.24 33.67
C LYS G 334 24.76 25.80 34.13
N LEU G 335 24.98 24.83 33.26
CA LEU G 335 24.80 23.43 33.58
C LEU G 335 26.13 22.78 33.87
N GLU G 336 26.11 21.73 34.70
CA GLU G 336 27.36 21.15 35.19
C GLU G 336 28.13 20.45 34.07
N GLY G 337 29.43 20.74 33.98
CA GLY G 337 30.31 20.01 33.10
C GLY G 337 31.76 20.27 33.43
N GLU G 338 32.52 19.20 33.67
CA GLU G 338 33.91 19.28 34.13
C GLU G 338 34.85 19.14 32.95
N ARG G 339 35.82 20.05 32.86
CA ARG G 339 36.67 20.15 31.67
C ARG G 339 37.31 18.81 31.31
N ASP G 340 38.00 18.18 32.26
CA ASP G 340 38.74 16.95 31.95
C ASP G 340 37.81 15.81 31.54
N ILE G 341 36.67 15.67 32.21
CA ILE G 341 35.71 14.64 31.82
C ILE G 341 35.06 14.96 30.48
N THR G 342 34.81 16.26 30.23
CA THR G 342 34.08 16.65 29.02
C THR G 342 34.98 16.56 27.80
N LEU G 343 36.25 16.90 27.96
CA LEU G 343 37.18 16.72 26.87
C LEU G 343 37.26 15.24 26.47
N GLY G 344 37.21 14.35 27.47
CA GLY G 344 37.32 12.94 27.18
C GLY G 344 36.16 12.43 26.35
N PHE G 345 34.91 12.60 26.83
CA PHE G 345 33.79 12.08 26.08
C PHE G 345 33.54 12.88 24.79
N VAL G 346 34.09 14.08 24.66
CA VAL G 346 34.10 14.70 23.33
C VAL G 346 35.03 13.92 22.40
N ASP G 347 36.17 13.44 22.91
CA ASP G 347 37.04 12.61 22.10
C ASP G 347 36.36 11.30 21.73
N LEU G 348 35.51 10.79 22.61
CA LEU G 348 34.85 9.55 22.28
C LEU G 348 33.82 9.77 21.17
N LEU G 349 33.28 10.99 21.08
CA LEU G 349 32.24 11.30 20.11
C LEU G 349 32.80 11.62 18.72
N ARG G 350 33.96 12.26 18.62
CA ARG G 350 34.50 12.72 17.33
C ARG G 350 35.55 11.82 16.72
N ASP G 351 36.41 11.22 17.54
CA ASP G 351 37.55 10.52 16.97
C ASP G 351 37.22 9.06 16.68
N ASP G 352 38.11 8.43 15.92
CA ASP G 352 38.02 7.00 15.63
C ASP G 352 38.59 6.13 16.75
N TYR G 353 39.57 6.64 17.49
CA TYR G 353 40.30 5.86 18.48
C TYR G 353 40.53 6.70 19.71
N THR G 354 40.20 6.18 20.87
CA THR G 354 40.48 6.93 22.09
C THR G 354 41.13 5.99 23.10
N GLU G 355 42.41 6.24 23.39
CA GLU G 355 43.10 5.39 24.35
C GLU G 355 42.52 5.57 25.75
N LYS G 356 42.76 4.57 26.60
CA LYS G 356 42.29 4.66 27.98
C LYS G 356 43.08 5.72 28.76
N ASP G 357 42.36 6.60 29.47
CA ASP G 357 42.94 7.70 30.28
C ASP G 357 42.03 7.94 31.49
N ARG G 358 42.41 7.37 32.62
CA ARG G 358 41.62 7.53 33.84
C ARG G 358 41.49 8.99 34.29
N SER G 359 42.41 9.87 33.86
CA SER G 359 42.32 11.27 34.24
C SER G 359 41.21 12.02 33.51
N ARG G 360 40.74 11.49 32.38
CA ARG G 360 39.57 12.02 31.68
C ARG G 360 38.37 11.09 31.81
N GLY G 361 38.37 10.17 32.78
CA GLY G 361 37.24 9.28 32.99
C GLY G 361 37.12 8.13 32.02
N ILE G 362 38.08 7.95 31.12
CA ILE G 362 38.01 6.88 30.12
C ILE G 362 38.65 5.63 30.72
N TYR G 363 37.82 4.62 30.99
CA TYR G 363 38.30 3.38 31.60
C TYR G 363 38.80 2.36 30.60
N PHE G 364 38.31 2.37 29.36
CA PHE G 364 38.76 1.41 28.37
C PHE G 364 39.14 2.14 27.10
N THR G 365 40.08 1.54 26.37
CA THR G 365 40.36 2.00 25.03
C THR G 365 39.15 1.70 24.15
N GLN G 366 38.69 2.71 23.43
CA GLN G 366 37.54 2.56 22.55
C GLN G 366 37.97 2.84 21.12
N SER G 367 37.66 1.89 20.23
CA SER G 367 37.85 2.01 18.78
C SER G 367 36.49 1.97 18.07
N TRP G 368 36.39 2.73 16.96
CA TRP G 368 35.10 2.95 16.30
C TRP G 368 35.05 2.47 14.84
N VAL G 369 36.09 1.79 14.34
CA VAL G 369 36.09 1.15 13.01
C VAL G 369 35.43 2.03 11.97
N SER G 370 35.76 3.32 11.99
CA SER G 370 35.38 4.32 10.99
C SER G 370 33.92 4.77 11.06
N THR G 371 33.18 4.38 12.11
CA THR G 371 31.89 4.99 12.38
C THR G 371 32.07 6.51 12.33
N PRO G 372 31.14 7.25 11.71
CA PRO G 372 31.34 8.70 11.61
C PRO G 372 31.38 9.35 12.99
N GLY G 373 32.11 10.46 13.09
CA GLY G 373 32.14 11.24 14.32
C GLY G 373 30.88 12.07 14.50
N VAL G 374 30.55 12.33 15.77
CA VAL G 374 29.38 13.12 16.16
C VAL G 374 29.83 14.51 16.60
N LEU G 375 29.11 15.52 16.15
CA LEU G 375 29.53 16.90 16.45
C LEU G 375 29.08 17.32 17.85
N PRO G 376 29.99 17.76 18.72
CA PRO G 376 29.56 18.27 20.03
C PRO G 376 28.85 19.62 19.94
N VAL G 377 27.82 19.81 20.76
CA VAL G 377 27.10 21.07 20.79
C VAL G 377 27.17 21.64 22.20
N ALA G 378 27.76 22.83 22.33
CA ALA G 378 27.85 23.52 23.62
C ALA G 378 26.69 24.52 23.71
N SER G 379 25.86 24.37 24.75
CA SER G 379 24.64 25.17 24.91
C SER G 379 24.35 25.51 26.36
N GLY G 380 23.86 26.71 26.61
CA GLY G 380 23.20 26.98 27.88
C GLY G 380 24.02 27.80 28.85
N GLY G 381 23.51 28.98 29.14
CA GLY G 381 24.19 29.92 30.01
C GLY G 381 25.49 30.48 29.47
N ILE G 382 25.63 30.60 28.14
CA ILE G 382 26.89 31.11 27.60
C ILE G 382 26.62 32.38 26.80
N HIS G 383 27.68 33.17 26.61
CA HIS G 383 27.60 34.48 25.98
C HIS G 383 28.97 34.83 25.41
N VAL G 384 29.06 36.02 24.78
CA VAL G 384 30.26 36.44 24.03
C VAL G 384 31.55 36.31 24.86
N TRP G 385 31.52 36.67 26.17
CA TRP G 385 32.76 36.63 26.96
C TRP G 385 33.30 35.22 27.09
N HIS G 386 32.44 34.22 26.93
CA HIS G 386 32.77 32.80 26.99
C HIS G 386 33.44 32.30 25.73
N MET G 387 33.41 33.06 24.63
CA MET G 387 33.74 32.53 23.30
C MET G 387 35.21 32.17 23.18
N PRO G 388 36.13 32.94 23.77
CA PRO G 388 37.52 32.46 23.83
C PRO G 388 37.64 31.08 24.47
N ALA G 389 37.09 30.87 25.68
CA ALA G 389 37.24 29.56 26.30
C ALA G 389 36.63 28.46 25.44
N LEU G 390 35.37 28.64 25.04
CA LEU G 390 34.66 27.60 24.30
C LEU G 390 35.40 27.23 23.03
N THR G 391 35.94 28.20 22.31
CA THR G 391 36.68 27.87 21.10
C THR G 391 37.87 27.00 21.43
N GLU G 392 38.59 27.37 22.47
CA GLU G 392 39.83 26.67 22.79
C GLU G 392 39.55 25.26 23.30
N ILE G 393 38.51 25.08 24.13
CA ILE G 393 38.18 23.75 24.62
C ILE G 393 37.69 22.86 23.47
N PHE G 394 36.56 23.21 22.84
CA PHE G 394 35.91 22.30 21.89
C PHE G 394 36.63 22.22 20.56
N GLY G 395 37.29 23.30 20.14
CA GLY G 395 37.91 23.35 18.83
C GLY G 395 36.90 23.57 17.71
N ASP G 396 37.41 23.58 16.48
CA ASP G 396 36.59 23.95 15.32
C ASP G 396 35.42 23.00 15.10
N ASP G 397 35.60 21.70 15.35
CA ASP G 397 34.50 20.76 15.09
C ASP G 397 33.59 20.73 16.33
N SER G 398 32.77 21.78 16.45
CA SER G 398 31.75 21.83 17.49
C SER G 398 30.63 22.74 17.00
N VAL G 399 29.53 22.79 17.75
CA VAL G 399 28.49 23.80 17.57
C VAL G 399 28.33 24.58 18.87
N LEU G 400 28.31 25.89 18.79
CA LEU G 400 28.09 26.73 19.96
C LEU G 400 26.69 27.30 19.86
N GLN G 401 25.91 27.17 20.93
CA GLN G 401 24.50 27.55 20.86
C GLN G 401 24.16 28.56 21.94
N PHE G 402 23.66 29.71 21.50
CA PHE G 402 23.33 30.82 22.37
C PHE G 402 21.86 31.14 22.20
N GLY G 403 21.04 30.72 23.14
CA GLY G 403 19.63 31.07 23.11
C GLY G 403 19.42 32.43 23.72
N GLY G 404 19.34 32.49 25.06
CA GLY G 404 19.38 33.76 25.74
C GLY G 404 20.50 34.68 25.26
N GLY G 405 21.65 34.09 24.91
CA GLY G 405 22.75 34.89 24.39
C GLY G 405 22.40 35.71 23.15
N THR G 406 21.50 35.22 22.31
CA THR G 406 21.18 36.03 21.14
C THR G 406 19.92 36.85 21.35
N LEU G 407 18.84 36.21 21.81
CA LEU G 407 17.57 36.86 22.01
C LEU G 407 17.60 37.84 23.16
N GLY G 408 18.59 37.74 24.03
CA GLY G 408 18.65 38.73 25.09
C GLY G 408 19.46 39.95 24.74
N HIS G 409 20.06 39.99 23.55
CA HIS G 409 20.80 41.18 23.11
C HIS G 409 19.88 42.41 23.12
N PRO G 410 20.36 43.57 23.60
CA PRO G 410 19.47 44.74 23.66
C PRO G 410 18.98 45.27 22.31
N TRP G 411 19.62 44.94 21.19
CA TRP G 411 19.18 45.49 19.92
C TRP G 411 18.34 44.52 19.10
N GLY G 412 18.01 43.36 19.64
CA GLY G 412 17.25 42.35 18.92
C GLY G 412 18.10 41.18 18.48
N ASN G 413 17.50 40.32 17.65
CA ASN G 413 18.15 39.04 17.35
C ASN G 413 19.21 39.18 16.26
N ALA G 414 18.96 40.01 15.26
CA ALA G 414 19.96 40.22 14.21
C ALA G 414 21.26 40.86 14.72
N PRO G 415 21.24 41.99 15.43
CA PRO G 415 22.47 42.45 16.11
C PRO G 415 23.10 41.41 17.01
N GLY G 416 22.27 40.67 17.76
CA GLY G 416 22.78 39.69 18.71
C GLY G 416 23.48 38.52 18.05
N ALA G 417 22.97 38.05 16.91
CA ALA G 417 23.68 37.04 16.15
C ALA G 417 25.00 37.59 15.64
N VAL G 418 24.97 38.86 15.18
CA VAL G 418 26.19 39.53 14.71
C VAL G 418 27.26 39.51 15.80
N ALA G 419 26.90 39.93 17.01
CA ALA G 419 27.83 39.89 18.12
C ALA G 419 28.46 38.51 18.30
N ASN G 420 27.61 37.49 18.36
CA ASN G 420 28.13 36.13 18.55
C ASN G 420 29.03 35.71 17.39
N ARG G 421 28.59 35.98 16.14
CA ARG G 421 29.36 35.54 14.97
C ARG G 421 30.69 36.28 14.88
N VAL G 422 30.71 37.56 15.27
CA VAL G 422 31.92 38.39 15.22
C VAL G 422 32.94 37.93 16.25
N ALA G 423 32.48 37.70 17.49
CA ALA G 423 33.31 37.14 18.56
C ALA G 423 33.97 35.83 18.16
N LEU G 424 33.19 34.92 17.55
CA LEU G 424 33.77 33.62 17.16
C LEU G 424 34.80 33.79 16.06
N GLU G 425 34.47 34.60 15.04
CA GLU G 425 35.42 34.79 13.93
C GLU G 425 36.66 35.55 14.39
N ALA G 426 36.50 36.49 15.32
CA ALA G 426 37.67 37.15 15.89
C ALA G 426 38.56 36.13 16.60
N CYS G 427 37.96 35.25 17.40
CA CYS G 427 38.72 34.23 18.15
C CYS G 427 39.45 33.29 17.22
N VAL G 428 38.72 32.74 16.23
CA VAL G 428 39.31 31.83 15.26
C VAL G 428 40.50 32.48 14.57
N GLN G 429 40.33 33.74 14.13
CA GLN G 429 41.43 34.45 13.47
C GLN G 429 42.64 34.61 14.40
N ALA G 430 42.40 35.06 15.64
CA ALA G 430 43.42 35.14 16.67
C ALA G 430 44.09 33.78 16.91
N ARG G 431 43.28 32.75 17.16
CA ARG G 431 43.80 31.39 17.31
C ARG G 431 44.65 30.98 16.12
N ASN G 432 44.21 31.29 14.90
CA ASN G 432 45.00 30.94 13.73
C ASN G 432 46.26 31.78 13.64
N GLU G 433 46.20 33.01 14.14
CA GLU G 433 47.36 33.90 14.09
C GLU G 433 48.38 33.57 15.15
N GLY G 434 48.14 32.56 15.98
CA GLY G 434 49.06 32.15 17.01
C GLY G 434 48.81 32.75 18.38
N ARG G 435 47.80 33.60 18.54
CA ARG G 435 47.52 34.14 19.86
C ARG G 435 46.94 33.03 20.76
N ASP G 436 47.31 33.07 22.04
CA ASP G 436 46.75 32.14 23.01
C ASP G 436 45.40 32.67 23.49
N LEU G 437 44.35 31.89 23.28
CA LEU G 437 43.02 32.35 23.66
C LEU G 437 42.86 32.52 25.17
N ALA G 438 43.51 31.67 25.98
CA ALA G 438 43.31 31.75 27.43
C ALA G 438 43.79 33.09 27.98
N ARG G 439 44.98 33.53 27.57
CA ARG G 439 45.51 34.80 28.06
C ARG G 439 44.98 35.99 27.28
N GLU G 440 44.78 35.85 25.96
CA GLU G 440 44.46 36.98 25.11
C GLU G 440 42.99 37.10 24.76
N GLY G 441 42.13 36.24 25.32
CA GLY G 441 40.74 36.19 24.87
C GLY G 441 39.97 37.47 25.13
N ASN G 442 40.12 38.07 26.32
CA ASN G 442 39.41 39.31 26.58
C ASN G 442 40.04 40.47 25.84
N THR G 443 41.29 40.33 25.42
CA THR G 443 41.89 41.36 24.57
C THR G 443 41.33 41.27 23.16
N ILE G 444 41.17 40.04 22.67
CA ILE G 444 40.58 39.82 21.35
C ILE G 444 39.16 40.36 21.29
N ILE G 445 38.32 39.98 22.27
CA ILE G 445 36.93 40.45 22.29
C ILE G 445 36.88 41.98 22.26
N ARG G 446 37.75 42.65 23.04
CA ARG G 446 37.69 44.11 23.11
C ARG G 446 38.05 44.78 21.78
N GLU G 447 39.09 44.28 21.10
CA GLU G 447 39.46 44.87 19.81
C GLU G 447 38.30 44.83 18.84
N ALA G 448 37.54 43.73 18.86
CA ALA G 448 36.40 43.62 17.98
C ALA G 448 35.29 44.60 18.38
N THR G 449 35.11 44.86 19.67
CA THR G 449 34.09 45.83 20.08
C THR G 449 34.36 47.19 19.47
N LYS G 450 35.63 47.51 19.20
CA LYS G 450 35.96 48.80 18.61
C LYS G 450 35.29 48.97 17.24
N TRP G 451 35.31 47.94 16.40
CA TRP G 451 34.66 48.06 15.10
C TRP G 451 33.29 47.39 15.03
N SER G 452 32.89 46.61 16.03
CA SER G 452 31.54 46.04 16.00
C SER G 452 30.68 46.64 17.10
N PRO G 453 29.72 47.52 16.76
CA PRO G 453 28.79 48.05 17.77
C PRO G 453 27.98 46.98 18.48
N GLU G 454 27.57 45.93 17.76
CA GLU G 454 26.73 44.88 18.33
C GLU G 454 27.47 44.14 19.43
N LEU G 455 28.72 43.77 19.15
CA LEU G 455 29.53 43.13 20.17
C LEU G 455 29.71 44.04 21.38
N ALA G 456 29.97 45.32 21.13
CA ALA G 456 30.09 46.30 22.21
C ALA G 456 28.87 46.27 23.13
N ALA G 457 27.68 46.14 22.54
CA ALA G 457 26.45 46.13 23.32
C ALA G 457 26.24 44.80 24.03
N ALA G 458 26.64 43.68 23.42
CA ALA G 458 26.54 42.40 24.11
C ALA G 458 27.52 42.33 25.27
N CYS G 459 28.74 42.86 25.07
CA CYS G 459 29.76 42.81 26.11
C CYS G 459 29.36 43.65 27.31
N GLU G 460 28.75 44.79 27.06
CA GLU G 460 28.29 45.58 28.19
C GLU G 460 27.23 44.82 28.99
N VAL G 461 26.36 44.05 28.32
CA VAL G 461 25.23 43.46 29.01
C VAL G 461 25.68 42.33 29.92
N TRP G 462 26.58 41.48 29.45
CA TRP G 462 26.90 40.23 30.14
C TRP G 462 28.28 40.24 30.77
N LYS G 463 28.93 41.40 30.90
CA LYS G 463 30.36 41.42 31.21
C LYS G 463 30.68 40.69 32.51
N GLU G 464 29.77 40.74 33.49
CA GLU G 464 30.04 40.23 34.83
C GLU G 464 29.29 38.94 35.15
N ILE G 465 28.72 38.27 34.15
CA ILE G 465 27.93 37.07 34.37
C ILE G 465 28.83 35.83 34.21
N LYS G 466 28.97 35.08 35.30
CA LYS G 466 29.75 33.85 35.37
C LYS G 466 28.90 32.78 36.03
N PHE G 467 29.30 31.52 35.87
CA PHE G 467 28.60 30.39 36.48
C PHE G 467 29.66 29.48 37.12
N GLU G 468 30.04 29.80 38.36
CA GLU G 468 31.10 29.09 39.06
C GLU G 468 30.52 28.46 40.33
N PHE G 469 30.46 27.14 40.35
CA PHE G 469 29.88 26.34 41.41
C PHE G 469 30.72 25.08 41.57
N PRO G 470 30.64 24.42 42.73
CA PRO G 470 31.30 23.13 42.88
C PRO G 470 30.54 22.05 42.14
N ALA G 471 31.28 21.10 41.57
CA ALA G 471 30.68 20.03 40.79
C ALA G 471 30.27 18.85 41.67
N MET G 472 29.28 18.09 41.20
CA MET G 472 28.75 16.97 41.97
C MET G 472 29.30 15.62 41.54
N ASP G 473 29.88 15.55 40.34
CA ASP G 473 30.69 14.43 39.88
C ASP G 473 32.10 14.95 39.69
N THR G 474 33.08 14.07 39.80
CA THR G 474 34.43 14.57 39.70
C THR G 474 35.33 13.48 39.14
N VAL G 475 36.42 13.93 38.55
CA VAL G 475 37.32 13.05 37.84
C VAL G 475 38.19 12.32 38.89
N ALA H 9 -1.59 45.75 29.25
CA ALA H 9 -0.37 46.57 29.27
C ALA H 9 0.87 45.69 29.17
N SER H 10 2.00 46.32 28.85
CA SER H 10 3.24 45.61 28.56
C SER H 10 4.40 46.38 29.17
N VAL H 11 5.39 45.64 29.67
CA VAL H 11 6.52 46.23 30.38
C VAL H 11 7.72 46.25 29.43
N GLU H 12 8.48 47.34 29.48
CA GLU H 12 9.55 47.58 28.51
C GLU H 12 10.67 46.55 28.68
N PHE H 13 11.39 46.29 27.58
CA PHE H 13 12.46 45.31 27.58
C PHE H 13 13.73 45.89 28.22
N LYS H 14 14.23 45.20 29.23
CA LYS H 14 15.53 45.52 29.82
C LYS H 14 16.41 44.28 29.70
N ALA H 15 17.42 44.33 28.84
CA ALA H 15 18.35 43.20 28.76
C ALA H 15 19.13 43.07 30.06
N GLY H 16 19.67 41.87 30.27
CA GLY H 16 20.48 41.56 31.43
C GLY H 16 19.91 40.43 32.23
N VAL H 17 20.74 39.76 33.05
CA VAL H 17 20.24 38.68 33.90
C VAL H 17 19.53 39.27 35.10
N LYS H 18 18.57 38.52 35.64
CA LYS H 18 17.85 38.93 36.84
C LYS H 18 17.37 37.64 37.47
N ASP H 19 16.99 37.73 38.74
CA ASP H 19 16.72 36.53 39.53
C ASP H 19 15.46 35.82 39.10
N TYR H 20 15.55 34.49 39.00
CA TYR H 20 14.42 33.62 38.69
C TYR H 20 13.25 33.80 39.66
N LYS H 21 13.52 34.07 40.94
CA LYS H 21 12.46 34.22 41.94
C LYS H 21 11.54 35.40 41.65
N LEU H 22 11.99 36.37 40.86
CA LEU H 22 11.15 37.54 40.59
C LEU H 22 9.89 37.16 39.81
N THR H 23 10.02 36.26 38.84
CA THR H 23 8.87 35.84 38.05
C THR H 23 8.33 34.49 38.48
N TYR H 24 9.20 33.59 38.93
CA TYR H 24 8.85 32.20 38.97
C TYR H 24 8.55 31.67 40.36
N TYR H 25 8.81 32.44 41.41
CA TYR H 25 8.38 32.05 42.75
C TYR H 25 7.07 32.75 43.06
N THR H 26 6.02 31.97 43.33
CA THR H 26 4.65 32.48 43.46
C THR H 26 3.91 31.73 44.57
N PRO H 27 4.25 32.03 45.83
CA PRO H 27 3.57 31.36 46.96
C PRO H 27 2.08 31.68 47.05
N GLU H 28 1.66 32.87 46.64
CA GLU H 28 0.23 33.24 46.69
C GLU H 28 -0.59 32.48 45.65
N TYR H 29 0.04 31.92 44.62
CA TYR H 29 -0.70 31.30 43.53
C TYR H 29 -1.54 30.11 44.01
N GLU H 30 -2.76 30.02 43.51
CA GLU H 30 -3.64 28.90 43.80
C GLU H 30 -3.66 27.98 42.60
N THR H 31 -3.55 26.67 42.83
CA THR H 31 -3.38 25.75 41.72
C THR H 31 -4.73 25.50 41.05
N LEU H 32 -4.75 25.61 39.72
CA LEU H 32 -5.94 25.20 38.98
C LEU H 32 -5.95 23.70 38.81
N ASP H 33 -7.16 23.15 38.65
CA ASP H 33 -7.30 21.72 38.44
C ASP H 33 -6.81 21.28 37.06
N THR H 34 -6.64 22.22 36.12
CA THR H 34 -6.08 21.89 34.83
C THR H 34 -4.57 21.75 34.88
N ASP H 35 -3.92 22.28 35.93
CA ASP H 35 -2.46 22.35 36.03
C ASP H 35 -1.81 20.99 36.28
N ILE H 36 -0.60 20.86 35.83
CA ILE H 36 0.24 19.76 36.30
C ILE H 36 1.01 20.26 37.53
N LEU H 37 1.22 19.39 38.50
CA LEU H 37 1.90 19.77 39.75
C LEU H 37 3.03 18.79 40.00
N ALA H 38 4.20 19.32 40.32
CA ALA H 38 5.37 18.48 40.51
C ALA H 38 5.94 18.70 41.90
N ALA H 39 6.40 17.61 42.52
CA ALA H 39 7.00 17.63 43.85
C ALA H 39 8.48 17.29 43.70
N PHE H 40 9.34 18.30 43.78
CA PHE H 40 10.78 18.11 43.68
C PHE H 40 11.35 18.18 45.09
N ARG H 41 12.08 17.14 45.48
CA ARG H 41 13.01 17.26 46.59
C ARG H 41 14.24 18.00 46.06
N VAL H 42 14.48 19.21 46.56
CA VAL H 42 15.51 20.11 46.02
C VAL H 42 16.63 20.23 47.05
N SER H 43 17.88 20.07 46.58
CA SER H 43 19.06 20.32 47.41
C SER H 43 19.88 21.45 46.79
N PRO H 44 19.69 22.71 47.22
CA PRO H 44 20.42 23.81 46.61
C PRO H 44 21.89 23.74 46.95
N GLN H 45 22.70 24.32 46.07
CA GLN H 45 24.12 24.51 46.34
C GLN H 45 24.27 25.53 47.48
N PRO H 46 25.41 25.50 48.19
CA PRO H 46 25.60 26.46 49.29
C PRO H 46 25.61 27.89 48.78
N GLY H 47 24.94 28.78 49.51
CA GLY H 47 24.80 30.16 49.10
C GLY H 47 23.63 30.44 48.18
N VAL H 48 22.87 29.43 47.79
CA VAL H 48 21.72 29.60 46.90
C VAL H 48 20.46 29.59 47.74
N PRO H 49 19.66 30.65 47.73
CA PRO H 49 18.40 30.64 48.48
C PRO H 49 17.50 29.53 47.98
N PRO H 50 16.73 28.92 48.87
CA PRO H 50 15.76 27.90 48.41
C PRO H 50 14.79 28.46 47.38
N GLU H 51 14.26 29.67 47.63
CA GLU H 51 13.23 30.23 46.76
C GLU H 51 13.76 30.56 45.38
N GLU H 52 15.07 30.81 45.27
CA GLU H 52 15.68 30.94 43.96
C GLU H 52 15.83 29.59 43.29
N ALA H 53 16.04 28.53 44.07
CA ALA H 53 16.22 27.19 43.51
C ALA H 53 14.90 26.62 43.01
N GLY H 54 13.87 26.65 43.86
CA GLY H 54 12.54 26.31 43.40
C GLY H 54 12.10 27.12 42.20
N ALA H 55 12.50 28.40 42.15
CA ALA H 55 12.13 29.24 41.01
C ALA H 55 13.03 28.98 39.82
N ALA H 56 14.28 28.59 40.06
CA ALA H 56 15.12 28.17 38.96
C ALA H 56 14.52 26.93 38.29
N VAL H 57 14.02 25.98 39.08
CA VAL H 57 13.48 24.76 38.51
C VAL H 57 12.25 25.07 37.67
N ALA H 58 11.35 25.91 38.18
CA ALA H 58 10.15 26.26 37.43
C ALA H 58 10.51 26.90 36.09
N ALA H 59 11.41 27.89 36.12
CA ALA H 59 11.78 28.62 34.91
C ALA H 59 12.26 27.69 33.81
N GLU H 60 13.39 27.02 34.05
CA GLU H 60 14.12 26.18 33.11
C GLU H 60 13.37 24.88 32.77
N SER H 61 12.35 24.52 33.56
CA SER H 61 11.41 23.45 33.26
C SER H 61 10.21 23.92 32.43
N SER H 62 9.98 25.23 32.28
CA SER H 62 8.78 25.70 31.58
C SER H 62 9.09 26.72 30.48
N THR H 63 9.27 28.00 30.85
CA THR H 63 9.36 29.09 29.90
C THR H 63 10.58 29.97 30.06
N GLY H 64 11.31 29.88 31.17
CA GLY H 64 12.41 30.81 31.37
C GLY H 64 13.77 30.35 30.82
N THR H 65 14.65 31.33 30.61
CA THR H 65 16.07 31.11 30.35
C THR H 65 16.92 31.98 31.31
N TRP H 66 18.22 32.14 31.05
CA TRP H 66 19.11 32.66 32.08
C TRP H 66 19.22 34.19 32.09
N THR H 67 18.92 34.87 30.99
CA THR H 67 18.90 36.32 30.90
C THR H 67 17.57 36.74 30.29
N THR H 68 17.26 38.04 30.38
CA THR H 68 15.98 38.52 29.87
C THR H 68 15.96 38.49 28.35
N VAL H 69 14.84 38.09 27.75
CA VAL H 69 14.71 38.08 26.30
C VAL H 69 13.51 38.93 25.90
N TRP H 70 13.63 39.61 24.77
CA TRP H 70 12.60 40.58 24.38
C TRP H 70 11.32 39.89 23.87
N THR H 71 11.45 38.67 23.32
CA THR H 71 10.32 37.95 22.77
C THR H 71 9.21 37.68 23.79
N ASP H 72 9.55 37.70 25.09
CA ASP H 72 8.55 37.54 26.13
C ASP H 72 7.37 38.50 25.96
N GLY H 73 7.63 39.72 25.47
CA GLY H 73 6.57 40.70 25.28
C GLY H 73 5.49 40.26 24.33
N LEU H 74 5.80 39.36 23.38
CA LEU H 74 4.82 38.92 22.39
C LEU H 74 3.83 37.89 22.95
N THR H 75 4.12 37.30 24.10
CA THR H 75 3.30 36.29 24.74
C THR H 75 2.76 36.88 26.03
N ASN H 76 1.82 36.17 26.64
CA ASN H 76 1.43 36.45 28.03
C ASN H 76 2.12 35.41 28.90
N LEU H 77 3.30 35.74 29.40
CA LEU H 77 4.07 34.71 30.10
C LEU H 77 3.34 34.23 31.37
N ASP H 78 2.60 35.11 32.04
CA ASP H 78 1.90 34.72 33.28
C ASP H 78 0.91 33.60 33.06
N ARG H 79 0.34 33.51 31.87
CA ARG H 79 -0.55 32.41 31.53
C ARG H 79 0.22 31.10 31.34
N TYR H 80 1.42 31.17 30.76
CA TYR H 80 2.14 29.95 30.42
C TYR H 80 3.32 29.64 31.35
N LYS H 81 3.62 30.48 32.32
CA LYS H 81 4.83 30.27 33.11
C LYS H 81 4.59 29.17 34.15
N GLY H 82 5.57 28.26 34.27
CA GLY H 82 5.60 27.37 35.40
C GLY H 82 5.92 28.13 36.65
N ARG H 83 5.46 27.64 37.80
CA ARG H 83 5.60 28.49 38.97
C ARG H 83 5.74 27.65 40.24
N CYS H 84 6.73 28.01 41.07
CA CYS H 84 6.92 27.41 42.39
C CYS H 84 5.93 28.06 43.35
N TYR H 85 4.98 27.28 43.88
CA TYR H 85 3.92 27.87 44.69
C TYR H 85 4.04 27.53 46.16
N HIS H 86 4.95 26.65 46.52
CA HIS H 86 5.18 26.28 47.91
C HIS H 86 6.58 25.71 48.02
N ILE H 87 7.23 26.04 49.13
CA ILE H 87 8.47 25.40 49.56
C ILE H 87 8.27 24.97 51.01
N GLU H 88 8.58 23.71 51.32
CA GLU H 88 8.64 23.22 52.69
C GLU H 88 10.00 22.59 52.98
N PRO H 89 10.57 22.84 54.16
CA PRO H 89 11.83 22.19 54.53
C PRO H 89 11.66 20.70 54.72
N VAL H 90 12.72 19.94 54.44
CA VAL H 90 12.73 18.50 54.70
C VAL H 90 13.19 18.26 56.14
N ALA H 91 12.44 17.43 56.87
CA ALA H 91 12.72 17.21 58.28
C ALA H 91 14.06 16.51 58.49
N GLY H 92 14.83 17.02 59.45
CA GLY H 92 16.12 16.43 59.76
C GLY H 92 17.18 16.75 58.75
N GLU H 93 16.90 17.67 57.84
CA GLU H 93 17.76 17.91 56.70
C GLU H 93 18.23 19.35 56.66
N GLU H 94 19.46 19.53 56.23
CA GLU H 94 20.04 20.84 55.98
C GLU H 94 20.07 21.01 54.47
N ASN H 95 19.58 22.15 54.00
CA ASN H 95 19.65 22.48 52.57
C ASN H 95 19.00 21.39 51.72
N GLN H 96 17.88 20.86 52.19
CA GLN H 96 16.97 20.09 51.35
C GLN H 96 15.56 20.59 51.60
N TYR H 97 14.81 20.80 50.52
CA TYR H 97 13.45 21.34 50.64
C TYR H 97 12.58 20.66 49.60
N ILE H 98 11.28 20.60 49.87
CA ILE H 98 10.30 20.08 48.92
C ILE H 98 9.67 21.28 48.22
N CYS H 99 9.87 21.37 46.91
CA CYS H 99 9.40 22.50 46.11
C CYS H 99 8.26 22.05 45.19
N TYR H 100 7.14 22.76 45.26
CA TYR H 100 5.93 22.42 44.52
C TYR H 100 5.82 23.33 43.31
N VAL H 101 5.87 22.73 42.12
CA VAL H 101 5.86 23.47 40.86
C VAL H 101 4.55 23.17 40.16
N ALA H 102 3.92 24.21 39.63
CA ALA H 102 2.65 24.10 38.92
C ALA H 102 2.88 24.49 37.47
N TYR H 103 2.41 23.66 36.55
CA TYR H 103 2.62 23.93 35.14
C TYR H 103 1.28 24.03 34.42
N PRO H 104 1.03 25.09 33.68
CA PRO H 104 -0.23 25.14 32.90
C PRO H 104 -0.39 23.95 31.95
N LEU H 105 -1.65 23.54 31.74
CA LEU H 105 -1.96 22.44 30.82
C LEU H 105 -1.50 22.74 29.40
N ASP H 106 -1.63 24.00 28.96
CA ASP H 106 -1.21 24.43 27.63
C ASP H 106 0.22 24.01 27.28
N LEU H 107 1.10 23.86 28.27
CA LEU H 107 2.52 23.63 28.02
C LEU H 107 2.81 22.27 27.43
N PHE H 108 1.86 21.34 27.50
CA PHE H 108 2.12 19.92 27.30
C PHE H 108 1.39 19.38 26.08
N GLU H 109 2.06 18.54 25.30
CA GLU H 109 1.43 17.88 24.17
C GLU H 109 0.43 16.84 24.65
N GLU H 110 -0.78 16.86 24.05
CA GLU H 110 -1.80 15.86 24.34
C GLU H 110 -1.30 14.46 24.02
N GLY H 111 -1.36 13.55 25.00
CA GLY H 111 -1.03 12.16 24.81
C GLY H 111 0.44 11.78 24.81
N SER H 112 1.36 12.68 25.17
CA SER H 112 2.79 12.37 25.03
C SER H 112 3.50 12.43 26.39
N VAL H 113 3.68 11.26 27.02
CA VAL H 113 4.49 11.19 28.24
C VAL H 113 5.88 11.72 27.97
N THR H 114 6.39 11.46 26.77
CA THR H 114 7.71 11.93 26.37
C THR H 114 7.85 13.43 26.56
N ASN H 115 6.97 14.19 25.90
CA ASN H 115 6.97 15.64 26.06
C ASN H 115 6.78 16.04 27.51
N MET H 116 5.91 15.33 28.24
CA MET H 116 5.65 15.70 29.63
C MET H 116 6.93 15.62 30.45
N PHE H 117 7.69 14.53 30.26
CA PHE H 117 8.98 14.40 30.91
C PHE H 117 10.01 15.35 30.34
N THR H 118 9.90 15.71 29.05
CA THR H 118 10.93 16.58 28.45
C THR H 118 10.94 17.96 29.09
N SER H 119 9.78 18.51 29.42
CA SER H 119 9.82 19.77 30.16
C SER H 119 10.14 19.56 31.63
N ILE H 120 9.56 18.54 32.26
CA ILE H 120 9.68 18.46 33.71
C ILE H 120 11.08 18.01 34.13
N VAL H 121 11.64 17.02 33.45
CA VAL H 121 12.92 16.51 33.90
C VAL H 121 14.03 16.73 32.85
N GLY H 122 13.83 17.70 31.94
CA GLY H 122 14.71 17.82 30.78
C GLY H 122 16.08 18.37 31.10
N ASN H 123 16.15 19.54 31.74
CA ASN H 123 17.43 20.18 31.99
C ASN H 123 17.71 20.50 33.45
N VAL H 124 16.71 20.46 34.34
CA VAL H 124 16.86 21.07 35.67
C VAL H 124 17.92 20.33 36.49
N PHE H 125 17.92 18.99 36.44
CA PHE H 125 18.82 18.14 37.22
C PHE H 125 20.29 18.43 36.95
N GLY H 126 20.59 19.05 35.81
CA GLY H 126 21.95 19.37 35.37
C GLY H 126 22.50 20.69 35.88
N PHE H 127 21.67 21.48 36.54
CA PHE H 127 22.04 22.84 36.91
C PHE H 127 23.16 22.89 37.95
N LYS H 128 24.12 23.76 37.71
CA LYS H 128 25.27 23.92 38.59
C LYS H 128 24.87 24.44 39.97
N ALA H 129 23.80 25.24 40.04
CA ALA H 129 23.32 25.82 41.29
C ALA H 129 22.65 24.81 42.21
N LEU H 130 22.45 23.56 41.77
CA LEU H 130 21.79 22.53 42.60
C LEU H 130 22.77 21.40 42.85
N ARG H 131 22.77 20.87 44.06
CA ARG H 131 23.58 19.69 44.34
C ARG H 131 22.82 18.41 43.97
N ALA H 132 21.51 18.42 44.10
CA ALA H 132 20.74 17.22 43.81
C ALA H 132 19.29 17.62 43.59
N LEU H 133 18.59 16.80 42.81
CA LEU H 133 17.18 17.05 42.52
C LEU H 133 16.49 15.70 42.39
N ARG H 134 15.37 15.50 43.11
CA ARG H 134 14.60 14.28 42.96
C ARG H 134 13.15 14.64 42.65
N LEU H 135 12.54 13.96 41.68
CA LEU H 135 11.11 14.15 41.39
C LEU H 135 10.31 13.10 42.16
N GLU H 136 9.64 13.51 43.23
CA GLU H 136 8.98 12.54 44.11
C GLU H 136 7.62 12.12 43.58
N ASP H 137 6.84 13.06 43.04
CA ASP H 137 5.46 12.77 42.66
C ASP H 137 5.01 13.80 41.61
N LEU H 138 3.87 13.52 41.01
CA LEU H 138 3.27 14.36 39.99
C LEU H 138 1.76 14.31 40.16
N ARG H 139 1.10 15.46 40.10
CA ARG H 139 -0.36 15.51 40.06
C ARG H 139 -0.77 15.71 38.61
N ILE H 140 -1.16 14.63 37.94
CA ILE H 140 -1.56 14.70 36.54
C ILE H 140 -3.04 15.01 36.48
N PRO H 141 -3.44 16.15 35.94
CA PRO H 141 -4.85 16.55 35.96
C PRO H 141 -5.72 15.68 35.05
N VAL H 142 -6.99 15.53 35.45
CA VAL H 142 -7.87 14.59 34.76
C VAL H 142 -8.06 14.98 33.30
N ALA H 143 -8.01 16.28 33.01
CA ALA H 143 -8.05 16.76 31.63
C ALA H 143 -6.83 16.31 30.83
N TYR H 144 -5.66 16.22 31.47
CA TYR H 144 -4.54 15.61 30.75
C TYR H 144 -4.74 14.11 30.60
N VAL H 145 -5.32 13.45 31.61
CA VAL H 145 -5.47 11.99 31.59
C VAL H 145 -6.29 11.55 30.39
N LYS H 146 -7.32 12.31 30.05
CA LYS H 146 -8.27 11.91 29.01
C LYS H 146 -7.61 11.84 27.64
N THR H 147 -6.55 12.64 27.39
CA THR H 147 -5.80 12.66 26.14
C THR H 147 -4.93 11.44 25.96
N PHE H 148 -4.83 10.58 26.98
CA PHE H 148 -4.05 9.35 26.89
C PHE H 148 -4.96 8.15 26.70
N GLN H 149 -4.49 7.19 25.92
CA GLN H 149 -5.29 5.98 25.71
C GLN H 149 -5.34 5.14 26.97
N GLY H 150 -4.26 5.16 27.75
CA GLY H 150 -4.19 4.39 28.96
C GLY H 150 -3.88 2.96 28.65
N PRO H 151 -4.13 2.05 29.59
CA PRO H 151 -3.81 0.65 29.39
C PRO H 151 -4.59 0.07 28.22
N PRO H 152 -3.95 -0.82 27.44
CA PRO H 152 -4.68 -1.48 26.33
C PRO H 152 -5.93 -2.24 26.75
N HIS H 153 -5.94 -2.88 27.92
CA HIS H 153 -7.13 -3.62 28.33
C HIS H 153 -7.56 -3.32 29.75
N GLY H 154 -6.63 -3.35 30.71
CA GLY H 154 -6.97 -3.15 32.11
C GLY H 154 -7.36 -4.44 32.80
N ILE H 155 -7.27 -4.41 34.15
CA ILE H 155 -7.41 -5.62 34.98
C ILE H 155 -8.72 -6.35 34.69
N GLN H 156 -9.84 -5.63 34.73
CA GLN H 156 -11.12 -6.27 34.50
C GLN H 156 -11.17 -6.98 33.16
N VAL H 157 -10.78 -6.29 32.09
CA VAL H 157 -10.82 -6.95 30.79
C VAL H 157 -9.86 -8.13 30.76
N GLU H 158 -8.73 -8.05 31.46
CA GLU H 158 -7.79 -9.16 31.37
C GLU H 158 -8.33 -10.42 32.08
N ARG H 159 -8.90 -10.24 33.29
CA ARG H 159 -9.48 -11.39 34.00
C ARG H 159 -10.63 -11.99 33.20
N ASP H 160 -11.47 -11.11 32.64
CA ASP H 160 -12.59 -11.56 31.83
C ASP H 160 -12.11 -12.36 30.61
N LYS H 161 -11.00 -11.94 30.00
CA LYS H 161 -10.50 -12.61 28.80
C LYS H 161 -9.82 -13.94 29.14
N LEU H 162 -9.16 -14.05 30.30
CA LEU H 162 -8.45 -15.28 30.69
C LEU H 162 -9.28 -16.20 31.58
N ASN H 163 -10.51 -15.80 31.92
CA ASN H 163 -11.42 -16.60 32.74
C ASN H 163 -10.80 -16.97 34.10
N LYS H 164 -9.94 -16.10 34.64
CA LYS H 164 -9.22 -16.37 35.88
C LYS H 164 -9.65 -15.40 36.97
N TYR H 165 -10.30 -15.90 38.01
CA TYR H 165 -10.79 -14.98 39.03
C TYR H 165 -10.35 -15.46 40.41
N GLY H 166 -10.59 -14.60 41.41
CA GLY H 166 -10.51 -14.93 42.82
C GLY H 166 -9.13 -15.20 43.41
N ARG H 167 -8.05 -15.06 42.66
CA ARG H 167 -6.73 -15.41 43.17
C ARG H 167 -5.69 -14.57 42.44
N PRO H 168 -4.51 -14.37 43.04
CA PRO H 168 -3.41 -13.80 42.27
C PRO H 168 -3.08 -14.71 41.10
N LEU H 169 -2.79 -14.10 39.95
CA LEU H 169 -2.22 -14.85 38.84
C LEU H 169 -0.79 -15.23 39.18
N LEU H 170 -0.34 -16.35 38.62
CA LEU H 170 0.96 -16.91 38.93
C LEU H 170 1.71 -17.16 37.63
N GLY H 171 3.01 -16.85 37.62
CA GLY H 171 3.83 -17.04 36.46
C GLY H 171 5.28 -17.19 36.86
N CYS H 172 6.12 -17.48 35.87
CA CYS H 172 7.52 -17.78 36.10
C CYS H 172 8.37 -17.33 34.91
N THR H 173 9.57 -16.81 35.21
CA THR H 173 10.52 -16.35 34.19
C THR H 173 11.51 -17.47 33.87
N ILE H 174 11.55 -17.90 32.60
CA ILE H 174 12.49 -18.92 32.17
C ILE H 174 13.93 -18.49 32.48
N LYS H 175 14.77 -19.43 32.86
CA LYS H 175 16.17 -19.21 33.20
C LYS H 175 16.97 -20.38 32.66
N PRO H 176 18.28 -20.21 32.43
CA PRO H 176 19.13 -19.03 32.59
C PRO H 176 18.64 -17.89 31.69
N LYS H 177 18.88 -16.65 32.10
CA LYS H 177 18.36 -15.51 31.37
C LYS H 177 18.71 -15.59 29.90
N LEU H 178 19.95 -15.96 29.58
CA LEU H 178 20.42 -16.03 28.19
C LEU H 178 21.15 -17.34 27.96
N GLY H 179 21.10 -17.83 26.71
CA GLY H 179 21.88 -18.97 26.29
C GLY H 179 21.06 -20.19 25.88
N LEU H 180 19.79 -20.26 26.27
CA LEU H 180 18.94 -21.37 25.88
C LEU H 180 18.55 -21.28 24.41
N SER H 181 18.37 -22.45 23.81
CA SER H 181 17.83 -22.57 22.46
C SER H 181 16.32 -22.40 22.51
N ALA H 182 15.73 -22.17 21.32
CA ALA H 182 14.28 -21.94 21.26
C ALA H 182 13.49 -23.19 21.62
N LYS H 183 13.97 -24.37 21.24
CA LYS H 183 13.26 -25.58 21.65
C LYS H 183 13.32 -25.81 23.16
N ASN H 184 14.52 -25.66 23.76
CA ASN H 184 14.60 -25.80 25.22
C ASN H 184 13.72 -24.79 25.93
N TYR H 185 13.69 -23.56 25.43
CA TYR H 185 12.81 -22.54 26.01
C TYR H 185 11.36 -23.02 26.01
N GLY H 186 10.92 -23.57 24.88
CA GLY H 186 9.55 -24.09 24.80
C GLY H 186 9.36 -25.29 25.70
N ARG H 187 10.38 -26.13 25.83
CA ARG H 187 10.29 -27.26 26.75
C ARG H 187 10.05 -26.78 28.16
N ALA H 188 10.73 -25.69 28.57
CA ALA H 188 10.56 -25.17 29.93
C ALA H 188 9.22 -24.48 30.09
N VAL H 189 8.75 -23.78 29.06
CA VAL H 189 7.44 -23.13 29.13
C VAL H 189 6.33 -24.17 29.36
N TYR H 190 6.32 -25.23 28.55
CA TYR H 190 5.25 -26.23 28.66
C TYR H 190 5.24 -26.88 30.05
N GLU H 191 6.40 -27.34 30.51
CA GLU H 191 6.47 -27.96 31.83
C GLU H 191 5.96 -27.02 32.92
N CYS H 192 6.34 -25.73 32.87
CA CYS H 192 5.91 -24.76 33.87
C CYS H 192 4.40 -24.52 33.81
N LEU H 193 3.83 -24.34 32.61
CA LEU H 193 2.40 -24.05 32.51
C LEU H 193 1.53 -25.27 32.79
N ARG H 194 2.03 -26.48 32.49
CA ARG H 194 1.36 -27.73 32.80
C ARG H 194 1.31 -28.02 34.29
N GLY H 195 2.19 -27.40 35.09
CA GLY H 195 2.15 -27.57 36.53
C GLY H 195 1.12 -26.72 37.24
N GLY H 196 0.67 -25.61 36.64
CA GLY H 196 -0.30 -24.76 37.29
C GLY H 196 -0.04 -23.26 37.25
N LEU H 197 1.17 -22.88 36.89
CA LEU H 197 1.46 -21.49 36.63
C LEU H 197 0.60 -20.97 35.47
N ASP H 198 -0.05 -19.83 35.68
CA ASP H 198 -0.87 -19.25 34.62
C ASP H 198 -0.02 -18.69 33.49
N PHE H 199 1.19 -18.21 33.78
CA PHE H 199 2.00 -17.49 32.81
C PHE H 199 3.44 -18.01 32.80
N THR H 200 4.07 -17.95 31.63
CA THR H 200 5.54 -18.02 31.57
C THR H 200 5.96 -16.69 31.00
N KCX H 201 7.26 -16.45 30.86
CA KCX H 201 7.72 -15.14 30.46
CB KCX H 201 7.55 -14.18 31.61
CG KCX H 201 8.59 -13.08 31.73
CD KCX H 201 8.35 -12.23 32.97
CE KCX H 201 8.91 -10.84 32.81
NZ KCX H 201 10.36 -10.87 32.60
C KCX H 201 9.17 -15.09 29.96
O KCX H 201 10.08 -15.64 30.59
CX KCX H 201 11.17 -11.10 33.62
OQ1 KCX H 201 10.72 -11.30 34.77
OQ2 KCX H 201 12.39 -11.11 33.36
N ASP H 202 9.36 -14.42 28.82
CA ASP H 202 10.70 -14.09 28.33
C ASP H 202 11.44 -13.16 29.30
N ASP H 203 12.74 -13.37 29.45
CA ASP H 203 13.51 -12.47 30.30
C ASP H 203 13.63 -11.11 29.60
N GLU H 204 13.62 -10.04 30.39
CA GLU H 204 13.62 -8.70 29.83
C GLU H 204 14.72 -8.50 28.79
N ASN H 205 15.87 -9.18 28.96
CA ASN H 205 17.00 -9.12 28.04
C ASN H 205 16.91 -10.16 26.91
N VAL H 206 15.82 -10.92 26.81
CA VAL H 206 15.65 -11.90 25.74
C VAL H 206 14.85 -11.21 24.64
N ASN H 207 15.55 -10.78 23.58
CA ASN H 207 14.94 -10.17 22.42
C ASN H 207 15.17 -11.07 21.22
N SER H 208 16.18 -10.81 20.39
CA SER H 208 16.67 -11.72 19.38
C SER H 208 18.19 -11.65 19.44
N GLN H 209 18.81 -12.80 19.59
CA GLN H 209 20.23 -12.88 19.86
C GLN H 209 20.77 -14.06 19.07
N PRO H 210 22.07 -14.09 18.84
CA PRO H 210 22.61 -15.24 18.11
C PRO H 210 22.16 -16.58 18.68
N PHE H 211 22.11 -16.73 20.01
CA PHE H 211 21.74 -18.01 20.60
C PHE H 211 20.26 -18.35 20.42
N MET H 212 19.40 -17.39 20.09
CA MET H 212 17.98 -17.70 19.97
C MET H 212 17.33 -16.59 19.15
N ARG H 213 16.96 -16.88 17.91
CA ARG H 213 16.29 -15.84 17.15
C ARG H 213 14.84 -15.73 17.56
N TRP H 214 14.33 -14.50 17.55
CA TRP H 214 13.03 -14.23 18.17
C TRP H 214 11.89 -15.02 17.52
N ARG H 215 11.90 -15.24 16.19
CA ARG H 215 10.72 -15.85 15.56
C ARG H 215 10.62 -17.33 15.88
N ASP H 216 11.79 -18.00 15.98
CA ASP H 216 11.86 -19.38 16.47
C ASP H 216 11.26 -19.51 17.87
N ARG H 217 11.77 -18.71 18.81
CA ARG H 217 11.19 -18.74 20.16
C ARG H 217 9.69 -18.54 20.12
N PHE H 218 9.24 -17.57 19.33
CA PHE H 218 7.82 -17.27 19.30
C PHE H 218 6.98 -18.48 18.89
N LEU H 219 7.43 -19.28 17.92
CA LEU H 219 6.56 -20.40 17.53
C LEU H 219 6.69 -21.59 18.49
N PHE H 220 7.90 -21.92 18.93
CA PHE H 220 8.02 -22.99 19.92
C PHE H 220 7.25 -22.64 21.20
N CYS H 221 7.41 -21.42 21.72
CA CYS H 221 6.67 -21.06 22.92
C CYS H 221 5.16 -21.02 22.67
N ALA H 222 4.71 -20.80 21.43
CA ALA H 222 3.29 -20.95 21.13
C ALA H 222 2.86 -22.40 21.19
N GLU H 223 3.59 -23.28 20.48
CA GLU H 223 3.33 -24.72 20.56
C GLU H 223 3.22 -25.18 22.01
N ALA H 224 4.12 -24.73 22.89
CA ALA H 224 4.13 -25.17 24.28
C ALA H 224 2.91 -24.68 25.05
N LEU H 225 2.60 -23.40 24.95
CA LEU H 225 1.50 -22.85 25.75
C LEU H 225 0.17 -23.52 25.38
N TYR H 226 -0.04 -23.84 24.09
CA TYR H 226 -1.27 -24.49 23.69
C TYR H 226 -1.33 -25.94 24.21
N LYS H 227 -0.19 -26.62 24.27
CA LYS H 227 -0.15 -27.98 24.81
C LYS H 227 -0.52 -27.99 26.28
N ALA H 228 0.02 -27.05 27.05
CA ALA H 228 -0.38 -26.92 28.45
C ALA H 228 -1.88 -26.65 28.59
N GLN H 229 -2.41 -25.71 27.79
CA GLN H 229 -3.82 -25.35 27.90
C GLN H 229 -4.71 -26.58 27.76
N ALA H 230 -4.44 -27.39 26.74
CA ALA H 230 -5.24 -28.59 26.53
C ALA H 230 -5.10 -29.56 27.71
N GLU H 231 -3.88 -29.71 28.24
CA GLU H 231 -3.68 -30.60 29.39
C GLU H 231 -4.41 -30.09 30.62
N THR H 232 -4.19 -28.82 31.00
CA THR H 232 -4.79 -28.29 32.23
C THR H 232 -6.28 -28.03 32.06
N GLY H 233 -6.71 -27.53 30.91
CA GLY H 233 -8.05 -27.01 30.77
C GLY H 233 -8.20 -25.56 31.20
N GLU H 234 -7.11 -24.91 31.55
CA GLU H 234 -7.11 -23.51 31.96
C GLU H 234 -6.30 -22.70 30.95
N ILE H 235 -6.73 -21.45 30.70
CA ILE H 235 -6.03 -20.62 29.72
C ILE H 235 -4.61 -20.36 30.18
N LYS H 236 -3.66 -20.54 29.28
CA LYS H 236 -2.26 -20.35 29.63
C LYS H 236 -1.67 -19.22 28.78
N GLY H 237 -0.50 -18.73 29.19
CA GLY H 237 0.11 -17.62 28.47
C GLY H 237 1.60 -17.59 28.63
N HIS H 238 2.28 -17.03 27.63
CA HIS H 238 3.70 -16.73 27.71
C HIS H 238 3.92 -15.31 27.20
N TYR H 239 4.59 -14.46 27.99
CA TYR H 239 4.83 -13.10 27.51
C TYR H 239 5.98 -13.14 26.52
N LEU H 240 5.69 -12.80 25.26
CA LEU H 240 6.70 -12.70 24.21
C LEU H 240 7.19 -11.26 24.09
N ASN H 241 8.51 -11.09 24.13
CA ASN H 241 9.12 -9.76 24.16
C ASN H 241 9.13 -9.15 22.76
N ALA H 242 8.54 -7.97 22.65
CA ALA H 242 8.61 -7.16 21.45
C ALA H 242 9.72 -6.12 21.50
N THR H 243 10.36 -5.93 22.66
CA THR H 243 11.47 -4.98 22.79
C THR H 243 12.49 -5.24 21.69
N ALA H 244 12.81 -4.18 20.94
CA ALA H 244 13.65 -4.28 19.74
C ALA H 244 14.46 -3.00 19.56
N GLY H 245 15.37 -3.03 18.57
CA GLY H 245 16.22 -1.89 18.25
C GLY H 245 15.54 -0.76 17.52
N THR H 246 14.48 -1.06 16.78
CA THR H 246 13.78 -0.07 15.95
C THR H 246 12.29 -0.23 16.19
N CYS H 247 11.50 0.83 15.94
CA CYS H 247 10.04 0.69 16.06
C CYS H 247 9.52 -0.39 15.09
N GLU H 248 10.17 -0.56 13.94
CA GLU H 248 9.70 -1.51 12.94
C GLU H 248 9.97 -2.96 13.35
N ASP H 249 11.14 -3.24 13.94
CA ASP H 249 11.35 -4.58 14.49
C ASP H 249 10.34 -4.87 15.60
N MET H 250 10.10 -3.91 16.48
CA MET H 250 9.09 -4.08 17.53
C MET H 250 7.73 -4.46 16.94
N MET H 251 7.32 -3.79 15.86
CA MET H 251 6.04 -4.10 15.25
C MET H 251 6.05 -5.49 14.63
N LYS H 252 7.15 -5.86 13.97
CA LYS H 252 7.22 -7.20 13.37
C LYS H 252 7.02 -8.30 14.40
N ARG H 253 7.67 -8.18 15.57
CA ARG H 253 7.46 -9.16 16.63
C ARG H 253 6.03 -9.12 17.16
N ALA H 254 5.43 -7.94 17.26
CA ALA H 254 4.06 -7.84 17.74
C ALA H 254 3.06 -8.42 16.72
N VAL H 255 3.30 -8.19 15.44
CA VAL H 255 2.40 -8.68 14.40
C VAL H 255 2.40 -10.20 14.39
N PHE H 256 3.56 -10.83 14.59
CA PHE H 256 3.62 -12.29 14.51
C PHE H 256 2.85 -12.93 15.64
N ALA H 257 2.97 -12.40 16.86
CA ALA H 257 2.18 -12.93 17.97
C ALA H 257 0.69 -12.75 17.72
N ARG H 258 0.31 -11.66 17.05
CA ARG H 258 -1.08 -11.53 16.62
C ARG H 258 -1.45 -12.67 15.69
N GLU H 259 -0.56 -13.03 14.75
CA GLU H 259 -0.82 -14.17 13.89
C GLU H 259 -0.90 -15.47 14.70
N LEU H 260 -0.04 -15.62 15.70
CA LEU H 260 -0.08 -16.82 16.53
C LEU H 260 -1.33 -16.88 17.41
N GLY H 261 -2.07 -15.79 17.56
CA GLY H 261 -3.17 -15.81 18.50
C GLY H 261 -2.81 -15.99 19.97
N VAL H 262 -1.55 -15.84 20.35
CA VAL H 262 -1.20 -15.90 21.77
C VAL H 262 -1.88 -14.74 22.51
N PRO H 263 -2.14 -14.89 23.80
CA PRO H 263 -2.86 -13.83 24.52
C PRO H 263 -2.03 -12.62 24.93
N ILE H 264 -0.72 -12.71 25.15
CA ILE H 264 -0.02 -11.62 25.84
C ILE H 264 1.38 -11.41 25.27
N VAL H 265 1.78 -10.14 25.16
CA VAL H 265 3.13 -9.74 24.78
C VAL H 265 3.68 -8.80 25.85
N MET H 266 4.97 -8.50 25.74
CA MET H 266 5.61 -7.69 26.76
C MET H 266 6.48 -6.62 26.15
N HIS H 267 6.76 -5.60 26.95
CA HIS H 267 7.67 -4.55 26.52
C HIS H 267 8.55 -4.11 27.68
N ASP H 268 9.77 -3.71 27.35
CA ASP H 268 10.67 -2.95 28.24
C ASP H 268 10.52 -1.46 27.95
N TYR H 269 9.64 -0.77 28.68
CA TYR H 269 9.25 0.58 28.27
C TYR H 269 10.35 1.61 28.48
N LEU H 270 11.15 1.51 29.54
CA LEU H 270 12.18 2.54 29.73
C LEU H 270 13.32 2.37 28.73
N THR H 271 13.78 1.13 28.50
CA THR H 271 14.90 0.92 27.57
C THR H 271 14.48 1.17 26.13
N GLY H 272 13.32 0.65 25.73
CA GLY H 272 12.72 1.05 24.47
C GLY H 272 12.37 2.52 24.37
N GLY H 273 11.87 3.12 25.45
CA GLY H 273 11.41 4.50 25.43
C GLY H 273 9.89 4.61 25.38
N PHE H 274 9.38 5.78 25.80
CA PHE H 274 7.94 5.96 25.87
C PHE H 274 7.30 6.07 24.49
N THR H 275 8.03 6.58 23.51
CA THR H 275 7.47 6.73 22.17
C THR H 275 7.16 5.37 21.54
N ALA H 276 8.10 4.41 21.61
CA ALA H 276 7.82 3.05 21.13
C ALA H 276 6.72 2.37 21.93
N ASN H 277 6.84 2.37 23.26
CA ASN H 277 5.83 1.80 24.13
C ASN H 277 4.45 2.37 23.83
N THR H 278 4.34 3.68 23.58
CA THR H 278 3.02 4.20 23.26
C THR H 278 2.51 3.63 21.95
N THR H 279 3.41 3.46 20.98
CA THR H 279 3.02 2.88 19.71
C THR H 279 2.55 1.44 19.88
N LEU H 280 3.23 0.66 20.74
CA LEU H 280 2.86 -0.73 21.00
C LEU H 280 1.53 -0.81 21.75
N SER H 281 1.38 -0.08 22.84
CA SER H 281 0.13 -0.10 23.57
C SER H 281 -1.08 0.20 22.65
N HIS H 282 -0.89 1.07 21.64
CA HIS H 282 -1.97 1.33 20.67
C HIS H 282 -2.23 0.10 19.80
N TYR H 283 -1.18 -0.58 19.33
CA TYR H 283 -1.38 -1.76 18.50
C TYR H 283 -1.95 -2.92 19.30
N CYS H 284 -1.59 -3.00 20.58
CA CYS H 284 -2.17 -4.01 21.46
C CYS H 284 -3.67 -3.78 21.69
N ARG H 285 -4.09 -2.52 21.85
CA ARG H 285 -5.52 -2.26 21.92
C ARG H 285 -6.19 -2.46 20.57
N ASP H 286 -5.44 -2.26 19.49
CA ASP H 286 -6.04 -2.38 18.18
C ASP H 286 -6.17 -3.83 17.76
N ASN H 287 -5.40 -4.74 18.39
CA ASN H 287 -5.35 -6.15 17.98
C ASN H 287 -5.57 -7.13 19.12
N GLY H 288 -6.23 -6.70 20.18
CA GLY H 288 -6.59 -7.58 21.28
C GLY H 288 -5.47 -8.15 22.13
N LEU H 289 -4.24 -7.62 22.09
CA LEU H 289 -3.13 -8.23 22.82
C LEU H 289 -2.94 -7.58 24.20
N LEU H 290 -2.82 -8.41 25.23
CA LEU H 290 -2.44 -7.93 26.54
C LEU H 290 -0.97 -7.50 26.54
N LEU H 291 -0.67 -6.42 27.27
CA LEU H 291 0.67 -5.82 27.27
C LEU H 291 1.26 -5.83 28.67
N HIS H 292 2.27 -6.67 28.89
CA HIS H 292 2.95 -6.75 30.18
C HIS H 292 4.22 -5.92 30.09
N ILE H 293 4.44 -5.04 31.08
CA ILE H 293 5.54 -4.08 31.02
C ILE H 293 6.61 -4.45 32.03
N HIS H 294 7.86 -4.47 31.59
CA HIS H 294 9.04 -4.62 32.44
C HIS H 294 9.69 -3.27 32.70
N ARG H 295 10.20 -3.09 33.92
CA ARG H 295 10.72 -1.79 34.35
C ARG H 295 12.24 -1.71 34.27
N ALA H 296 12.87 -2.44 33.35
CA ALA H 296 14.32 -2.41 33.24
C ALA H 296 14.84 -0.98 33.17
N MET H 297 15.91 -0.72 33.93
CA MET H 297 16.63 0.55 33.98
C MET H 297 15.93 1.52 34.93
N HIS H 298 14.89 1.08 35.62
CA HIS H 298 14.21 2.04 36.50
C HIS H 298 15.08 2.41 37.71
N ALA H 299 15.87 1.46 38.25
CA ALA H 299 16.62 1.73 39.46
C ALA H 299 17.82 2.66 39.23
N VAL H 300 18.28 2.80 37.99
CA VAL H 300 19.22 3.87 37.65
C VAL H 300 18.63 5.22 37.96
N ILE H 301 17.31 5.34 37.83
CA ILE H 301 16.65 6.62 37.99
C ILE H 301 16.11 6.82 39.41
N ASP H 302 15.71 5.74 40.09
CA ASP H 302 14.83 5.86 41.26
C ASP H 302 15.33 5.20 42.54
N ARG H 303 16.59 4.78 42.62
CA ARG H 303 17.08 4.12 43.85
C ARG H 303 17.26 5.11 44.99
N GLN H 304 17.79 6.30 44.70
CA GLN H 304 18.31 7.21 45.73
C GLN H 304 17.36 8.35 46.04
N LYS H 305 17.37 8.78 47.32
CA LYS H 305 16.42 9.77 47.80
C LYS H 305 16.80 11.20 47.39
N ASN H 306 18.10 11.46 47.22
CA ASN H 306 18.56 12.81 46.92
C ASN H 306 18.40 13.18 45.45
N HIS H 307 18.44 12.18 44.56
CA HIS H 307 18.51 12.46 43.13
C HIS H 307 17.69 11.44 42.36
N GLY H 308 17.14 11.88 41.24
CA GLY H 308 16.45 11.00 40.33
C GLY H 308 14.99 11.32 40.24
N MET H 309 14.22 10.31 39.85
CA MET H 309 12.76 10.31 39.92
C MET H 309 12.32 9.09 40.67
N HIS H 310 11.41 9.27 41.62
CA HIS H 310 10.79 8.13 42.29
C HIS H 310 9.96 7.30 41.29
N PHE H 311 9.82 6.01 41.58
CA PHE H 311 9.16 5.09 40.65
C PHE H 311 7.68 5.42 40.47
N ARG H 312 7.07 6.04 41.47
CA ARG H 312 5.65 6.38 41.35
C ARG H 312 5.41 7.37 40.23
N VAL H 313 6.43 8.11 39.81
CA VAL H 313 6.29 8.96 38.63
C VAL H 313 6.37 8.11 37.36
N LEU H 314 7.38 7.27 37.26
CA LEU H 314 7.53 6.39 36.09
C LEU H 314 6.38 5.40 35.97
N ALA H 315 5.83 4.95 37.12
CA ALA H 315 4.66 4.09 37.08
C ALA H 315 3.42 4.87 36.69
N LYS H 316 3.34 6.14 37.12
CA LYS H 316 2.25 6.98 36.63
C LYS H 316 2.34 7.11 35.13
N ALA H 317 3.57 7.17 34.62
CA ALA H 317 3.76 7.32 33.20
C ALA H 317 3.23 6.11 32.45
N LEU H 318 3.52 4.91 32.97
CA LEU H 318 3.14 3.66 32.31
C LEU H 318 1.63 3.49 32.24
N ARG H 319 0.91 3.93 33.26
CA ARG H 319 -0.54 3.81 33.17
C ARG H 319 -1.10 4.71 32.07
N LEU H 320 -0.47 5.89 31.84
CA LEU H 320 -0.88 6.77 30.74
C LEU H 320 -0.39 6.24 29.38
N SER H 321 0.89 5.86 29.29
CA SER H 321 1.43 5.36 28.03
C SER H 321 0.70 4.11 27.56
N GLY H 322 0.38 3.22 28.50
CA GLY H 322 -0.28 1.98 28.16
C GLY H 322 0.46 0.73 28.57
N GLY H 323 -0.14 0.01 29.50
CA GLY H 323 0.32 -1.32 29.85
C GLY H 323 -0.78 -1.97 30.64
N ASP H 324 -0.86 -3.30 30.52
CA ASP H 324 -1.79 -4.10 31.32
C ASP H 324 -1.16 -4.65 32.59
N HIS H 325 0.15 -4.88 32.57
CA HIS H 325 0.86 -5.34 33.75
C HIS H 325 2.04 -4.42 33.95
N ILE H 326 2.43 -4.26 35.20
CA ILE H 326 3.67 -3.56 35.48
C ILE H 326 4.32 -4.18 36.71
N HIS H 327 5.63 -4.34 36.65
CA HIS H 327 6.38 -4.83 37.78
C HIS H 327 6.28 -3.83 38.93
N SER H 328 6.06 -4.31 40.12
CA SER H 328 5.90 -3.41 41.25
C SER H 328 6.92 -3.63 42.35
N GLY H 329 7.89 -4.55 42.17
CA GLY H 329 8.72 -4.99 43.25
C GLY H 329 7.95 -5.90 44.19
N THR H 330 8.71 -6.64 45.03
CA THR H 330 8.13 -7.64 45.91
C THR H 330 8.01 -7.20 47.36
N VAL H 331 8.83 -6.24 47.80
CA VAL H 331 9.06 -5.84 49.19
C VAL H 331 9.94 -6.89 49.89
N VAL H 332 9.60 -8.18 49.76
CA VAL H 332 10.27 -9.28 50.48
C VAL H 332 11.35 -10.01 49.66
N GLY H 333 11.56 -9.64 48.40
CA GLY H 333 12.46 -10.37 47.50
C GLY H 333 13.85 -9.75 47.46
N LYS H 334 14.60 -10.10 46.41
CA LYS H 334 16.00 -9.70 46.30
C LYS H 334 16.22 -8.24 45.88
N LEU H 335 15.25 -7.59 45.24
CA LEU H 335 15.43 -6.20 44.85
C LEU H 335 14.66 -5.28 45.81
N GLU H 336 15.07 -4.01 45.86
CA GLU H 336 14.55 -3.11 46.88
C GLU H 336 13.07 -2.82 46.70
N GLY H 337 12.36 -2.75 47.82
CA GLY H 337 10.94 -2.37 47.86
C GLY H 337 10.49 -2.18 49.28
N GLU H 338 9.81 -1.07 49.58
CA GLU H 338 9.39 -0.76 50.94
C GLU H 338 7.88 -0.89 51.03
N ARG H 339 7.38 -1.37 52.19
CA ARG H 339 5.97 -1.75 52.28
C ARG H 339 5.04 -0.56 52.08
N ASP H 340 5.26 0.55 52.79
CA ASP H 340 4.35 1.68 52.64
C ASP H 340 4.49 2.32 51.27
N ILE H 341 5.74 2.45 50.80
CA ILE H 341 5.98 3.05 49.49
C ILE H 341 5.28 2.26 48.41
N THR H 342 5.54 0.94 48.38
CA THR H 342 4.98 0.08 47.35
C THR H 342 3.45 0.07 47.39
N LEU H 343 2.87 -0.11 48.59
CA LEU H 343 1.41 -0.05 48.69
C LEU H 343 0.88 1.29 48.19
N GLY H 344 1.68 2.36 48.32
CA GLY H 344 1.24 3.66 47.85
C GLY H 344 1.13 3.71 46.33
N PHE H 345 2.20 3.37 45.62
CA PHE H 345 2.08 3.46 44.17
C PHE H 345 1.25 2.32 43.59
N VAL H 346 1.12 1.20 44.31
CA VAL H 346 0.23 0.11 43.87
C VAL H 346 -1.21 0.60 43.79
N ASP H 347 -1.63 1.44 44.73
CA ASP H 347 -2.97 2.03 44.65
C ASP H 347 -3.07 3.00 43.49
N LEU H 348 -2.00 3.75 43.22
CA LEU H 348 -2.03 4.65 42.06
C LEU H 348 -2.13 3.87 40.75
N LEU H 349 -1.52 2.67 40.70
CA LEU H 349 -1.61 1.80 39.54
C LEU H 349 -2.93 1.04 39.41
N ARG H 350 -3.70 0.85 40.49
CA ARG H 350 -4.88 0.00 40.42
C ARG H 350 -6.21 0.73 40.50
N ASP H 351 -6.24 1.98 40.98
CA ASP H 351 -7.48 2.58 41.45
C ASP H 351 -7.78 3.90 40.74
N ASP H 352 -9.02 4.36 40.89
CA ASP H 352 -9.44 5.59 40.24
C ASP H 352 -9.12 6.86 41.02
N TYR H 353 -8.92 6.77 42.33
CA TYR H 353 -8.74 7.95 43.15
C TYR H 353 -7.90 7.57 44.36
N THR H 354 -6.79 8.29 44.56
CA THR H 354 -5.89 8.01 45.67
C THR H 354 -5.64 9.32 46.38
N GLU H 355 -6.15 9.42 47.61
CA GLU H 355 -5.93 10.60 48.44
C GLU H 355 -4.46 10.78 48.79
N LYS H 356 -4.05 12.03 48.93
CA LYS H 356 -2.68 12.33 49.36
C LYS H 356 -2.37 11.65 50.70
N ASP H 357 -1.22 10.97 50.76
CA ASP H 357 -0.79 10.22 51.95
C ASP H 357 0.72 10.31 52.08
N ARG H 358 1.21 11.30 52.82
CA ARG H 358 2.65 11.49 52.93
C ARG H 358 3.31 10.28 53.55
N SER H 359 2.60 9.55 54.41
CA SER H 359 3.17 8.37 55.06
C SER H 359 3.47 7.29 54.04
N ARG H 360 2.64 7.19 53.01
CA ARG H 360 2.87 6.26 51.92
C ARG H 360 3.55 6.94 50.72
N GLY H 361 3.95 8.20 50.88
CA GLY H 361 4.67 8.91 49.82
C GLY H 361 3.82 9.56 48.76
N ILE H 362 2.51 9.68 48.97
CA ILE H 362 1.62 10.32 48.01
C ILE H 362 1.52 11.80 48.37
N TYR H 363 2.26 12.63 47.62
CA TYR H 363 2.25 14.08 47.78
C TYR H 363 1.02 14.72 47.17
N PHE H 364 0.36 14.06 46.23
CA PHE H 364 -0.74 14.66 45.48
C PHE H 364 -1.88 13.67 45.36
N THR H 365 -3.10 14.12 45.64
CA THR H 365 -4.26 13.30 45.35
C THR H 365 -4.40 13.15 43.84
N GLN H 366 -4.57 11.90 43.38
CA GLN H 366 -4.58 11.57 41.95
C GLN H 366 -5.86 10.84 41.59
N SER H 367 -6.59 11.38 40.61
CA SER H 367 -7.79 10.76 40.05
C SER H 367 -7.50 10.35 38.60
N TRP H 368 -8.15 9.28 38.11
CA TRP H 368 -7.84 8.75 36.78
C TRP H 368 -9.00 8.79 35.78
N VAL H 369 -10.13 9.44 36.12
CA VAL H 369 -11.33 9.56 35.29
C VAL H 369 -11.64 8.27 34.53
N SER H 370 -11.59 7.16 35.25
CA SER H 370 -11.96 5.82 34.78
C SER H 370 -10.95 5.23 33.81
N THR H 371 -9.73 5.76 33.76
CA THR H 371 -8.67 5.07 33.04
C THR H 371 -8.51 3.71 33.69
N PRO H 372 -8.45 2.63 32.92
CA PRO H 372 -8.27 1.31 33.53
C PRO H 372 -7.03 1.25 34.44
N GLY H 373 -7.07 0.29 35.39
CA GLY H 373 -5.97 0.06 36.27
C GLY H 373 -5.03 -1.02 35.78
N VAL H 374 -3.78 -0.94 36.23
CA VAL H 374 -2.69 -1.82 35.80
C VAL H 374 -2.48 -2.87 36.87
N LEU H 375 -2.35 -4.12 36.45
CA LEU H 375 -2.06 -5.20 37.40
C LEU H 375 -0.61 -5.13 37.88
N PRO H 376 -0.36 -4.86 39.18
CA PRO H 376 0.99 -4.94 39.71
C PRO H 376 1.56 -6.33 39.56
N VAL H 377 2.83 -6.41 39.22
CA VAL H 377 3.52 -7.69 39.14
C VAL H 377 4.64 -7.68 40.16
N ALA H 378 4.75 -8.75 40.95
CA ALA H 378 5.78 -8.86 41.97
C ALA H 378 6.70 -10.01 41.59
N SER H 379 8.00 -9.72 41.46
CA SER H 379 8.97 -10.65 40.90
C SER H 379 10.35 -10.37 41.50
N GLY H 380 11.16 -11.41 41.60
CA GLY H 380 12.55 -11.22 41.96
C GLY H 380 12.95 -11.72 43.34
N GLY H 381 13.57 -12.90 43.39
CA GLY H 381 14.06 -13.49 44.62
C GLY H 381 13.00 -14.00 45.59
N ILE H 382 11.84 -14.41 45.08
CA ILE H 382 10.74 -14.80 45.94
C ILE H 382 10.45 -16.28 45.74
N HIS H 383 10.20 -16.98 46.84
CA HIS H 383 9.88 -18.40 46.78
C HIS H 383 8.61 -18.67 47.56
N VAL H 384 8.35 -19.94 47.87
CA VAL H 384 7.05 -20.35 48.39
C VAL H 384 6.80 -19.80 49.79
N TRP H 385 7.86 -19.68 50.60
CA TRP H 385 7.66 -19.17 51.95
C TRP H 385 7.21 -17.71 51.93
N HIS H 386 7.52 -16.98 50.85
CA HIS H 386 7.14 -15.58 50.72
C HIS H 386 5.68 -15.40 50.35
N MET H 387 4.98 -16.50 50.02
CA MET H 387 3.66 -16.43 49.42
C MET H 387 2.59 -15.83 50.33
N PRO H 388 2.49 -16.21 51.63
CA PRO H 388 1.43 -15.60 52.45
C PRO H 388 1.60 -14.09 52.59
N ALA H 389 2.86 -13.63 52.73
CA ALA H 389 3.12 -12.20 52.81
C ALA H 389 2.74 -11.49 51.50
N LEU H 390 3.19 -12.03 50.36
CA LEU H 390 2.86 -11.43 49.07
C LEU H 390 1.35 -11.25 48.93
N THR H 391 0.59 -12.31 49.21
CA THR H 391 -0.86 -12.24 49.12
C THR H 391 -1.45 -11.19 50.05
N GLU H 392 -0.89 -11.05 51.24
CA GLU H 392 -1.36 -9.98 52.11
C GLU H 392 -0.94 -8.60 51.58
N ILE H 393 0.27 -8.50 51.04
CA ILE H 393 0.76 -7.19 50.56
C ILE H 393 0.01 -6.76 49.31
N PHE H 394 -0.16 -7.66 48.34
CA PHE H 394 -0.74 -7.29 47.05
C PHE H 394 -2.22 -7.65 46.92
N GLY H 395 -2.62 -8.82 47.39
CA GLY H 395 -4.00 -9.24 47.21
C GLY H 395 -4.28 -9.97 45.89
N ASP H 396 -5.59 -10.15 45.65
CA ASP H 396 -6.04 -10.90 44.49
C ASP H 396 -5.66 -10.21 43.18
N ASP H 397 -5.65 -8.88 43.16
CA ASP H 397 -5.41 -8.14 41.92
C ASP H 397 -3.92 -7.82 41.77
N SER H 398 -3.18 -8.89 41.49
CA SER H 398 -1.76 -8.78 41.27
C SER H 398 -1.34 -9.97 40.43
N VAL H 399 -0.06 -10.00 40.05
CA VAL H 399 0.56 -11.17 39.47
C VAL H 399 1.81 -11.46 40.29
N LEU H 400 2.07 -12.74 40.56
CA LEU H 400 3.22 -13.17 41.34
C LEU H 400 4.10 -14.03 40.45
N GLN H 401 5.39 -13.73 40.38
CA GLN H 401 6.27 -14.38 39.42
C GLN H 401 7.44 -15.04 40.13
N PHE H 402 7.67 -16.32 39.79
CA PHE H 402 8.66 -17.20 40.44
C PHE H 402 9.55 -17.76 39.36
N GLY H 403 10.59 -17.02 38.99
CA GLY H 403 11.53 -17.55 38.02
C GLY H 403 12.37 -18.65 38.61
N GLY H 404 13.23 -18.29 39.56
CA GLY H 404 14.02 -19.30 40.26
C GLY H 404 13.15 -20.20 41.11
N GLY H 405 12.05 -19.65 41.65
CA GLY H 405 11.14 -20.42 42.48
C GLY H 405 10.50 -21.60 41.78
N THR H 406 10.37 -21.54 40.45
CA THR H 406 9.90 -22.70 39.69
C THR H 406 11.07 -23.48 39.12
N LEU H 407 11.97 -22.81 38.41
CA LEU H 407 13.02 -23.57 37.73
C LEU H 407 14.03 -24.13 38.71
N GLY H 408 14.08 -23.58 39.93
CA GLY H 408 14.96 -24.10 40.96
C GLY H 408 14.44 -25.32 41.69
N HIS H 409 13.15 -25.62 41.59
CA HIS H 409 12.60 -26.74 42.31
C HIS H 409 13.36 -28.02 41.94
N PRO H 410 13.70 -28.85 42.92
CA PRO H 410 14.56 -30.01 42.64
C PRO H 410 13.92 -31.09 41.74
N TRP H 411 12.59 -31.29 41.82
CA TRP H 411 11.96 -32.31 40.99
C TRP H 411 11.73 -31.82 39.56
N GLY H 412 11.52 -30.52 39.37
CA GLY H 412 11.46 -29.95 38.04
C GLY H 412 10.38 -28.88 37.95
N ASN H 413 10.16 -28.44 36.70
CA ASN H 413 9.33 -27.25 36.44
C ASN H 413 7.85 -27.52 36.67
N ALA H 414 7.35 -28.68 36.24
CA ALA H 414 5.96 -29.01 36.57
C ALA H 414 5.74 -29.13 38.07
N PRO H 415 6.57 -29.83 38.84
CA PRO H 415 6.40 -29.82 40.30
C PRO H 415 6.57 -28.46 40.95
N GLY H 416 7.53 -27.66 40.45
CA GLY H 416 7.75 -26.33 41.00
C GLY H 416 6.59 -25.41 40.71
N ALA H 417 5.93 -25.61 39.57
CA ALA H 417 4.66 -24.97 39.31
C ALA H 417 3.64 -25.35 40.37
N VAL H 418 3.46 -26.67 40.57
CA VAL H 418 2.43 -27.13 41.51
C VAL H 418 2.69 -26.59 42.91
N ALA H 419 3.95 -26.50 43.30
CA ALA H 419 4.27 -26.05 44.65
C ALA H 419 3.86 -24.59 44.85
N ASN H 420 4.00 -23.76 43.82
CA ASN H 420 3.61 -22.36 43.90
C ASN H 420 2.12 -22.20 43.72
N ARG H 421 1.51 -23.10 42.96
CA ARG H 421 0.07 -23.04 42.77
C ARG H 421 -0.66 -23.52 44.01
N VAL H 422 -0.20 -24.63 44.59
CA VAL H 422 -0.75 -25.13 45.85
C VAL H 422 -0.60 -24.10 46.96
N ALA H 423 0.57 -23.46 47.07
CA ALA H 423 0.81 -22.54 48.17
C ALA H 423 -0.07 -21.31 48.07
N LEU H 424 -0.21 -20.75 46.87
CA LEU H 424 -1.12 -19.62 46.71
C LEU H 424 -2.55 -20.01 47.01
N GLU H 425 -2.95 -21.23 46.61
CA GLU H 425 -4.34 -21.66 46.85
C GLU H 425 -4.56 -21.99 48.34
N ALA H 426 -3.55 -22.49 49.05
CA ALA H 426 -3.68 -22.62 50.49
C ALA H 426 -3.92 -21.27 51.14
N CYS H 427 -3.09 -20.28 50.79
CA CYS H 427 -3.24 -18.94 51.35
C CYS H 427 -4.59 -18.33 51.04
N VAL H 428 -5.09 -18.50 49.80
CA VAL H 428 -6.38 -17.91 49.44
C VAL H 428 -7.49 -18.50 50.31
N GLN H 429 -7.49 -19.83 50.46
CA GLN H 429 -8.53 -20.48 51.26
C GLN H 429 -8.46 -20.05 52.71
N ALA H 430 -7.26 -20.00 53.29
CA ALA H 430 -7.13 -19.50 54.65
C ALA H 430 -7.61 -18.06 54.77
N ARG H 431 -7.24 -17.22 53.80
CA ARG H 431 -7.71 -15.83 53.81
C ARG H 431 -9.22 -15.77 53.69
N ASN H 432 -9.80 -16.65 52.87
CA ASN H 432 -11.25 -16.71 52.76
C ASN H 432 -11.87 -17.35 54.00
N GLU H 433 -11.13 -18.26 54.65
CA GLU H 433 -11.59 -18.82 55.91
C GLU H 433 -11.59 -17.79 57.03
N GLY H 434 -10.70 -16.80 56.93
CA GLY H 434 -10.58 -15.78 57.96
C GLY H 434 -9.32 -15.87 58.76
N ARG H 435 -8.45 -16.84 58.46
CA ARG H 435 -7.15 -16.94 59.09
C ARG H 435 -6.30 -15.73 58.70
N ASP H 436 -5.28 -15.44 59.50
CA ASP H 436 -4.43 -14.28 59.27
C ASP H 436 -3.11 -14.70 58.63
N LEU H 437 -2.87 -14.22 57.42
CA LEU H 437 -1.72 -14.65 56.61
C LEU H 437 -0.41 -14.09 57.14
N ALA H 438 -0.44 -12.84 57.62
CA ALA H 438 0.76 -12.26 58.23
C ALA H 438 1.20 -13.08 59.44
N ARG H 439 0.25 -13.44 60.32
CA ARG H 439 0.54 -14.18 61.56
C ARG H 439 0.69 -15.69 61.34
N GLU H 440 -0.21 -16.30 60.57
CA GLU H 440 -0.24 -17.75 60.46
C GLU H 440 0.34 -18.26 59.14
N GLY H 441 1.04 -17.41 58.39
CA GLY H 441 1.49 -17.78 57.06
C GLY H 441 2.35 -19.03 57.04
N ASN H 442 3.36 -19.10 57.93
CA ASN H 442 4.22 -20.28 57.95
C ASN H 442 3.40 -21.53 58.25
N THR H 443 2.47 -21.42 59.21
CA THR H 443 1.59 -22.53 59.54
C THR H 443 0.83 -23.00 58.32
N ILE H 444 0.13 -22.08 57.65
CA ILE H 444 -0.63 -22.43 56.45
C ILE H 444 0.25 -23.15 55.44
N ILE H 445 1.50 -22.70 55.29
CA ILE H 445 2.38 -23.33 54.31
C ILE H 445 2.76 -24.72 54.78
N ARG H 446 3.10 -24.86 56.08
CA ARG H 446 3.42 -26.16 56.65
C ARG H 446 2.27 -27.15 56.48
N GLU H 447 1.05 -26.73 56.87
CA GLU H 447 -0.11 -27.59 56.68
C GLU H 447 -0.22 -28.10 55.25
N ALA H 448 0.00 -27.20 54.28
CA ALA H 448 -0.10 -27.61 52.89
C ALA H 448 0.97 -28.64 52.52
N THR H 449 2.13 -28.60 53.19
CA THR H 449 3.22 -29.50 52.83
C THR H 449 2.87 -30.95 53.10
N LYS H 450 1.99 -31.20 54.07
CA LYS H 450 1.77 -32.58 54.48
C LYS H 450 1.08 -33.37 53.36
N TRP H 451 0.06 -32.80 52.75
CA TRP H 451 -0.67 -33.50 51.69
C TRP H 451 -0.11 -33.24 50.29
N SER H 452 0.83 -32.31 50.13
CA SER H 452 1.44 -32.05 48.82
C SER H 452 2.92 -32.41 48.87
N PRO H 453 3.36 -33.43 48.15
CA PRO H 453 4.79 -33.77 48.15
C PRO H 453 5.65 -32.65 47.61
N GLU H 454 5.23 -32.10 46.45
CA GLU H 454 6.04 -31.15 45.69
C GLU H 454 6.19 -29.82 46.41
N LEU H 455 5.17 -29.37 47.16
CA LEU H 455 5.36 -28.20 48.02
C LEU H 455 6.34 -28.50 49.15
N ALA H 456 6.21 -29.67 49.78
CA ALA H 456 7.14 -30.04 50.84
C ALA H 456 8.54 -30.32 50.29
N ALA H 457 8.64 -30.71 49.03
CA ALA H 457 9.97 -30.76 48.43
C ALA H 457 10.54 -29.36 48.27
N ALA H 458 9.70 -28.39 47.91
CA ALA H 458 10.20 -27.07 47.62
C ALA H 458 10.45 -26.28 48.91
N CYS H 459 9.60 -26.47 49.91
CA CYS H 459 9.77 -25.73 51.17
C CYS H 459 11.13 -25.99 51.79
N GLU H 460 11.62 -27.23 51.69
CA GLU H 460 12.86 -27.63 52.35
C GLU H 460 14.05 -26.85 51.82
N VAL H 461 14.19 -26.79 50.49
CA VAL H 461 15.36 -26.20 49.86
C VAL H 461 15.51 -24.72 50.22
N TRP H 462 14.39 -24.02 50.48
CA TRP H 462 14.40 -22.57 50.59
C TRP H 462 13.93 -22.07 51.95
N LYS H 463 13.84 -22.95 52.95
CA LYS H 463 13.34 -22.58 54.27
C LYS H 463 14.06 -21.36 54.83
N GLU H 464 15.38 -21.36 54.77
CA GLU H 464 16.20 -20.36 55.43
C GLU H 464 16.41 -19.09 54.61
N ILE H 465 15.84 -19.01 53.40
CA ILE H 465 16.23 -18.00 52.41
C ILE H 465 15.42 -16.72 52.63
N LYS H 466 16.13 -15.58 52.71
CA LYS H 466 15.52 -14.29 52.97
C LYS H 466 16.44 -13.18 52.47
N PHE H 467 15.85 -12.01 52.20
CA PHE H 467 16.58 -10.81 51.77
C PHE H 467 16.03 -9.63 52.58
N GLU H 468 16.50 -9.49 53.80
CA GLU H 468 16.36 -8.22 54.49
C GLU H 468 17.62 -7.42 54.24
N PHE H 469 17.48 -6.09 54.24
CA PHE H 469 18.58 -5.17 54.01
C PHE H 469 18.08 -3.76 54.33
N PRO H 470 18.97 -2.87 54.72
CA PRO H 470 18.57 -1.46 54.89
C PRO H 470 18.15 -0.87 53.55
N ALA H 471 17.03 -0.16 53.55
CA ALA H 471 16.56 0.49 52.33
C ALA H 471 17.25 1.83 52.13
N MET H 472 17.48 2.18 50.86
CA MET H 472 18.16 3.41 50.47
C MET H 472 17.21 4.59 50.27
N ASP H 473 15.91 4.35 50.29
CA ASP H 473 14.91 5.38 50.01
C ASP H 473 13.71 5.03 50.87
N THR H 474 13.37 5.89 51.82
CA THR H 474 12.34 5.61 52.79
C THR H 474 11.44 6.83 52.92
N VAL H 475 10.17 6.58 53.25
CA VAL H 475 9.19 7.65 53.40
C VAL H 475 9.66 8.69 54.43
N MET I 1 -20.51 52.54 -17.26
CA MET I 1 -19.83 51.75 -16.24
C MET I 1 -18.39 52.18 -16.13
N GLN I 2 -17.72 51.72 -15.08
CA GLN I 2 -16.28 51.94 -14.93
C GLN I 2 -15.59 50.58 -14.80
N VAL I 3 -14.45 50.43 -15.46
CA VAL I 3 -13.67 49.21 -15.41
C VAL I 3 -12.53 49.42 -14.43
N TRP I 4 -12.39 48.48 -13.48
CA TRP I 4 -11.31 48.54 -12.49
C TRP I 4 -9.97 48.26 -13.15
N PRO I 5 -9.00 49.17 -13.02
CA PRO I 5 -7.66 48.97 -13.61
C PRO I 5 -7.01 47.64 -13.24
N ILE I 6 -6.00 47.24 -14.03
CA ILE I 6 -5.35 45.95 -13.85
C ILE I 6 -3.84 46.05 -13.64
N LEU I 7 -3.23 47.19 -13.92
CA LEU I 7 -1.79 47.34 -13.86
C LEU I 7 -1.43 48.36 -12.79
N ASN I 8 -0.35 48.08 -12.06
CA ASN I 8 0.11 48.96 -11.02
C ASN I 8 -0.98 49.20 -9.99
N LEU I 9 -1.86 48.22 -9.81
CA LEU I 9 -2.88 48.26 -8.77
C LEU I 9 -2.60 47.23 -7.68
N LYS I 10 -1.32 47.01 -7.38
CA LYS I 10 -0.98 46.21 -6.20
C LYS I 10 -1.46 46.96 -4.96
N LYS I 11 -1.91 46.22 -3.97
CA LYS I 11 -2.44 46.85 -2.77
C LYS I 11 -1.67 46.32 -1.57
N TYR I 12 -1.93 46.94 -0.43
CA TYR I 12 -1.07 46.77 0.74
C TYR I 12 -1.90 46.45 1.96
N GLU I 13 -3.03 45.75 1.75
CA GLU I 13 -3.92 45.27 2.81
C GLU I 13 -4.76 46.38 3.43
N THR I 14 -4.91 46.38 4.75
CA THR I 14 -5.90 47.23 5.40
C THR I 14 -5.58 48.72 5.23
N LEU I 15 -6.60 49.49 4.82
CA LEU I 15 -6.60 50.93 4.53
C LEU I 15 -6.11 51.22 3.10
N SER I 16 -5.55 50.24 2.37
CA SER I 16 -4.97 50.54 1.07
C SER I 16 -6.02 50.86 0.00
N TYR I 17 -7.28 50.43 0.18
CA TYR I 17 -8.33 50.86 -0.74
C TYR I 17 -8.89 52.23 -0.39
N LEU I 18 -8.58 52.72 0.80
CA LEU I 18 -8.95 54.05 1.18
C LEU I 18 -8.07 55.06 0.46
N PRO I 19 -8.42 56.33 0.49
CA PRO I 19 -7.50 57.35 -0.03
C PRO I 19 -6.25 57.38 0.76
N PRO I 20 -5.13 57.82 0.18
CA PRO I 20 -3.84 57.76 0.86
C PRO I 20 -3.88 58.55 2.16
N LEU I 21 -3.28 57.98 3.20
CA LEU I 21 -3.45 58.53 4.54
C LEU I 21 -2.73 59.87 4.69
N THR I 22 -3.41 60.86 5.26
CA THR I 22 -2.77 62.09 5.69
C THR I 22 -1.98 61.82 6.96
N THR I 23 -1.15 62.79 7.33
CA THR I 23 -0.37 62.66 8.56
C THR I 23 -1.27 62.57 9.78
N ASP I 24 -2.36 63.35 9.80
CA ASP I 24 -3.31 63.30 10.91
C ASP I 24 -4.00 61.94 10.98
N GLN I 25 -4.35 61.38 9.82
CA GLN I 25 -5.03 60.10 9.76
C GLN I 25 -4.12 58.97 10.23
N LEU I 26 -2.83 59.08 9.91
CA LEU I 26 -1.90 58.06 10.39
C LEU I 26 -1.72 58.15 11.90
N ALA I 27 -1.72 59.37 12.43
CA ALA I 27 -1.62 59.52 13.87
C ALA I 27 -2.83 58.93 14.57
N ARG I 28 -4.01 59.09 13.98
CA ARG I 28 -5.22 58.54 14.60
C ARG I 28 -5.21 57.02 14.59
N GLN I 29 -4.54 56.41 13.61
CA GLN I 29 -4.37 54.96 13.62
C GLN I 29 -3.41 54.53 14.73
N VAL I 30 -2.29 55.25 14.90
CA VAL I 30 -1.36 54.93 15.98
C VAL I 30 -2.02 55.11 17.35
N ASP I 31 -2.94 56.08 17.48
CA ASP I 31 -3.62 56.27 18.76
C ASP I 31 -4.57 55.13 19.07
N TYR I 32 -5.31 54.68 18.05
CA TYR I 32 -6.14 53.49 18.20
C TYR I 32 -5.31 52.31 18.71
N LEU I 33 -4.14 52.11 18.11
CA LEU I 33 -3.27 51.02 18.55
C LEU I 33 -2.91 51.15 20.03
N LEU I 34 -2.42 52.32 20.42
CA LEU I 34 -1.96 52.49 21.79
C LEU I 34 -3.10 52.38 22.81
N ASN I 35 -4.30 52.87 22.46
CA ASN I 35 -5.45 52.82 23.37
C ASN I 35 -5.91 51.40 23.61
N ASN I 36 -5.72 50.51 22.65
CA ASN I 36 -6.03 49.12 22.89
C ASN I 36 -4.97 48.41 23.70
N LYS I 37 -3.91 49.12 24.10
CA LYS I 37 -2.76 48.61 24.83
C LYS I 37 -1.95 47.59 24.02
N TRP I 38 -2.10 47.57 22.70
CA TRP I 38 -1.23 46.77 21.85
C TRP I 38 0.15 47.44 21.71
N VAL I 39 1.11 46.72 21.17
CA VAL I 39 2.50 47.16 21.13
C VAL I 39 2.87 47.48 19.68
N PRO I 40 3.40 48.68 19.40
CA PRO I 40 3.75 49.04 18.01
C PRO I 40 5.05 48.41 17.55
N CYS I 41 5.10 48.09 16.25
CA CYS I 41 6.37 47.71 15.67
C CYS I 41 6.41 48.20 14.23
N LEU I 42 7.61 48.36 13.71
CA LEU I 42 7.81 48.85 12.36
C LEU I 42 8.59 47.80 11.58
N GLU I 43 8.10 47.46 10.38
CA GLU I 43 8.66 46.40 9.55
C GLU I 43 8.88 46.94 8.15
N PHE I 44 10.04 46.63 7.57
CA PHE I 44 10.41 47.17 6.26
C PHE I 44 10.87 46.06 5.33
N GLU I 45 10.67 46.26 4.02
CA GLU I 45 11.12 45.33 2.99
C GLU I 45 11.47 46.13 1.74
N THR I 46 12.58 45.77 1.09
CA THR I 46 13.01 46.36 -0.17
C THR I 46 12.85 45.42 -1.35
N ASP I 47 13.22 44.15 -1.17
CA ASP I 47 13.39 43.23 -2.30
C ASP I 47 12.08 42.59 -2.75
N HIS I 48 11.25 42.10 -1.82
CA HIS I 48 10.03 41.37 -2.21
C HIS I 48 8.81 41.96 -1.50
N GLY I 49 8.30 43.07 -2.03
CA GLY I 49 7.23 43.79 -1.37
C GLY I 49 5.92 43.05 -1.40
N PHE I 50 5.75 42.14 -2.34
CA PHE I 50 4.53 41.36 -2.44
C PHE I 50 4.86 39.88 -2.32
N VAL I 51 3.85 39.12 -1.86
CA VAL I 51 4.00 37.70 -1.61
C VAL I 51 4.27 36.93 -2.91
N TYR I 52 5.10 35.90 -2.81
CA TYR I 52 5.43 35.06 -3.94
C TYR I 52 5.53 33.62 -3.44
N ARG I 53 5.83 32.71 -4.34
CA ARG I 53 6.10 31.32 -3.98
C ARG I 53 7.38 30.93 -4.70
N GLU I 54 8.47 30.74 -3.94
CA GLU I 54 9.71 30.25 -4.52
C GLU I 54 10.09 28.87 -4.04
N HIS I 55 10.05 28.62 -2.72
CA HIS I 55 10.55 27.38 -2.12
C HIS I 55 9.50 26.30 -1.86
N HIS I 56 8.22 26.65 -1.79
CA HIS I 56 7.23 25.59 -1.58
C HIS I 56 5.90 26.00 -2.16
N ASN I 57 5.14 25.02 -2.62
CA ASN I 57 3.80 25.31 -3.12
C ASN I 57 2.71 24.69 -2.25
N SER I 58 3.07 24.14 -1.10
CA SER I 58 2.10 23.43 -0.26
C SER I 58 1.09 24.41 0.33
N PRO I 59 -0.09 23.92 0.70
CA PRO I 59 -1.09 24.81 1.30
C PRO I 59 -0.51 25.55 2.49
N GLY I 60 -0.83 26.85 2.59
CA GLY I 60 -0.42 27.71 3.67
C GLY I 60 1.03 28.14 3.65
N TYR I 61 1.78 27.76 2.64
CA TYR I 61 3.14 28.28 2.46
C TYR I 61 3.11 29.38 1.41
N TYR I 62 3.56 30.57 1.79
CA TYR I 62 3.90 31.63 0.85
C TYR I 62 5.22 32.22 1.30
N ASP I 63 5.96 32.79 0.36
CA ASP I 63 7.16 33.57 0.66
C ASP I 63 6.82 35.06 0.69
N GLY I 64 7.62 35.82 1.41
CA GLY I 64 7.37 37.24 1.50
C GLY I 64 6.28 37.65 2.46
N ARG I 65 5.84 36.77 3.36
CA ARG I 65 4.97 37.24 4.43
C ARG I 65 5.79 37.97 5.48
N TYR I 66 6.99 37.46 5.75
CA TYR I 66 7.88 38.09 6.71
C TYR I 66 8.61 39.26 6.07
N TRP I 67 8.68 40.37 6.80
CA TRP I 67 9.55 41.49 6.48
C TRP I 67 10.60 41.60 7.59
N THR I 68 11.53 42.53 7.42
CA THR I 68 12.57 42.74 8.42
C THR I 68 12.16 43.78 9.46
N MET I 69 12.44 43.44 10.72
CA MET I 69 12.09 44.30 11.83
C MET I 69 12.92 45.57 11.83
N TRP I 70 12.26 46.71 12.02
CA TRP I 70 12.95 47.92 12.42
C TRP I 70 13.10 47.89 13.94
N LYS I 71 14.35 47.80 14.41
CA LYS I 71 14.70 47.87 15.84
C LYS I 71 14.00 46.72 16.57
N LEU I 72 13.24 46.98 17.62
CA LEU I 72 12.53 45.98 18.39
C LEU I 72 11.12 46.50 18.59
N PRO I 73 10.16 45.64 18.90
CA PRO I 73 8.85 46.14 19.28
C PRO I 73 8.97 47.12 20.44
N MET I 74 8.11 48.13 20.44
CA MET I 74 8.22 49.20 21.41
C MET I 74 7.40 48.90 22.66
N PHE I 75 7.80 47.84 23.39
CA PHE I 75 7.12 47.47 24.62
C PHE I 75 7.16 48.61 25.64
N GLY I 76 6.03 48.84 26.30
CA GLY I 76 5.94 49.94 27.24
C GLY I 76 5.74 51.29 26.59
N CYS I 77 5.50 51.35 25.29
CA CYS I 77 5.30 52.63 24.63
C CYS I 77 3.94 53.20 25.03
N THR I 78 3.95 54.45 25.44
CA THR I 78 2.72 55.16 25.71
C THR I 78 2.49 56.35 24.78
N ASP I 79 3.48 56.77 24.00
CA ASP I 79 3.40 58.03 23.26
C ASP I 79 3.39 57.79 21.77
N PRO I 80 2.43 58.30 21.07
CA PRO I 80 2.43 58.09 19.57
C PRO I 80 3.58 58.76 18.87
N ALA I 81 4.11 59.85 19.45
CA ALA I 81 5.24 60.52 18.81
C ALA I 81 6.46 59.61 18.73
N GLN I 82 6.63 58.70 19.69
CA GLN I 82 7.75 57.78 19.63
C GLN I 82 7.65 56.86 18.42
N VAL I 83 6.46 56.29 18.19
CA VAL I 83 6.19 55.50 16.98
C VAL I 83 6.48 56.35 15.74
N LEU I 84 5.95 57.58 15.73
CA LEU I 84 6.11 58.46 14.59
C LEU I 84 7.55 58.78 14.30
N ASN I 85 8.32 59.06 15.36
CA ASN I 85 9.73 59.38 15.15
C ASN I 85 10.47 58.20 14.55
N GLU I 86 10.11 57.00 15.00
CA GLU I 86 10.76 55.79 14.48
C GLU I 86 10.45 55.59 13.00
N LEU I 87 9.23 55.92 12.58
CA LEU I 87 8.89 55.78 11.16
C LEU I 87 9.74 56.71 10.33
N GLU I 88 10.07 57.90 10.88
CA GLU I 88 10.91 58.87 10.18
C GLU I 88 12.37 58.44 10.11
N GLU I 89 12.86 57.76 11.15
CA GLU I 89 14.22 57.22 11.14
C GLU I 89 14.33 56.07 10.16
N CYS I 90 13.33 55.20 10.15
CA CYS I 90 13.31 54.12 9.17
C CYS I 90 13.32 54.68 7.76
N LYS I 91 12.43 55.65 7.48
CA LYS I 91 12.32 56.28 6.17
C LYS I 91 13.65 56.83 5.68
N LYS I 92 14.42 57.45 6.59
CA LYS I 92 15.67 58.07 6.17
C LYS I 92 16.73 57.04 5.80
N GLU I 93 16.83 55.95 6.59
CA GLU I 93 17.80 54.91 6.33
C GLU I 93 17.39 53.97 5.20
N TYR I 94 16.09 53.87 4.91
CA TYR I 94 15.57 52.91 3.93
C TYR I 94 14.55 53.60 3.02
N PRO I 95 14.98 54.56 2.20
CA PRO I 95 14.02 55.29 1.38
C PRO I 95 13.43 54.49 0.23
N ASN I 96 14.09 53.41 -0.20
CA ASN I 96 13.61 52.53 -1.26
C ASN I 96 12.84 51.31 -0.73
N ALA I 97 12.51 51.29 0.56
CA ALA I 97 11.83 50.16 1.17
C ALA I 97 10.36 50.50 1.42
N PHE I 98 9.51 49.47 1.40
CA PHE I 98 8.18 49.64 1.97
C PHE I 98 8.29 49.51 3.49
N ILE I 99 7.49 50.28 4.22
CA ILE I 99 7.51 50.22 5.68
C ILE I 99 6.08 50.15 6.19
N ARG I 100 5.83 49.24 7.13
CA ARG I 100 4.49 49.09 7.67
C ARG I 100 4.54 49.13 9.19
N ILE I 101 3.42 49.55 9.77
CA ILE I 101 3.26 49.69 11.21
C ILE I 101 2.31 48.60 11.67
N ILE I 102 2.74 47.81 12.65
CA ILE I 102 1.98 46.66 13.10
C ILE I 102 1.77 46.77 14.61
N GLY I 103 0.78 46.04 15.11
CA GLY I 103 0.45 46.11 16.52
C GLY I 103 0.17 44.77 17.17
N PHE I 104 0.89 44.48 18.25
CA PHE I 104 0.86 43.17 18.88
C PHE I 104 -0.05 43.17 20.09
N ASP I 105 -0.89 42.14 20.20
CA ASP I 105 -1.70 41.89 21.37
C ASP I 105 -1.15 40.64 22.06
N SER I 106 -0.76 40.78 23.33
CA SER I 106 -0.09 39.67 24.02
C SER I 106 -1.06 38.54 24.32
N ASN I 107 -2.30 38.86 24.72
CA ASN I 107 -3.21 37.83 25.20
C ASN I 107 -3.62 36.85 24.11
N ARG I 108 -3.74 37.33 22.87
CA ARG I 108 -4.05 36.48 21.73
C ARG I 108 -2.84 36.14 20.89
N GLU I 109 -1.69 36.78 21.15
CA GLU I 109 -0.48 36.65 20.33
C GLU I 109 -0.84 36.68 18.85
N VAL I 110 -1.47 37.78 18.44
CA VAL I 110 -1.77 38.03 17.04
C VAL I 110 -1.60 39.53 16.79
N GLN I 111 -1.03 39.87 15.63
CA GLN I 111 -1.06 41.24 15.19
C GLN I 111 -2.50 41.66 15.06
N CYS I 112 -2.84 42.80 15.65
CA CYS I 112 -4.20 43.29 15.59
C CYS I 112 -4.33 44.49 14.69
N ILE I 113 -3.22 44.98 14.17
CA ILE I 113 -3.24 46.09 13.24
C ILE I 113 -2.03 45.94 12.34
N SER I 114 -2.21 46.22 11.06
CA SER I 114 -1.13 46.25 10.09
C SER I 114 -1.55 47.17 8.96
N PHE I 115 -0.72 48.16 8.66
CA PHE I 115 -1.03 49.05 7.55
C PHE I 115 0.27 49.61 7.02
N ILE I 116 0.26 50.04 5.76
CA ILE I 116 1.48 50.48 5.12
C ILE I 116 1.70 51.97 5.43
N ALA I 117 2.86 52.28 6.01
CA ALA I 117 3.12 53.64 6.49
C ALA I 117 3.86 54.49 5.47
N TYR I 118 4.63 53.86 4.61
CA TYR I 118 5.49 54.54 3.65
C TYR I 118 5.65 53.63 2.45
N LYS I 119 5.61 54.22 1.27
CA LYS I 119 5.81 53.44 0.06
C LYS I 119 6.94 54.06 -0.74
N PRO I 120 7.84 53.25 -1.31
CA PRO I 120 8.92 53.79 -2.14
C PRO I 120 8.34 54.43 -3.39
N ALA I 121 9.20 55.20 -4.08
CA ALA I 121 8.78 55.91 -5.28
C ALA I 121 8.33 54.96 -6.37
N GLY I 122 7.24 55.31 -7.04
CA GLY I 122 6.67 54.46 -8.08
C GLY I 122 5.73 53.40 -7.60
N TYR I 123 5.31 53.45 -6.34
CA TYR I 123 4.37 52.47 -5.80
C TYR I 123 3.19 53.14 -5.12
N MET J 1 -38.96 -19.21 39.37
CA MET J 1 -38.09 -19.10 38.21
C MET J 1 -37.73 -20.50 37.72
N GLN J 2 -37.83 -20.71 36.41
CA GLN J 2 -37.52 -21.99 35.78
C GLN J 2 -36.35 -21.80 34.83
N VAL J 3 -35.41 -22.73 34.85
CA VAL J 3 -34.23 -22.69 34.00
C VAL J 3 -34.54 -23.40 32.69
N TRP J 4 -34.31 -22.70 31.58
CA TRP J 4 -34.51 -23.30 30.28
C TRP J 4 -33.46 -24.40 30.07
N PRO J 5 -33.84 -25.51 29.47
CA PRO J 5 -32.89 -26.61 29.33
C PRO J 5 -31.73 -26.26 28.38
N ILE J 6 -30.56 -26.83 28.67
CA ILE J 6 -29.42 -26.63 27.79
C ILE J 6 -29.44 -27.62 26.64
N LEU J 7 -29.60 -28.89 26.96
CA LEU J 7 -29.28 -29.97 26.04
C LEU J 7 -30.52 -30.45 25.30
N ASN J 8 -30.30 -30.98 24.09
CA ASN J 8 -31.38 -31.50 23.24
C ASN J 8 -32.50 -30.48 23.11
N LEU J 9 -32.14 -29.20 23.07
CA LEU J 9 -33.11 -28.14 22.87
C LEU J 9 -32.87 -27.46 21.53
N LYS J 10 -32.46 -28.24 20.54
CA LYS J 10 -32.37 -27.71 19.19
C LYS J 10 -33.76 -27.32 18.70
N LYS J 11 -33.82 -26.32 17.83
CA LYS J 11 -35.09 -25.77 17.40
C LYS J 11 -35.13 -25.65 15.88
N TYR J 12 -36.32 -25.36 15.37
CA TYR J 12 -36.70 -25.59 13.98
C TYR J 12 -37.36 -24.35 13.35
N GLU J 13 -36.96 -23.16 13.81
CA GLU J 13 -37.49 -21.88 13.33
C GLU J 13 -38.97 -21.70 13.63
N THR J 14 -39.77 -21.24 12.67
CA THR J 14 -41.13 -20.77 12.98
C THR J 14 -42.05 -21.93 13.37
N LEU J 15 -42.76 -21.74 14.50
CA LEU J 15 -43.72 -22.65 15.15
C LEU J 15 -43.00 -23.71 15.99
N SER J 16 -41.66 -23.69 16.07
CA SER J 16 -40.93 -24.73 16.80
C SER J 16 -41.06 -24.56 18.31
N TYR J 17 -41.10 -23.32 18.78
CA TYR J 17 -41.32 -23.09 20.20
C TYR J 17 -42.77 -23.42 20.60
N LEU J 18 -43.69 -23.35 19.65
CA LEU J 18 -45.07 -23.72 19.88
C LEU J 18 -45.18 -25.22 20.16
N PRO J 19 -46.23 -25.64 20.86
CA PRO J 19 -46.41 -27.07 21.14
C PRO J 19 -46.64 -27.86 19.85
N PRO J 20 -46.35 -29.16 19.84
CA PRO J 20 -46.25 -29.89 18.57
C PRO J 20 -47.57 -29.93 17.80
N LEU J 21 -47.46 -29.87 16.47
CA LEU J 21 -48.62 -29.61 15.62
C LEU J 21 -49.48 -30.85 15.43
N THR J 22 -50.79 -30.69 15.65
CA THR J 22 -51.77 -31.67 15.23
C THR J 22 -51.86 -31.69 13.71
N THR J 23 -52.21 -32.86 13.17
CA THR J 23 -52.45 -32.97 11.73
C THR J 23 -53.44 -31.91 11.26
N ASP J 24 -54.38 -31.53 12.13
CA ASP J 24 -55.30 -30.45 11.78
C ASP J 24 -54.57 -29.11 11.70
N GLN J 25 -53.63 -28.90 12.63
CA GLN J 25 -52.86 -27.65 12.64
C GLN J 25 -51.95 -27.55 11.42
N LEU J 26 -51.29 -28.65 11.06
CA LEU J 26 -50.48 -28.65 9.85
C LEU J 26 -51.32 -28.33 8.63
N ALA J 27 -52.52 -28.93 8.54
CA ALA J 27 -53.38 -28.69 7.39
C ALA J 27 -53.80 -27.23 7.30
N ARG J 28 -54.08 -26.60 8.44
CA ARG J 28 -54.43 -25.18 8.47
C ARG J 28 -53.28 -24.32 8.01
N GLN J 29 -52.04 -24.74 8.31
CA GLN J 29 -50.90 -24.00 7.81
C GLN J 29 -50.84 -24.08 6.28
N VAL J 30 -50.92 -25.28 5.71
CA VAL J 30 -50.84 -25.39 4.25
C VAL J 30 -52.06 -24.75 3.61
N ASP J 31 -53.18 -24.66 4.33
CA ASP J 31 -54.32 -23.91 3.82
C ASP J 31 -54.00 -22.42 3.78
N TYR J 32 -53.24 -21.93 4.77
CA TYR J 32 -52.76 -20.56 4.74
C TYR J 32 -51.76 -20.33 3.61
N LEU J 33 -50.92 -21.33 3.35
CA LEU J 33 -50.01 -21.25 2.21
C LEU J 33 -50.78 -21.09 0.90
N LEU J 34 -51.74 -21.98 0.66
CA LEU J 34 -52.42 -22.03 -0.63
C LEU J 34 -53.34 -20.81 -0.82
N ASN J 35 -54.03 -20.36 0.23
CA ASN J 35 -54.93 -19.23 0.11
C ASN J 35 -54.20 -17.93 -0.16
N ASN J 36 -52.91 -17.87 0.18
CA ASN J 36 -52.13 -16.71 -0.20
C ASN J 36 -51.61 -16.82 -1.62
N LYS J 37 -51.83 -17.95 -2.28
CA LYS J 37 -51.42 -18.22 -3.64
C LYS J 37 -49.91 -18.45 -3.73
N TRP J 38 -49.25 -18.76 -2.63
CA TRP J 38 -47.85 -19.17 -2.70
C TRP J 38 -47.77 -20.62 -3.15
N VAL J 39 -46.62 -21.02 -3.67
CA VAL J 39 -46.44 -22.34 -4.29
C VAL J 39 -45.76 -23.26 -3.30
N PRO J 40 -46.40 -24.35 -2.87
CA PRO J 40 -45.80 -25.24 -1.87
C PRO J 40 -44.66 -26.10 -2.41
N CYS J 41 -43.66 -26.36 -1.54
CA CYS J 41 -42.56 -27.26 -1.85
C CYS J 41 -42.03 -27.85 -0.56
N LEU J 42 -41.40 -29.01 -0.68
CA LEU J 42 -41.04 -29.87 0.44
C LEU J 42 -39.57 -30.20 0.40
N GLU J 43 -38.91 -30.13 1.56
CA GLU J 43 -37.46 -30.23 1.64
C GLU J 43 -37.09 -31.22 2.73
N PHE J 44 -36.07 -32.03 2.45
CA PHE J 44 -35.63 -33.08 3.36
C PHE J 44 -34.12 -33.00 3.52
N GLU J 45 -33.63 -33.37 4.70
CA GLU J 45 -32.21 -33.47 5.00
C GLU J 45 -32.02 -34.54 6.05
N THR J 46 -31.04 -35.41 5.88
CA THR J 46 -30.72 -36.40 6.90
C THR J 46 -29.46 -36.06 7.66
N ASP J 47 -28.38 -35.78 6.94
CA ASP J 47 -27.05 -35.70 7.55
C ASP J 47 -26.84 -34.45 8.40
N HIS J 48 -27.35 -33.29 7.96
CA HIS J 48 -27.01 -32.03 8.64
C HIS J 48 -28.26 -31.20 8.91
N GLY J 49 -29.05 -31.62 9.90
CA GLY J 49 -30.31 -30.98 10.22
C GLY J 49 -30.17 -29.59 10.78
N PHE J 50 -29.02 -29.25 11.35
CA PHE J 50 -28.81 -27.92 11.89
C PHE J 50 -27.63 -27.26 11.17
N VAL J 51 -27.67 -25.93 11.14
CA VAL J 51 -26.63 -25.15 10.46
C VAL J 51 -25.26 -25.39 11.09
N TYR J 52 -24.23 -25.36 10.24
CA TYR J 52 -22.83 -25.48 10.65
C TYR J 52 -22.00 -24.61 9.70
N ARG J 53 -20.73 -24.43 10.03
CA ARG J 53 -19.79 -23.76 9.14
C ARG J 53 -18.60 -24.68 8.95
N GLU J 54 -18.46 -25.19 7.73
CA GLU J 54 -17.34 -26.02 7.36
C GLU J 54 -16.40 -25.32 6.41
N HIS J 55 -16.92 -24.76 5.31
CA HIS J 55 -16.08 -24.32 4.20
C HIS J 55 -15.71 -22.85 4.23
N HIS J 56 -16.48 -21.98 4.90
CA HIS J 56 -16.07 -20.59 4.96
C HIS J 56 -16.51 -19.99 6.28
N ASN J 57 -15.86 -18.91 6.66
CA ASN J 57 -16.23 -18.13 7.85
C ASN J 57 -16.63 -16.71 7.49
N SER J 58 -16.69 -16.40 6.20
CA SER J 58 -17.08 -15.07 5.73
C SER J 58 -18.44 -14.65 6.29
N PRO J 59 -18.66 -13.36 6.49
CA PRO J 59 -19.98 -12.89 6.92
C PRO J 59 -21.09 -13.35 5.99
N GLY J 60 -22.22 -13.74 6.59
CA GLY J 60 -23.38 -14.19 5.86
C GLY J 60 -23.26 -15.56 5.24
N TYR J 61 -22.16 -16.26 5.46
CA TYR J 61 -21.98 -17.61 4.94
C TYR J 61 -22.21 -18.63 6.05
N TYR J 62 -23.02 -19.65 5.74
CA TYR J 62 -23.22 -20.80 6.61
C TYR J 62 -23.49 -22.02 5.73
N ASP J 63 -23.21 -23.21 6.26
CA ASP J 63 -23.60 -24.48 5.65
C ASP J 63 -24.88 -25.01 6.29
N GLY J 64 -25.52 -25.94 5.58
CA GLY J 64 -26.76 -26.47 6.08
C GLY J 64 -27.95 -25.54 5.92
N ARG J 65 -27.81 -24.40 5.25
CA ARG J 65 -29.02 -23.67 4.90
C ARG J 65 -29.74 -24.36 3.76
N TYR J 66 -28.99 -25.08 2.92
CA TYR J 66 -29.55 -25.78 1.77
C TYR J 66 -29.93 -27.20 2.16
N TRP J 67 -31.20 -27.54 1.99
CA TRP J 67 -31.68 -28.90 2.15
C TRP J 67 -32.03 -29.43 0.77
N THR J 68 -32.27 -30.75 0.69
CA THR J 68 -32.60 -31.36 -0.59
C THR J 68 -34.08 -31.20 -0.90
N MET J 69 -34.39 -31.07 -2.19
CA MET J 69 -35.76 -30.83 -2.61
C MET J 69 -36.46 -32.14 -2.97
N TRP J 70 -37.65 -32.35 -2.42
CA TRP J 70 -38.48 -33.51 -2.74
C TRP J 70 -39.27 -33.19 -3.98
N LYS J 71 -38.98 -33.90 -5.08
CA LYS J 71 -39.65 -33.70 -6.37
C LYS J 71 -39.54 -32.21 -6.73
N LEU J 72 -40.60 -31.58 -7.22
CA LEU J 72 -40.53 -30.21 -7.68
C LEU J 72 -41.62 -29.40 -7.01
N PRO J 73 -41.42 -28.09 -6.82
CA PRO J 73 -42.49 -27.26 -6.23
C PRO J 73 -43.78 -27.49 -7.00
N MET J 74 -44.86 -27.73 -6.26
CA MET J 74 -46.13 -28.12 -6.90
C MET J 74 -46.80 -26.89 -7.49
N PHE J 75 -46.30 -26.45 -8.64
CA PHE J 75 -46.92 -25.37 -9.38
C PHE J 75 -48.31 -25.79 -9.85
N GLY J 76 -49.25 -24.85 -9.82
CA GLY J 76 -50.62 -25.15 -10.20
C GLY J 76 -51.38 -25.99 -9.19
N CYS J 77 -50.92 -26.04 -7.94
CA CYS J 77 -51.60 -26.82 -6.92
C CYS J 77 -52.60 -25.93 -6.19
N THR J 78 -53.86 -26.32 -6.21
CA THR J 78 -54.88 -25.69 -5.38
C THR J 78 -55.32 -26.60 -4.24
N ASP J 79 -54.77 -27.80 -4.15
CA ASP J 79 -55.30 -28.81 -3.24
C ASP J 79 -54.35 -29.06 -2.08
N PRO J 80 -54.72 -28.66 -0.86
CA PRO J 80 -53.90 -29.00 0.31
C PRO J 80 -53.66 -30.49 0.44
N ALA J 81 -54.65 -31.31 0.06
CA ALA J 81 -54.50 -32.75 0.14
C ALA J 81 -53.29 -33.23 -0.65
N GLN J 82 -53.11 -32.69 -1.86
CA GLN J 82 -51.96 -33.09 -2.67
C GLN J 82 -50.65 -32.79 -1.94
N VAL J 83 -50.57 -31.63 -1.29
CA VAL J 83 -49.41 -31.31 -0.46
C VAL J 83 -49.25 -32.33 0.64
N LEU J 84 -50.37 -32.76 1.25
CA LEU J 84 -50.31 -33.60 2.44
C LEU J 84 -49.89 -35.01 2.11
N ASN J 85 -50.40 -35.55 1.00
CA ASN J 85 -49.95 -36.86 0.51
C ASN J 85 -48.47 -36.80 0.12
N GLU J 86 -48.01 -35.66 -0.40
CA GLU J 86 -46.62 -35.53 -0.79
C GLU J 86 -45.69 -35.59 0.41
N LEU J 87 -46.12 -35.02 1.53
CA LEU J 87 -45.36 -35.16 2.77
C LEU J 87 -45.26 -36.62 3.19
N GLU J 88 -46.37 -37.37 3.05
CA GLU J 88 -46.38 -38.78 3.44
C GLU J 88 -45.45 -39.61 2.58
N GLU J 89 -45.40 -39.32 1.28
CA GLU J 89 -44.51 -40.06 0.40
C GLU J 89 -43.06 -39.82 0.76
N CYS J 90 -42.72 -38.57 1.06
CA CYS J 90 -41.37 -38.26 1.49
C CYS J 90 -41.00 -39.03 2.76
N LYS J 91 -41.91 -39.06 3.75
CA LYS J 91 -41.60 -39.72 5.02
C LYS J 91 -41.30 -41.19 4.80
N LYS J 92 -42.11 -41.88 4.00
CA LYS J 92 -41.93 -43.31 3.81
C LYS J 92 -40.55 -43.61 3.22
N GLU J 93 -40.10 -42.78 2.28
CA GLU J 93 -38.79 -42.94 1.65
C GLU J 93 -37.67 -42.44 2.54
N TYR J 94 -37.92 -41.40 3.32
CA TYR J 94 -36.90 -40.79 4.18
C TYR J 94 -37.44 -40.73 5.61
N PRO J 95 -37.51 -41.88 6.29
CA PRO J 95 -37.95 -41.83 7.70
C PRO J 95 -36.93 -41.23 8.63
N ASN J 96 -35.63 -41.32 8.31
CA ASN J 96 -34.57 -40.80 9.17
C ASN J 96 -34.20 -39.37 8.84
N ALA J 97 -34.91 -38.73 7.93
CA ALA J 97 -34.60 -37.37 7.49
C ALA J 97 -35.54 -36.38 8.15
N PHE J 98 -35.01 -35.20 8.47
CA PHE J 98 -35.89 -34.07 8.75
C PHE J 98 -36.58 -33.65 7.45
N ILE J 99 -37.79 -33.13 7.59
CA ILE J 99 -38.61 -32.74 6.43
C ILE J 99 -39.35 -31.46 6.77
N ARG J 100 -39.36 -30.51 5.83
CA ARG J 100 -40.00 -29.23 6.04
C ARG J 100 -40.83 -28.83 4.81
N ILE J 101 -41.90 -28.08 5.06
CA ILE J 101 -42.78 -27.57 4.01
C ILE J 101 -42.53 -26.07 3.86
N ILE J 102 -42.30 -25.62 2.63
CA ILE J 102 -42.03 -24.21 2.39
C ILE J 102 -42.98 -23.69 1.33
N GLY J 103 -43.02 -22.37 1.19
CA GLY J 103 -43.91 -21.71 0.25
C GLY J 103 -43.21 -20.56 -0.43
N PHE J 104 -43.34 -20.51 -1.75
CA PHE J 104 -42.64 -19.57 -2.61
C PHE J 104 -43.58 -18.45 -3.06
N ASP J 105 -43.09 -17.22 -3.00
CA ASP J 105 -43.77 -16.07 -3.60
C ASP J 105 -43.04 -15.72 -4.89
N SER J 106 -43.75 -15.71 -6.01
CA SER J 106 -43.07 -15.37 -7.25
C SER J 106 -42.86 -13.87 -7.37
N ASN J 107 -43.78 -13.07 -6.84
CA ASN J 107 -43.68 -11.63 -7.00
C ASN J 107 -42.43 -11.07 -6.33
N ARG J 108 -42.08 -11.59 -5.16
CA ARG J 108 -40.89 -11.11 -4.47
C ARG J 108 -39.75 -12.10 -4.54
N GLU J 109 -39.97 -13.27 -5.12
CA GLU J 109 -39.03 -14.40 -5.09
C GLU J 109 -38.37 -14.56 -3.73
N VAL J 110 -39.21 -14.76 -2.72
CA VAL J 110 -38.77 -15.12 -1.38
C VAL J 110 -39.70 -16.21 -0.87
N GLN J 111 -39.13 -17.22 -0.20
CA GLN J 111 -39.99 -18.18 0.48
C GLN J 111 -40.79 -17.45 1.55
N CYS J 112 -42.10 -17.66 1.55
CA CYS J 112 -42.99 -16.96 2.47
C CYS J 112 -43.46 -17.85 3.61
N ILE J 113 -43.06 -19.11 3.61
CA ILE J 113 -43.41 -20.04 4.68
C ILE J 113 -42.28 -21.04 4.79
N SER J 114 -41.85 -21.32 6.01
CA SER J 114 -41.01 -22.48 6.27
C SER J 114 -41.38 -23.02 7.64
N PHE J 115 -41.74 -24.31 7.73
CA PHE J 115 -41.96 -24.92 9.03
C PHE J 115 -41.57 -26.39 8.97
N ILE J 116 -41.00 -26.90 10.06
CA ILE J 116 -40.69 -28.32 10.10
C ILE J 116 -42.00 -29.09 10.15
N ALA J 117 -42.06 -30.21 9.43
CA ALA J 117 -43.26 -31.02 9.34
C ALA J 117 -43.04 -32.46 9.78
N TYR J 118 -41.80 -32.95 9.75
CA TYR J 118 -41.46 -34.27 10.24
C TYR J 118 -40.03 -34.28 10.78
N LYS J 119 -39.81 -34.98 11.88
CA LYS J 119 -38.49 -35.12 12.45
C LYS J 119 -38.15 -36.59 12.65
N PRO J 120 -36.90 -36.99 12.41
CA PRO J 120 -36.45 -38.34 12.73
C PRO J 120 -36.49 -38.60 14.24
N ALA J 121 -36.33 -39.87 14.59
CA ALA J 121 -36.49 -40.29 15.98
C ALA J 121 -35.33 -39.79 16.86
N GLY J 122 -35.68 -39.36 18.06
CA GLY J 122 -34.75 -38.66 18.92
C GLY J 122 -34.86 -37.16 18.87
N TYR J 123 -35.64 -36.60 17.94
CA TYR J 123 -35.63 -35.16 17.70
C TYR J 123 -37.01 -34.55 17.84
N MET K 1 10.48 25.47 -52.06
CA MET K 1 10.22 25.17 -50.66
C MET K 1 10.47 26.41 -49.80
N GLN K 2 9.46 26.85 -49.07
CA GLN K 2 9.60 27.96 -48.15
C GLN K 2 9.59 27.45 -46.70
N VAL K 3 10.33 28.14 -45.84
CA VAL K 3 10.54 27.73 -44.46
C VAL K 3 9.66 28.57 -43.55
N TRP K 4 8.72 27.93 -42.87
CA TRP K 4 7.81 28.64 -41.97
C TRP K 4 8.60 29.30 -40.85
N PRO K 5 8.54 30.63 -40.71
CA PRO K 5 9.34 31.34 -39.70
C PRO K 5 9.11 30.85 -38.28
N ILE K 6 10.15 31.00 -37.45
CA ILE K 6 10.08 30.56 -36.06
C ILE K 6 9.98 31.72 -35.07
N LEU K 7 10.44 32.91 -35.43
CA LEU K 7 10.65 33.98 -34.46
C LEU K 7 9.64 35.11 -34.65
N ASN K 8 9.18 35.67 -33.53
CA ASN K 8 8.09 36.64 -33.54
C ASN K 8 6.94 36.12 -34.38
N LEU K 9 6.63 34.83 -34.21
CA LEU K 9 5.48 34.24 -34.89
C LEU K 9 4.48 33.68 -33.89
N LYS K 10 4.17 34.45 -32.85
CA LYS K 10 3.08 34.05 -31.98
C LYS K 10 1.77 34.17 -32.77
N LYS K 11 0.81 33.31 -32.43
CA LYS K 11 -0.48 33.36 -33.08
C LYS K 11 -1.57 33.46 -32.02
N TYR K 12 -2.79 33.73 -32.47
CA TYR K 12 -3.84 34.24 -31.59
C TYR K 12 -5.17 33.49 -31.75
N GLU K 13 -5.10 32.18 -32.06
CA GLU K 13 -6.25 31.29 -32.24
C GLU K 13 -7.04 31.53 -33.53
N THR K 14 -8.37 31.54 -33.46
CA THR K 14 -9.21 31.51 -34.66
C THR K 14 -9.11 32.80 -35.46
N LEU K 15 -8.79 32.67 -36.77
CA LEU K 15 -8.58 33.71 -37.79
C LEU K 15 -7.16 34.31 -37.79
N SER K 16 -6.28 33.96 -36.82
CA SER K 16 -4.95 34.58 -36.71
C SER K 16 -3.98 34.14 -37.81
N TYR K 17 -4.24 33.02 -38.49
CA TYR K 17 -3.43 32.67 -39.67
C TYR K 17 -3.98 33.31 -40.94
N LEU K 18 -5.13 33.97 -40.87
CA LEU K 18 -5.65 34.71 -42.01
C LEU K 18 -4.94 36.04 -42.08
N PRO K 19 -5.05 36.76 -43.18
CA PRO K 19 -4.52 38.10 -43.24
C PRO K 19 -5.25 38.97 -42.23
N PRO K 20 -4.64 40.08 -41.81
CA PRO K 20 -5.26 40.86 -40.74
C PRO K 20 -6.64 41.40 -41.12
N LEU K 21 -7.55 41.37 -40.17
CA LEU K 21 -8.94 41.75 -40.42
C LEU K 21 -9.08 43.24 -40.71
N THR K 22 -9.69 43.57 -41.84
CA THR K 22 -10.06 44.96 -42.08
C THR K 22 -11.31 45.31 -41.28
N THR K 23 -11.57 46.62 -41.17
CA THR K 23 -12.72 47.12 -40.42
C THR K 23 -14.02 46.45 -40.90
N ASP K 24 -14.17 46.28 -42.21
CA ASP K 24 -15.37 45.59 -42.71
C ASP K 24 -15.39 44.12 -42.29
N GLN K 25 -14.22 43.47 -42.28
CA GLN K 25 -14.16 42.05 -41.92
C GLN K 25 -14.50 41.82 -40.45
N LEU K 26 -13.98 42.67 -39.55
CA LEU K 26 -14.36 42.54 -38.14
C LEU K 26 -15.85 42.76 -37.95
N ALA K 27 -16.40 43.77 -38.61
CA ALA K 27 -17.83 44.01 -38.51
C ALA K 27 -18.64 42.79 -38.96
N ARG K 28 -18.24 42.15 -40.07
CA ARG K 28 -18.95 40.94 -40.51
C ARG K 28 -18.84 39.82 -39.47
N GLN K 29 -17.71 39.73 -38.76
CA GLN K 29 -17.61 38.76 -37.68
C GLN K 29 -18.58 39.06 -36.54
N VAL K 30 -18.70 40.31 -36.13
CA VAL K 30 -19.59 40.68 -35.03
C VAL K 30 -21.05 40.42 -35.40
N ASP K 31 -21.40 40.57 -36.69
CA ASP K 31 -22.78 40.34 -37.11
C ASP K 31 -23.12 38.85 -37.05
N TYR K 32 -22.13 38.00 -37.34
CA TYR K 32 -22.29 36.56 -37.14
C TYR K 32 -22.62 36.23 -35.68
N LEU K 33 -21.94 36.90 -34.76
CA LEU K 33 -22.20 36.65 -33.34
C LEU K 33 -23.63 37.06 -32.97
N LEU K 34 -24.06 38.23 -33.40
CA LEU K 34 -25.39 38.72 -33.04
C LEU K 34 -26.48 37.91 -33.74
N ASN K 35 -26.29 37.60 -35.03
CA ASN K 35 -27.30 36.85 -35.78
C ASN K 35 -27.55 35.47 -35.20
N ASN K 36 -26.53 34.84 -34.61
CA ASN K 36 -26.76 33.57 -33.94
C ASN K 36 -27.30 33.76 -32.53
N LYS K 37 -27.57 35.01 -32.14
CA LYS K 37 -28.10 35.37 -30.83
C LYS K 37 -27.13 35.03 -29.70
N TRP K 38 -25.85 34.83 -29.99
CA TRP K 38 -24.88 34.68 -28.93
C TRP K 38 -24.58 36.04 -28.29
N VAL K 39 -24.13 36.02 -27.04
CA VAL K 39 -23.98 37.24 -26.26
C VAL K 39 -22.55 37.74 -26.41
N PRO K 40 -22.34 39.00 -26.81
CA PRO K 40 -20.98 39.53 -27.00
C PRO K 40 -20.34 40.06 -25.70
N CYS K 41 -19.03 39.80 -25.55
CA CYS K 41 -18.23 40.34 -24.45
C CYS K 41 -16.80 40.58 -24.93
N LEU K 42 -16.17 41.62 -24.38
CA LEU K 42 -14.79 41.96 -24.69
C LEU K 42 -13.89 41.56 -23.51
N GLU K 43 -12.68 41.09 -23.82
CA GLU K 43 -11.70 40.68 -22.82
C GLU K 43 -10.34 41.26 -23.16
N PHE K 44 -9.57 41.62 -22.13
CA PHE K 44 -8.24 42.19 -22.33
C PHE K 44 -7.25 41.63 -21.33
N GLU K 45 -5.98 41.64 -21.73
CA GLU K 45 -4.86 41.23 -20.88
C GLU K 45 -3.59 41.90 -21.35
N THR K 46 -2.82 42.45 -20.41
CA THR K 46 -1.59 43.17 -20.73
C THR K 46 -0.33 42.33 -20.53
N ASP K 47 -0.17 41.76 -19.34
CA ASP K 47 1.11 41.15 -18.95
C ASP K 47 1.38 39.83 -19.65
N HIS K 48 0.43 38.89 -19.62
CA HIS K 48 0.65 37.55 -20.17
C HIS K 48 -0.32 37.28 -21.32
N GLY K 49 0.04 37.75 -22.51
CA GLY K 49 -0.79 37.50 -23.67
C GLY K 49 -0.93 36.03 -24.01
N PHE K 50 0.11 35.24 -23.76
CA PHE K 50 0.16 33.85 -24.16
C PHE K 50 0.22 32.93 -22.95
N VAL K 51 -0.27 31.71 -23.15
CA VAL K 51 -0.40 30.72 -22.08
C VAL K 51 0.96 30.41 -21.44
N TYR K 52 0.94 30.12 -20.15
CA TYR K 52 2.15 29.81 -19.41
C TYR K 52 1.76 28.86 -18.29
N ARG K 53 2.73 28.21 -17.69
CA ARG K 53 2.49 27.35 -16.54
C ARG K 53 3.46 27.80 -15.45
N GLU K 54 2.91 28.38 -14.41
CA GLU K 54 3.67 28.89 -13.29
C GLU K 54 3.24 28.26 -11.98
N HIS K 55 1.97 27.87 -11.83
CA HIS K 55 1.47 27.33 -10.58
C HIS K 55 1.18 25.84 -10.59
N HIS K 56 1.03 25.23 -11.77
CA HIS K 56 0.77 23.80 -11.82
C HIS K 56 1.15 23.27 -13.19
N ASN K 57 1.66 22.04 -13.24
CA ASN K 57 1.94 21.32 -14.47
C ASN K 57 0.98 20.14 -14.70
N SER K 58 -0.07 20.01 -13.90
CA SER K 58 -0.95 18.86 -14.01
C SER K 58 -1.82 18.94 -15.28
N PRO K 59 -2.42 17.83 -15.72
CA PRO K 59 -3.13 17.87 -17.01
C PRO K 59 -4.29 18.86 -16.98
N GLY K 60 -4.40 19.62 -18.08
CA GLY K 60 -5.45 20.60 -18.23
C GLY K 60 -5.27 21.87 -17.46
N TYR K 61 -4.15 22.06 -16.78
CA TYR K 61 -3.91 23.30 -16.05
C TYR K 61 -3.06 24.20 -16.92
N TYR K 62 -3.55 25.39 -17.20
CA TYR K 62 -2.65 26.40 -17.75
C TYR K 62 -2.97 27.74 -17.11
N ASP K 63 -1.95 28.60 -17.05
CA ASP K 63 -2.12 30.00 -16.67
C ASP K 63 -2.27 30.86 -17.92
N GLY K 64 -2.82 32.05 -17.73
CA GLY K 64 -3.03 32.95 -18.83
C GLY K 64 -4.13 32.59 -19.79
N ARG K 65 -4.94 31.57 -19.50
CA ARG K 65 -6.18 31.41 -20.26
C ARG K 65 -7.17 32.51 -19.90
N TYR K 66 -7.31 32.83 -18.63
CA TYR K 66 -8.21 33.89 -18.21
C TYR K 66 -7.60 35.25 -18.48
N TRP K 67 -8.40 36.12 -19.08
CA TRP K 67 -8.12 37.53 -19.29
C TRP K 67 -9.11 38.31 -18.45
N THR K 68 -9.00 39.65 -18.49
CA THR K 68 -9.86 40.50 -17.67
C THR K 68 -11.07 41.02 -18.47
N MET K 69 -12.22 41.07 -17.82
CA MET K 69 -13.44 41.51 -18.47
C MET K 69 -13.49 43.02 -18.67
N TRP K 70 -13.90 43.43 -19.87
CA TRP K 70 -14.30 44.80 -20.15
C TRP K 70 -15.76 44.92 -19.78
N LYS K 71 -16.06 45.80 -18.81
CA LYS K 71 -17.41 46.04 -18.32
C LYS K 71 -18.06 44.67 -18.09
N LEU K 72 -19.27 44.45 -18.54
CA LEU K 72 -19.97 43.18 -18.40
C LEU K 72 -20.38 42.73 -19.78
N PRO K 73 -20.70 41.44 -19.97
CA PRO K 73 -21.20 41.01 -21.27
C PRO K 73 -22.43 41.80 -21.66
N MET K 74 -22.56 42.07 -22.96
CA MET K 74 -23.64 42.92 -23.44
C MET K 74 -24.92 42.11 -23.65
N PHE K 75 -25.43 41.54 -22.57
CA PHE K 75 -26.70 40.83 -22.62
C PHE K 75 -27.78 41.73 -23.21
N GLY K 76 -28.60 41.16 -24.10
CA GLY K 76 -29.65 41.91 -24.76
C GLY K 76 -29.17 42.85 -25.84
N CYS K 77 -27.91 42.79 -26.24
CA CYS K 77 -27.41 43.64 -27.30
C CYS K 77 -27.88 43.09 -28.64
N THR K 78 -28.62 43.91 -29.39
CA THR K 78 -29.04 43.54 -30.73
C THR K 78 -28.36 44.37 -31.82
N ASP K 79 -27.48 45.30 -31.47
CA ASP K 79 -26.89 46.17 -32.48
C ASP K 79 -25.37 46.02 -32.50
N PRO K 80 -24.77 45.77 -33.66
CA PRO K 80 -23.32 45.58 -33.70
C PRO K 80 -22.54 46.80 -33.28
N ALA K 81 -23.05 48.00 -33.56
CA ALA K 81 -22.27 49.23 -33.38
C ALA K 81 -21.88 49.44 -31.92
N GLN K 82 -22.75 49.06 -30.98
CA GLN K 82 -22.38 49.17 -29.57
C GLN K 82 -21.13 48.34 -29.27
N VAL K 83 -21.06 47.12 -29.83
CA VAL K 83 -19.90 46.26 -29.62
C VAL K 83 -18.64 46.92 -30.13
N LEU K 84 -18.68 47.47 -31.35
CA LEU K 84 -17.49 48.08 -31.94
C LEU K 84 -17.04 49.31 -31.16
N ASN K 85 -17.99 50.08 -30.65
CA ASN K 85 -17.65 51.24 -29.83
C ASN K 85 -16.98 50.82 -28.52
N GLU K 86 -17.47 49.76 -27.90
CA GLU K 86 -16.83 49.26 -26.68
C GLU K 86 -15.40 48.81 -26.94
N LEU K 87 -15.15 48.23 -28.12
CA LEU K 87 -13.77 47.94 -28.53
C LEU K 87 -12.95 49.20 -28.59
N GLU K 88 -13.52 50.27 -29.14
CA GLU K 88 -12.81 51.54 -29.21
C GLU K 88 -12.58 52.11 -27.82
N GLU K 89 -13.58 52.05 -26.95
CA GLU K 89 -13.43 52.56 -25.58
C GLU K 89 -12.42 51.74 -24.79
N CYS K 90 -12.45 50.42 -24.97
CA CYS K 90 -11.42 49.57 -24.38
C CYS K 90 -10.03 49.95 -24.91
N LYS K 91 -9.91 50.13 -26.23
CA LYS K 91 -8.62 50.43 -26.84
C LYS K 91 -8.03 51.72 -26.31
N LYS K 92 -8.86 52.75 -26.08
CA LYS K 92 -8.35 54.00 -25.53
C LYS K 92 -7.74 53.78 -24.16
N GLU K 93 -8.43 53.01 -23.31
CA GLU K 93 -8.00 52.82 -21.93
C GLU K 93 -6.76 51.96 -21.86
N TYR K 94 -6.70 50.94 -22.71
CA TYR K 94 -5.67 49.90 -22.65
C TYR K 94 -4.97 49.78 -24.00
N PRO K 95 -4.20 50.79 -24.39
CA PRO K 95 -3.48 50.70 -25.67
C PRO K 95 -2.37 49.65 -25.70
N ASN K 96 -1.82 49.24 -24.56
CA ASN K 96 -0.73 48.26 -24.52
C ASN K 96 -1.20 46.83 -24.25
N ALA K 97 -2.51 46.59 -24.25
CA ALA K 97 -3.07 45.29 -23.92
C ALA K 97 -3.61 44.61 -25.17
N PHE K 98 -3.57 43.29 -25.18
CA PHE K 98 -4.25 42.54 -26.23
C PHE K 98 -5.75 42.55 -25.93
N ILE K 99 -6.58 42.59 -26.98
CA ILE K 99 -8.03 42.66 -26.79
C ILE K 99 -8.72 41.70 -27.76
N ARG K 100 -9.58 40.84 -27.21
CA ARG K 100 -10.30 39.86 -28.00
C ARG K 100 -11.80 39.99 -27.75
N ILE K 101 -12.58 39.61 -28.75
CA ILE K 101 -14.04 39.64 -28.71
C ILE K 101 -14.53 38.20 -28.59
N ILE K 102 -15.48 37.96 -27.69
CA ILE K 102 -16.00 36.62 -27.47
C ILE K 102 -17.52 36.67 -27.54
N GLY K 103 -18.11 35.52 -27.81
CA GLY K 103 -19.56 35.41 -27.86
C GLY K 103 -20.00 34.16 -27.14
N PHE K 104 -21.01 34.31 -26.27
CA PHE K 104 -21.49 33.27 -25.38
C PHE K 104 -22.75 32.65 -25.96
N ASP K 105 -22.89 31.32 -25.84
CA ASP K 105 -24.16 30.64 -26.08
C ASP K 105 -24.71 30.14 -24.76
N SER K 106 -25.90 30.62 -24.37
CA SER K 106 -26.46 30.20 -23.10
C SER K 106 -26.95 28.75 -23.14
N ASN K 107 -27.32 28.24 -24.31
CA ASN K 107 -27.79 26.86 -24.45
C ASN K 107 -26.72 25.85 -24.05
N ARG K 108 -25.49 26.07 -24.46
CA ARG K 108 -24.43 25.11 -24.18
C ARG K 108 -23.45 25.64 -23.15
N GLU K 109 -23.64 26.86 -22.67
CA GLU K 109 -22.70 27.57 -21.79
C GLU K 109 -21.27 27.29 -22.21
N VAL K 110 -20.97 27.65 -23.46
CA VAL K 110 -19.60 27.66 -23.97
C VAL K 110 -19.50 28.87 -24.89
N GLN K 111 -18.30 29.44 -24.94
CA GLN K 111 -18.00 30.50 -25.88
C GLN K 111 -17.98 29.96 -27.30
N CYS K 112 -18.73 30.59 -28.18
CA CYS K 112 -18.84 30.10 -29.54
C CYS K 112 -18.06 30.93 -30.52
N ILE K 113 -17.64 32.12 -30.11
CA ILE K 113 -16.84 33.02 -30.93
C ILE K 113 -15.70 33.51 -30.08
N SER K 114 -14.51 33.61 -30.68
CA SER K 114 -13.38 34.23 -29.98
C SER K 114 -12.36 34.66 -31.01
N PHE K 115 -12.11 35.97 -31.13
CA PHE K 115 -11.05 36.39 -32.03
C PHE K 115 -10.37 37.63 -31.48
N ILE K 116 -9.07 37.74 -31.74
CA ILE K 116 -8.33 38.93 -31.37
C ILE K 116 -8.83 40.10 -32.20
N ALA K 117 -9.10 41.24 -31.55
CA ALA K 117 -9.58 42.42 -32.25
C ALA K 117 -8.61 43.58 -32.20
N TYR K 118 -7.59 43.53 -31.34
CA TYR K 118 -6.59 44.58 -31.25
C TYR K 118 -5.34 43.99 -30.58
N LYS K 119 -4.16 44.44 -31.02
CA LYS K 119 -2.91 43.95 -30.49
C LYS K 119 -2.03 45.13 -30.09
N PRO K 120 -1.31 45.06 -28.99
CA PRO K 120 -0.38 46.15 -28.63
C PRO K 120 0.74 46.28 -29.66
N ALA K 121 1.45 47.41 -29.59
CA ALA K 121 2.44 47.76 -30.62
C ALA K 121 3.56 46.72 -30.69
N GLY K 122 3.96 46.39 -31.92
CA GLY K 122 5.02 45.44 -32.14
C GLY K 122 4.60 43.99 -32.13
N TYR K 123 3.29 43.72 -32.07
CA TYR K 123 2.79 42.36 -31.88
C TYR K 123 1.92 41.92 -33.04
N MET L 1 -42.27 -39.24 -11.16
CA MET L 1 -41.22 -38.40 -10.59
C MET L 1 -40.50 -39.17 -9.48
N GLN L 2 -39.23 -39.50 -9.69
CA GLN L 2 -38.45 -40.27 -8.73
C GLN L 2 -37.33 -39.39 -8.20
N VAL L 3 -37.14 -39.42 -6.88
CA VAL L 3 -36.22 -38.52 -6.19
C VAL L 3 -34.87 -39.20 -6.06
N TRP L 4 -33.81 -38.51 -6.51
CA TRP L 4 -32.48 -39.09 -6.45
C TRP L 4 -32.03 -39.22 -5.00
N PRO L 5 -31.53 -40.38 -4.59
CA PRO L 5 -31.07 -40.57 -3.21
C PRO L 5 -29.94 -39.64 -2.78
N ILE L 6 -30.00 -39.22 -1.52
CA ILE L 6 -29.05 -38.26 -0.95
C ILE L 6 -28.05 -38.93 -0.01
N LEU L 7 -28.33 -40.14 0.45
CA LEU L 7 -27.49 -40.82 1.43
C LEU L 7 -26.87 -42.08 0.83
N ASN L 8 -25.60 -42.31 1.15
CA ASN L 8 -24.81 -43.45 0.70
C ASN L 8 -24.66 -43.47 -0.82
N LEU L 9 -25.13 -42.45 -1.54
CA LEU L 9 -24.92 -42.44 -2.98
C LEU L 9 -23.57 -41.82 -3.37
N LYS L 10 -22.48 -42.34 -2.80
CA LYS L 10 -21.15 -41.93 -3.21
C LYS L 10 -20.86 -42.43 -4.61
N LYS L 11 -20.09 -41.64 -5.36
CA LYS L 11 -19.79 -41.95 -6.76
C LYS L 11 -18.28 -41.96 -6.97
N TYR L 12 -17.84 -42.54 -8.09
CA TYR L 12 -16.44 -42.91 -8.32
C TYR L 12 -15.96 -42.48 -9.70
N GLU L 13 -16.40 -41.31 -10.16
CA GLU L 13 -16.03 -40.74 -11.47
C GLU L 13 -16.50 -41.68 -12.59
N THR L 14 -15.66 -42.03 -13.57
CA THR L 14 -16.16 -42.55 -14.86
C THR L 14 -16.72 -43.96 -14.71
N LEU L 15 -17.94 -44.17 -15.23
CA LEU L 15 -18.70 -45.43 -15.28
C LEU L 15 -19.45 -45.71 -13.97
N SER L 16 -19.22 -44.94 -12.89
CA SER L 16 -19.87 -45.20 -11.61
C SER L 16 -21.37 -44.93 -11.62
N TYR L 17 -21.88 -44.13 -12.56
CA TYR L 17 -23.32 -43.99 -12.64
C TYR L 17 -23.93 -45.09 -13.50
N LEU L 18 -23.11 -45.94 -14.08
CA LEU L 18 -23.58 -47.08 -14.85
C LEU L 18 -23.81 -48.26 -13.91
N PRO L 19 -24.49 -49.29 -14.38
CA PRO L 19 -24.61 -50.52 -13.60
C PRO L 19 -23.26 -51.10 -13.29
N PRO L 20 -23.13 -51.86 -12.19
CA PRO L 20 -21.83 -52.39 -11.80
C PRO L 20 -21.20 -53.26 -12.88
N LEU L 21 -19.87 -53.16 -13.00
CA LEU L 21 -19.17 -53.76 -14.13
C LEU L 21 -18.96 -55.24 -13.91
N THR L 22 -19.31 -56.04 -14.91
CA THR L 22 -18.99 -57.46 -14.90
C THR L 22 -17.51 -57.65 -15.20
N THR L 23 -17.02 -58.84 -14.90
CA THR L 23 -15.61 -59.12 -15.16
C THR L 23 -15.30 -58.98 -16.64
N ASP L 24 -16.26 -59.31 -17.51
CA ASP L 24 -16.05 -59.13 -18.95
C ASP L 24 -15.99 -57.66 -19.31
N GLN L 25 -16.84 -56.84 -18.67
CA GLN L 25 -16.84 -55.41 -18.92
C GLN L 25 -15.55 -54.77 -18.44
N LEU L 26 -15.04 -55.21 -17.29
CA LEU L 26 -13.77 -54.68 -16.80
C LEU L 26 -12.65 -55.03 -17.76
N ALA L 27 -12.69 -56.24 -18.32
CA ALA L 27 -11.67 -56.62 -19.30
C ALA L 27 -11.78 -55.77 -20.55
N ARG L 28 -13.01 -55.40 -20.94
CA ARG L 28 -13.18 -54.58 -22.15
C ARG L 28 -12.46 -53.24 -21.99
N GLN L 29 -12.62 -52.61 -20.83
CA GLN L 29 -11.97 -51.32 -20.59
C GLN L 29 -10.45 -51.46 -20.63
N VAL L 30 -9.90 -52.52 -20.02
CA VAL L 30 -8.45 -52.77 -20.04
C VAL L 30 -7.96 -52.98 -21.45
N ASP L 31 -8.80 -53.58 -22.30
CA ASP L 31 -8.42 -53.74 -23.70
C ASP L 31 -8.45 -52.40 -24.44
N TYR L 32 -9.44 -51.56 -24.15
CA TYR L 32 -9.46 -50.22 -24.73
C TYR L 32 -8.22 -49.43 -24.32
N LEU L 33 -7.78 -49.64 -23.08
CA LEU L 33 -6.55 -49.05 -22.60
C LEU L 33 -5.33 -49.56 -23.37
N LEU L 34 -5.20 -50.88 -23.47
CA LEU L 34 -4.03 -51.46 -24.14
C LEU L 34 -4.00 -51.14 -25.64
N ASN L 35 -5.16 -51.20 -26.31
CA ASN L 35 -5.19 -50.91 -27.74
C ASN L 35 -4.80 -49.48 -28.04
N ASN L 36 -5.05 -48.57 -27.11
CA ASN L 36 -4.63 -47.19 -27.29
C ASN L 36 -3.18 -46.97 -26.90
N LYS L 37 -2.45 -48.04 -26.61
CA LYS L 37 -1.06 -47.96 -26.21
C LYS L 37 -0.88 -47.01 -25.02
N TRP L 38 -1.76 -47.14 -24.02
CA TRP L 38 -1.63 -46.41 -22.77
C TRP L 38 -1.10 -47.36 -21.69
N VAL L 39 -0.30 -46.82 -20.78
CA VAL L 39 0.33 -47.65 -19.74
C VAL L 39 -0.67 -47.94 -18.62
N PRO L 40 -0.88 -49.21 -18.25
CA PRO L 40 -1.77 -49.51 -17.13
C PRO L 40 -1.05 -49.48 -15.78
N CYS L 41 -1.77 -48.93 -14.80
CA CYS L 41 -1.32 -48.87 -13.42
C CYS L 41 -2.50 -49.11 -12.49
N LEU L 42 -2.20 -49.53 -11.28
CA LEU L 42 -3.22 -49.85 -10.29
C LEU L 42 -3.02 -48.92 -9.10
N GLU L 43 -4.11 -48.40 -8.55
CA GLU L 43 -4.00 -47.45 -7.45
C GLU L 43 -5.02 -47.80 -6.37
N PHE L 44 -4.59 -47.80 -5.09
CA PHE L 44 -5.43 -48.22 -3.98
C PHE L 44 -5.34 -47.23 -2.83
N GLU L 45 -6.49 -46.99 -2.19
CA GLU L 45 -6.58 -46.10 -1.03
C GLU L 45 -7.45 -46.77 0.02
N THR L 46 -6.97 -46.82 1.25
CA THR L 46 -7.79 -47.35 2.33
C THR L 46 -8.37 -46.23 3.18
N ASP L 47 -7.55 -45.24 3.54
CA ASP L 47 -7.94 -44.27 4.57
C ASP L 47 -9.03 -43.33 4.09
N HIS L 48 -8.89 -42.76 2.90
CA HIS L 48 -9.82 -41.71 2.45
C HIS L 48 -10.32 -42.04 1.07
N GLY L 49 -11.54 -42.58 0.98
CA GLY L 49 -12.12 -42.90 -0.30
C GLY L 49 -12.36 -41.70 -1.19
N PHE L 50 -12.74 -40.58 -0.61
CA PHE L 50 -13.24 -39.45 -1.38
C PHE L 50 -12.50 -38.18 -0.99
N VAL L 51 -12.69 -37.14 -1.80
CA VAL L 51 -11.89 -35.93 -1.70
C VAL L 51 -12.26 -35.16 -0.44
N TYR L 52 -11.29 -34.40 0.08
CA TYR L 52 -11.50 -33.59 1.29
C TYR L 52 -10.53 -32.41 1.24
N ARG L 53 -10.68 -31.44 2.16
CA ARG L 53 -9.73 -30.31 2.21
C ARG L 53 -9.26 -30.09 3.64
N GLU L 54 -8.35 -30.93 4.13
CA GLU L 54 -7.87 -30.76 5.50
C GLU L 54 -6.84 -29.66 5.61
N HIS L 55 -5.86 -29.65 4.70
CA HIS L 55 -4.66 -28.85 4.87
C HIS L 55 -4.75 -27.46 4.24
N HIS L 56 -5.60 -27.25 3.23
CA HIS L 56 -5.64 -25.96 2.58
C HIS L 56 -7.00 -25.76 1.92
N ASN L 57 -7.31 -24.48 1.65
CA ASN L 57 -8.55 -24.07 1.02
C ASN L 57 -8.30 -23.38 -0.31
N SER L 58 -7.08 -23.44 -0.82
CA SER L 58 -6.68 -22.67 -1.98
C SER L 58 -7.37 -23.20 -3.23
N PRO L 59 -7.70 -22.31 -4.18
CA PRO L 59 -8.30 -22.78 -5.44
C PRO L 59 -7.41 -23.83 -6.08
N GLY L 60 -8.02 -24.90 -6.58
CA GLY L 60 -7.28 -26.00 -7.17
C GLY L 60 -6.70 -26.99 -6.17
N TYR L 61 -6.71 -26.66 -4.88
CA TYR L 61 -6.17 -27.55 -3.86
C TYR L 61 -7.30 -28.40 -3.28
N TYR L 62 -7.09 -29.71 -3.27
CA TYR L 62 -7.96 -30.66 -2.58
C TYR L 62 -7.06 -31.74 -2.00
N ASP L 63 -7.51 -32.39 -0.94
CA ASP L 63 -6.83 -33.54 -0.36
C ASP L 63 -7.52 -34.81 -0.81
N GLY L 64 -6.76 -35.91 -0.86
CA GLY L 64 -7.30 -37.19 -1.27
C GLY L 64 -7.31 -37.47 -2.76
N ARG L 65 -6.88 -36.53 -3.61
CA ARG L 65 -6.74 -36.85 -5.03
C ARG L 65 -5.69 -37.94 -5.23
N TYR L 66 -4.57 -37.84 -4.52
CA TYR L 66 -3.52 -38.84 -4.61
C TYR L 66 -3.91 -40.10 -3.85
N TRP L 67 -3.56 -41.25 -4.43
CA TRP L 67 -3.76 -42.57 -3.86
C TRP L 67 -2.39 -43.23 -3.83
N THR L 68 -2.31 -44.41 -3.21
CA THR L 68 -1.06 -45.16 -3.22
C THR L 68 -0.96 -46.03 -4.47
N MET L 69 0.23 -46.04 -5.07
CA MET L 69 0.48 -46.84 -6.26
C MET L 69 0.71 -48.29 -5.88
N TRP L 70 0.14 -49.20 -6.67
CA TRP L 70 0.38 -50.63 -6.54
C TRP L 70 1.51 -51.02 -7.49
N LYS L 71 2.63 -51.49 -6.94
CA LYS L 71 3.80 -51.89 -7.74
C LYS L 71 4.22 -50.68 -8.57
N LEU L 72 4.47 -50.84 -9.87
CA LEU L 72 4.88 -49.76 -10.76
C LEU L 72 3.92 -49.72 -11.93
N PRO L 73 3.90 -48.62 -12.69
CA PRO L 73 3.18 -48.64 -13.97
C PRO L 73 3.77 -49.73 -14.86
N MET L 74 2.88 -50.50 -15.49
CA MET L 74 3.30 -51.66 -16.28
C MET L 74 3.67 -51.21 -17.70
N PHE L 75 4.84 -50.57 -17.82
CA PHE L 75 5.33 -50.21 -19.16
C PHE L 75 5.61 -51.49 -19.95
N GLY L 76 5.41 -51.39 -21.27
CA GLY L 76 5.64 -52.53 -22.15
C GLY L 76 4.69 -53.69 -21.97
N CYS L 77 3.55 -53.46 -21.31
CA CYS L 77 2.57 -54.52 -21.05
C CYS L 77 1.70 -54.71 -22.29
N THR L 78 1.87 -55.86 -22.95
CA THR L 78 1.12 -56.18 -24.15
C THR L 78 -0.06 -57.10 -23.87
N ASP L 79 -0.26 -57.51 -22.63
CA ASP L 79 -1.20 -58.57 -22.30
C ASP L 79 -2.25 -58.04 -21.32
N PRO L 80 -3.54 -58.13 -21.65
CA PRO L 80 -4.56 -57.66 -20.71
C PRO L 80 -4.59 -58.43 -19.41
N ALA L 81 -4.18 -59.71 -19.41
CA ALA L 81 -4.35 -60.54 -18.23
C ALA L 81 -3.46 -60.11 -17.07
N GLN L 82 -2.30 -59.52 -17.36
CA GLN L 82 -1.43 -58.99 -16.30
C GLN L 82 -2.18 -58.00 -15.44
N VAL L 83 -2.86 -57.04 -16.07
CA VAL L 83 -3.64 -56.05 -15.32
C VAL L 83 -4.69 -56.74 -14.48
N LEU L 84 -5.37 -57.73 -15.05
CA LEU L 84 -6.38 -58.48 -14.32
C LEU L 84 -5.77 -59.24 -13.16
N ASN L 85 -4.65 -59.94 -13.41
CA ASN L 85 -3.96 -60.69 -12.35
C ASN L 85 -3.48 -59.76 -11.26
N GLU L 86 -2.93 -58.60 -11.63
CA GLU L 86 -2.49 -57.63 -10.63
C GLU L 86 -3.64 -57.14 -9.79
N LEU L 87 -4.82 -56.98 -10.39
CA LEU L 87 -5.99 -56.56 -9.62
C LEU L 87 -6.31 -57.57 -8.53
N GLU L 88 -6.33 -58.86 -8.87
CA GLU L 88 -6.64 -59.88 -7.88
C GLU L 88 -5.59 -59.93 -6.80
N GLU L 89 -4.32 -59.69 -7.17
CA GLU L 89 -3.25 -59.58 -6.19
C GLU L 89 -3.44 -58.37 -5.27
N CYS L 90 -3.73 -57.20 -5.85
CA CYS L 90 -3.99 -56.02 -5.03
C CYS L 90 -5.16 -56.26 -4.09
N LYS L 91 -6.23 -56.88 -4.60
CA LYS L 91 -7.42 -57.19 -3.81
C LYS L 91 -7.09 -58.08 -2.62
N LYS L 92 -6.27 -59.12 -2.85
CA LYS L 92 -5.98 -60.05 -1.76
C LYS L 92 -5.08 -59.40 -0.72
N GLU L 93 -4.16 -58.53 -1.12
CA GLU L 93 -3.32 -57.87 -0.11
C GLU L 93 -4.07 -56.75 0.59
N TYR L 94 -4.97 -56.05 -0.12
CA TYR L 94 -5.71 -54.92 0.42
C TYR L 94 -7.21 -55.09 0.22
N PRO L 95 -7.84 -56.01 0.96
CA PRO L 95 -9.27 -56.25 0.74
C PRO L 95 -10.14 -55.07 1.13
N ASN L 96 -9.75 -54.28 2.12
CA ASN L 96 -10.55 -53.17 2.60
C ASN L 96 -10.23 -51.86 1.88
N ALA L 97 -9.47 -51.92 0.81
CA ALA L 97 -9.06 -50.72 0.08
C ALA L 97 -9.91 -50.56 -1.17
N PHE L 98 -10.31 -49.33 -1.48
CA PHE L 98 -10.75 -49.08 -2.84
C PHE L 98 -9.57 -49.33 -3.76
N ILE L 99 -9.83 -49.87 -4.95
CA ILE L 99 -8.79 -50.00 -5.97
C ILE L 99 -9.33 -49.51 -7.30
N ARG L 100 -8.49 -48.81 -8.06
CA ARG L 100 -8.88 -48.27 -9.34
C ARG L 100 -7.75 -48.48 -10.37
N ILE L 101 -8.14 -48.47 -11.64
CA ILE L 101 -7.26 -48.74 -12.78
C ILE L 101 -7.09 -47.47 -13.57
N ILE L 102 -5.85 -47.09 -13.87
CA ILE L 102 -5.56 -45.82 -14.52
C ILE L 102 -4.74 -46.04 -15.78
N GLY L 103 -4.97 -45.22 -16.81
CA GLY L 103 -4.25 -45.37 -18.05
C GLY L 103 -3.41 -44.16 -18.44
N PHE L 104 -2.12 -44.36 -18.68
CA PHE L 104 -1.18 -43.26 -18.88
C PHE L 104 -0.89 -43.07 -20.36
N ASP L 105 -1.03 -41.84 -20.86
CA ASP L 105 -0.58 -41.50 -22.21
C ASP L 105 0.72 -40.72 -22.09
N SER L 106 1.79 -41.26 -22.70
CA SER L 106 3.10 -40.57 -22.61
C SER L 106 3.11 -39.26 -23.38
N ASN L 107 2.38 -39.17 -24.50
CA ASN L 107 2.54 -38.02 -25.39
C ASN L 107 1.89 -36.76 -24.81
N ARG L 108 0.70 -36.89 -24.21
CA ARG L 108 0.05 -35.77 -23.56
C ARG L 108 0.39 -35.65 -22.07
N GLU L 109 1.10 -36.66 -21.51
CA GLU L 109 1.41 -36.78 -20.08
C GLU L 109 0.20 -36.53 -19.20
N VAL L 110 -0.90 -37.19 -19.54
CA VAL L 110 -2.13 -37.17 -18.74
C VAL L 110 -2.66 -38.59 -18.69
N GLN L 111 -3.28 -38.92 -17.56
CA GLN L 111 -4.07 -40.14 -17.52
C GLN L 111 -5.23 -40.03 -18.50
N CYS L 112 -5.38 -41.03 -19.35
CA CYS L 112 -6.52 -41.06 -20.24
C CYS L 112 -7.67 -41.90 -19.72
N ILE L 113 -7.40 -42.86 -18.83
CA ILE L 113 -8.44 -43.71 -18.29
C ILE L 113 -8.30 -43.81 -16.77
N SER L 114 -9.43 -43.73 -16.06
CA SER L 114 -9.49 -44.04 -14.65
C SER L 114 -10.88 -44.55 -14.33
N PHE L 115 -10.96 -45.75 -13.77
CA PHE L 115 -12.23 -46.31 -13.34
C PHE L 115 -11.98 -47.21 -12.13
N ILE L 116 -12.99 -47.30 -11.27
CA ILE L 116 -12.86 -48.01 -10.00
C ILE L 116 -13.02 -49.50 -10.26
N ALA L 117 -11.96 -50.26 -9.97
CA ALA L 117 -11.92 -51.70 -10.21
C ALA L 117 -12.53 -52.48 -9.05
N TYR L 118 -12.36 -52.00 -7.82
CA TYR L 118 -12.78 -52.76 -6.66
C TYR L 118 -13.27 -51.82 -5.57
N LYS L 119 -14.37 -52.18 -4.94
CA LYS L 119 -14.81 -51.40 -3.80
C LYS L 119 -14.88 -52.30 -2.57
N PRO L 120 -14.43 -51.83 -1.41
CA PRO L 120 -14.53 -52.63 -0.20
C PRO L 120 -15.97 -52.69 0.30
N ALA L 121 -16.22 -53.61 1.23
CA ALA L 121 -17.57 -53.84 1.72
C ALA L 121 -18.14 -52.58 2.36
N GLY L 122 -19.45 -52.41 2.22
CA GLY L 122 -20.07 -51.16 2.62
C GLY L 122 -20.03 -50.08 1.57
N TYR L 123 -19.58 -50.41 0.36
CA TYR L 123 -19.38 -49.44 -0.69
C TYR L 123 -19.74 -50.13 -2.01
N MET M 1 51.29 24.29 -15.94
CA MET M 1 49.86 24.03 -15.76
C MET M 1 48.96 25.16 -16.33
N GLN M 2 47.95 24.75 -17.08
CA GLN M 2 47.01 25.69 -17.69
C GLN M 2 45.59 25.37 -17.24
N VAL M 3 44.82 26.40 -16.95
CA VAL M 3 43.49 26.25 -16.34
C VAL M 3 42.42 26.33 -17.42
N TRP M 4 41.68 25.24 -17.60
CA TRP M 4 40.62 25.23 -18.60
C TRP M 4 39.60 26.32 -18.28
N PRO M 5 39.18 27.09 -19.26
CA PRO M 5 38.37 28.27 -18.95
C PRO M 5 36.92 27.96 -18.68
N ILE M 6 36.32 28.84 -17.87
CA ILE M 6 34.96 28.65 -17.35
C ILE M 6 33.92 29.31 -18.24
N LEU M 7 34.24 30.47 -18.78
CA LEU M 7 33.26 31.42 -19.27
C LEU M 7 33.31 31.51 -20.79
N ASN M 8 32.12 31.62 -21.39
CA ASN M 8 32.00 31.64 -22.84
C ASN M 8 32.76 30.47 -23.44
N LEU M 9 32.62 29.30 -22.82
CA LEU M 9 33.19 28.07 -23.39
C LEU M 9 32.10 27.03 -23.65
N LYS M 10 30.91 27.47 -24.08
CA LYS M 10 29.93 26.54 -24.61
C LYS M 10 30.57 25.72 -25.73
N LYS M 11 30.17 24.45 -25.81
CA LYS M 11 30.68 23.52 -26.80
C LYS M 11 29.48 22.93 -27.49
N TYR M 12 29.67 22.50 -28.73
CA TYR M 12 28.54 22.20 -29.61
C TYR M 12 28.61 20.76 -30.14
N GLU M 13 29.12 19.85 -29.31
CA GLU M 13 29.21 18.40 -29.56
C GLU M 13 30.32 18.06 -30.55
N THR M 14 30.10 17.06 -31.42
CA THR M 14 31.16 16.46 -32.22
C THR M 14 31.87 17.49 -33.10
N LEU M 15 33.21 17.56 -32.94
CA LEU M 15 34.18 18.39 -33.63
C LEU M 15 34.38 19.77 -32.98
N SER M 16 33.52 20.19 -32.03
CA SER M 16 33.61 21.53 -31.44
C SER M 16 34.86 21.71 -30.59
N TYR M 17 35.54 20.65 -30.19
CA TYR M 17 36.80 20.83 -29.46
C TYR M 17 37.98 21.00 -30.41
N LEU M 18 37.75 20.81 -31.71
CA LEU M 18 38.78 21.03 -32.72
C LEU M 18 38.83 22.51 -33.07
N PRO M 19 39.92 22.96 -33.71
CA PRO M 19 39.99 24.35 -34.18
C PRO M 19 38.87 24.69 -35.15
N PRO M 20 38.59 25.96 -35.38
CA PRO M 20 37.47 26.33 -36.25
C PRO M 20 37.64 25.79 -37.66
N LEU M 21 36.55 25.26 -38.21
CA LEU M 21 36.60 24.49 -39.45
C LEU M 21 36.80 25.38 -40.67
N THR M 22 37.80 25.04 -41.48
CA THR M 22 37.97 25.62 -42.80
C THR M 22 36.80 25.22 -43.71
N THR M 23 36.61 25.99 -44.78
CA THR M 23 35.58 25.63 -45.76
C THR M 23 35.85 24.25 -46.36
N ASP M 24 37.13 23.93 -46.62
CA ASP M 24 37.46 22.61 -47.14
C ASP M 24 37.12 21.51 -46.13
N GLN M 25 37.46 21.73 -44.86
CA GLN M 25 37.22 20.73 -43.83
C GLN M 25 35.74 20.44 -43.67
N LEU M 26 34.92 21.49 -43.61
CA LEU M 26 33.47 21.35 -43.61
C LEU M 26 32.99 20.55 -44.82
N ALA M 27 33.56 20.82 -45.99
CA ALA M 27 33.20 20.05 -47.18
C ALA M 27 33.54 18.58 -47.01
N ARG M 28 34.74 18.29 -46.48
CA ARG M 28 35.13 16.89 -46.29
C ARG M 28 34.15 16.18 -45.38
N GLN M 29 33.64 16.87 -44.36
CA GLN M 29 32.62 16.28 -43.50
C GLN M 29 31.36 15.96 -44.30
N VAL M 30 30.88 16.90 -45.12
CA VAL M 30 29.71 16.61 -45.94
C VAL M 30 30.01 15.46 -46.90
N ASP M 31 31.22 15.42 -47.46
CA ASP M 31 31.58 14.31 -48.34
C ASP M 31 31.51 12.97 -47.63
N TYR M 32 32.05 12.89 -46.40
CA TYR M 32 31.93 11.68 -45.58
C TYR M 32 30.49 11.28 -45.39
N LEU M 33 29.64 12.25 -45.06
CA LEU M 33 28.21 12.01 -44.95
C LEU M 33 27.65 11.31 -46.19
N LEU M 34 27.94 11.88 -47.36
CA LEU M 34 27.33 11.40 -48.61
C LEU M 34 27.90 10.06 -49.05
N ASN M 35 29.18 9.81 -48.81
CA ASN M 35 29.74 8.52 -49.22
C ASN M 35 29.17 7.39 -48.40
N ASN M 36 28.67 7.69 -47.21
CA ASN M 36 28.06 6.70 -46.36
C ASN M 36 26.60 6.46 -46.70
N LYS M 37 26.08 7.11 -47.75
CA LYS M 37 24.67 7.07 -48.13
C LYS M 37 23.77 7.61 -47.03
N TRP M 38 24.30 8.48 -46.18
CA TRP M 38 23.45 9.11 -45.19
C TRP M 38 22.70 10.30 -45.83
N VAL M 39 21.57 10.65 -45.24
CA VAL M 39 20.69 11.69 -45.77
C VAL M 39 21.02 12.99 -45.07
N PRO M 40 21.43 14.03 -45.80
CA PRO M 40 21.77 15.32 -45.18
C PRO M 40 20.54 16.14 -44.87
N CYS M 41 20.68 16.97 -43.84
CA CYS M 41 19.55 17.78 -43.39
C CYS M 41 20.10 18.93 -42.56
N LEU M 42 19.47 20.08 -42.70
CA LEU M 42 19.90 21.29 -42.02
C LEU M 42 18.93 21.60 -40.89
N GLU M 43 19.45 22.18 -39.81
CA GLU M 43 18.65 22.44 -38.62
C GLU M 43 19.17 23.70 -37.95
N PHE M 44 18.23 24.57 -37.56
CA PHE M 44 18.56 25.86 -36.96
C PHE M 44 17.79 26.07 -35.66
N GLU M 45 18.35 26.91 -34.79
CA GLU M 45 17.70 27.30 -33.55
C GLU M 45 18.15 28.71 -33.19
N THR M 46 17.23 29.51 -32.68
CA THR M 46 17.58 30.85 -32.22
C THR M 46 17.54 30.97 -30.71
N ASP M 47 16.40 30.64 -30.11
CA ASP M 47 16.15 30.97 -28.71
C ASP M 47 16.92 30.10 -27.73
N HIS M 48 17.01 28.77 -27.98
CA HIS M 48 17.60 27.83 -26.99
C HIS M 48 18.74 27.03 -27.62
N GLY M 49 19.90 27.69 -27.70
CA GLY M 49 21.09 27.05 -28.25
C GLY M 49 21.43 25.76 -27.54
N PHE M 50 21.13 25.67 -26.26
CA PHE M 50 21.62 24.61 -25.40
C PHE M 50 20.46 23.97 -24.66
N VAL M 51 20.63 22.71 -24.24
CA VAL M 51 19.52 22.01 -23.59
C VAL M 51 19.19 22.68 -22.26
N TYR M 52 17.95 22.52 -21.83
CA TYR M 52 17.46 23.05 -20.57
C TYR M 52 16.39 22.09 -20.06
N ARG M 53 15.95 22.33 -18.82
CA ARG M 53 14.86 21.55 -18.21
C ARG M 53 13.85 22.53 -17.66
N GLU M 54 12.70 22.61 -18.30
CA GLU M 54 11.65 23.55 -17.92
C GLU M 54 10.34 22.86 -17.64
N HIS M 55 9.93 21.92 -18.49
CA HIS M 55 8.66 21.21 -18.32
C HIS M 55 8.80 19.91 -17.54
N HIS M 56 10.01 19.41 -17.36
CA HIS M 56 10.18 18.14 -16.68
C HIS M 56 11.64 17.97 -16.28
N ASN M 57 11.86 17.30 -15.17
CA ASN M 57 13.19 16.97 -14.66
C ASN M 57 13.37 15.47 -14.49
N SER M 58 12.39 14.69 -14.94
CA SER M 58 12.44 13.24 -14.94
C SER M 58 13.58 12.71 -15.82
N PRO M 59 14.04 11.47 -15.60
CA PRO M 59 15.25 11.02 -16.29
C PRO M 59 15.03 10.89 -17.79
N GLY M 60 16.09 11.20 -18.53
CA GLY M 60 16.06 11.27 -19.97
C GLY M 60 15.19 12.37 -20.56
N TYR M 61 14.69 13.30 -19.75
CA TYR M 61 13.93 14.43 -20.30
C TYR M 61 14.78 15.68 -20.29
N TYR M 62 14.80 16.36 -21.42
CA TYR M 62 15.53 17.62 -21.59
C TYR M 62 14.80 18.40 -22.65
N ASP M 63 14.58 19.69 -22.40
CA ASP M 63 14.12 20.55 -23.46
C ASP M 63 15.33 21.00 -24.29
N GLY M 64 15.04 21.60 -25.44
CA GLY M 64 16.11 22.10 -26.29
C GLY M 64 16.91 21.04 -27.02
N ARG M 65 16.45 19.79 -27.04
CA ARG M 65 17.09 18.76 -27.85
C ARG M 65 16.71 18.88 -29.34
N TYR M 66 15.41 19.10 -29.62
CA TYR M 66 14.94 19.38 -30.96
C TYR M 66 15.23 20.82 -31.33
N TRP M 67 15.83 21.02 -32.51
CA TRP M 67 15.95 22.29 -33.21
C TRP M 67 14.88 22.37 -34.32
N THR M 68 15.03 23.31 -35.25
CA THR M 68 14.04 23.49 -36.30
C THR M 68 14.60 23.02 -37.63
N MET M 69 13.81 22.24 -38.35
CA MET M 69 14.23 21.75 -39.66
C MET M 69 14.25 22.86 -40.69
N TRP M 70 15.33 22.94 -41.46
CA TRP M 70 15.39 23.80 -42.64
C TRP M 70 14.90 22.96 -43.82
N LYS M 71 13.78 23.39 -44.40
CA LYS M 71 13.08 22.65 -45.46
C LYS M 71 12.83 21.22 -45.01
N LEU M 72 13.38 20.26 -45.74
CA LEU M 72 13.15 18.84 -45.51
C LEU M 72 14.47 18.11 -45.69
N PRO M 73 14.57 16.88 -45.18
CA PRO M 73 15.81 16.12 -45.40
C PRO M 73 16.07 15.93 -46.88
N MET M 74 17.33 16.14 -47.29
CA MET M 74 17.70 16.10 -48.71
C MET M 74 17.81 14.67 -49.24
N PHE M 75 16.66 13.99 -49.27
CA PHE M 75 16.62 12.61 -49.76
C PHE M 75 17.10 12.53 -51.20
N GLY M 76 17.88 11.50 -51.50
CA GLY M 76 18.41 11.31 -52.83
C GLY M 76 19.58 12.19 -53.19
N CYS M 77 20.04 13.05 -52.30
CA CYS M 77 21.11 13.97 -52.66
C CYS M 77 22.40 13.21 -52.92
N THR M 78 23.15 13.66 -53.93
CA THR M 78 24.44 13.08 -54.27
C THR M 78 25.53 14.13 -54.37
N ASP M 79 25.18 15.41 -54.24
CA ASP M 79 26.14 16.47 -54.46
C ASP M 79 26.38 17.25 -53.16
N PRO M 80 27.63 17.36 -52.70
CA PRO M 80 27.91 18.22 -51.54
C PRO M 80 27.53 19.68 -51.74
N ALA M 81 27.50 20.16 -53.00
CA ALA M 81 27.23 21.58 -53.25
C ALA M 81 25.77 21.94 -53.02
N GLN M 82 24.85 20.97 -53.14
CA GLN M 82 23.46 21.22 -52.77
C GLN M 82 23.34 21.48 -51.28
N VAL M 83 23.94 20.60 -50.46
CA VAL M 83 23.97 20.77 -49.01
C VAL M 83 24.57 22.12 -48.66
N LEU M 84 25.67 22.48 -49.31
CA LEU M 84 26.36 23.73 -48.98
C LEU M 84 25.51 24.95 -49.34
N ASN M 85 24.83 24.93 -50.49
CA ASN M 85 24.01 26.08 -50.88
C ASN M 85 22.84 26.26 -49.93
N GLU M 86 22.28 25.17 -49.44
CA GLU M 86 21.20 25.29 -48.45
C GLU M 86 21.73 25.83 -47.13
N LEU M 87 22.99 25.57 -46.80
CA LEU M 87 23.55 26.14 -45.58
C LEU M 87 23.65 27.65 -45.69
N GLU M 88 24.10 28.14 -46.86
CA GLU M 88 24.16 29.58 -47.10
C GLU M 88 22.77 30.22 -47.06
N GLU M 89 21.79 29.55 -47.67
CA GLU M 89 20.41 30.03 -47.67
C GLU M 89 19.91 30.24 -46.24
N CYS M 90 20.15 29.24 -45.39
CA CYS M 90 19.80 29.37 -43.98
C CYS M 90 20.50 30.59 -43.37
N LYS M 91 21.80 30.73 -43.60
CA LYS M 91 22.55 31.81 -42.96
C LYS M 91 22.01 33.17 -43.37
N LYS M 92 21.64 33.33 -44.64
CA LYS M 92 21.01 34.57 -45.09
C LYS M 92 19.66 34.77 -44.43
N GLU M 93 18.85 33.72 -44.40
CA GLU M 93 17.53 33.85 -43.79
C GLU M 93 17.60 33.93 -42.26
N TYR M 94 18.56 33.27 -41.62
CA TYR M 94 18.63 33.19 -40.16
C TYR M 94 20.02 33.54 -39.63
N PRO M 95 20.51 34.76 -39.89
CA PRO M 95 21.83 35.13 -39.37
C PRO M 95 21.97 35.01 -37.86
N ASN M 96 20.85 35.03 -37.13
CA ASN M 96 20.84 35.04 -35.67
C ASN M 96 20.61 33.66 -35.07
N ALA M 97 20.67 32.63 -35.89
CA ALA M 97 20.45 31.28 -35.42
C ALA M 97 21.77 30.50 -35.36
N PHE M 98 21.82 29.56 -34.42
CA PHE M 98 22.75 28.47 -34.59
C PHE M 98 22.23 27.59 -35.70
N ILE M 99 23.15 27.01 -36.47
CA ILE M 99 22.77 26.14 -37.58
C ILE M 99 23.71 24.93 -37.55
N ARG M 100 23.13 23.73 -37.57
CA ARG M 100 23.91 22.50 -37.63
C ARG M 100 23.53 21.70 -38.87
N ILE M 101 24.46 20.87 -39.32
CA ILE M 101 24.21 19.88 -40.37
C ILE M 101 24.18 18.51 -39.71
N ILE M 102 23.20 17.69 -40.08
CA ILE M 102 23.04 16.35 -39.52
C ILE M 102 22.95 15.37 -40.69
N GLY M 103 23.06 14.08 -40.36
CA GLY M 103 22.95 13.03 -41.37
C GLY M 103 22.26 11.79 -40.85
N PHE M 104 21.24 11.33 -41.57
CA PHE M 104 20.41 10.21 -41.15
C PHE M 104 20.86 8.90 -41.78
N ASP M 105 20.84 7.84 -41.01
CA ASP M 105 20.97 6.50 -41.57
C ASP M 105 19.63 5.78 -41.43
N SER M 106 19.10 5.31 -42.55
CA SER M 106 17.76 4.74 -42.56
C SER M 106 17.72 3.35 -41.95
N ASN M 107 18.77 2.55 -42.13
CA ASN M 107 18.68 1.15 -41.76
C ASN M 107 18.76 0.96 -40.24
N ARG M 108 19.46 1.85 -39.54
CA ARG M 108 19.43 1.82 -38.08
C ARG M 108 18.52 2.90 -37.50
N GLU M 109 17.90 3.72 -38.36
CA GLU M 109 17.10 4.89 -37.97
C GLU M 109 17.72 5.64 -36.78
N VAL M 110 18.92 6.13 -37.02
CA VAL M 110 19.63 6.96 -36.06
C VAL M 110 20.40 8.03 -36.84
N GLN M 111 20.49 9.21 -36.28
CA GLN M 111 21.42 10.19 -36.80
C GLN M 111 22.83 9.66 -36.64
N CYS M 112 23.66 9.82 -37.67
CA CYS M 112 25.01 9.30 -37.64
C CYS M 112 26.04 10.39 -37.81
N ILE M 113 25.61 11.62 -38.04
CA ILE M 113 26.50 12.77 -38.17
C ILE M 113 25.76 13.99 -37.62
N SER M 114 26.46 14.81 -36.85
CA SER M 114 25.90 16.06 -36.37
C SER M 114 27.03 17.00 -35.99
N PHE M 115 27.05 18.18 -36.61
CA PHE M 115 28.07 19.17 -36.33
C PHE M 115 27.49 20.55 -36.60
N ILE M 116 28.05 21.52 -35.91
CA ILE M 116 27.54 22.89 -35.98
C ILE M 116 28.22 23.59 -37.15
N ALA M 117 27.40 24.05 -38.09
CA ALA M 117 27.94 24.68 -39.30
C ALA M 117 28.15 26.17 -39.09
N TYR M 118 27.29 26.82 -38.31
CA TYR M 118 27.34 28.26 -38.16
C TYR M 118 26.87 28.65 -36.75
N LYS M 119 27.48 29.70 -36.20
CA LYS M 119 27.07 30.17 -34.91
C LYS M 119 26.64 31.63 -35.00
N PRO M 120 25.65 32.05 -34.22
CA PRO M 120 25.22 33.44 -34.21
C PRO M 120 26.13 34.27 -33.31
N ALA M 121 25.86 35.58 -33.30
CA ALA M 121 26.76 36.53 -32.66
C ALA M 121 26.91 36.25 -31.16
N GLY M 122 28.10 36.52 -30.65
CA GLY M 122 28.39 36.33 -29.24
C GLY M 122 28.71 34.90 -28.84
N TYR M 123 28.58 33.96 -29.76
CA TYR M 123 28.83 32.57 -29.45
C TYR M 123 30.02 32.05 -30.27
N MET N 1 7.97 -57.81 -7.29
CA MET N 1 8.18 -56.72 -6.34
C MET N 1 7.23 -56.86 -5.15
N GLN N 2 7.50 -56.14 -4.08
CA GLN N 2 6.62 -56.07 -2.92
C GLN N 2 6.19 -54.63 -2.71
N VAL N 3 4.96 -54.42 -2.24
CA VAL N 3 4.38 -53.09 -2.12
C VAL N 3 4.35 -52.67 -0.66
N TRP N 4 4.97 -51.52 -0.37
CA TRP N 4 5.09 -51.01 0.98
C TRP N 4 3.71 -50.80 1.59
N PRO N 5 3.43 -51.34 2.77
CA PRO N 5 2.11 -51.16 3.39
C PRO N 5 1.80 -49.70 3.74
N ILE N 6 0.52 -49.36 3.65
CA ILE N 6 0.06 -47.99 3.86
C ILE N 6 -0.64 -47.80 5.19
N LEU N 7 -1.01 -48.88 5.89
CA LEU N 7 -1.79 -48.83 7.11
C LEU N 7 -0.98 -49.40 8.26
N ASN N 8 -1.09 -48.79 9.44
CA ASN N 8 -0.33 -49.19 10.61
C ASN N 8 1.16 -49.23 10.29
N LEU N 9 1.61 -48.30 9.46
CA LEU N 9 3.02 -48.19 9.14
C LEU N 9 3.63 -46.91 9.73
N LYS N 10 3.00 -46.36 10.77
CA LYS N 10 3.58 -45.24 11.49
C LYS N 10 4.99 -45.57 11.93
N LYS N 11 5.89 -44.60 11.85
CA LYS N 11 7.27 -44.82 12.22
C LYS N 11 7.60 -43.88 13.38
N TYR N 12 8.77 -44.13 13.98
CA TYR N 12 9.14 -43.56 15.28
C TYR N 12 10.55 -43.00 15.23
N GLU N 13 10.91 -42.43 14.07
CA GLU N 13 12.14 -41.70 13.81
C GLU N 13 13.38 -42.60 13.86
N THR N 14 14.53 -42.07 14.23
CA THR N 14 15.77 -42.84 14.06
C THR N 14 15.68 -44.21 14.74
N LEU N 15 16.05 -45.24 13.97
CA LEU N 15 16.08 -46.66 14.29
C LEU N 15 14.71 -47.33 14.10
N SER N 16 13.65 -46.61 13.70
CA SER N 16 12.32 -47.22 13.62
C SER N 16 12.13 -48.09 12.39
N TYR N 17 12.98 -47.96 11.36
CA TYR N 17 12.92 -48.86 10.21
C TYR N 17 13.74 -50.12 10.42
N LEU N 18 14.66 -50.14 11.40
CA LEU N 18 15.42 -51.33 11.74
C LEU N 18 14.53 -52.35 12.45
N PRO N 19 15.00 -53.60 12.61
CA PRO N 19 14.19 -54.59 13.33
C PRO N 19 14.11 -54.24 14.79
N PRO N 20 13.07 -54.70 15.50
CA PRO N 20 12.82 -54.24 16.87
C PRO N 20 14.03 -54.44 17.77
N LEU N 21 14.32 -53.42 18.57
CA LEU N 21 15.59 -53.37 19.31
C LEU N 21 15.56 -54.35 20.47
N THR N 22 16.58 -55.18 20.55
CA THR N 22 16.64 -56.09 21.67
C THR N 22 17.19 -55.35 22.89
N THR N 23 17.11 -56.00 24.04
CA THR N 23 17.50 -55.32 25.28
C THR N 23 18.97 -54.92 25.24
N ASP N 24 19.82 -55.76 24.65
CA ASP N 24 21.23 -55.37 24.56
C ASP N 24 21.42 -54.23 23.58
N GLN N 25 20.76 -54.31 22.42
CA GLN N 25 20.82 -53.22 21.45
C GLN N 25 20.35 -51.92 22.08
N LEU N 26 19.18 -51.94 22.73
CA LEU N 26 18.73 -50.77 23.48
C LEU N 26 19.82 -50.27 24.42
N ALA N 27 20.52 -51.19 25.09
CA ALA N 27 21.57 -50.83 26.04
C ALA N 27 22.80 -50.26 25.33
N ARG N 28 23.12 -50.78 24.14
CA ARG N 28 24.28 -50.28 23.41
C ARG N 28 24.05 -48.86 22.88
N GLN N 29 22.78 -48.50 22.56
CA GLN N 29 22.46 -47.13 22.21
C GLN N 29 22.57 -46.18 23.41
N VAL N 30 22.20 -46.67 24.61
CA VAL N 30 22.39 -45.90 25.83
C VAL N 30 23.86 -45.80 26.20
N ASP N 31 24.68 -46.72 25.72
CA ASP N 31 26.10 -46.61 26.01
C ASP N 31 26.76 -45.58 25.13
N TYR N 32 26.36 -45.55 23.86
CA TYR N 32 26.89 -44.57 22.91
C TYR N 32 26.61 -43.16 23.39
N LEU N 33 25.37 -42.92 23.84
CA LEU N 33 25.02 -41.64 24.45
C LEU N 33 25.99 -41.26 25.56
N LEU N 34 26.19 -42.16 26.54
CA LEU N 34 27.02 -41.83 27.70
C LEU N 34 28.50 -41.73 27.35
N ASN N 35 28.95 -42.47 26.34
CA ASN N 35 30.35 -42.41 25.93
C ASN N 35 30.70 -41.08 25.29
N ASN N 36 29.75 -40.42 24.63
CA ASN N 36 29.97 -39.12 24.00
C ASN N 36 29.73 -37.95 24.94
N LYS N 37 29.63 -38.23 26.24
CA LYS N 37 29.40 -37.23 27.27
C LYS N 37 28.06 -36.56 27.11
N TRP N 38 27.11 -37.17 26.39
CA TRP N 38 25.81 -36.56 26.26
C TRP N 38 24.95 -36.86 27.50
N VAL N 39 23.95 -36.01 27.74
CA VAL N 39 23.14 -36.08 28.96
C VAL N 39 21.86 -36.82 28.62
N PRO N 40 21.60 -37.97 29.25
CA PRO N 40 20.39 -38.74 28.95
C PRO N 40 19.14 -38.10 29.55
N CYS N 41 18.01 -38.36 28.88
CA CYS N 41 16.71 -37.89 29.35
C CYS N 41 15.64 -38.77 28.74
N LEU N 42 14.52 -38.88 29.45
CA LEU N 42 13.39 -39.69 29.03
C LEU N 42 12.18 -38.80 28.79
N GLU N 43 11.38 -39.15 27.79
CA GLU N 43 10.16 -38.41 27.48
C GLU N 43 9.05 -39.35 27.05
N PHE N 44 7.82 -39.04 27.46
CA PHE N 44 6.69 -39.91 27.24
C PHE N 44 5.49 -39.11 26.77
N GLU N 45 4.64 -39.75 25.97
CA GLU N 45 3.43 -39.12 25.46
C GLU N 45 2.36 -40.19 25.28
N THR N 46 1.14 -39.89 25.71
CA THR N 46 0.02 -40.79 25.51
C THR N 46 -0.91 -40.31 24.41
N ASP N 47 -1.34 -39.06 24.49
CA ASP N 47 -2.45 -38.59 23.67
C ASP N 47 -2.07 -38.47 22.19
N HIS N 48 -0.89 -37.91 21.89
CA HIS N 48 -0.54 -37.55 20.51
C HIS N 48 0.89 -38.02 20.19
N GLY N 49 1.01 -39.33 19.93
CA GLY N 49 2.33 -39.91 19.67
C GLY N 49 2.95 -39.42 18.38
N PHE N 50 2.13 -38.91 17.47
CA PHE N 50 2.58 -38.44 16.17
C PHE N 50 2.21 -36.97 16.01
N VAL N 51 3.03 -36.24 15.26
CA VAL N 51 2.84 -34.79 15.11
C VAL N 51 1.53 -34.51 14.41
N TYR N 52 0.98 -33.33 14.70
CA TYR N 52 -0.27 -32.87 14.12
C TYR N 52 -0.19 -31.36 13.93
N ARG N 53 -1.19 -30.81 13.24
CA ARG N 53 -1.32 -29.37 13.14
C ARG N 53 -2.73 -29.00 13.60
N GLU N 54 -2.81 -28.24 14.70
CA GLU N 54 -4.11 -27.78 15.20
C GLU N 54 -4.19 -26.27 15.39
N HIS N 55 -3.21 -25.66 16.03
CA HIS N 55 -3.30 -24.24 16.33
C HIS N 55 -2.69 -23.38 15.23
N HIS N 56 -1.83 -23.95 14.39
CA HIS N 56 -1.25 -23.15 13.34
C HIS N 56 -0.88 -24.06 12.18
N ASN N 57 -0.93 -23.49 10.96
CA ASN N 57 -0.44 -24.14 9.75
C ASN N 57 0.71 -23.36 9.12
N SER N 58 1.27 -22.39 9.84
CA SER N 58 2.37 -21.58 9.32
C SER N 58 3.66 -22.41 9.20
N PRO N 59 4.62 -21.93 8.40
CA PRO N 59 5.84 -22.69 8.16
C PRO N 59 6.65 -22.86 9.44
N GLY N 60 7.02 -24.11 9.73
CA GLY N 60 7.83 -24.43 10.88
C GLY N 60 7.06 -24.74 12.14
N TYR N 61 5.74 -24.65 12.11
CA TYR N 61 4.93 -24.91 13.28
C TYR N 61 4.28 -26.27 13.10
N TYR N 62 4.46 -27.11 14.10
CA TYR N 62 3.77 -28.39 14.20
C TYR N 62 3.39 -28.57 15.66
N ASP N 63 2.18 -29.04 15.90
CA ASP N 63 1.85 -29.51 17.24
C ASP N 63 2.36 -30.93 17.41
N GLY N 64 2.53 -31.32 18.67
CA GLY N 64 2.89 -32.69 18.98
C GLY N 64 4.38 -33.00 18.88
N ARG N 65 5.23 -32.01 18.67
CA ARG N 65 6.65 -32.29 18.76
C ARG N 65 7.06 -32.45 20.21
N TYR N 66 6.54 -31.59 21.08
CA TYR N 66 6.81 -31.67 22.51
C TYR N 66 6.12 -32.88 23.14
N TRP N 67 6.88 -33.61 23.93
CA TRP N 67 6.43 -34.70 24.77
C TRP N 67 6.61 -34.29 26.23
N THR N 68 6.13 -35.12 27.17
CA THR N 68 6.33 -34.81 28.58
C THR N 68 7.64 -35.40 29.10
N MET N 69 8.32 -34.62 29.93
CA MET N 69 9.60 -35.03 30.51
C MET N 69 9.39 -35.93 31.72
N TRP N 70 10.11 -37.05 31.76
CA TRP N 70 10.12 -37.95 32.91
C TRP N 70 11.18 -37.45 33.88
N LYS N 71 10.74 -37.02 35.07
CA LYS N 71 11.58 -36.40 36.09
C LYS N 71 12.39 -35.25 35.49
N LEU N 72 13.72 -35.36 35.50
CA LEU N 72 14.59 -34.36 34.90
C LEU N 72 15.70 -35.08 34.14
N PRO N 73 16.33 -34.41 33.17
CA PRO N 73 17.49 -35.00 32.51
C PRO N 73 18.55 -35.40 33.52
N MET N 74 19.20 -36.52 33.28
CA MET N 74 20.08 -37.11 34.28
C MET N 74 21.50 -36.59 34.11
N PHE N 75 21.69 -35.34 34.53
CA PHE N 75 22.99 -34.69 34.36
C PHE N 75 24.07 -35.42 35.15
N GLY N 76 25.25 -35.55 34.54
CA GLY N 76 26.35 -36.21 35.20
C GLY N 76 26.17 -37.70 35.38
N CYS N 77 25.13 -38.29 34.78
CA CYS N 77 24.92 -39.74 34.91
C CYS N 77 26.06 -40.49 34.26
N THR N 78 26.56 -41.51 34.95
CA THR N 78 27.69 -42.27 34.45
C THR N 78 27.34 -43.72 34.19
N ASP N 79 26.11 -44.14 34.50
CA ASP N 79 25.76 -45.56 34.47
C ASP N 79 24.63 -45.83 33.50
N PRO N 80 24.86 -46.62 32.45
CA PRO N 80 23.76 -47.08 31.60
C PRO N 80 22.63 -47.70 32.41
N ALA N 81 22.96 -48.35 33.53
CA ALA N 81 21.96 -49.03 34.33
C ALA N 81 20.89 -48.07 34.82
N GLN N 82 21.28 -46.86 35.22
CA GLN N 82 20.32 -45.91 35.78
C GLN N 82 19.27 -45.53 34.75
N VAL N 83 19.67 -45.42 33.49
CA VAL N 83 18.73 -45.09 32.43
C VAL N 83 17.73 -46.22 32.25
N LEU N 84 18.20 -47.47 32.34
CA LEU N 84 17.32 -48.61 32.07
C LEU N 84 16.31 -48.79 33.21
N ASN N 85 16.75 -48.60 34.46
CA ASN N 85 15.83 -48.62 35.59
C ASN N 85 14.84 -47.48 35.51
N GLU N 86 15.31 -46.29 35.13
CA GLU N 86 14.40 -45.17 34.88
C GLU N 86 13.39 -45.52 33.80
N LEU N 87 13.86 -46.13 32.70
CA LEU N 87 12.96 -46.56 31.64
C LEU N 87 11.92 -47.52 32.20
N GLU N 88 12.36 -48.53 32.94
CA GLU N 88 11.44 -49.49 33.51
C GLU N 88 10.39 -48.82 34.38
N GLU N 89 10.81 -47.85 35.19
CA GLU N 89 9.86 -47.16 36.07
C GLU N 89 8.76 -46.47 35.27
N CYS N 90 9.11 -45.79 34.17
CA CYS N 90 8.13 -45.02 33.41
C CYS N 90 7.07 -45.93 32.77
N LYS N 91 7.49 -47.09 32.22
CA LYS N 91 6.51 -48.02 31.66
C LYS N 91 5.55 -48.51 32.74
N LYS N 92 6.08 -48.80 33.93
CA LYS N 92 5.22 -49.20 35.04
C LYS N 92 4.23 -48.09 35.36
N GLU N 93 4.71 -46.84 35.46
CA GLU N 93 3.81 -45.70 35.63
C GLU N 93 2.94 -45.49 34.38
N TYR N 94 3.50 -45.66 33.18
CA TYR N 94 2.82 -45.30 31.93
C TYR N 94 2.79 -46.49 30.97
N PRO N 95 1.90 -47.46 31.22
CA PRO N 95 1.70 -48.55 30.26
C PRO N 95 1.17 -48.09 28.92
N ASN N 96 0.29 -47.07 28.88
CA ASN N 96 -0.38 -46.70 27.62
C ASN N 96 0.31 -45.55 26.91
N ALA N 97 1.55 -45.21 27.27
CA ALA N 97 2.28 -44.09 26.71
C ALA N 97 3.42 -44.58 25.83
N PHE N 98 3.69 -43.84 24.75
CA PHE N 98 4.96 -43.99 24.04
C PHE N 98 6.06 -43.40 24.91
N ILE N 99 7.22 -44.07 24.96
CA ILE N 99 8.35 -43.57 25.73
C ILE N 99 9.57 -43.54 24.81
N ARG N 100 10.30 -42.43 24.84
CA ARG N 100 11.48 -42.25 24.00
C ARG N 100 12.65 -41.78 24.87
N ILE N 101 13.86 -42.09 24.41
CA ILE N 101 15.09 -41.77 25.13
C ILE N 101 15.84 -40.74 24.31
N ILE N 102 16.24 -39.63 24.95
CA ILE N 102 16.85 -38.53 24.20
C ILE N 102 18.19 -38.21 24.84
N GLY N 103 19.09 -37.66 24.04
CA GLY N 103 20.39 -37.30 24.54
C GLY N 103 20.68 -35.83 24.28
N PHE N 104 21.10 -35.12 25.33
CA PHE N 104 21.31 -33.69 25.26
C PHE N 104 22.80 -33.43 25.12
N ASP N 105 23.18 -32.57 24.19
CA ASP N 105 24.56 -32.12 24.08
C ASP N 105 24.62 -30.61 24.32
N SER N 106 25.40 -30.19 25.32
CA SER N 106 25.37 -28.80 25.76
C SER N 106 26.22 -27.90 24.87
N ASN N 107 27.28 -28.44 24.24
CA ASN N 107 28.17 -27.57 23.48
C ASN N 107 27.48 -27.01 22.23
N ARG N 108 26.63 -27.79 21.57
CA ARG N 108 25.84 -27.30 20.45
C ARG N 108 24.36 -27.13 20.77
N GLU N 109 23.93 -27.49 21.99
CA GLU N 109 22.56 -27.30 22.44
C GLU N 109 21.55 -27.86 21.45
N VAL N 110 21.72 -29.14 21.12
CA VAL N 110 20.76 -29.87 20.30
C VAL N 110 20.75 -31.31 20.79
N GLN N 111 19.60 -31.97 20.62
CA GLN N 111 19.55 -33.39 20.93
C GLN N 111 20.38 -34.15 19.90
N CYS N 112 21.39 -34.87 20.35
CA CYS N 112 22.22 -35.68 19.46
C CYS N 112 21.78 -37.13 19.41
N ILE N 113 20.75 -37.50 20.17
CA ILE N 113 20.20 -38.85 20.17
C ILE N 113 18.70 -38.76 20.43
N SER N 114 17.94 -39.57 19.70
CA SER N 114 16.51 -39.74 20.03
C SER N 114 16.03 -41.06 19.47
N PHE N 115 15.59 -41.97 20.35
CA PHE N 115 15.03 -43.24 19.91
C PHE N 115 13.91 -43.65 20.84
N ILE N 116 12.99 -44.46 20.31
CA ILE N 116 11.76 -44.78 21.02
C ILE N 116 12.00 -46.03 21.86
N ALA N 117 11.71 -45.94 23.16
CA ALA N 117 12.08 -47.02 24.06
C ALA N 117 10.97 -48.03 24.23
N TYR N 118 9.72 -47.60 24.10
CA TYR N 118 8.60 -48.48 24.37
C TYR N 118 7.36 -47.89 23.70
N LYS N 119 6.44 -48.77 23.31
CA LYS N 119 5.28 -48.32 22.60
C LYS N 119 4.02 -48.84 23.29
N PRO N 120 2.96 -48.03 23.36
CA PRO N 120 1.69 -48.56 23.84
C PRO N 120 1.23 -49.68 22.92
N ALA N 121 0.63 -50.72 23.50
CA ALA N 121 0.24 -51.89 22.71
C ALA N 121 -0.70 -51.46 21.60
N GLY N 122 -0.65 -52.19 20.49
CA GLY N 122 -1.33 -51.77 19.28
C GLY N 122 -0.47 -50.94 18.36
N TYR N 123 0.78 -50.69 18.76
CA TYR N 123 1.76 -49.96 17.97
C TYR N 123 3.05 -50.76 17.94
N MET O 1 20.58 51.65 19.56
CA MET O 1 20.01 50.54 18.82
C MET O 1 20.20 50.77 17.34
N GLN O 2 20.81 49.79 16.68
CA GLN O 2 21.08 49.84 15.26
C GLN O 2 20.38 48.67 14.59
N VAL O 3 20.01 48.88 13.33
CA VAL O 3 19.40 47.84 12.50
C VAL O 3 20.49 47.27 11.61
N TRP O 4 20.61 45.96 11.62
CA TRP O 4 21.52 45.28 10.73
C TRP O 4 21.00 45.41 9.30
N PRO O 5 21.82 45.90 8.36
CA PRO O 5 21.34 46.14 6.99
C PRO O 5 20.88 44.88 6.25
N ILE O 6 19.92 45.06 5.33
CA ILE O 6 19.35 43.92 4.60
C ILE O 6 19.83 43.84 3.14
N LEU O 7 20.30 44.94 2.56
CA LEU O 7 20.76 45.01 1.18
C LEU O 7 22.28 44.99 0.99
N ASN O 8 22.73 44.23 -0.01
CA ASN O 8 24.15 44.21 -0.35
C ASN O 8 24.96 43.76 0.85
N LEU O 9 24.33 42.93 1.66
CA LEU O 9 24.95 42.39 2.87
C LEU O 9 25.26 40.92 2.69
N LYS O 10 25.76 40.54 1.50
CA LYS O 10 26.19 39.17 1.30
C LYS O 10 27.46 38.91 2.09
N LYS O 11 27.59 37.69 2.63
CA LYS O 11 28.77 37.28 3.38
C LYS O 11 29.32 35.98 2.78
N TYR O 12 30.54 35.63 3.16
CA TYR O 12 31.35 34.63 2.45
C TYR O 12 31.94 33.60 3.44
N GLU O 13 31.09 33.12 4.34
CA GLU O 13 31.45 32.09 5.33
C GLU O 13 32.55 32.61 6.26
N THR O 14 33.60 31.86 6.56
CA THR O 14 34.48 32.17 7.68
C THR O 14 35.35 33.38 7.42
N LEU O 15 35.35 34.31 8.38
CA LEU O 15 36.12 35.58 8.45
C LEU O 15 35.39 36.73 7.78
N SER O 16 34.27 36.49 7.09
CA SER O 16 33.58 37.52 6.32
C SER O 16 32.83 38.51 7.20
N TYR O 17 32.60 38.20 8.48
CA TYR O 17 32.04 39.18 9.41
C TYR O 17 33.11 40.07 10.02
N LEU O 18 34.39 39.70 9.89
CA LEU O 18 35.50 40.51 10.35
C LEU O 18 35.78 41.61 9.35
N PRO O 19 36.57 42.62 9.72
CA PRO O 19 36.94 43.65 8.76
C PRO O 19 37.83 43.09 7.68
N PRO O 20 37.83 43.67 6.49
CA PRO O 20 38.47 43.02 5.34
C PRO O 20 39.94 42.72 5.61
N LEU O 21 40.38 41.57 5.11
CA LEU O 21 41.72 41.08 5.41
C LEU O 21 42.81 41.92 4.76
N THR O 22 43.73 42.45 5.56
CA THR O 22 44.92 43.06 5.00
C THR O 22 45.80 41.99 4.38
N THR O 23 46.83 42.42 3.65
CA THR O 23 47.74 41.47 3.03
C THR O 23 48.47 40.65 4.08
N ASP O 24 48.85 41.29 5.19
CA ASP O 24 49.51 40.54 6.27
C ASP O 24 48.58 39.51 6.89
N GLN O 25 47.31 39.87 7.06
CA GLN O 25 46.34 38.97 7.71
C GLN O 25 46.09 37.75 6.83
N LEU O 26 45.97 37.96 5.52
CA LEU O 26 45.87 36.84 4.59
C LEU O 26 47.07 35.92 4.70
N ALA O 27 48.27 36.48 4.91
CA ALA O 27 49.47 35.63 4.99
C ALA O 27 49.47 34.78 6.26
N ARG O 28 49.00 35.33 7.38
CA ARG O 28 48.87 34.54 8.60
C ARG O 28 47.90 33.37 8.42
N GLN O 29 46.76 33.60 7.77
CA GLN O 29 45.83 32.52 7.53
C GLN O 29 46.48 31.41 6.70
N VAL O 30 47.24 31.78 5.66
CA VAL O 30 47.94 30.79 4.87
C VAL O 30 49.02 30.09 5.70
N ASP O 31 49.66 30.81 6.61
CA ASP O 31 50.67 30.16 7.45
C ASP O 31 50.05 29.12 8.36
N TYR O 32 48.89 29.44 8.95
CA TYR O 32 48.22 28.49 9.82
C TYR O 32 47.86 27.22 9.06
N LEU O 33 47.41 27.39 7.81
CA LEU O 33 47.07 26.26 6.96
C LEU O 33 48.29 25.37 6.73
N LEU O 34 49.41 25.98 6.33
CA LEU O 34 50.63 25.21 6.09
C LEU O 34 51.18 24.61 7.38
N ASN O 35 51.17 25.38 8.47
CA ASN O 35 51.73 24.86 9.73
C ASN O 35 50.95 23.67 10.23
N ASN O 36 49.68 23.56 9.88
CA ASN O 36 48.88 22.41 10.22
C ASN O 36 49.06 21.27 9.24
N LYS O 37 50.00 21.40 8.30
CA LYS O 37 50.24 20.40 7.27
C LYS O 37 49.01 20.17 6.41
N TRP O 38 48.11 21.15 6.31
CA TRP O 38 46.99 21.00 5.38
C TRP O 38 47.44 21.41 3.98
N VAL O 39 46.69 20.97 2.97
CA VAL O 39 47.09 21.16 1.58
C VAL O 39 46.37 22.38 1.01
N PRO O 40 47.08 23.38 0.50
CA PRO O 40 46.42 24.56 -0.06
C PRO O 40 45.90 24.32 -1.47
N CYS O 41 44.77 24.95 -1.78
CA CYS O 41 44.14 24.92 -3.10
C CYS O 41 43.32 26.20 -3.26
N LEU O 42 43.16 26.64 -4.51
CA LEU O 42 42.39 27.83 -4.84
C LEU O 42 41.21 27.47 -5.74
N GLU O 43 40.04 28.02 -5.43
CA GLU O 43 38.81 27.79 -6.17
C GLU O 43 38.23 29.15 -6.56
N PHE O 44 37.67 29.22 -7.76
CA PHE O 44 37.10 30.46 -8.24
C PHE O 44 35.72 30.21 -8.84
N GLU O 45 34.88 31.24 -8.81
CA GLU O 45 33.54 31.18 -9.38
C GLU O 45 33.15 32.55 -9.91
N THR O 46 32.69 32.60 -11.16
CA THR O 46 32.16 33.79 -11.79
C THR O 46 30.64 33.85 -11.74
N ASP O 47 29.95 32.82 -12.23
CA ASP O 47 28.52 32.91 -12.50
C ASP O 47 27.68 32.97 -11.21
N HIS O 48 27.93 32.06 -10.24
CA HIS O 48 27.01 31.82 -9.12
C HIS O 48 27.75 31.85 -7.78
N GLY O 49 28.05 33.05 -7.29
CA GLY O 49 28.78 33.21 -6.05
C GLY O 49 28.10 32.63 -4.84
N PHE O 50 26.78 32.49 -4.89
CA PHE O 50 26.00 32.10 -3.72
C PHE O 50 25.16 30.86 -4.04
N VAL O 51 24.92 30.05 -3.01
CA VAL O 51 24.18 28.81 -3.23
C VAL O 51 22.79 29.15 -3.76
N TYR O 52 22.27 28.23 -4.56
CA TYR O 52 20.95 28.34 -5.18
C TYR O 52 20.40 26.93 -5.25
N ARG O 53 19.12 26.80 -5.58
CA ARG O 53 18.50 25.48 -5.74
C ARG O 53 17.76 25.49 -7.09
N GLU O 54 18.52 25.35 -8.16
CA GLU O 54 17.94 25.19 -9.49
C GLU O 54 17.40 23.78 -9.72
N HIS O 55 18.21 22.74 -9.46
CA HIS O 55 17.92 21.39 -9.95
C HIS O 55 17.17 20.50 -8.97
N HIS O 56 17.25 20.75 -7.65
CA HIS O 56 16.59 19.89 -6.69
C HIS O 56 16.29 20.67 -5.42
N ASN O 57 15.30 20.19 -4.67
CA ASN O 57 14.96 20.83 -3.39
C ASN O 57 14.93 19.82 -2.24
N SER O 58 15.36 18.60 -2.49
CA SER O 58 15.48 17.56 -1.47
C SER O 58 16.50 17.94 -0.38
N PRO O 59 16.39 17.35 0.83
CA PRO O 59 17.24 17.78 1.95
C PRO O 59 18.73 17.58 1.66
N GLY O 60 19.54 18.59 2.00
CA GLY O 60 20.98 18.53 1.78
C GLY O 60 21.46 18.82 0.38
N TYR O 61 20.54 19.16 -0.54
CA TYR O 61 20.90 19.48 -1.92
C TYR O 61 20.80 21.00 -2.12
N TYR O 62 21.89 21.60 -2.55
CA TYR O 62 21.92 22.98 -3.01
C TYR O 62 22.82 23.01 -4.25
N ASP O 63 22.53 23.93 -5.17
CA ASP O 63 23.51 24.18 -6.21
C ASP O 63 24.50 25.25 -5.76
N GLY O 64 25.55 25.42 -6.55
CA GLY O 64 26.55 26.42 -6.29
C GLY O 64 27.44 26.20 -5.07
N ARG O 65 27.45 25.01 -4.47
CA ARG O 65 28.50 24.71 -3.50
C ARG O 65 29.84 24.47 -4.19
N TYR O 66 29.85 23.64 -5.24
CA TYR O 66 31.06 23.43 -6.01
C TYR O 66 31.42 24.70 -6.76
N TRP O 67 32.71 25.03 -6.73
CA TRP O 67 33.34 26.07 -7.53
C TRP O 67 34.28 25.36 -8.49
N THR O 68 34.98 26.11 -9.33
CA THR O 68 35.95 25.48 -10.22
C THR O 68 37.37 25.66 -9.66
N MET O 69 38.15 24.58 -9.73
CA MET O 69 39.44 24.51 -9.07
C MET O 69 40.52 25.14 -9.94
N TRP O 70 41.38 25.96 -9.32
CA TRP O 70 42.46 26.66 -10.02
C TRP O 70 43.72 25.80 -9.99
N LYS O 71 44.06 25.18 -11.11
CA LYS O 71 45.22 24.27 -11.23
C LYS O 71 44.93 23.06 -10.36
N LEU O 72 45.81 22.67 -9.45
CA LEU O 72 45.61 21.48 -8.65
C LEU O 72 45.85 21.86 -7.19
N PRO O 73 45.44 21.01 -6.24
CA PRO O 73 45.87 21.23 -4.86
C PRO O 73 47.38 21.21 -4.79
N MET O 74 47.95 22.10 -3.97
CA MET O 74 49.41 22.28 -3.96
C MET O 74 50.04 21.31 -2.94
N PHE O 75 50.02 20.02 -3.30
CA PHE O 75 50.66 18.99 -2.50
C PHE O 75 52.15 19.24 -2.40
N GLY O 76 52.70 19.02 -1.20
CA GLY O 76 54.12 19.23 -0.96
C GLY O 76 54.53 20.67 -0.88
N CYS O 77 53.61 21.61 -1.03
CA CYS O 77 53.98 23.03 -1.02
C CYS O 77 54.24 23.46 0.41
N THR O 78 55.49 23.78 0.72
CA THR O 78 55.84 24.20 2.05
C THR O 78 56.03 25.72 2.14
N ASP O 79 55.86 26.45 1.04
CA ASP O 79 56.17 27.89 1.02
C ASP O 79 54.95 28.73 0.91
N PRO O 80 54.67 29.60 1.85
CA PRO O 80 53.51 30.51 1.70
C PRO O 80 53.58 31.36 0.46
N ALA O 81 54.80 31.76 0.01
CA ALA O 81 54.87 32.61 -1.20
C ALA O 81 54.22 31.95 -2.40
N GLN O 82 54.34 30.62 -2.48
CA GLN O 82 53.78 29.88 -3.61
C GLN O 82 52.26 29.87 -3.59
N VAL O 83 51.64 29.86 -2.41
CA VAL O 83 50.18 29.99 -2.37
C VAL O 83 49.79 31.41 -2.77
N LEU O 84 50.49 32.41 -2.24
CA LEU O 84 50.20 33.80 -2.58
C LEU O 84 50.40 34.09 -4.07
N ASN O 85 51.44 33.48 -4.67
CA ASN O 85 51.72 33.75 -6.08
C ASN O 85 50.61 33.18 -6.96
N GLU O 86 50.11 32.00 -6.60
CA GLU O 86 48.97 31.46 -7.34
C GLU O 86 47.77 32.40 -7.22
N LEU O 87 47.52 32.92 -6.01
CA LEU O 87 46.39 33.82 -5.83
C LEU O 87 46.50 35.02 -6.76
N GLU O 88 47.71 35.53 -6.94
CA GLU O 88 47.88 36.67 -7.86
C GLU O 88 47.63 36.26 -9.30
N GLU O 89 48.02 35.05 -9.68
CA GLU O 89 47.79 34.56 -11.04
C GLU O 89 46.30 34.39 -11.32
N CYS O 90 45.59 33.75 -10.39
CA CYS O 90 44.14 33.59 -10.52
C CYS O 90 43.46 34.95 -10.68
N LYS O 91 43.85 35.93 -9.85
CA LYS O 91 43.24 37.28 -9.93
C LYS O 91 43.50 37.92 -11.28
N LYS O 92 44.68 37.66 -11.86
CA LYS O 92 45.03 38.24 -13.14
C LYS O 92 44.24 37.60 -14.27
N GLU O 93 44.05 36.28 -14.21
CA GLU O 93 43.26 35.57 -15.23
C GLU O 93 41.78 35.84 -15.06
N TYR O 94 41.27 35.85 -13.83
CA TYR O 94 39.85 35.95 -13.54
C TYR O 94 39.58 37.16 -12.66
N PRO O 95 39.63 38.38 -13.21
CA PRO O 95 39.37 39.56 -12.38
C PRO O 95 37.90 39.78 -11.99
N ASN O 96 36.95 39.13 -12.67
CA ASN O 96 35.54 39.24 -12.31
C ASN O 96 35.02 38.01 -11.55
N ALA O 97 35.93 37.23 -10.96
CA ALA O 97 35.58 35.99 -10.27
C ALA O 97 35.87 36.11 -8.78
N PHE O 98 34.96 35.56 -7.96
CA PHE O 98 35.29 35.31 -6.56
C PHE O 98 36.37 34.24 -6.48
N ILE O 99 37.37 34.47 -5.64
CA ILE O 99 38.41 33.47 -5.44
C ILE O 99 38.46 33.14 -3.96
N ARG O 100 38.57 31.86 -3.63
CA ARG O 100 38.63 31.43 -2.23
C ARG O 100 39.81 30.48 -2.04
N ILE O 101 40.39 30.52 -0.83
CA ILE O 101 41.51 29.67 -0.45
C ILE O 101 40.99 28.57 0.47
N ILE O 102 41.25 27.30 0.13
CA ILE O 102 40.79 26.18 0.94
C ILE O 102 41.99 25.35 1.37
N GLY O 103 41.82 24.59 2.45
CA GLY O 103 42.88 23.75 2.96
C GLY O 103 42.43 22.36 3.31
N PHE O 104 43.11 21.36 2.77
CA PHE O 104 42.68 19.97 2.80
C PHE O 104 43.39 19.22 3.92
N ASP O 105 42.62 18.49 4.73
CA ASP O 105 43.19 17.56 5.70
C ASP O 105 42.99 16.14 5.20
N SER O 106 44.09 15.47 4.83
CA SER O 106 43.99 14.15 4.20
C SER O 106 43.48 13.09 5.18
N ASN O 107 43.80 13.21 6.46
CA ASN O 107 43.50 12.11 7.39
C ASN O 107 42.00 12.04 7.71
N ARG O 108 41.35 13.19 7.80
CA ARG O 108 39.92 13.24 7.99
C ARG O 108 39.17 13.35 6.67
N GLU O 109 39.89 13.63 5.59
CA GLU O 109 39.31 14.01 4.28
C GLU O 109 38.19 15.02 4.42
N VAL O 110 38.54 16.15 5.04
CA VAL O 110 37.64 17.29 5.11
C VAL O 110 38.49 18.53 4.94
N GLN O 111 37.90 19.58 4.38
CA GLN O 111 38.53 20.88 4.38
C GLN O 111 38.53 21.44 5.78
N CYS O 112 39.66 21.95 6.25
CA CYS O 112 39.72 22.61 7.55
C CYS O 112 39.95 24.10 7.43
N ILE O 113 40.04 24.62 6.21
CA ILE O 113 40.22 26.05 5.98
C ILE O 113 39.42 26.44 4.75
N SER O 114 38.70 27.53 4.86
CA SER O 114 38.03 28.10 3.69
C SER O 114 37.80 29.55 4.00
N PHE O 115 38.19 30.43 3.08
CA PHE O 115 37.96 31.86 3.24
C PHE O 115 38.18 32.52 1.90
N ILE O 116 37.48 33.62 1.69
CA ILE O 116 37.48 34.31 0.41
C ILE O 116 38.68 35.25 0.35
N ALA O 117 39.54 35.06 -0.64
CA ALA O 117 40.72 35.88 -0.80
C ALA O 117 40.54 37.02 -1.80
N TYR O 118 39.47 36.99 -2.58
CA TYR O 118 39.28 38.03 -3.58
C TYR O 118 37.82 38.11 -3.99
N LYS O 119 37.29 39.33 -3.98
CA LYS O 119 35.91 39.59 -4.32
C LYS O 119 35.88 40.50 -5.54
N PRO O 120 35.10 40.17 -6.56
CA PRO O 120 35.04 40.98 -7.78
C PRO O 120 34.26 42.27 -7.52
N ALA O 121 34.20 43.11 -8.54
CA ALA O 121 33.63 44.45 -8.42
C ALA O 121 32.22 44.43 -7.82
N GLY O 122 31.94 45.41 -6.97
CA GLY O 122 30.62 45.55 -6.38
C GLY O 122 30.34 44.63 -5.22
N TYR O 123 31.31 43.78 -4.84
CA TYR O 123 31.11 42.83 -3.78
C TYR O 123 32.07 43.14 -2.64
N MET P 1 11.98 -38.62 43.38
CA MET P 1 11.44 -37.64 42.44
C MET P 1 10.08 -38.11 41.90
N GLN P 2 9.10 -37.21 41.91
CA GLN P 2 7.74 -37.56 41.50
C GLN P 2 7.37 -36.81 40.22
N VAL P 3 6.76 -37.52 39.29
CA VAL P 3 6.48 -36.99 37.96
C VAL P 3 5.03 -36.55 37.93
N TRP P 4 4.79 -35.28 37.62
CA TRP P 4 3.41 -34.78 37.61
C TRP P 4 2.62 -35.53 36.53
N PRO P 5 1.45 -36.08 36.87
CA PRO P 5 0.65 -36.81 35.88
C PRO P 5 0.22 -35.94 34.72
N ILE P 6 0.03 -36.56 33.55
CA ILE P 6 -0.36 -35.82 32.35
C ILE P 6 -1.82 -36.04 31.97
N LEU P 7 -2.43 -37.17 32.38
CA LEU P 7 -3.76 -37.55 31.93
C LEU P 7 -4.78 -37.48 33.06
N ASN P 8 -6.00 -37.07 32.70
CA ASN P 8 -7.05 -36.75 33.67
C ASN P 8 -6.50 -35.82 34.75
N LEU P 9 -5.64 -34.89 34.32
CA LEU P 9 -5.10 -33.86 35.17
C LEU P 9 -5.72 -32.51 34.84
N LYS P 10 -6.88 -32.53 34.20
CA LYS P 10 -7.65 -31.31 33.96
C LYS P 10 -7.94 -30.64 35.29
N LYS P 11 -7.76 -29.32 35.35
CA LYS P 11 -7.94 -28.57 36.58
C LYS P 11 -8.99 -27.48 36.35
N TYR P 12 -9.51 -26.92 37.44
CA TYR P 12 -10.72 -26.11 37.40
C TYR P 12 -10.53 -24.80 38.17
N GLU P 13 -9.63 -23.96 37.68
CA GLU P 13 -9.40 -22.57 38.15
C GLU P 13 -9.04 -22.55 39.63
N THR P 14 -9.62 -21.67 40.45
CA THR P 14 -9.15 -21.45 41.82
C THR P 14 -9.64 -22.53 42.77
N LEU P 15 -8.73 -23.05 43.59
CA LEU P 15 -8.89 -24.10 44.59
C LEU P 15 -8.79 -25.51 44.01
N SER P 16 -8.50 -25.66 42.72
CA SER P 16 -8.51 -27.01 42.12
C SER P 16 -7.28 -27.84 42.49
N TYR P 17 -6.11 -27.23 42.71
CA TYR P 17 -4.95 -28.01 43.16
C TYR P 17 -5.01 -28.31 44.65
N LEU P 18 -5.97 -27.74 45.34
CA LEU P 18 -6.19 -28.04 46.74
C LEU P 18 -6.95 -29.35 46.88
N PRO P 19 -6.92 -29.98 48.06
CA PRO P 19 -7.68 -31.22 48.23
C PRO P 19 -9.16 -30.95 48.14
N PRO P 20 -9.96 -31.93 47.72
CA PRO P 20 -11.37 -31.66 47.43
C PRO P 20 -12.07 -31.05 48.61
N LEU P 21 -13.02 -30.17 48.32
CA LEU P 21 -13.70 -29.41 49.36
C LEU P 21 -14.65 -30.31 50.15
N THR P 22 -14.46 -30.32 51.47
CA THR P 22 -15.49 -30.82 52.37
C THR P 22 -16.67 -29.87 52.36
N THR P 23 -17.81 -30.35 52.86
CA THR P 23 -19.02 -29.52 52.89
C THR P 23 -18.76 -28.19 53.58
N ASP P 24 -17.95 -28.18 54.63
CA ASP P 24 -17.78 -26.98 55.44
C ASP P 24 -16.98 -25.91 54.72
N GLN P 25 -15.94 -26.33 53.97
CA GLN P 25 -15.09 -25.37 53.26
C GLN P 25 -15.87 -24.63 52.18
N LEU P 26 -16.76 -25.33 51.48
CA LEU P 26 -17.57 -24.66 50.47
C LEU P 26 -18.48 -23.63 51.11
N ALA P 27 -18.99 -23.94 52.31
CA ALA P 27 -19.80 -22.95 53.03
C ALA P 27 -18.95 -21.77 53.46
N ARG P 28 -17.71 -22.02 53.89
CA ARG P 28 -16.81 -20.93 54.26
C ARG P 28 -16.53 -20.05 53.05
N GLN P 29 -16.34 -20.66 51.87
CA GLN P 29 -16.10 -19.89 50.66
C GLN P 29 -17.29 -19.02 50.33
N VAL P 30 -18.47 -19.63 50.28
CA VAL P 30 -19.69 -18.87 50.05
C VAL P 30 -19.81 -17.75 51.08
N ASP P 31 -19.42 -18.03 52.33
CA ASP P 31 -19.59 -17.02 53.38
C ASP P 31 -18.67 -15.83 53.18
N TYR P 32 -17.42 -16.09 52.79
CA TYR P 32 -16.52 -15.01 52.36
C TYR P 32 -17.18 -14.15 51.30
N LEU P 33 -17.60 -14.78 50.20
CA LEU P 33 -18.32 -14.08 49.13
C LEU P 33 -19.38 -13.15 49.69
N LEU P 34 -20.26 -13.67 50.54
CA LEU P 34 -21.36 -12.85 51.05
C LEU P 34 -20.84 -11.76 51.98
N ASN P 35 -19.82 -12.07 52.78
CA ASN P 35 -19.31 -11.10 53.74
C ASN P 35 -18.67 -9.91 53.04
N ASN P 36 -18.04 -10.13 51.88
CA ASN P 36 -17.47 -9.04 51.09
C ASN P 36 -18.53 -8.26 50.33
N LYS P 37 -19.82 -8.62 50.46
CA LYS P 37 -20.94 -7.96 49.79
C LYS P 37 -21.00 -8.24 48.30
N TRP P 38 -20.35 -9.30 47.84
CA TRP P 38 -20.43 -9.70 46.44
C TRP P 38 -21.74 -10.44 46.18
N VAL P 39 -22.12 -10.55 44.92
CA VAL P 39 -23.41 -11.12 44.52
C VAL P 39 -23.19 -12.56 44.05
N PRO P 40 -23.90 -13.54 44.62
CA PRO P 40 -23.63 -14.94 44.26
C PRO P 40 -24.50 -15.41 43.11
N CYS P 41 -23.91 -16.22 42.22
CA CYS P 41 -24.60 -16.75 41.06
C CYS P 41 -23.98 -18.10 40.71
N LEU P 42 -24.81 -19.00 40.18
CA LEU P 42 -24.39 -20.35 39.80
C LEU P 42 -24.45 -20.51 38.29
N GLU P 43 -23.43 -21.13 37.70
CA GLU P 43 -23.38 -21.30 36.26
C GLU P 43 -22.94 -22.71 35.90
N PHE P 44 -23.59 -23.30 34.90
CA PHE P 44 -23.35 -24.69 34.55
C PHE P 44 -23.06 -24.86 33.07
N GLU P 45 -22.41 -25.97 32.73
CA GLU P 45 -22.16 -26.31 31.34
C GLU P 45 -21.96 -27.81 31.24
N THR P 46 -22.58 -28.44 30.24
CA THR P 46 -22.51 -29.89 30.03
C THR P 46 -21.56 -30.26 28.90
N ASP P 47 -21.81 -29.72 27.70
CA ASP P 47 -21.11 -30.20 26.51
C ASP P 47 -19.64 -29.76 26.49
N HIS P 48 -19.35 -28.51 26.87
CA HIS P 48 -17.98 -27.99 26.80
C HIS P 48 -17.54 -27.45 28.16
N GLY P 49 -17.04 -28.34 29.00
CA GLY P 49 -16.58 -27.91 30.31
C GLY P 49 -15.39 -26.98 30.24
N PHE P 50 -14.50 -27.20 29.28
CA PHE P 50 -13.23 -26.51 29.20
C PHE P 50 -13.13 -25.66 27.93
N VAL P 51 -12.20 -24.69 27.94
CA VAL P 51 -12.07 -23.74 26.84
C VAL P 51 -11.55 -24.43 25.59
N TYR P 52 -12.14 -24.07 24.46
CA TYR P 52 -11.76 -24.61 23.16
C TYR P 52 -11.74 -23.45 22.17
N ARG P 53 -11.02 -23.64 21.08
CA ARG P 53 -10.94 -22.61 20.04
C ARG P 53 -11.59 -23.17 18.77
N GLU P 54 -12.76 -22.64 18.43
CA GLU P 54 -13.52 -23.11 17.27
C GLU P 54 -13.78 -21.99 16.28
N HIS P 55 -14.51 -20.94 16.70
CA HIS P 55 -14.89 -19.85 15.82
C HIS P 55 -13.78 -18.84 15.57
N HIS P 56 -12.76 -18.77 16.43
CA HIS P 56 -11.67 -17.84 16.14
C HIS P 56 -10.38 -18.23 16.85
N ASN P 57 -9.25 -17.84 16.25
CA ASN P 57 -7.91 -18.02 16.81
C ASN P 57 -7.26 -16.68 17.17
N SER P 58 -7.98 -15.57 17.10
CA SER P 58 -7.37 -14.27 17.26
C SER P 58 -7.07 -13.99 18.74
N PRO P 59 -6.13 -13.07 19.04
CA PRO P 59 -5.64 -12.96 20.44
C PRO P 59 -6.74 -12.53 21.39
N GLY P 60 -6.97 -13.35 22.41
CA GLY P 60 -7.99 -13.08 23.39
C GLY P 60 -9.35 -13.65 23.10
N TYR P 61 -9.54 -14.37 22.01
CA TYR P 61 -10.79 -15.05 21.69
C TYR P 61 -10.66 -16.51 22.05
N TYR P 62 -11.56 -16.99 22.89
CA TYR P 62 -11.71 -18.40 23.15
C TYR P 62 -13.20 -18.72 23.16
N ASP P 63 -13.55 -20.00 22.98
CA ASP P 63 -14.90 -20.48 23.25
C ASP P 63 -14.92 -21.26 24.57
N GLY P 64 -16.12 -21.40 25.14
CA GLY P 64 -16.25 -22.13 26.38
C GLY P 64 -16.03 -21.32 27.65
N ARG P 65 -15.67 -20.04 27.54
CA ARG P 65 -15.60 -19.21 28.73
C ARG P 65 -16.98 -19.05 29.34
N TYR P 66 -17.97 -18.77 28.50
CA TYR P 66 -19.34 -18.57 28.96
C TYR P 66 -20.00 -19.90 29.28
N TRP P 67 -20.60 -19.98 30.47
CA TRP P 67 -21.44 -21.09 30.87
C TRP P 67 -22.88 -20.58 30.96
N THR P 68 -23.82 -21.50 31.18
CA THR P 68 -25.21 -21.07 31.30
C THR P 68 -25.54 -20.66 32.73
N MET P 69 -26.33 -19.62 32.85
CA MET P 69 -26.73 -19.11 34.15
C MET P 69 -27.86 -19.92 34.76
N TRP P 70 -27.74 -20.23 36.06
CA TRP P 70 -28.81 -20.87 36.79
C TRP P 70 -29.69 -19.79 37.39
N LYS P 71 -30.96 -19.76 36.99
CA LYS P 71 -31.91 -18.73 37.41
C LYS P 71 -31.25 -17.37 37.14
N LEU P 72 -31.26 -16.45 38.08
CA LEU P 72 -30.58 -15.17 37.99
C LEU P 72 -29.67 -15.04 39.19
N PRO P 73 -28.68 -14.15 39.14
CA PRO P 73 -27.81 -13.96 40.31
C PRO P 73 -28.61 -13.56 41.55
N MET P 74 -28.18 -14.07 42.71
CA MET P 74 -28.94 -13.88 43.96
C MET P 74 -28.70 -12.48 44.52
N PHE P 75 -29.36 -11.49 43.89
CA PHE P 75 -29.27 -10.10 44.33
C PHE P 75 -29.93 -9.91 45.68
N GLY P 76 -29.21 -9.31 46.64
CA GLY P 76 -29.76 -9.07 47.95
C GLY P 76 -29.78 -10.29 48.85
N CYS P 77 -29.08 -11.35 48.49
CA CYS P 77 -29.05 -12.55 49.29
C CYS P 77 -27.95 -12.41 50.32
N THR P 78 -28.32 -12.34 51.60
CA THR P 78 -27.36 -12.29 52.68
C THR P 78 -27.22 -13.64 53.40
N ASP P 79 -27.90 -14.67 52.91
CA ASP P 79 -27.95 -15.96 53.60
C ASP P 79 -27.17 -17.01 52.81
N PRO P 80 -26.14 -17.63 53.38
CA PRO P 80 -25.48 -18.74 52.66
C PRO P 80 -26.42 -19.89 52.30
N ALA P 81 -27.37 -20.23 53.19
CA ALA P 81 -28.22 -21.40 52.97
C ALA P 81 -28.90 -21.34 51.60
N GLN P 82 -29.43 -20.18 51.21
CA GLN P 82 -30.13 -20.05 49.93
C GLN P 82 -29.22 -20.43 48.76
N VAL P 83 -27.96 -19.99 48.80
CA VAL P 83 -27.03 -20.30 47.74
C VAL P 83 -26.82 -21.81 47.65
N LEU P 84 -26.68 -22.46 48.80
CA LEU P 84 -26.41 -23.90 48.84
C LEU P 84 -27.60 -24.69 48.35
N ASN P 85 -28.81 -24.27 48.74
CA ASN P 85 -30.02 -24.94 48.30
C ASN P 85 -30.16 -24.86 46.78
N GLU P 86 -29.91 -23.68 46.21
CA GLU P 86 -29.94 -23.55 44.75
C GLU P 86 -28.90 -24.45 44.11
N LEU P 87 -27.71 -24.57 44.73
CA LEU P 87 -26.72 -25.50 44.19
C LEU P 87 -27.29 -26.90 44.16
N GLU P 88 -28.02 -27.28 45.21
CA GLU P 88 -28.52 -28.65 45.28
C GLU P 88 -29.55 -28.89 44.20
N GLU P 89 -30.49 -27.96 44.01
CA GLU P 89 -31.50 -28.08 42.96
C GLU P 89 -30.84 -28.22 41.59
N CYS P 90 -29.95 -27.29 41.27
CA CYS P 90 -29.20 -27.34 40.02
C CYS P 90 -28.47 -28.68 39.87
N LYS P 91 -27.94 -29.22 40.97
CA LYS P 91 -27.26 -30.51 40.91
C LYS P 91 -28.21 -31.62 40.49
N LYS P 92 -29.44 -31.58 41.01
CA LYS P 92 -30.43 -32.60 40.68
C LYS P 92 -30.96 -32.42 39.26
N GLU P 93 -31.26 -31.18 38.86
CA GLU P 93 -31.74 -30.93 37.51
C GLU P 93 -30.65 -31.18 36.46
N TYR P 94 -29.38 -30.95 36.81
CA TYR P 94 -28.27 -31.14 35.87
C TYR P 94 -27.20 -32.03 36.51
N PRO P 95 -27.50 -33.31 36.70
CA PRO P 95 -26.51 -34.20 37.32
C PRO P 95 -25.28 -34.43 36.47
N ASN P 96 -25.42 -34.36 35.15
CA ASN P 96 -24.32 -34.65 34.23
C ASN P 96 -23.54 -33.41 33.80
N ALA P 97 -23.79 -32.25 34.42
CA ALA P 97 -23.24 -30.98 33.99
C ALA P 97 -22.33 -30.39 35.07
N PHE P 98 -21.20 -29.79 34.66
CA PHE P 98 -20.35 -29.05 35.59
C PHE P 98 -21.11 -27.86 36.13
N ILE P 99 -20.99 -27.62 37.44
CA ILE P 99 -21.64 -26.48 38.08
C ILE P 99 -20.57 -25.71 38.85
N ARG P 100 -20.56 -24.38 38.69
CA ARG P 100 -19.58 -23.54 39.37
C ARG P 100 -20.29 -22.37 40.05
N ILE P 101 -19.65 -21.86 41.10
CA ILE P 101 -20.19 -20.75 41.89
C ILE P 101 -19.31 -19.53 41.65
N ILE P 102 -19.95 -18.40 41.37
CA ILE P 102 -19.27 -17.16 41.02
C ILE P 102 -19.89 -16.02 41.80
N GLY P 103 -19.09 -14.97 42.04
CA GLY P 103 -19.56 -13.79 42.76
C GLY P 103 -19.14 -12.51 42.07
N PHE P 104 -20.04 -11.53 42.10
CA PHE P 104 -19.92 -10.28 41.35
C PHE P 104 -19.71 -9.10 42.29
N ASP P 105 -18.74 -8.26 41.99
CA ASP P 105 -18.60 -6.96 42.64
C ASP P 105 -19.19 -5.90 41.72
N SER P 106 -20.20 -5.18 42.22
CA SER P 106 -20.87 -4.18 41.39
C SER P 106 -19.96 -3.00 41.10
N ASN P 107 -19.16 -2.57 42.09
CA ASN P 107 -18.40 -1.34 41.93
C ASN P 107 -17.23 -1.49 40.96
N ARG P 108 -16.58 -2.66 40.90
CA ARG P 108 -15.51 -2.91 39.93
C ARG P 108 -15.98 -3.67 38.70
N GLU P 109 -17.28 -3.98 38.59
CA GLU P 109 -17.86 -4.79 37.52
C GLU P 109 -16.91 -5.90 37.08
N VAL P 110 -16.57 -6.75 38.03
CA VAL P 110 -15.77 -7.93 37.74
C VAL P 110 -16.23 -9.02 38.69
N GLN P 111 -16.07 -10.28 38.27
CA GLN P 111 -16.37 -11.43 39.13
C GLN P 111 -15.22 -11.65 40.09
N CYS P 112 -15.42 -11.39 41.38
CA CYS P 112 -14.33 -11.55 42.33
C CYS P 112 -14.10 -12.99 42.77
N ILE P 113 -15.03 -13.90 42.51
CA ILE P 113 -14.89 -15.27 43.00
C ILE P 113 -15.47 -16.24 41.98
N SER P 114 -14.75 -17.32 41.71
CA SER P 114 -15.26 -18.39 40.87
C SER P 114 -14.65 -19.70 41.32
N PHE P 115 -15.49 -20.66 41.72
CA PHE P 115 -15.02 -21.99 42.09
C PHE P 115 -16.04 -23.05 41.72
N ILE P 116 -15.55 -24.23 41.36
CA ILE P 116 -16.38 -25.31 40.85
C ILE P 116 -16.97 -26.11 42.02
N ALA P 117 -18.30 -26.20 42.07
CA ALA P 117 -18.97 -26.99 43.11
C ALA P 117 -19.07 -28.47 42.75
N TYR P 118 -19.38 -28.80 41.50
CA TYR P 118 -19.72 -30.16 41.11
C TYR P 118 -19.03 -30.54 39.80
N LYS P 119 -18.72 -31.82 39.64
CA LYS P 119 -18.04 -32.34 38.46
C LYS P 119 -18.71 -33.61 37.92
N PRO P 120 -19.06 -33.66 36.63
CA PRO P 120 -19.62 -34.88 36.04
C PRO P 120 -18.67 -36.06 36.11
N ALA P 121 -19.25 -37.25 35.91
CA ALA P 121 -18.54 -38.50 36.13
C ALA P 121 -17.36 -38.65 35.16
N GLY P 122 -16.25 -39.16 35.67
CA GLY P 122 -15.01 -39.18 34.93
C GLY P 122 -14.27 -37.86 34.91
N TYR P 123 -14.87 -36.81 35.47
CA TYR P 123 -14.30 -35.47 35.52
C TYR P 123 -14.27 -34.96 36.95
MN MN Q . -24.88 29.61 -0.14
C1 CAP R . -25.94 33.74 0.88
C2 CAP R . -25.61 32.25 0.88
C3 CAP R . -25.34 31.76 2.31
C4 CAP R . -26.57 31.92 3.18
C5 CAP R . -26.69 30.88 4.27
C CAP R . -26.76 31.46 0.29
O1 CAP R . -26.26 34.11 -0.42
O2 CAP R . -24.50 31.98 0.00
O3 CAP R . -24.97 30.41 2.28
O4 CAP R . -26.40 33.15 3.86
O5 CAP R . -26.37 31.64 5.40
O6 CAP R . -26.56 30.27 -0.08
O7 CAP R . -27.90 31.97 0.18
P1 CAP R . -26.08 35.64 -0.77
P2 CAP R . -26.21 31.12 6.91
O1P CAP R . -26.06 35.73 -2.28
O2P CAP R . -24.80 36.06 -0.05
O3P CAP R . -27.29 36.36 -0.27
O4P CAP R . -27.48 31.63 7.58
O5P CAP R . -25.00 31.81 7.52
O6P CAP R . -26.12 29.63 7.08
MN MN S . -31.66 2.03 22.13
C1 CAP T . -35.87 0.58 22.86
C2 CAP T . -34.63 1.28 22.30
C3 CAP T . -34.87 1.81 20.87
C4 CAP T . -35.86 2.99 20.78
C5 CAP T . -35.44 4.03 19.74
C CAP T . -34.29 2.40 23.23
O1 CAP T . -35.76 0.33 24.25
O2 CAP T . -33.47 0.38 22.33
O3 CAP T . -33.67 2.15 20.22
O4 CAP T . -37.10 2.50 20.33
O5 CAP T . -36.56 4.75 19.30
O6 CAP T . -33.08 2.66 23.41
O7 CAP T . -35.19 3.01 23.83
P1 CAP T . -36.47 -0.97 24.84
P2 CAP T . -37.08 4.71 17.76
O1P CAP T . -35.94 -1.31 26.20
O2P CAP T . -36.27 -2.12 23.86
O3P CAP T . -37.93 -0.62 24.95
O4P CAP T . -37.98 5.91 17.53
O5P CAP T . -37.76 3.39 17.48
O6P CAP T . -35.92 4.80 16.79
MN MN U . -4.70 5.74 -37.92
C1 CAP V . -6.12 8.24 -41.23
C2 CAP V . -5.94 7.24 -40.10
C3 CAP V . -7.17 7.14 -39.18
C4 CAP V . -8.45 6.64 -39.85
C5 CAP V . -9.42 5.89 -38.92
C CAP V . -5.49 5.91 -40.69
O1 CAP V . -4.85 8.64 -41.70
O2 CAP V . -4.85 7.62 -39.20
O3 CAP V . -6.85 6.38 -38.03
O4 CAP V . -9.11 7.82 -40.27
O5 CAP V . -10.58 5.43 -39.63
O6 CAP V . -4.60 5.25 -40.10
O7 CAP V . -5.96 5.47 -41.75
P1 CAP V . -4.68 9.71 -42.89
P2 CAP V . -12.10 5.73 -39.14
O1P CAP V . -3.24 9.74 -43.32
O2P CAP V . -5.16 11.08 -42.47
O3P CAP V . -5.56 9.23 -44.02
O4P CAP V . -13.09 5.28 -40.20
O5P CAP V . -12.22 7.19 -38.82
O6P CAP V . -12.41 4.91 -37.92
MN MN W . -25.86 -18.57 -21.79
C1 CAP X . -26.91 -22.46 -23.63
C2 CAP X . -26.39 -21.03 -23.43
C3 CAP X . -24.98 -20.91 -24.00
C4 CAP X . -24.92 -21.06 -25.52
C5 CAP X . -23.61 -20.44 -25.99
C CAP X . -27.40 -20.04 -23.99
O1 CAP X . -28.20 -22.55 -23.08
O2 CAP X . -26.25 -20.74 -22.01
O3 CAP X . -24.45 -19.66 -23.64
O4 CAP X . -24.92 -22.42 -25.85
O5 CAP X . -23.48 -20.64 -27.38
O6 CAP X . -27.43 -18.87 -23.58
O7 CAP X . -28.26 -20.36 -24.84
P1 CAP X . -28.95 -23.96 -23.19
P2 CAP X . -22.06 -20.73 -28.12
O1P CAP X . -30.26 -23.92 -22.44
O2P CAP X . -27.99 -25.02 -22.67
O3P CAP X . -29.18 -24.17 -24.66
O4P CAP X . -22.33 -20.76 -29.62
O5P CAP X . -21.36 -21.99 -27.61
O6P CAP X . -21.21 -19.51 -27.84
MN MN Y . 36.55 -0.03 -12.27
C1 CAP Z . 39.52 0.83 -15.50
C2 CAP Z . 38.45 0.28 -14.60
C3 CAP Z . 37.57 -0.73 -15.33
C4 CAP Z . 38.35 -1.83 -16.03
C5 CAP Z . 37.44 -3.03 -16.05
C CAP Z . 39.15 -0.31 -13.40
O1 CAP Z . 40.18 1.81 -14.77
O2 CAP Z . 37.62 1.38 -14.15
O3 CAP Z . 36.61 -1.31 -14.49
O4 CAP Z . 38.52 -1.44 -17.38
O5 CAP Z . 37.91 -3.90 -17.03
O6 CAP Z . 38.52 -0.42 -12.33
O7 CAP Z . 40.35 -0.64 -13.47
P1 CAP Z . 41.28 2.68 -15.53
P2 CAP Z . 36.91 -4.65 -18.04
O1P CAP Z . 41.88 3.68 -14.56
O2P CAP Z . 40.61 3.49 -16.62
O3P CAP Z . 42.30 1.76 -16.17
O4P CAP Z . 37.73 -5.71 -18.72
O5P CAP Z . 36.44 -3.64 -19.06
O6P CAP Z . 35.76 -5.33 -17.32
MN MN AA . 19.96 -31.61 -9.70
C1 CAP BA . 21.80 -35.38 -8.42
C2 CAP BA . 21.51 -33.95 -8.89
C3 CAP BA . 22.25 -32.90 -8.06
C4 CAP BA . 23.78 -32.91 -8.26
C5 CAP BA . 24.40 -31.54 -8.02
C CAP BA . 21.96 -33.85 -10.33
O1 CAP BA . 21.08 -36.33 -9.17
O2 CAP BA . 20.07 -33.72 -8.82
O3 CAP BA . 21.75 -31.63 -8.38
O4 CAP BA . 24.39 -33.79 -7.34
O5 CAP BA . 25.81 -31.63 -7.97
O6 CAP BA . 21.58 -32.87 -11.03
O7 CAP BA . 22.69 -34.76 -10.80
P1 CAP BA . 21.20 -37.88 -8.73
P2 CAP BA . 26.64 -31.01 -6.72
O1P CAP BA . 20.17 -38.69 -9.52
O2P CAP BA . 20.86 -37.95 -7.26
O3P CAP BA . 22.59 -38.39 -8.99
O4P CAP BA . 28.11 -31.31 -6.89
O5P CAP BA . 26.01 -31.59 -5.47
O6P CAP BA . 26.53 -29.52 -6.63
MN MN CA . 16.47 24.03 25.55
C1 CAP DA . 19.86 26.48 26.56
C2 CAP DA . 18.83 25.37 26.42
C3 CAP DA . 19.56 24.06 26.12
C4 CAP DA . 20.44 23.57 27.27
C5 CAP DA . 20.45 22.04 27.35
C CAP DA . 18.03 25.30 27.72
O1 CAP DA . 19.22 27.71 26.45
O2 CAP DA . 17.91 25.66 25.33
O3 CAP DA . 18.60 23.11 25.72
O4 CAP DA . 21.78 23.98 27.11
O5 CAP DA . 21.47 21.61 28.23
O6 CAP DA . 16.92 24.71 27.79
O7 CAP DA . 18.46 25.86 28.74
P1 CAP DA . 20.15 29.00 26.57
P2 CAP DA . 22.54 20.48 27.79
O1P CAP DA . 19.27 30.23 26.38
O2P CAP DA . 21.31 29.02 25.58
O3P CAP DA . 20.74 28.93 27.95
O4P CAP DA . 23.61 20.30 28.86
O5P CAP DA . 23.21 20.93 26.51
O6P CAP DA . 21.85 19.16 27.60
MN MN EA . 14.22 -10.75 34.42
C1 CAP FA . 13.13 -12.17 38.39
C2 CAP FA . 13.57 -11.44 37.13
C3 CAP FA . 12.82 -10.12 37.02
C4 CAP FA . 13.27 -9.09 38.04
C5 CAP FA . 13.02 -7.67 37.57
C CAP FA . 15.07 -11.28 37.18
O1 CAP FA . 13.77 -13.42 38.41
O2 CAP FA . 13.27 -12.22 35.94
O3 CAP FA . 13.07 -9.59 35.75
O4 CAP FA . 12.56 -9.26 39.24
O5 CAP FA . 12.93 -6.93 38.76
O6 CAP FA . 15.76 -11.37 36.13
O7 CAP FA . 15.63 -11.10 38.27
P1 CAP FA . 13.50 -14.49 39.58
P2 CAP FA . 11.63 -6.04 39.05
O1P CAP FA . 14.12 -15.78 39.13
O2P CAP FA . 12.02 -14.72 39.84
O3P CAP FA . 14.20 -13.96 40.82
O4P CAP FA . 12.00 -5.18 40.22
O5P CAP FA . 10.35 -6.83 39.27
O6P CAP FA . 11.45 -5.16 37.86
#